data_7XIC
#
_entry.id   7XIC
#
_cell.length_a   1.00
_cell.length_b   1.00
_cell.length_c   1.00
_cell.angle_alpha   90.00
_cell.angle_beta   90.00
_cell.angle_gamma   90.00
#
_symmetry.space_group_name_H-M   'P 1'
#
loop_
_entity.id
_entity.type
_entity.pdbx_description
1 polymer 'Spike glycoprotein'
2 polymer 'heavy chain of STS165'
3 polymer 'light chain of STS165'
4 branched 2-acetamido-2-deoxy-beta-D-glucopyranose-(1-4)-2-acetamido-2-deoxy-beta-D-glucopyranose
5 non-polymer 2-acetamido-2-deoxy-beta-D-glucopyranose
#
loop_
_entity_poly.entity_id
_entity_poly.type
_entity_poly.pdbx_seq_one_letter_code
_entity_poly.pdbx_strand_id
1 'polypeptide(L)'
;MFVFLVLLPLVSSQCVNLTTRTQLPPAYTNSFTRGVYYPDKVFRSSVLHSTQDLFLPFFSNVTWFHVISGTNGTKRFDNP
VLPFNDGVYFASIEKSNIIRGWIFGTTLDSKTQSLLIVNNATNVVIKVCEFQFCNDPFLDHKNNKSWMESEFRVYSSANN
CTFEYVSQPFLMDLEGKQGNFKNLREFVFKNIDGYFKIYSKHTPIIVREPEDLPQGFSALEPLVDLPIGINITRFQTLLA
LHRSYLTPGDSSSGWTAGAAAYYVGYLQPRTFLLKYNENGTITDAVDCALDPLSETKCTLKSFTVEKGIYQTSNFRVQPT
ESIVRFPNITNLCPFDEVFNATRFASVYAWNRKRISNCVADYSVLYNLAPFFTFKCYGVSPTKLNDLCFTNVYADSFVIR
GDEVRQIAPGQTGNIADYNYKLPDDFTGCVIAWNSNKLDSKVSGNYNYLYRLFRKSNLKPFERDISTEIYQAGNKPCNGV
AGFNCYFPLRSYSFRPTYGVGHQPYRVVVLSFELLHAPATVCGPKKSTNLVKNKCVNFNFNGLKGTGVLTESNKKFLPFQ
QFGRDIADTTDAVRDPQTLEILDITPCSFGGVSVITPGTNTSNQVAVLYQGVNCTEVPVAIHADQLTPTWRVYSTGSNVF
QTRAGCLIGAEYVNNSYECDIPIGAGICASYQTQTKSHGSASSVASQSIIAYTMSLGAENSVAYSNNSIAIPTNFTISVT
TEILPVSMTKTSVDCTMYICGDSTECSNLLLQYGSFCTQLKRALTGIAVEQDKNTQEVFAQVKQIYKTPPIKYFGGFNFS
QILPDPSKPSKRSPIEDLLFNKVTLADAGFIKQYGDCLGDIAARDLICAQKFKGLTVLPPLLTDEMIAQYTSALLAGTIT
SGWTFGAGPALQIPFPMQMAYRFNGIGVTQNVLYENQKLIANQFNSAIGKIQDSLSSTPSALGKLQDVVNHNAQALNTLV
KQLSSKFGAISSVLNDIFSRLDPPEAEVQIDRLITGRLQSLQTYVTQQLIRAAEIRASANLAATKMSECVLGQSKRVDFC
GKGYHLMSFPQSAPHGVVFLHVTYVPAQEKNFTTAPAICHDGKAHFPREGVFVSNGTHWFVTQRNFYEPQIITTDNTFVS
GNCDVVIGIVNNTVYDPLQPELDSFKEELDKYFKNHTSPDVDLGDISGINASVVNIQKEIDRLNEVAKNLNESLIDLQEL
GKYEQGSGYIPEAPRDGQAYVRKDGEWVLLSTFLLEGSDEVDAGSHHHHHHHHHHGSVEDYKDDDDK
;
A,B,C
2 'polypeptide(L)'
;EVQLVESGGGVVRPGGSLRLSCAASGFTFDDYGMSWVRQAPGKGLEWVSGINWNGGSTGYADSVKGRFTISRDNAKNSLY
LQMNSLRAEDTALYHCARVGYCGGDCYSLSLAGFPDYWGQGTLVTVSSE
;
E,H,K
3 'polypeptide(L)'
;EIVMTQSPATLSVSPGERATLSCRASQSVSYNLAWYQQKPGQAPRLLIYDASTRATGIPARFSGSGSGTEFTLTISSLQS
EDFAVYYCQQYNNWPPYTFGQGTKLEIK
;
F,I,L
#
# COMPACT_ATOMS: atom_id res chain seq x y z
N ALA A 27 13.40 -47.29 -29.67
CA ALA A 27 12.24 -47.69 -28.90
C ALA A 27 11.89 -46.64 -27.86
N TYR A 28 10.65 -46.69 -27.38
CA TYR A 28 10.18 -45.82 -26.31
C TYR A 28 9.43 -46.69 -25.32
N THR A 29 9.39 -46.26 -24.07
CA THR A 29 8.66 -46.99 -23.05
C THR A 29 7.83 -45.99 -22.24
N ASN A 30 7.04 -46.52 -21.33
CA ASN A 30 6.13 -45.75 -20.50
C ASN A 30 6.63 -45.79 -19.07
N SER A 31 6.99 -44.61 -18.54
CA SER A 31 7.38 -44.49 -17.16
C SER A 31 6.13 -44.61 -16.30
N PHE A 32 6.24 -44.87 -15.02
CA PHE A 32 5.00 -44.84 -14.27
C PHE A 32 5.02 -43.67 -13.29
N THR A 33 5.78 -43.81 -12.21
CA THR A 33 5.97 -42.73 -11.24
C THR A 33 7.47 -42.75 -10.93
N ARG A 34 8.23 -42.06 -11.75
CA ARG A 34 9.69 -42.16 -11.71
C ARG A 34 10.28 -40.76 -11.83
N GLY A 35 11.46 -40.57 -11.26
CA GLY A 35 12.09 -39.27 -11.30
C GLY A 35 11.63 -38.35 -10.20
N VAL A 36 11.30 -38.91 -9.04
CA VAL A 36 10.91 -38.15 -7.87
C VAL A 36 12.08 -38.15 -6.89
N TYR A 37 12.55 -36.97 -6.54
CA TYR A 37 13.72 -36.82 -5.69
C TYR A 37 13.42 -35.83 -4.58
N TYR A 38 14.19 -35.92 -3.51
CA TYR A 38 14.05 -35.01 -2.38
C TYR A 38 14.43 -33.61 -2.85
N PRO A 39 13.45 -32.72 -2.91
CA PRO A 39 13.66 -31.34 -3.36
C PRO A 39 14.68 -30.55 -2.55
N ASP A 40 14.99 -31.00 -1.34
CA ASP A 40 15.93 -30.27 -0.50
C ASP A 40 16.22 -31.01 0.80
N LYS A 41 17.03 -30.39 1.66
CA LYS A 41 17.21 -30.86 3.01
C LYS A 41 15.91 -30.68 3.78
N VAL A 42 16.01 -30.29 5.04
CA VAL A 42 14.82 -30.01 5.82
C VAL A 42 14.09 -31.31 6.14
N PHE A 43 14.17 -31.74 7.39
CA PHE A 43 13.41 -32.89 7.84
C PHE A 43 11.94 -32.52 7.87
N ARG A 44 11.08 -33.51 8.14
CA ARG A 44 9.65 -33.29 8.07
C ARG A 44 8.88 -34.55 8.43
N SER A 45 7.71 -34.39 9.01
CA SER A 45 6.85 -35.51 9.39
C SER A 45 5.58 -35.52 8.55
N SER A 46 4.57 -36.22 9.05
CA SER A 46 3.31 -36.36 8.34
C SER A 46 2.77 -35.02 7.87
N VAL A 47 3.22 -34.57 6.71
CA VAL A 47 2.80 -33.28 6.16
C VAL A 47 2.73 -33.27 4.65
N LEU A 48 1.51 -33.39 4.11
CA LEU A 48 1.33 -33.37 2.66
C LEU A 48 1.83 -32.02 2.15
N HIS A 49 3.13 -31.96 1.89
CA HIS A 49 3.81 -30.74 1.48
C HIS A 49 3.68 -30.52 -0.02
N SER A 50 3.48 -29.27 -0.42
CA SER A 50 3.35 -28.91 -1.83
C SER A 50 4.64 -28.25 -2.32
N THR A 51 5.19 -28.77 -3.42
CA THR A 51 6.43 -28.24 -3.97
C THR A 51 6.35 -28.05 -5.48
N GLN A 52 7.08 -27.04 -5.95
CA GLN A 52 7.23 -26.74 -7.36
C GLN A 52 8.70 -26.90 -7.72
N ASP A 53 9.01 -27.75 -8.69
CA ASP A 53 10.41 -27.95 -9.08
C ASP A 53 10.45 -28.71 -10.40
N LEU A 54 11.64 -29.15 -10.78
CA LEU A 54 11.86 -29.86 -12.04
C LEU A 54 11.79 -31.35 -11.75
N PHE A 55 10.78 -32.01 -12.32
CA PHE A 55 10.59 -33.43 -12.12
C PHE A 55 10.39 -34.10 -13.48
N LEU A 56 10.40 -35.42 -13.45
CA LEU A 56 9.98 -36.24 -14.57
C LEU A 56 8.48 -36.47 -14.45
N PRO A 57 7.66 -35.98 -15.39
CA PRO A 57 6.21 -36.15 -15.28
C PRO A 57 5.79 -37.60 -15.18
N PHE A 58 4.71 -37.87 -14.45
CA PHE A 58 4.25 -39.24 -14.31
C PHE A 58 3.67 -39.73 -15.61
N PHE A 59 3.85 -41.02 -15.88
CA PHE A 59 3.39 -41.64 -17.12
C PHE A 59 3.92 -40.86 -18.31
N SER A 60 5.24 -40.79 -18.45
CA SER A 60 5.88 -40.05 -19.53
C SER A 60 6.48 -41.02 -20.54
N ASN A 61 6.98 -40.43 -21.62
CA ASN A 61 7.50 -41.15 -22.77
C ASN A 61 9.02 -41.14 -22.68
N VAL A 62 9.62 -42.24 -22.23
CA VAL A 62 11.05 -42.30 -21.98
C VAL A 62 11.69 -43.11 -23.10
N THR A 63 12.72 -42.54 -23.72
CA THR A 63 13.42 -43.21 -24.81
C THR A 63 14.30 -44.33 -24.27
N TRP A 64 14.49 -45.33 -25.11
CA TRP A 64 15.25 -46.50 -24.75
C TRP A 64 16.41 -46.65 -25.72
N PHE A 65 17.60 -46.90 -25.20
CA PHE A 65 18.77 -47.10 -26.04
C PHE A 65 19.40 -48.44 -25.70
N HIS A 66 20.04 -49.03 -26.70
CA HIS A 66 20.77 -50.28 -26.54
C HIS A 66 22.27 -50.00 -26.62
N ASN A 79 27.22 -44.74 -28.76
CA ASN A 79 25.88 -44.34 -29.11
C ASN A 79 25.86 -42.80 -29.28
N PRO A 80 24.83 -42.26 -29.93
CA PRO A 80 24.76 -40.82 -30.25
C PRO A 80 24.60 -39.77 -29.15
N VAL A 81 25.10 -38.58 -29.43
CA VAL A 81 25.00 -37.43 -28.53
C VAL A 81 23.54 -37.01 -28.45
N LEU A 82 23.03 -36.87 -27.23
CA LEU A 82 21.65 -36.52 -27.00
C LEU A 82 21.55 -35.09 -26.51
N PRO A 83 20.39 -34.43 -26.64
CA PRO A 83 20.28 -33.07 -26.10
C PRO A 83 20.16 -33.05 -24.58
N PHE A 84 20.28 -31.87 -23.98
CA PHE A 84 20.15 -31.69 -22.54
C PHE A 84 18.90 -30.94 -22.14
N ASN A 85 18.81 -29.68 -22.56
CA ASN A 85 17.73 -28.70 -22.54
C ASN A 85 17.36 -28.23 -21.13
N ASP A 86 17.22 -29.15 -20.17
CA ASP A 86 17.01 -28.84 -18.76
C ASP A 86 17.05 -30.14 -17.98
N GLY A 87 18.20 -30.52 -17.46
CA GLY A 87 18.26 -31.72 -16.66
C GLY A 87 18.00 -33.03 -17.38
N VAL A 88 18.25 -34.15 -16.73
CA VAL A 88 18.16 -35.46 -17.36
C VAL A 88 17.74 -36.48 -16.30
N TYR A 89 16.84 -37.38 -16.68
CA TYR A 89 16.61 -38.62 -15.96
C TYR A 89 17.36 -39.73 -16.67
N PHE A 90 17.99 -40.61 -15.91
CA PHE A 90 18.77 -41.67 -16.51
C PHE A 90 18.65 -42.92 -15.68
N ALA A 91 17.92 -43.92 -16.14
CA ALA A 91 17.86 -45.20 -15.46
C ALA A 91 18.56 -46.26 -16.31
N SER A 92 18.82 -47.41 -15.70
CA SER A 92 19.39 -48.56 -16.40
C SER A 92 19.21 -49.82 -15.56
N ILE A 93 19.35 -50.98 -16.20
CA ILE A 93 19.24 -52.25 -15.49
C ILE A 93 20.29 -53.26 -15.95
N GLU A 94 21.04 -53.79 -15.00
CA GLU A 94 22.12 -54.74 -15.29
C GLU A 94 22.98 -54.99 -14.04
N LYS A 95 23.23 -56.26 -13.74
CA LYS A 95 24.03 -56.62 -12.59
C LYS A 95 25.50 -56.26 -12.77
N SER A 96 26.08 -56.52 -13.93
CA SER A 96 27.44 -56.12 -14.24
C SER A 96 27.48 -54.61 -14.46
N ASN A 97 28.64 -54.05 -14.78
CA ASN A 97 28.74 -52.61 -14.94
C ASN A 97 29.25 -52.30 -16.34
N ILE A 98 28.31 -52.07 -17.26
CA ILE A 98 28.64 -51.81 -18.66
C ILE A 98 28.77 -50.31 -18.85
N ILE A 99 27.98 -49.55 -18.12
CA ILE A 99 28.00 -48.10 -18.22
C ILE A 99 29.16 -47.59 -17.38
N ARG A 100 30.07 -46.86 -18.01
CA ARG A 100 31.32 -46.45 -17.41
C ARG A 100 31.42 -44.93 -17.46
N GLY A 101 30.38 -44.26 -16.98
CA GLY A 101 30.42 -42.84 -16.82
C GLY A 101 29.69 -42.09 -17.91
N TRP A 102 29.67 -40.78 -17.76
CA TRP A 102 28.94 -39.88 -18.61
C TRP A 102 29.87 -38.77 -19.03
N ILE A 103 29.48 -38.01 -20.04
CA ILE A 103 30.21 -36.80 -20.41
C ILE A 103 29.16 -35.73 -20.64
N PHE A 104 29.41 -34.53 -20.15
CA PHE A 104 28.46 -33.45 -20.28
C PHE A 104 29.14 -32.22 -20.86
N GLY A 105 28.35 -31.20 -21.17
CA GLY A 105 28.90 -29.96 -21.65
C GLY A 105 28.09 -29.30 -22.74
N THR A 106 28.70 -28.36 -23.46
CA THR A 106 27.99 -27.64 -24.51
C THR A 106 28.38 -28.16 -25.89
N THR A 107 29.68 -28.40 -26.10
CA THR A 107 30.15 -28.90 -27.39
C THR A 107 30.76 -30.29 -27.34
N LEU A 108 31.07 -30.82 -26.16
CA LEU A 108 31.73 -32.12 -26.02
C LEU A 108 33.04 -32.17 -26.81
N ASP A 109 33.77 -31.07 -26.78
CA ASP A 109 35.02 -30.95 -27.53
C ASP A 109 35.93 -29.97 -26.82
N SER A 110 37.09 -29.74 -27.43
CA SER A 110 38.06 -28.81 -26.86
C SER A 110 37.63 -27.38 -27.13
N LYS A 111 38.43 -26.44 -26.64
CA LYS A 111 38.22 -24.99 -26.75
C LYS A 111 37.16 -24.50 -25.77
N THR A 112 36.54 -25.40 -25.02
CA THR A 112 35.58 -25.02 -23.99
C THR A 112 35.54 -26.12 -22.93
N GLN A 113 35.07 -25.76 -21.74
CA GLN A 113 35.08 -26.65 -20.59
C GLN A 113 33.95 -27.68 -20.66
N SER A 114 34.20 -28.85 -20.08
CA SER A 114 33.23 -29.93 -20.06
C SER A 114 33.42 -30.76 -18.80
N LEU A 115 32.40 -31.57 -18.49
CA LEU A 115 32.42 -32.47 -17.34
C LEU A 115 32.84 -33.86 -17.80
N LEU A 116 33.50 -34.60 -16.91
CA LEU A 116 33.83 -36.00 -17.15
C LEU A 116 33.69 -36.78 -15.85
N ILE A 117 32.77 -37.74 -15.83
CA ILE A 117 32.48 -38.51 -14.63
C ILE A 117 32.67 -39.98 -14.93
N VAL A 118 33.65 -40.57 -14.26
CA VAL A 118 33.97 -41.98 -14.48
C VAL A 118 34.00 -42.70 -13.15
N ASN A 119 33.90 -44.03 -13.18
CA ASN A 119 33.95 -44.84 -11.98
C ASN A 119 34.57 -46.19 -12.32
N ASN A 120 35.84 -46.40 -11.95
CA ASN A 120 36.45 -47.70 -12.17
C ASN A 120 36.08 -48.59 -10.99
N ALA A 121 36.72 -49.75 -10.84
CA ALA A 121 36.28 -50.69 -9.82
C ALA A 121 36.63 -50.22 -8.41
N THR A 122 37.23 -49.03 -8.31
CA THR A 122 37.57 -48.46 -7.01
C THR A 122 36.44 -47.60 -6.47
N ASN A 123 36.19 -46.45 -7.10
CA ASN A 123 35.15 -45.51 -6.72
C ASN A 123 35.08 -44.38 -7.73
N VAL A 124 34.06 -43.54 -7.55
CA VAL A 124 33.72 -42.44 -8.44
C VAL A 124 34.83 -41.40 -8.50
N VAL A 125 35.15 -40.93 -9.70
CA VAL A 125 36.17 -39.91 -9.91
C VAL A 125 35.63 -38.81 -10.81
N ILE A 126 35.12 -37.72 -10.22
CA ILE A 126 34.63 -36.64 -11.05
C ILE A 126 35.82 -35.75 -11.39
N LYS A 127 35.81 -35.18 -12.60
CA LYS A 127 36.85 -34.26 -12.99
C LYS A 127 36.28 -33.28 -14.00
N VAL A 128 36.70 -32.02 -13.89
CA VAL A 128 36.18 -30.99 -14.78
C VAL A 128 37.34 -30.23 -15.40
N CYS A 129 37.64 -30.52 -16.66
CA CYS A 129 38.70 -29.88 -17.42
C CYS A 129 38.20 -29.54 -18.81
N GLU A 130 39.11 -29.02 -19.63
CA GLU A 130 38.90 -28.93 -21.06
C GLU A 130 39.51 -30.17 -21.69
N PHE A 131 38.68 -30.96 -22.37
CA PHE A 131 39.11 -32.24 -22.87
C PHE A 131 39.15 -32.24 -24.39
N GLN A 132 39.70 -33.32 -24.94
CA GLN A 132 39.58 -33.64 -26.35
C GLN A 132 39.09 -35.07 -26.40
N PHE A 133 37.82 -35.24 -26.76
CA PHE A 133 37.15 -36.52 -26.65
C PHE A 133 37.26 -37.27 -27.96
N CYS A 134 37.51 -38.57 -27.84
CA CYS A 134 37.39 -39.45 -29.00
C CYS A 134 35.96 -39.42 -29.51
N ASN A 135 35.80 -39.47 -30.84
CA ASN A 135 34.46 -39.55 -31.37
C ASN A 135 33.76 -40.84 -30.96
N ASP A 136 34.52 -41.89 -30.65
CA ASP A 136 33.98 -43.14 -30.12
C ASP A 136 34.74 -43.47 -28.84
N PRO A 137 34.37 -42.85 -27.72
CA PRO A 137 35.13 -43.03 -26.48
C PRO A 137 34.73 -44.33 -25.79
N PHE A 138 35.71 -44.98 -25.17
CA PHE A 138 35.43 -46.21 -24.42
C PHE A 138 36.63 -46.49 -23.53
N MET A 148 45.91 -57.75 -18.61
CA MET A 148 45.78 -56.50 -19.34
C MET A 148 44.77 -55.60 -18.65
N GLU A 149 43.51 -55.70 -19.07
CA GLU A 149 42.38 -54.99 -18.45
C GLU A 149 42.68 -53.51 -18.30
N SER A 150 43.17 -52.90 -19.38
CA SER A 150 43.54 -51.50 -19.43
C SER A 150 42.49 -50.71 -20.23
N GLU A 151 42.28 -49.47 -19.81
CA GLU A 151 41.12 -48.72 -20.27
C GLU A 151 41.38 -47.23 -20.37
N PHE A 152 40.30 -46.45 -20.45
CA PHE A 152 40.34 -45.00 -20.47
C PHE A 152 41.03 -44.44 -21.70
N ARG A 153 40.50 -44.75 -22.87
CA ARG A 153 40.96 -44.11 -24.10
C ARG A 153 39.97 -43.01 -24.46
N VAL A 154 39.35 -42.42 -23.45
CA VAL A 154 38.27 -41.45 -23.69
C VAL A 154 38.82 -40.14 -24.23
N TYR A 155 39.76 -39.53 -23.51
CA TYR A 155 40.28 -38.23 -23.92
C TYR A 155 41.77 -38.26 -24.17
N SER A 156 42.32 -37.16 -24.69
CA SER A 156 43.76 -37.03 -24.85
C SER A 156 44.24 -35.64 -24.42
N SER A 157 43.42 -34.91 -23.66
CA SER A 157 43.79 -33.59 -23.17
C SER A 157 43.00 -33.31 -21.90
N ALA A 158 43.65 -32.62 -20.96
CA ALA A 158 43.05 -32.26 -19.69
C ALA A 158 43.52 -30.89 -19.21
N ASN A 159 43.27 -29.85 -20.00
CA ASN A 159 43.81 -28.53 -19.71
C ASN A 159 42.90 -27.74 -18.77
N ASN A 160 43.51 -26.79 -18.05
CA ASN A 160 42.77 -25.80 -17.27
C ASN A 160 41.80 -26.37 -16.24
N CYS A 161 42.15 -27.49 -15.61
CA CYS A 161 41.26 -28.16 -14.66
C CYS A 161 40.85 -27.25 -13.50
N THR A 162 39.54 -27.18 -13.26
CA THR A 162 38.95 -26.26 -12.29
C THR A 162 38.31 -27.02 -11.14
N PHE A 163 38.40 -28.35 -11.18
CA PHE A 163 37.78 -29.20 -10.17
C PHE A 163 38.42 -30.58 -10.28
N GLU A 164 38.83 -31.16 -9.16
CA GLU A 164 39.24 -32.54 -9.15
C GLU A 164 38.52 -33.24 -8.01
N TYR A 165 38.50 -34.56 -8.08
CA TYR A 165 37.91 -35.43 -7.07
C TYR A 165 38.44 -36.82 -7.31
N VAL A 166 38.80 -37.54 -6.26
CA VAL A 166 39.04 -38.97 -6.36
C VAL A 166 38.42 -39.61 -5.13
N SER A 167 38.35 -40.93 -5.11
CA SER A 167 37.93 -41.66 -3.91
C SER A 167 38.37 -43.10 -3.98
N LYS A 182 17.74 -58.10 -11.77
CA LYS A 182 19.15 -57.78 -11.56
C LYS A 182 19.33 -56.60 -10.61
N ASN A 183 19.78 -55.48 -11.15
CA ASN A 183 20.07 -54.30 -10.35
C ASN A 183 19.52 -53.08 -11.05
N LEU A 184 19.00 -52.15 -10.27
CA LEU A 184 18.45 -50.90 -10.76
C LEU A 184 19.28 -49.76 -10.21
N ARG A 185 19.83 -48.94 -11.08
CA ARG A 185 20.66 -47.80 -10.69
C ARG A 185 20.10 -46.54 -11.32
N GLU A 186 19.40 -45.75 -10.52
CA GLU A 186 18.75 -44.54 -11.00
C GLU A 186 19.61 -43.31 -10.73
N PHE A 187 19.54 -42.36 -11.66
CA PHE A 187 20.26 -41.11 -11.53
C PHE A 187 19.39 -39.98 -12.03
N VAL A 188 19.52 -38.82 -11.40
CA VAL A 188 18.92 -37.58 -11.87
C VAL A 188 20.03 -36.55 -11.95
N PHE A 189 20.19 -35.94 -13.10
CA PHE A 189 21.21 -34.92 -13.32
C PHE A 189 20.53 -33.58 -13.55
N LYS A 190 20.97 -32.55 -12.83
CA LYS A 190 20.42 -31.23 -13.04
C LYS A 190 21.51 -30.19 -12.85
N ASN A 191 21.30 -29.00 -13.40
CA ASN A 191 22.31 -27.94 -13.41
C ASN A 191 21.64 -26.59 -13.21
N ILE A 192 21.62 -26.10 -11.96
CA ILE A 192 20.88 -24.90 -11.60
C ILE A 192 21.81 -23.91 -10.91
N ASP A 193 21.80 -22.67 -11.39
CA ASP A 193 22.62 -21.59 -10.85
C ASP A 193 24.08 -21.98 -10.72
N GLY A 194 24.61 -22.70 -11.71
CA GLY A 194 26.00 -23.10 -11.71
C GLY A 194 26.32 -24.28 -10.83
N TYR A 195 25.30 -24.91 -10.24
CA TYR A 195 25.51 -26.08 -9.40
C TYR A 195 25.11 -27.31 -10.20
N PHE A 196 25.99 -28.30 -10.18
CA PHE A 196 25.73 -29.55 -10.89
C PHE A 196 25.44 -30.61 -9.85
N LYS A 197 24.16 -30.92 -9.66
CA LYS A 197 23.72 -31.85 -8.63
C LYS A 197 23.45 -33.21 -9.24
N ILE A 198 23.65 -34.24 -8.44
CA ILE A 198 23.41 -35.63 -8.82
C ILE A 198 22.59 -36.27 -7.73
N TYR A 199 21.45 -36.84 -8.09
CA TYR A 199 20.68 -37.68 -7.18
C TYR A 199 20.83 -39.11 -7.65
N SER A 200 20.76 -40.04 -6.71
CA SER A 200 20.93 -41.43 -7.09
C SER A 200 20.33 -42.33 -6.02
N LYS A 201 20.10 -43.57 -6.40
CA LYS A 201 19.79 -44.63 -5.46
C LYS A 201 20.06 -45.97 -6.12
N HIS A 202 20.54 -46.93 -5.34
CA HIS A 202 20.87 -48.26 -5.83
C HIS A 202 19.98 -49.25 -5.09
N THR A 203 19.03 -49.82 -5.80
CA THR A 203 18.09 -50.77 -5.24
C THR A 203 18.23 -52.08 -6.01
N PRO A 204 18.48 -53.21 -5.25
CA PRO A 204 18.58 -54.45 -6.02
C PRO A 204 17.21 -54.99 -6.39
N ILE A 205 17.12 -55.70 -7.51
CA ILE A 205 15.89 -56.38 -7.89
C ILE A 205 15.80 -57.76 -7.27
N ASP A 212 12.27 -53.20 -20.08
CA ASP A 212 11.20 -52.32 -19.65
C ASP A 212 11.18 -52.17 -18.12
N LEU A 213 11.12 -50.93 -17.66
CA LEU A 213 11.14 -50.65 -16.23
C LEU A 213 9.94 -51.28 -15.53
N PRO A 214 10.07 -51.50 -14.23
CA PRO A 214 9.06 -52.25 -13.47
C PRO A 214 7.99 -51.25 -13.04
N GLN A 215 7.40 -51.46 -11.87
CA GLN A 215 6.36 -50.57 -11.38
C GLN A 215 6.46 -50.35 -9.87
N GLY A 216 6.67 -49.11 -9.46
CA GLY A 216 6.79 -48.80 -8.05
C GLY A 216 7.17 -47.36 -7.78
N PHE A 217 7.29 -46.98 -6.52
CA PHE A 217 7.64 -45.63 -6.12
C PHE A 217 8.82 -45.65 -5.17
N SER A 218 9.81 -44.80 -5.45
CA SER A 218 10.99 -44.70 -4.59
C SER A 218 11.68 -43.35 -4.81
N ALA A 219 11.77 -42.54 -3.76
CA ALA A 219 12.39 -41.22 -3.86
C ALA A 219 13.91 -41.31 -3.84
N LEU A 220 14.55 -40.45 -4.62
CA LEU A 220 16.00 -40.47 -4.82
C LEU A 220 16.64 -39.39 -3.97
N GLU A 221 17.81 -39.72 -3.30
CA GLU A 221 18.53 -38.85 -2.38
C GLU A 221 19.71 -38.17 -3.05
N PRO A 222 20.03 -36.95 -2.66
CA PRO A 222 21.21 -36.26 -3.20
C PRO A 222 22.51 -36.93 -2.78
N LEU A 223 23.47 -36.94 -3.69
CA LEU A 223 24.78 -37.55 -3.43
C LEU A 223 25.88 -36.50 -3.35
N VAL A 224 25.96 -35.65 -4.37
CA VAL A 224 26.95 -34.61 -4.46
C VAL A 224 26.23 -33.33 -4.86
N ASP A 225 26.99 -32.23 -4.79
CA ASP A 225 26.58 -30.90 -5.23
C ASP A 225 27.88 -30.17 -5.62
N LEU A 226 28.04 -29.77 -6.89
CA LEU A 226 29.33 -29.28 -7.32
C LEU A 226 29.22 -27.85 -7.81
N PRO A 227 29.82 -26.88 -7.13
CA PRO A 227 29.77 -25.47 -7.58
C PRO A 227 30.73 -25.21 -8.75
N ILE A 228 30.32 -25.64 -9.94
CA ILE A 228 31.20 -25.59 -11.10
C ILE A 228 31.00 -24.30 -11.86
N GLY A 229 29.77 -24.03 -12.28
CA GLY A 229 29.46 -22.81 -13.01
C GLY A 229 29.25 -23.09 -14.50
N ILE A 230 29.70 -24.27 -14.91
CA ILE A 230 29.67 -24.77 -16.28
C ILE A 230 28.26 -24.84 -16.85
N ASN A 231 28.11 -24.48 -18.12
CA ASN A 231 26.85 -24.60 -18.85
C ASN A 231 26.79 -25.97 -19.50
N ILE A 232 25.58 -26.53 -19.62
CA ILE A 232 25.40 -27.81 -20.30
C ILE A 232 24.26 -27.69 -21.30
N THR A 233 24.49 -28.20 -22.52
CA THR A 233 23.46 -28.24 -23.54
C THR A 233 23.36 -29.63 -24.16
N ARG A 234 24.39 -30.46 -24.00
CA ARG A 234 24.34 -31.80 -24.55
C ARG A 234 25.16 -32.73 -23.69
N PHE A 235 24.96 -34.04 -23.87
CA PHE A 235 25.74 -35.03 -23.14
C PHE A 235 25.76 -36.32 -23.94
N GLN A 236 26.65 -37.23 -23.55
CA GLN A 236 26.71 -38.58 -24.10
C GLN A 236 26.95 -39.58 -22.97
N THR A 237 27.15 -40.83 -23.36
CA THR A 237 27.34 -41.92 -22.42
C THR A 237 28.58 -42.72 -22.82
N LEU A 238 29.07 -43.55 -21.90
CA LEU A 238 30.25 -44.38 -22.12
C LEU A 238 29.91 -45.82 -21.78
N LEU A 239 30.33 -46.74 -22.64
CA LEU A 239 30.01 -48.15 -22.45
C LEU A 239 31.28 -49.00 -22.51
N ALA A 240 31.25 -50.13 -21.82
CA ALA A 240 32.34 -51.10 -21.82
C ALA A 240 32.09 -52.11 -22.94
N LEU A 241 32.95 -52.09 -23.96
CA LEU A 241 32.85 -52.97 -25.11
C LEU A 241 33.23 -54.41 -24.82
N HIS A 242 32.97 -55.27 -25.79
CA HIS A 242 33.35 -56.67 -25.79
C HIS A 242 34.62 -56.85 -26.63
N ARG A 243 35.69 -57.31 -25.98
CA ARG A 243 36.94 -57.50 -26.73
C ARG A 243 37.59 -58.84 -26.47
N SER A 244 37.23 -59.50 -25.37
CA SER A 244 37.84 -60.78 -25.02
C SER A 244 36.78 -61.86 -24.78
N ALA A 261 22.02 -51.11 -22.19
CA ALA A 261 20.61 -50.79 -22.00
C ALA A 261 20.45 -49.68 -20.99
N TYR A 262 19.87 -48.56 -21.44
CA TYR A 262 19.65 -47.44 -20.53
C TYR A 262 18.51 -46.57 -21.04
N TYR A 263 18.04 -45.70 -20.16
CA TYR A 263 16.88 -44.85 -20.37
C TYR A 263 17.30 -43.39 -20.32
N VAL A 264 16.58 -42.54 -21.06
CA VAL A 264 16.81 -41.11 -20.99
C VAL A 264 15.48 -40.36 -20.95
N GLY A 265 15.14 -39.80 -19.79
CA GLY A 265 14.00 -38.93 -19.67
C GLY A 265 14.44 -37.49 -19.54
N TYR A 266 13.46 -36.60 -19.59
CA TYR A 266 13.72 -35.18 -19.43
C TYR A 266 12.76 -34.61 -18.41
N LEU A 267 13.15 -33.49 -17.81
CA LEU A 267 12.41 -32.91 -16.69
C LEU A 267 11.69 -31.67 -17.15
N GLN A 268 10.53 -31.41 -16.55
CA GLN A 268 9.71 -30.25 -16.87
C GLN A 268 9.25 -29.61 -15.58
N PRO A 269 8.94 -28.33 -15.61
CA PRO A 269 8.43 -27.67 -14.41
C PRO A 269 7.00 -28.08 -14.08
N ARG A 270 6.85 -28.87 -13.03
CA ARG A 270 5.57 -29.37 -12.56
C ARG A 270 5.43 -29.15 -11.06
N THR A 271 4.24 -29.45 -10.55
CA THR A 271 3.86 -29.28 -9.16
C THR A 271 3.43 -30.63 -8.64
N PHE A 272 3.93 -31.02 -7.48
CA PHE A 272 3.51 -32.25 -6.83
C PHE A 272 3.09 -31.99 -5.39
N LEU A 273 2.32 -32.93 -4.86
CA LEU A 273 1.95 -32.97 -3.44
C LEU A 273 2.61 -34.21 -2.85
N LEU A 274 3.61 -33.98 -1.99
CA LEU A 274 4.46 -35.05 -1.50
C LEU A 274 4.08 -35.44 -0.08
N LYS A 275 3.97 -36.73 0.17
CA LYS A 275 3.61 -37.24 1.48
C LYS A 275 4.86 -37.73 2.18
N TYR A 276 5.16 -37.16 3.34
CA TYR A 276 6.26 -37.63 4.16
C TYR A 276 5.74 -38.46 5.31
N ASN A 277 6.44 -39.55 5.60
CA ASN A 277 6.22 -40.36 6.79
C ASN A 277 6.94 -39.75 7.98
N GLU A 278 6.81 -40.40 9.13
CA GLU A 278 7.47 -39.92 10.34
C GLU A 278 8.98 -40.14 10.32
N ASN A 279 9.48 -41.05 9.50
CA ASN A 279 10.92 -41.21 9.36
C ASN A 279 11.54 -40.16 8.47
N GLY A 280 10.72 -39.35 7.79
CA GLY A 280 11.24 -38.28 6.99
C GLY A 280 11.42 -38.59 5.53
N THR A 281 10.92 -39.73 5.07
CA THR A 281 11.06 -40.11 3.68
C THR A 281 9.77 -39.83 2.92
N ILE A 282 9.90 -39.66 1.61
CA ILE A 282 8.76 -39.47 0.72
C ILE A 282 8.21 -40.85 0.38
N THR A 283 6.95 -41.09 0.69
CA THR A 283 6.35 -42.40 0.47
C THR A 283 5.39 -42.41 -0.71
N ASP A 284 4.82 -41.26 -1.06
CA ASP A 284 3.88 -41.16 -2.16
C ASP A 284 3.95 -39.77 -2.78
N ALA A 285 3.32 -39.61 -3.94
CA ALA A 285 3.25 -38.31 -4.57
C ALA A 285 2.04 -38.27 -5.49
N VAL A 286 1.59 -37.04 -5.76
CA VAL A 286 0.52 -36.77 -6.71
C VAL A 286 1.03 -35.74 -7.70
N ASP A 287 0.88 -36.02 -8.99
CA ASP A 287 1.24 -35.10 -10.06
C ASP A 287 0.05 -34.19 -10.28
N CYS A 288 0.23 -32.90 -10.01
CA CYS A 288 -0.90 -31.97 -9.93
C CYS A 288 -1.25 -31.40 -11.30
N ALA A 289 -0.67 -31.98 -12.34
CA ALA A 289 -0.96 -31.52 -13.68
C ALA A 289 -1.27 -32.70 -14.58
N LEU A 290 -1.60 -33.83 -13.98
CA LEU A 290 -1.89 -35.05 -14.72
C LEU A 290 -3.34 -35.10 -15.17
N ASP A 291 -4.23 -35.67 -14.34
CA ASP A 291 -5.64 -35.81 -14.72
C ASP A 291 -6.52 -34.94 -13.82
N PRO A 292 -7.83 -34.86 -14.08
CA PRO A 292 -8.64 -34.04 -13.17
C PRO A 292 -8.50 -34.50 -11.71
N LEU A 293 -8.98 -35.71 -11.42
CA LEU A 293 -8.90 -36.24 -10.07
C LEU A 293 -7.68 -35.73 -9.31
N SER A 294 -6.51 -35.77 -9.92
CA SER A 294 -5.29 -35.37 -9.24
C SER A 294 -5.31 -33.88 -8.90
N GLU A 295 -5.85 -33.06 -9.79
CA GLU A 295 -6.04 -31.66 -9.46
C GLU A 295 -6.98 -31.46 -8.28
N THR A 296 -7.99 -32.31 -8.13
CA THR A 296 -8.85 -32.22 -6.95
C THR A 296 -8.09 -32.57 -5.67
N LYS A 297 -7.29 -33.64 -5.71
CA LYS A 297 -6.49 -34.00 -4.55
C LYS A 297 -5.54 -32.89 -4.16
N CYS A 298 -4.93 -32.24 -5.14
CA CYS A 298 -3.93 -31.22 -4.87
C CYS A 298 -4.56 -29.96 -4.29
N THR A 299 -5.71 -29.55 -4.83
CA THR A 299 -6.42 -28.40 -4.30
C THR A 299 -6.93 -28.62 -2.89
N LEU A 300 -7.39 -29.84 -2.58
CA LEU A 300 -7.84 -30.18 -1.24
C LEU A 300 -6.72 -30.52 -0.27
N LYS A 301 -5.51 -30.79 -0.77
CA LYS A 301 -4.37 -31.22 0.05
C LYS A 301 -4.67 -32.53 0.76
N SER A 302 -5.08 -33.53 -0.02
CA SER A 302 -5.35 -34.84 0.54
C SER A 302 -5.16 -35.88 -0.54
N PHE A 303 -5.08 -37.14 -0.11
CA PHE A 303 -5.09 -38.27 -1.02
C PHE A 303 -6.41 -39.02 -1.01
N THR A 304 -7.35 -38.62 -0.15
CA THR A 304 -8.69 -39.20 -0.12
C THR A 304 -9.69 -38.08 -0.29
N VAL A 305 -10.46 -38.14 -1.37
CA VAL A 305 -11.48 -37.14 -1.67
C VAL A 305 -12.85 -37.73 -1.35
N GLU A 306 -13.66 -36.97 -0.63
CA GLU A 306 -15.00 -37.38 -0.27
C GLU A 306 -15.98 -37.03 -1.39
N LYS A 307 -17.07 -37.77 -1.46
CA LYS A 307 -18.02 -37.57 -2.54
C LYS A 307 -18.55 -36.14 -2.52
N GLY A 308 -18.62 -35.57 -3.72
CA GLY A 308 -19.14 -34.23 -3.85
C GLY A 308 -18.69 -33.65 -5.17
N ILE A 309 -18.75 -32.34 -5.26
CA ILE A 309 -18.34 -31.63 -6.45
C ILE A 309 -17.40 -30.53 -6.00
N TYR A 310 -16.26 -30.43 -6.66
CA TYR A 310 -15.19 -29.53 -6.26
C TYR A 310 -14.79 -28.66 -7.43
N GLN A 311 -14.59 -27.38 -7.16
CA GLN A 311 -14.05 -26.47 -8.15
C GLN A 311 -12.54 -26.56 -8.10
N THR A 312 -11.93 -26.87 -9.23
CA THR A 312 -10.52 -27.21 -9.22
C THR A 312 -9.73 -26.23 -10.06
N SER A 313 -10.33 -25.68 -11.11
CA SER A 313 -9.60 -24.81 -12.03
C SER A 313 -10.55 -23.98 -12.87
N ASN A 314 -10.06 -23.51 -14.02
CA ASN A 314 -10.85 -22.62 -14.85
C ASN A 314 -10.63 -22.87 -16.34
N PHE A 315 -11.62 -22.48 -17.14
CA PHE A 315 -11.55 -22.63 -18.57
C PHE A 315 -11.38 -21.27 -19.21
N ARG A 316 -10.34 -21.11 -20.02
CA ARG A 316 -10.11 -19.86 -20.71
C ARG A 316 -9.75 -20.09 -22.17
N VAL A 317 -10.64 -19.70 -23.07
CA VAL A 317 -10.36 -19.79 -24.50
C VAL A 317 -9.19 -18.87 -24.81
N GLN A 318 -8.35 -19.29 -25.75
CA GLN A 318 -7.18 -18.51 -26.10
C GLN A 318 -7.28 -17.88 -27.50
N PRO A 319 -6.79 -16.66 -27.64
CA PRO A 319 -6.87 -15.96 -28.93
C PRO A 319 -5.81 -16.43 -29.92
N THR A 320 -6.14 -16.44 -31.21
CA THR A 320 -5.17 -16.78 -32.24
C THR A 320 -4.92 -15.63 -33.20
N GLU A 321 -3.71 -15.56 -33.74
CA GLU A 321 -3.33 -14.52 -34.69
C GLU A 321 -3.33 -13.13 -34.07
N SER A 322 -2.57 -12.23 -34.68
CA SER A 322 -2.50 -10.85 -34.23
C SER A 322 -2.80 -9.90 -35.37
N ILE A 323 -4.00 -9.32 -35.36
CA ILE A 323 -4.47 -8.49 -36.47
C ILE A 323 -4.37 -7.01 -36.18
N VAL A 324 -3.43 -6.34 -36.83
CA VAL A 324 -3.17 -4.92 -36.60
C VAL A 324 -3.72 -4.14 -37.79
N ARG A 325 -4.84 -3.44 -37.60
CA ARG A 325 -5.47 -2.68 -38.67
C ARG A 325 -5.16 -1.18 -38.65
N PHE A 326 -5.23 -0.53 -39.81
CA PHE A 326 -4.97 0.91 -39.91
C PHE A 326 -5.56 1.46 -41.20
N PRO A 327 -5.70 2.79 -41.33
CA PRO A 327 -6.27 3.28 -42.59
C PRO A 327 -5.20 3.81 -43.54
N ASN A 328 -5.63 4.45 -44.61
CA ASN A 328 -4.70 5.01 -45.59
C ASN A 328 -5.03 6.46 -45.93
N ILE A 329 -6.10 6.96 -45.33
CA ILE A 329 -6.54 8.33 -45.57
C ILE A 329 -6.93 8.56 -47.03
N THR A 330 -5.99 9.06 -47.82
CA THR A 330 -6.24 9.32 -49.24
C THR A 330 -5.07 10.07 -49.86
N ASN A 331 -4.92 11.34 -49.49
CA ASN A 331 -3.85 12.17 -50.01
C ASN A 331 -2.50 11.45 -50.01
N LEU A 332 -1.79 11.52 -51.12
CA LEU A 332 -0.49 10.87 -51.25
C LEU A 332 0.63 11.90 -51.25
N CYS A 333 1.70 11.58 -51.97
CA CYS A 333 2.86 12.48 -52.05
C CYS A 333 3.13 12.87 -53.50
N PRO A 334 3.18 14.16 -53.83
CA PRO A 334 3.35 14.58 -55.22
C PRO A 334 4.75 14.29 -55.75
N PHE A 335 5.12 13.02 -55.85
CA PHE A 335 6.38 12.69 -56.50
C PHE A 335 6.29 12.83 -58.00
N ASP A 336 5.10 12.58 -58.56
CA ASP A 336 4.87 12.79 -59.99
C ASP A 336 5.47 14.10 -60.48
N GLU A 337 5.12 15.21 -59.82
CA GLU A 337 5.55 16.52 -60.30
C GLU A 337 7.03 16.76 -60.14
N VAL A 338 7.74 15.87 -59.43
CA VAL A 338 9.19 15.95 -59.31
C VAL A 338 9.89 15.15 -60.40
N PHE A 339 9.55 13.86 -60.53
CA PHE A 339 10.20 13.02 -61.51
C PHE A 339 9.70 13.29 -62.93
N ASN A 340 8.42 13.62 -63.09
CA ASN A 340 7.82 13.77 -64.40
C ASN A 340 7.77 15.22 -64.86
N ALA A 341 8.40 16.13 -64.13
CA ALA A 341 8.53 17.53 -64.54
C ALA A 341 9.10 17.65 -65.94
N THR A 342 8.66 18.68 -66.66
CA THR A 342 9.12 18.88 -68.04
C THR A 342 10.55 19.39 -68.07
N ARG A 343 10.95 20.15 -67.07
CA ARG A 343 12.28 20.74 -67.04
C ARG A 343 12.82 20.64 -65.62
N PHE A 344 14.02 20.11 -65.48
CA PHE A 344 14.70 20.13 -64.19
C PHE A 344 15.54 21.41 -64.09
N ALA A 345 15.97 21.74 -62.88
CA ALA A 345 16.86 22.87 -62.68
C ALA A 345 18.25 22.55 -63.19
N SER A 346 19.07 23.58 -63.33
CA SER A 346 20.52 23.37 -63.47
C SER A 346 21.09 22.96 -62.13
N VAL A 347 22.15 22.15 -62.16
CA VAL A 347 22.67 21.61 -60.90
C VAL A 347 23.18 22.72 -60.00
N TYR A 348 23.83 23.74 -60.57
CA TYR A 348 24.29 24.87 -59.76
C TYR A 348 23.14 25.50 -58.99
N ALA A 349 21.94 25.50 -59.58
CA ALA A 349 20.75 26.07 -58.98
C ALA A 349 19.73 24.99 -58.69
N TRP A 350 20.20 23.88 -58.14
CA TRP A 350 19.36 22.72 -57.89
C TRP A 350 18.09 23.09 -57.14
N ASN A 351 17.03 22.37 -57.47
CA ASN A 351 15.68 22.63 -57.01
C ASN A 351 15.34 21.71 -55.85
N ARG A 352 14.69 22.25 -54.82
CA ARG A 352 14.37 21.47 -53.63
C ARG A 352 12.89 21.54 -53.35
N LYS A 353 12.20 20.42 -53.49
CA LYS A 353 10.80 20.31 -53.14
C LYS A 353 10.71 19.65 -51.78
N ARG A 354 10.07 20.32 -50.83
CA ARG A 354 9.89 19.78 -49.49
C ARG A 354 8.57 19.02 -49.43
N ILE A 355 8.60 17.82 -48.85
CA ILE A 355 7.42 16.96 -48.80
C ILE A 355 6.89 16.91 -47.37
N SER A 356 5.56 16.87 -47.24
CA SER A 356 4.90 16.86 -45.94
C SER A 356 3.50 16.25 -46.07
N ASN A 357 3.02 15.69 -44.97
CA ASN A 357 1.61 15.29 -44.77
C ASN A 357 1.05 14.50 -45.95
N CYS A 358 1.73 13.43 -46.32
CA CYS A 358 1.29 12.61 -47.44
C CYS A 358 1.60 11.12 -47.23
N VAL A 359 0.55 10.33 -47.06
CA VAL A 359 0.71 8.90 -46.82
C VAL A 359 0.80 8.08 -48.11
N ALA A 360 1.65 7.06 -48.07
CA ALA A 360 1.87 6.17 -49.22
C ALA A 360 3.13 5.34 -49.03
N ASP A 361 3.03 4.04 -49.29
CA ASP A 361 4.18 3.15 -49.15
C ASP A 361 5.40 3.78 -49.80
N TYR A 362 6.58 3.45 -49.29
CA TYR A 362 7.81 4.02 -49.85
C TYR A 362 8.33 3.28 -51.07
N SER A 363 7.90 2.04 -51.29
CA SER A 363 8.25 1.31 -52.49
C SER A 363 7.31 1.56 -53.66
N VAL A 364 6.52 2.64 -53.64
CA VAL A 364 5.83 3.06 -54.85
C VAL A 364 6.82 3.48 -55.92
N LEU A 365 7.95 4.04 -55.49
CA LEU A 365 9.04 4.24 -56.43
C LEU A 365 9.82 2.95 -56.59
N TYR A 366 10.72 2.95 -57.58
CA TYR A 366 11.36 1.80 -58.23
C TYR A 366 10.35 0.93 -58.96
N ASN A 367 9.11 1.41 -59.11
CA ASN A 367 8.23 0.82 -60.11
C ASN A 367 8.66 1.36 -61.47
N LEU A 368 8.38 0.57 -62.52
CA LEU A 368 9.06 0.66 -63.82
C LEU A 368 10.56 0.64 -63.57
N ALA A 369 11.02 -0.40 -62.86
CA ALA A 369 12.37 -0.58 -62.33
C ALA A 369 13.53 -0.50 -63.34
N PRO A 370 13.62 -1.38 -64.39
CA PRO A 370 14.94 -1.65 -64.98
C PRO A 370 15.53 -0.58 -65.89
N PHE A 371 15.53 0.67 -65.44
CA PHE A 371 16.31 1.72 -66.08
C PHE A 371 17.00 2.53 -65.00
N PHE A 372 16.54 2.38 -63.76
CA PHE A 372 17.06 3.20 -62.64
C PHE A 372 18.46 2.98 -62.02
N THR A 373 19.09 4.08 -61.66
CA THR A 373 20.40 4.04 -61.01
C THR A 373 20.18 4.10 -59.51
N PHE A 374 18.98 3.70 -59.09
CA PHE A 374 18.59 3.70 -57.68
C PHE A 374 19.71 3.24 -56.76
N LYS A 375 20.20 4.17 -55.94
CA LYS A 375 21.26 3.90 -54.99
C LYS A 375 20.89 4.55 -53.68
N CYS A 376 20.43 3.76 -52.74
CA CYS A 376 20.03 4.26 -51.44
C CYS A 376 20.94 3.62 -50.40
N TYR A 377 21.49 4.44 -49.52
CA TYR A 377 22.67 4.05 -48.75
C TYR A 377 22.27 3.65 -47.34
N GLY A 378 22.77 2.50 -46.90
CA GLY A 378 22.61 2.06 -45.54
C GLY A 378 21.24 1.52 -45.18
N VAL A 379 20.31 1.48 -46.14
CA VAL A 379 18.96 0.99 -45.89
C VAL A 379 18.36 0.56 -47.22
N SER A 380 17.78 -0.59 -47.24
CA SER A 380 17.12 -0.94 -48.47
C SER A 380 15.75 -0.29 -48.51
N PRO A 381 15.12 -0.15 -49.70
CA PRO A 381 13.74 0.36 -49.72
C PRO A 381 12.74 -0.54 -49.02
N THR A 382 13.06 -1.83 -48.89
CA THR A 382 12.25 -2.74 -48.09
C THR A 382 12.20 -2.33 -46.64
N LYS A 383 13.36 -2.01 -46.05
CA LYS A 383 13.40 -1.61 -44.65
C LYS A 383 12.79 -0.24 -44.41
N LEU A 384 13.05 0.73 -45.28
CA LEU A 384 12.45 2.04 -45.07
C LEU A 384 11.00 2.10 -45.50
N ASN A 385 10.49 1.06 -46.15
CA ASN A 385 9.11 1.01 -46.56
C ASN A 385 8.14 1.05 -45.38
N ASP A 386 8.59 0.58 -44.21
CA ASP A 386 7.74 0.57 -43.03
C ASP A 386 8.42 1.32 -41.87
N LEU A 387 8.85 2.53 -42.21
CA LEU A 387 9.50 3.49 -41.30
C LEU A 387 9.26 4.90 -41.87
N CYS A 388 8.48 5.71 -41.16
CA CYS A 388 8.14 7.08 -41.61
C CYS A 388 9.19 8.16 -41.32
N PHE A 389 8.83 9.43 -41.55
CA PHE A 389 9.77 10.52 -41.31
C PHE A 389 9.00 11.82 -41.17
N THR A 390 9.62 12.79 -40.51
CA THR A 390 8.94 14.06 -40.33
C THR A 390 8.86 14.83 -41.63
N ASN A 391 9.99 15.02 -42.30
CA ASN A 391 10.04 15.69 -43.58
C ASN A 391 10.86 14.87 -44.57
N VAL A 392 10.53 15.03 -45.83
CA VAL A 392 11.32 14.49 -46.93
C VAL A 392 11.60 15.63 -47.88
N TYR A 393 12.84 15.69 -48.39
CA TYR A 393 13.26 16.71 -49.34
C TYR A 393 13.61 16.07 -50.68
N ALA A 394 13.11 16.66 -51.77
CA ALA A 394 13.39 16.17 -53.13
C ALA A 394 14.18 17.22 -53.91
N ASP A 395 15.47 16.97 -54.08
CA ASP A 395 16.34 17.83 -54.86
C ASP A 395 16.51 17.24 -56.25
N SER A 396 16.31 18.05 -57.28
CA SER A 396 16.42 17.56 -58.65
C SER A 396 17.20 18.54 -59.50
N PHE A 397 18.00 18.00 -60.42
CA PHE A 397 18.87 18.78 -61.30
C PHE A 397 19.24 17.90 -62.49
N VAL A 398 20.17 18.38 -63.32
CA VAL A 398 20.59 17.67 -64.54
C VAL A 398 22.11 17.74 -64.64
N ILE A 399 22.77 16.60 -64.93
CA ILE A 399 24.22 16.55 -65.13
C ILE A 399 24.53 15.54 -66.22
N ARG A 400 25.82 15.38 -66.56
CA ARG A 400 26.25 14.34 -67.49
C ARG A 400 26.37 13.00 -66.78
N GLY A 401 26.15 11.91 -67.52
CA GLY A 401 26.27 10.59 -66.93
C GLY A 401 27.57 10.39 -66.18
N ASP A 402 28.70 10.82 -66.78
CA ASP A 402 30.02 10.83 -66.17
C ASP A 402 30.04 11.30 -64.73
N GLU A 403 29.09 12.17 -64.36
CA GLU A 403 29.12 12.87 -63.09
C GLU A 403 28.11 12.36 -62.09
N VAL A 404 27.29 11.39 -62.48
CA VAL A 404 26.31 10.80 -61.57
C VAL A 404 27.07 10.26 -60.36
N ARG A 405 28.22 9.66 -60.62
CA ARG A 405 29.06 9.10 -59.57
C ARG A 405 29.36 10.12 -58.47
N GLN A 406 29.40 11.41 -58.82
CA GLN A 406 29.67 12.43 -57.81
C GLN A 406 28.49 12.69 -56.90
N ILE A 407 27.29 12.24 -57.27
CA ILE A 407 26.12 12.44 -56.42
C ILE A 407 26.09 11.24 -55.47
N ALA A 408 26.94 11.31 -54.45
CA ALA A 408 27.15 10.25 -53.48
C ALA A 408 28.08 10.79 -52.41
N PRO A 409 27.99 10.29 -51.18
CA PRO A 409 28.72 10.94 -50.09
C PRO A 409 30.21 10.66 -50.20
N GLY A 410 31.01 11.71 -49.96
CA GLY A 410 32.45 11.59 -50.00
C GLY A 410 33.07 11.50 -51.37
N GLN A 411 32.58 12.24 -52.35
CA GLN A 411 33.15 12.30 -53.69
C GLN A 411 33.65 13.71 -53.98
N THR A 412 34.47 13.83 -55.02
CA THR A 412 35.00 15.12 -55.43
C THR A 412 34.84 15.32 -56.94
N GLY A 413 34.97 16.58 -57.35
CA GLY A 413 34.78 16.99 -58.73
C GLY A 413 34.06 18.32 -58.86
N ASN A 414 33.85 18.80 -60.10
CA ASN A 414 33.12 20.05 -60.29
C ASN A 414 31.74 20.00 -59.62
N ILE A 415 31.03 18.89 -59.78
CA ILE A 415 29.67 18.83 -59.26
C ILE A 415 29.69 18.80 -57.75
N ALA A 416 30.43 17.85 -57.15
CA ALA A 416 30.37 17.68 -55.70
C ALA A 416 31.09 18.81 -54.95
N ASP A 417 32.06 19.48 -55.57
CA ASP A 417 32.76 20.55 -54.88
C ASP A 417 32.04 21.89 -55.02
N TYR A 418 31.44 22.16 -56.18
CA TYR A 418 30.93 23.49 -56.50
C TYR A 418 29.44 23.57 -56.71
N ASN A 419 28.73 22.46 -56.87
CA ASN A 419 27.32 22.49 -57.27
C ASN A 419 26.35 21.81 -56.31
N TYR A 420 26.58 20.52 -56.04
CA TYR A 420 25.70 19.72 -55.17
C TYR A 420 26.52 18.73 -54.36
N LYS A 421 26.79 19.08 -53.10
CA LYS A 421 27.56 18.23 -52.20
C LYS A 421 26.63 17.52 -51.24
N LEU A 422 26.75 16.17 -51.17
CA LEU A 422 26.09 15.37 -50.15
C LEU A 422 27.01 15.20 -48.94
N PRO A 423 26.46 15.20 -47.72
CA PRO A 423 27.29 15.05 -46.53
C PRO A 423 27.83 13.65 -46.39
N ASP A 424 28.93 13.55 -45.62
CA ASP A 424 29.55 12.25 -45.37
C ASP A 424 28.56 11.26 -44.75
N ASP A 425 27.68 11.73 -43.84
CA ASP A 425 26.74 10.90 -43.11
C ASP A 425 25.34 10.89 -43.73
N PHE A 426 25.24 10.48 -44.99
CA PHE A 426 24.00 10.64 -45.74
C PHE A 426 23.08 9.43 -45.56
N THR A 427 21.80 9.71 -45.27
CA THR A 427 20.78 8.70 -45.00
C THR A 427 19.55 8.81 -45.91
N GLY A 428 19.75 8.85 -47.23
CA GLY A 428 18.67 8.89 -48.20
C GLY A 428 18.90 8.03 -49.44
N CYS A 429 18.45 8.50 -50.61
CA CYS A 429 18.68 7.76 -51.85
C CYS A 429 19.00 8.73 -53.00
N VAL A 430 19.65 8.19 -54.03
CA VAL A 430 19.90 8.89 -55.28
C VAL A 430 19.28 8.09 -56.42
N ILE A 431 18.43 8.74 -57.20
CA ILE A 431 17.82 8.16 -58.39
C ILE A 431 18.24 9.00 -59.59
N ALA A 432 18.73 8.34 -60.62
CA ALA A 432 19.23 8.99 -61.81
C ALA A 432 18.85 8.16 -63.01
N TRP A 433 18.39 8.81 -64.08
CA TRP A 433 18.04 8.15 -65.32
C TRP A 433 18.48 9.03 -66.48
N ASN A 434 18.65 8.40 -67.63
CA ASN A 434 19.13 9.08 -68.83
C ASN A 434 17.98 9.80 -69.52
N SER A 435 18.24 11.02 -69.98
CA SER A 435 17.18 11.83 -70.59
C SER A 435 17.63 12.47 -71.89
N ASN A 436 18.36 11.71 -72.72
CA ASN A 436 18.73 12.22 -74.04
C ASN A 436 17.50 12.61 -74.85
N LYS A 437 16.44 11.81 -74.77
CA LYS A 437 15.24 12.09 -75.56
C LYS A 437 14.59 13.41 -75.18
N LEU A 438 14.86 13.95 -74.00
CA LEU A 438 14.22 15.17 -73.52
C LEU A 438 15.13 16.39 -73.48
N ASP A 439 16.40 16.26 -73.13
CA ASP A 439 17.23 17.41 -72.80
C ASP A 439 18.39 17.64 -73.75
N SER A 440 18.38 17.01 -74.91
CA SER A 440 19.39 17.29 -75.92
C SER A 440 18.70 17.56 -77.25
N LYS A 441 19.33 18.40 -78.07
CA LYS A 441 18.81 18.70 -79.39
C LYS A 441 19.97 18.98 -80.31
N VAL A 442 19.70 18.93 -81.60
CA VAL A 442 20.77 18.98 -82.58
C VAL A 442 21.51 20.31 -82.49
N SER A 443 20.79 21.40 -82.27
CA SER A 443 21.52 22.67 -82.22
C SER A 443 22.30 22.80 -80.92
N GLY A 444 22.07 21.91 -79.96
CA GLY A 444 22.78 22.02 -78.72
C GLY A 444 21.87 22.61 -77.66
N ASN A 445 21.62 21.89 -76.57
CA ASN A 445 20.79 22.40 -75.50
C ASN A 445 21.68 23.16 -74.52
N TYR A 446 21.65 24.50 -74.57
CA TYR A 446 22.39 25.36 -73.65
C TYR A 446 21.54 25.83 -72.49
N ASN A 447 20.46 25.13 -72.17
CA ASN A 447 19.62 25.46 -71.02
C ASN A 447 20.34 25.19 -69.71
N TYR A 448 21.01 24.05 -69.58
CA TYR A 448 21.53 23.58 -68.31
C TYR A 448 22.97 24.01 -68.13
N LEU A 449 23.26 24.66 -67.00
CA LEU A 449 24.59 25.13 -66.66
C LEU A 449 25.12 24.39 -65.42
N TYR A 450 26.42 24.54 -65.17
CA TYR A 450 27.05 24.03 -63.97
C TYR A 450 28.19 24.99 -63.58
N ARG A 451 28.50 25.06 -62.30
CA ARG A 451 29.53 25.98 -61.84
C ARG A 451 30.89 25.32 -61.94
N LEU A 452 31.84 26.04 -62.54
CA LEU A 452 33.16 25.50 -62.85
C LEU A 452 34.24 25.98 -61.89
N PHE A 453 34.17 27.24 -61.49
CA PHE A 453 35.12 27.83 -60.57
C PHE A 453 34.40 28.27 -59.30
N ARG A 454 35.06 28.07 -58.16
CA ARG A 454 34.56 28.67 -56.92
C ARG A 454 35.70 28.71 -55.91
N LYS A 455 35.73 29.78 -55.12
CA LYS A 455 36.80 29.95 -54.14
C LYS A 455 36.89 28.77 -53.19
N SER A 456 35.77 28.15 -52.85
CA SER A 456 35.73 27.16 -51.78
C SER A 456 34.71 26.08 -52.08
N ASN A 457 35.00 24.86 -51.64
CA ASN A 457 34.07 23.75 -51.80
C ASN A 457 32.79 24.02 -51.00
N LEU A 458 31.69 23.46 -51.46
CA LEU A 458 30.40 23.66 -50.80
C LEU A 458 30.35 22.90 -49.49
N LYS A 459 29.74 23.51 -48.48
CA LYS A 459 29.22 22.72 -47.37
C LYS A 459 28.09 21.83 -47.89
N PRO A 460 27.79 20.74 -47.18
CA PRO A 460 26.71 19.85 -47.65
C PRO A 460 25.35 20.53 -47.74
N PHE A 461 24.65 20.23 -48.84
CA PHE A 461 23.32 20.75 -49.19
C PHE A 461 23.31 22.27 -49.37
N GLU A 462 24.47 22.86 -49.62
CA GLU A 462 24.52 24.30 -49.87
C GLU A 462 24.20 24.55 -51.35
N ARG A 463 23.62 25.71 -51.60
CA ARG A 463 23.32 26.19 -52.96
C ARG A 463 23.99 27.53 -53.18
N ASP A 464 24.51 27.74 -54.38
CA ASP A 464 25.15 29.00 -54.74
C ASP A 464 24.69 29.38 -56.13
N ILE A 465 23.92 30.46 -56.25
CA ILE A 465 23.43 30.92 -57.56
C ILE A 465 24.07 32.24 -58.00
N SER A 466 24.95 32.82 -57.19
CA SER A 466 25.61 34.07 -57.57
C SER A 466 26.36 33.91 -58.87
N THR A 467 26.32 34.95 -59.70
CA THR A 467 27.01 34.96 -60.99
C THR A 467 28.18 35.95 -60.98
N GLU A 468 28.87 36.05 -59.85
CA GLU A 468 30.00 36.94 -59.74
C GLU A 468 31.19 36.39 -60.55
N ILE A 469 31.96 37.31 -61.13
CA ILE A 469 33.12 36.92 -61.93
C ILE A 469 34.20 36.35 -61.01
N TYR A 470 34.70 35.15 -61.34
CA TYR A 470 35.68 34.45 -60.52
C TYR A 470 37.07 35.04 -60.76
N GLN A 471 37.68 35.54 -59.68
CA GLN A 471 38.99 36.20 -59.75
C GLN A 471 40.10 35.18 -59.51
N ALA A 472 40.73 34.71 -60.60
CA ALA A 472 41.84 33.77 -60.51
C ALA A 472 43.20 34.47 -60.47
N GLY A 473 43.31 35.63 -61.12
CA GLY A 473 44.51 36.45 -61.04
C GLY A 473 44.58 37.22 -59.73
N ASN A 474 45.26 38.36 -59.76
CA ASN A 474 45.32 39.19 -58.56
C ASN A 474 44.88 40.63 -58.82
N LYS A 475 44.38 40.93 -60.02
CA LYS A 475 43.62 42.12 -60.39
C LYS A 475 42.13 41.91 -60.10
N PRO A 476 41.43 42.90 -59.55
CA PRO A 476 39.98 42.78 -59.40
C PRO A 476 39.28 42.74 -60.74
N CYS A 477 38.17 42.01 -60.80
CA CYS A 477 37.45 41.80 -62.05
C CYS A 477 36.33 42.80 -62.28
N ASN A 478 35.81 43.42 -61.22
CA ASN A 478 34.83 44.50 -61.24
C ASN A 478 33.53 44.12 -61.95
N GLY A 479 33.36 42.86 -62.31
CA GLY A 479 32.16 42.43 -62.98
C GLY A 479 32.23 42.39 -64.49
N VAL A 480 33.41 42.21 -65.08
CA VAL A 480 33.54 41.96 -66.51
C VAL A 480 34.52 40.83 -66.75
N ALA A 481 34.15 39.88 -67.60
CA ALA A 481 35.04 38.78 -67.93
C ALA A 481 36.23 39.26 -68.73
N GLY A 482 37.37 38.62 -68.49
CA GLY A 482 38.62 39.02 -69.13
C GLY A 482 39.75 38.14 -68.64
N PHE A 483 40.97 38.64 -68.77
CA PHE A 483 42.13 37.84 -68.40
C PHE A 483 42.11 37.54 -66.91
N ASN A 484 42.14 36.26 -66.55
CA ASN A 484 42.03 35.79 -65.17
C ASN A 484 40.74 36.24 -64.52
N CYS A 485 39.72 36.49 -65.33
CA CYS A 485 38.41 36.96 -64.87
C CYS A 485 37.35 36.15 -65.60
N TYR A 486 36.78 35.16 -64.91
CA TYR A 486 35.92 34.18 -65.55
C TYR A 486 34.51 34.24 -64.97
N PHE A 487 33.53 34.36 -65.85
CA PHE A 487 32.17 34.02 -65.51
C PHE A 487 32.13 32.55 -65.11
N PRO A 488 31.67 32.21 -63.91
CA PRO A 488 31.92 30.87 -63.35
C PRO A 488 30.90 29.81 -63.72
N LEU A 489 29.84 30.12 -64.45
CA LEU A 489 28.87 29.11 -64.89
C LEU A 489 29.16 28.77 -66.33
N ARG A 490 29.38 27.52 -66.68
CA ARG A 490 29.57 27.28 -68.09
C ARG A 490 28.23 26.78 -68.59
N SER A 491 28.22 25.95 -69.62
CA SER A 491 27.01 25.37 -70.14
C SER A 491 27.29 23.98 -70.72
N TYR A 492 26.61 22.95 -70.21
CA TYR A 492 26.58 21.70 -70.94
C TYR A 492 26.05 21.96 -72.34
N SER A 493 26.34 21.07 -73.26
CA SER A 493 26.10 21.40 -74.65
C SER A 493 25.18 20.37 -75.31
N PHE A 494 24.29 19.79 -74.53
CA PHE A 494 23.68 18.50 -74.82
C PHE A 494 23.18 18.36 -76.25
N ARG A 495 23.82 17.47 -77.01
CA ARG A 495 23.33 17.00 -78.29
C ARG A 495 23.03 15.52 -78.23
N PRO A 496 22.04 15.03 -78.99
CA PRO A 496 21.69 13.60 -78.92
C PRO A 496 22.78 12.65 -79.39
N THR A 497 23.84 13.13 -80.04
CA THR A 497 24.89 12.26 -80.54
C THR A 497 26.10 12.20 -79.62
N TYR A 498 26.01 12.78 -78.43
CA TYR A 498 27.07 12.59 -77.44
C TYR A 498 27.13 11.13 -77.03
N GLY A 499 28.30 10.72 -76.57
CA GLY A 499 28.42 9.44 -75.92
C GLY A 499 27.64 9.43 -74.64
N VAL A 500 27.46 8.23 -74.07
CA VAL A 500 26.58 8.08 -72.92
C VAL A 500 27.04 8.95 -71.77
N GLY A 501 28.35 8.98 -71.53
CA GLY A 501 28.86 9.70 -70.40
C GLY A 501 28.86 11.20 -70.56
N HIS A 502 28.51 11.71 -71.74
CA HIS A 502 28.31 13.14 -71.93
C HIS A 502 26.85 13.51 -72.14
N GLN A 503 25.96 12.53 -72.16
CA GLN A 503 24.53 12.77 -72.30
C GLN A 503 23.95 13.26 -70.99
N PRO A 504 22.78 13.90 -71.03
CA PRO A 504 22.16 14.40 -69.80
C PRO A 504 21.49 13.30 -69.01
N TYR A 505 21.58 13.42 -67.68
CA TYR A 505 20.88 12.56 -66.75
C TYR A 505 20.14 13.43 -65.75
N ARG A 506 18.89 13.10 -65.51
CA ARG A 506 18.12 13.75 -64.47
C ARG A 506 18.33 12.98 -63.17
N VAL A 507 18.51 13.71 -62.07
CA VAL A 507 18.86 13.14 -60.78
C VAL A 507 17.86 13.64 -59.77
N VAL A 508 17.34 12.73 -58.94
CA VAL A 508 16.42 13.07 -57.86
C VAL A 508 17.02 12.56 -56.56
N VAL A 509 17.21 13.44 -55.60
CA VAL A 509 17.91 13.11 -54.37
C VAL A 509 16.93 13.21 -53.21
N LEU A 510 16.67 12.07 -52.57
CA LEU A 510 15.73 11.99 -51.45
C LEU A 510 16.50 12.02 -50.15
N SER A 511 16.20 13.01 -49.31
CA SER A 511 16.69 13.04 -47.94
C SER A 511 15.53 12.80 -46.99
N PHE A 512 15.77 12.02 -45.93
CA PHE A 512 14.77 11.75 -44.89
C PHE A 512 15.30 12.23 -43.54
N GLU A 513 14.51 13.03 -42.83
CA GLU A 513 14.96 13.55 -41.54
C GLU A 513 14.01 13.11 -40.43
N LEU A 514 14.56 13.05 -39.21
CA LEU A 514 13.81 12.74 -38.00
C LEU A 514 14.05 13.84 -36.96
N LEU A 515 12.98 14.28 -36.32
CA LEU A 515 13.03 15.41 -35.40
C LEU A 515 12.08 15.11 -34.24
N HIS A 516 11.75 16.13 -33.46
CA HIS A 516 10.83 16.00 -32.33
C HIS A 516 9.38 16.26 -32.72
N ALA A 517 9.11 16.57 -34.06
CA ALA A 517 7.84 16.78 -34.72
C ALA A 517 7.27 15.44 -35.21
N PRO A 518 5.93 15.30 -35.19
CA PRO A 518 5.33 14.05 -35.66
C PRO A 518 5.71 13.72 -37.10
N ALA A 519 5.84 12.41 -37.37
CA ALA A 519 6.21 11.95 -38.70
C ALA A 519 4.98 12.01 -39.62
N THR A 520 5.04 12.89 -40.61
CA THR A 520 3.90 13.15 -41.49
C THR A 520 4.04 12.46 -42.85
N VAL A 521 5.08 11.65 -43.02
CA VAL A 521 5.31 10.94 -44.27
C VAL A 521 5.60 9.46 -44.03
N CYS A 522 4.64 8.61 -44.37
CA CYS A 522 4.77 7.17 -44.20
C CYS A 522 3.91 6.46 -45.23
N GLY A 523 2.65 6.22 -44.88
CA GLY A 523 1.72 5.56 -45.77
C GLY A 523 1.60 4.06 -45.61
N PRO A 524 2.32 3.50 -44.64
CA PRO A 524 2.27 2.05 -44.42
C PRO A 524 0.96 1.45 -44.92
N LYS A 525 1.06 0.43 -45.76
CA LYS A 525 -0.12 -0.23 -46.32
C LYS A 525 -0.50 -1.47 -45.51
N LYS A 526 0.09 -1.60 -44.31
CA LYS A 526 -0.19 -2.72 -43.44
C LYS A 526 -1.68 -2.90 -43.22
N SER A 527 -2.29 -3.76 -44.04
CA SER A 527 -3.72 -4.02 -43.93
C SER A 527 -4.03 -5.23 -43.07
N THR A 528 -3.57 -6.40 -43.50
CA THR A 528 -3.82 -7.61 -42.74
C THR A 528 -5.32 -7.91 -42.81
N ASN A 529 -5.68 -8.97 -43.53
CA ASN A 529 -7.08 -9.33 -43.68
C ASN A 529 -7.88 -9.32 -42.39
N LEU A 530 -9.20 -9.39 -42.54
CA LEU A 530 -10.09 -9.38 -41.40
C LEU A 530 -10.85 -10.68 -41.22
N VAL A 531 -10.64 -11.32 -40.08
CA VAL A 531 -11.31 -12.56 -39.76
C VAL A 531 -12.78 -12.22 -39.57
N LYS A 532 -13.48 -12.99 -38.75
CA LYS A 532 -14.89 -12.75 -38.50
C LYS A 532 -15.49 -13.94 -37.80
N ASN A 533 -15.39 -13.96 -36.48
CA ASN A 533 -15.93 -15.09 -35.72
C ASN A 533 -14.84 -15.95 -35.10
N LYS A 534 -13.71 -15.36 -34.71
CA LYS A 534 -12.62 -16.08 -34.08
C LYS A 534 -12.10 -15.25 -32.92
N CYS A 535 -11.72 -15.93 -31.85
CA CYS A 535 -11.12 -15.25 -30.72
C CYS A 535 -9.76 -14.89 -31.30
N VAL A 536 -9.43 -13.60 -31.32
CA VAL A 536 -8.18 -13.16 -31.89
C VAL A 536 -7.61 -12.04 -31.02
N ASN A 537 -6.35 -11.75 -31.23
CA ASN A 537 -5.69 -10.61 -30.62
C ASN A 537 -5.72 -9.50 -31.65
N PHE A 538 -6.42 -8.40 -31.35
CA PHE A 538 -6.64 -7.35 -32.32
C PHE A 538 -6.08 -6.02 -31.87
N ASN A 539 -5.83 -5.17 -32.86
CA ASN A 539 -5.43 -3.78 -32.65
C ASN A 539 -6.07 -2.96 -33.78
N PHE A 540 -6.84 -1.95 -33.41
CA PHE A 540 -7.43 -1.05 -34.40
C PHE A 540 -6.84 0.36 -34.27
N ASN A 541 -5.82 0.65 -35.09
CA ASN A 541 -5.24 1.98 -35.14
C ASN A 541 -4.89 2.50 -33.74
N GLY A 542 -4.35 1.62 -32.91
CA GLY A 542 -3.97 1.99 -31.55
C GLY A 542 -4.73 1.20 -30.51
N LEU A 543 -6.06 1.17 -30.64
CA LEU A 543 -6.91 0.46 -29.70
C LEU A 543 -6.51 -1.01 -29.62
N LYS A 544 -6.06 -1.43 -28.43
CA LYS A 544 -5.55 -2.78 -28.23
C LYS A 544 -6.58 -3.56 -27.43
N GLY A 545 -6.93 -4.76 -27.89
CA GLY A 545 -7.82 -5.60 -27.12
C GLY A 545 -7.89 -7.05 -27.55
N THR A 546 -8.78 -7.81 -26.91
CA THR A 546 -8.95 -9.23 -27.18
C THR A 546 -10.44 -9.52 -27.30
N GLY A 547 -10.79 -10.41 -28.22
CA GLY A 547 -12.18 -10.80 -28.34
C GLY A 547 -12.51 -11.30 -29.72
N VAL A 548 -13.75 -11.71 -29.86
CA VAL A 548 -14.33 -12.21 -31.09
C VAL A 548 -15.02 -11.06 -31.81
N LEU A 549 -14.74 -10.93 -33.10
CA LEU A 549 -15.28 -9.86 -33.93
C LEU A 549 -16.44 -10.42 -34.74
N THR A 550 -17.58 -9.74 -34.70
CA THR A 550 -18.72 -10.19 -35.46
C THR A 550 -19.47 -8.99 -36.07
N GLU A 551 -20.22 -9.25 -37.14
CA GLU A 551 -21.02 -8.21 -37.76
C GLU A 551 -22.00 -7.62 -36.76
N SER A 552 -22.06 -6.29 -36.70
CA SER A 552 -22.92 -5.62 -35.75
C SER A 552 -24.19 -5.14 -36.43
N ASN A 553 -25.07 -4.56 -35.60
CA ASN A 553 -26.26 -3.89 -36.10
C ASN A 553 -26.43 -2.51 -35.47
N LYS A 554 -25.38 -1.95 -34.90
CA LYS A 554 -25.39 -0.61 -34.34
C LYS A 554 -25.03 0.41 -35.41
N LYS A 555 -25.36 1.67 -35.13
CA LYS A 555 -25.11 2.75 -36.08
C LYS A 555 -24.42 3.89 -35.36
N PHE A 556 -23.13 4.09 -35.65
CA PHE A 556 -22.36 5.16 -35.05
C PHE A 556 -22.75 6.51 -35.67
N LEU A 557 -22.36 7.59 -35.06
CA LEU A 557 -22.56 8.87 -35.72
C LEU A 557 -21.41 9.13 -36.68
N PRO A 558 -21.59 9.93 -37.71
CA PRO A 558 -20.54 10.01 -38.73
C PRO A 558 -19.33 10.80 -38.27
N PHE A 559 -18.93 10.61 -37.04
CA PHE A 559 -17.66 11.10 -36.55
C PHE A 559 -17.08 10.20 -35.48
N GLN A 560 -17.78 9.12 -35.11
CA GLN A 560 -17.40 8.29 -33.99
C GLN A 560 -16.73 7.02 -34.50
N GLN A 561 -15.62 6.64 -33.88
CA GLN A 561 -14.82 5.50 -34.29
C GLN A 561 -15.21 4.21 -33.59
N PHE A 562 -15.34 4.24 -32.27
CA PHE A 562 -15.67 3.04 -31.52
C PHE A 562 -16.68 3.38 -30.43
N GLY A 563 -17.34 2.34 -29.93
CA GLY A 563 -18.33 2.48 -28.89
C GLY A 563 -17.93 1.75 -27.63
N ARG A 564 -18.50 2.19 -26.52
CA ARG A 564 -18.32 1.52 -25.25
C ARG A 564 -19.68 1.18 -24.66
N ASP A 565 -19.68 0.17 -23.79
CA ASP A 565 -20.89 -0.28 -23.12
C ASP A 565 -21.02 0.38 -21.75
N ILE A 566 -22.04 -0.01 -21.01
CA ILE A 566 -22.20 0.41 -19.64
C ILE A 566 -21.04 -0.22 -18.88
N ALA A 567 -20.47 0.54 -17.94
CA ALA A 567 -19.27 0.19 -17.19
C ALA A 567 -18.02 0.52 -18.00
N ASP A 568 -18.20 1.22 -19.11
CA ASP A 568 -17.09 1.81 -19.87
C ASP A 568 -16.09 0.82 -20.43
N THR A 569 -16.55 -0.18 -21.17
CA THR A 569 -15.67 -1.10 -21.87
C THR A 569 -16.05 -1.11 -23.34
N THR A 570 -15.04 -1.06 -24.21
CA THR A 570 -15.28 -1.02 -25.65
C THR A 570 -16.04 -2.27 -26.09
N ASP A 571 -17.11 -2.08 -26.84
CA ASP A 571 -17.87 -3.23 -27.31
C ASP A 571 -18.14 -3.22 -28.79
N ALA A 572 -17.77 -2.17 -29.50
CA ALA A 572 -17.90 -2.14 -30.96
C ALA A 572 -16.83 -1.23 -31.51
N VAL A 573 -16.33 -1.56 -32.70
CA VAL A 573 -15.35 -0.74 -33.39
C VAL A 573 -15.77 -0.61 -34.85
N ARG A 574 -15.14 0.32 -35.54
CA ARG A 574 -15.32 0.51 -36.96
C ARG A 574 -13.99 0.26 -37.64
N ASP A 575 -13.99 -0.51 -38.73
CA ASP A 575 -12.76 -0.78 -39.45
C ASP A 575 -12.41 0.49 -40.22
N PRO A 576 -11.22 1.03 -40.01
CA PRO A 576 -10.86 2.27 -40.70
C PRO A 576 -10.97 2.18 -42.21
N GLN A 577 -10.58 1.04 -42.78
CA GLN A 577 -10.58 0.85 -44.22
C GLN A 577 -11.93 0.58 -44.88
N THR A 578 -12.70 -0.34 -44.30
CA THR A 578 -13.95 -0.77 -44.92
C THR A 578 -15.17 -0.05 -44.34
N LEU A 579 -15.02 0.65 -43.22
CA LEU A 579 -16.11 1.43 -42.59
C LEU A 579 -17.30 0.55 -42.20
N GLU A 580 -17.01 -0.56 -41.53
CA GLU A 580 -18.05 -1.45 -41.05
C GLU A 580 -17.96 -1.60 -39.55
N ILE A 581 -19.12 -1.74 -38.92
CA ILE A 581 -19.21 -1.83 -37.48
C ILE A 581 -19.16 -3.28 -37.07
N LEU A 582 -18.29 -3.62 -36.13
CA LEU A 582 -18.07 -4.98 -35.67
C LEU A 582 -18.20 -5.01 -34.16
N ASP A 583 -18.96 -5.97 -33.65
CA ASP A 583 -19.04 -6.17 -32.21
C ASP A 583 -17.89 -7.00 -31.71
N ILE A 584 -17.55 -6.78 -30.43
CA ILE A 584 -16.48 -7.46 -29.75
C ILE A 584 -17.10 -8.24 -28.60
N THR A 585 -17.11 -9.54 -28.72
CA THR A 585 -17.61 -10.32 -27.60
C THR A 585 -16.46 -10.96 -26.85
N PRO A 586 -16.59 -11.24 -25.57
CA PRO A 586 -15.49 -11.89 -24.85
C PRO A 586 -15.29 -13.32 -25.34
N CYS A 587 -14.07 -13.80 -25.14
CA CYS A 587 -13.66 -15.16 -25.49
C CYS A 587 -13.85 -16.10 -24.29
N SER A 588 -15.06 -16.64 -24.21
CA SER A 588 -15.52 -17.55 -23.15
C SER A 588 -14.58 -18.11 -22.07
N PHE A 589 -14.97 -17.86 -20.84
CA PHE A 589 -14.28 -18.20 -19.61
C PHE A 589 -15.31 -18.77 -18.64
N GLY A 590 -14.83 -19.55 -17.68
CA GLY A 590 -15.71 -20.04 -16.64
C GLY A 590 -15.05 -21.06 -15.75
N GLY A 591 -15.66 -21.36 -14.61
CA GLY A 591 -15.07 -22.33 -13.71
C GLY A 591 -15.18 -23.75 -14.23
N VAL A 592 -14.27 -24.59 -13.77
CA VAL A 592 -14.29 -26.02 -14.07
C VAL A 592 -14.37 -26.77 -12.77
N SER A 593 -15.40 -27.60 -12.63
CA SER A 593 -15.60 -28.38 -11.41
C SER A 593 -15.58 -29.86 -11.75
N VAL A 594 -15.15 -30.66 -10.79
CA VAL A 594 -15.03 -32.09 -10.96
C VAL A 594 -16.01 -32.79 -10.02
N ILE A 595 -16.77 -33.72 -10.57
CA ILE A 595 -17.77 -34.50 -9.84
C ILE A 595 -17.17 -35.87 -9.60
N THR A 596 -17.03 -36.24 -8.34
CA THR A 596 -16.39 -37.48 -7.95
C THR A 596 -17.24 -38.25 -6.95
N PRO A 597 -17.36 -39.57 -7.11
CA PRO A 597 -18.06 -40.37 -6.10
C PRO A 597 -17.28 -40.60 -4.82
N GLY A 598 -16.02 -40.22 -4.77
CA GLY A 598 -15.14 -40.49 -3.64
C GLY A 598 -14.18 -41.59 -4.01
N THR A 599 -12.91 -41.41 -3.63
CA THR A 599 -11.86 -42.34 -4.04
C THR A 599 -12.01 -43.70 -3.41
N ASN A 600 -12.88 -43.82 -2.42
CA ASN A 600 -13.19 -45.07 -1.74
C ASN A 600 -14.34 -45.79 -2.43
N THR A 601 -14.78 -45.28 -3.57
CA THR A 601 -15.82 -45.93 -4.34
C THR A 601 -15.30 -46.20 -5.75
N SER A 602 -14.63 -45.20 -6.33
CA SER A 602 -14.13 -45.27 -7.68
C SER A 602 -13.24 -44.07 -7.92
N ASN A 603 -12.53 -44.10 -9.03
CA ASN A 603 -11.75 -42.95 -9.47
C ASN A 603 -12.31 -42.35 -10.74
N GLN A 604 -13.53 -42.71 -11.12
CA GLN A 604 -14.19 -42.07 -12.24
C GLN A 604 -14.65 -40.67 -11.85
N VAL A 605 -14.70 -39.79 -12.85
CA VAL A 605 -14.98 -38.40 -12.60
C VAL A 605 -15.68 -37.83 -13.84
N ALA A 606 -16.52 -36.82 -13.62
CA ALA A 606 -17.08 -36.04 -14.71
C ALA A 606 -16.71 -34.58 -14.50
N VAL A 607 -16.70 -33.81 -15.58
CA VAL A 607 -16.23 -32.43 -15.52
C VAL A 607 -17.30 -31.49 -16.02
N LEU A 608 -17.58 -30.43 -15.27
CA LEU A 608 -18.55 -29.42 -15.63
C LEU A 608 -17.82 -28.14 -16.00
N TYR A 609 -18.09 -27.63 -17.20
CA TYR A 609 -17.56 -26.35 -17.65
C TYR A 609 -18.66 -25.33 -17.41
N GLN A 610 -18.47 -24.46 -16.43
CA GLN A 610 -19.57 -23.65 -15.94
C GLN A 610 -19.86 -22.53 -16.92
N GLY A 611 -21.12 -22.46 -17.35
CA GLY A 611 -21.66 -21.56 -18.37
C GLY A 611 -20.79 -21.50 -19.62
N VAL A 612 -20.34 -22.67 -20.04
CA VAL A 612 -19.61 -22.83 -21.28
C VAL A 612 -20.46 -23.63 -22.24
N ASN A 613 -20.58 -23.14 -23.47
CA ASN A 613 -21.35 -23.87 -24.46
C ASN A 613 -20.57 -25.08 -24.90
N CYS A 614 -21.29 -26.16 -25.17
CA CYS A 614 -20.64 -27.41 -25.50
C CYS A 614 -20.03 -27.43 -26.89
N THR A 615 -20.09 -26.31 -27.61
CA THR A 615 -19.49 -26.19 -28.93
C THR A 615 -18.16 -25.41 -28.86
N GLU A 616 -17.87 -24.88 -27.68
CA GLU A 616 -16.69 -24.05 -27.52
C GLU A 616 -15.80 -24.59 -26.39
N VAL A 617 -15.87 -25.90 -26.17
CA VAL A 617 -15.11 -26.52 -25.09
C VAL A 617 -13.66 -26.73 -25.50
N PRO A 618 -13.36 -27.28 -26.68
CA PRO A 618 -11.92 -27.50 -26.93
C PRO A 618 -11.23 -26.26 -27.48
N SER A 637 -18.09 -39.73 -26.84
CA SER A 637 -18.19 -39.60 -25.39
C SER A 637 -19.55 -39.01 -24.96
N ASN A 638 -19.65 -38.64 -23.69
CA ASN A 638 -20.91 -38.23 -23.09
C ASN A 638 -20.88 -36.74 -22.83
N VAL A 639 -21.53 -35.97 -23.69
CA VAL A 639 -21.60 -34.53 -23.53
C VAL A 639 -23.06 -34.17 -23.33
N PHE A 640 -23.34 -33.45 -22.26
CA PHE A 640 -24.69 -33.12 -21.87
C PHE A 640 -24.72 -31.63 -21.58
N GLN A 641 -25.66 -30.92 -22.17
CA GLN A 641 -25.81 -29.49 -21.97
C GLN A 641 -26.84 -29.23 -20.89
N THR A 642 -26.46 -28.45 -19.89
CA THR A 642 -27.32 -28.06 -18.80
C THR A 642 -27.35 -26.54 -18.76
N ARG A 643 -28.38 -26.01 -18.09
CA ARG A 643 -28.47 -24.58 -17.90
C ARG A 643 -27.36 -24.04 -17.01
N ALA A 644 -26.60 -24.92 -16.35
CA ALA A 644 -25.49 -24.51 -15.49
C ALA A 644 -24.13 -24.63 -16.18
N GLY A 645 -24.10 -25.06 -17.44
CA GLY A 645 -22.86 -25.27 -18.15
C GLY A 645 -22.84 -26.57 -18.93
N CYS A 646 -21.66 -26.93 -19.39
CA CYS A 646 -21.49 -28.13 -20.19
C CYS A 646 -20.87 -29.26 -19.36
N LEU A 647 -21.61 -30.36 -19.28
CA LEU A 647 -21.23 -31.52 -18.49
C LEU A 647 -20.71 -32.62 -19.40
N ILE A 648 -19.48 -33.06 -19.17
CA ILE A 648 -18.84 -34.08 -20.00
C ILE A 648 -18.37 -35.21 -19.10
N GLY A 649 -18.65 -36.44 -19.50
CA GLY A 649 -18.20 -37.60 -18.77
C GLY A 649 -19.25 -38.28 -17.92
N ALA A 650 -20.50 -37.84 -17.99
CA ALA A 650 -21.61 -38.44 -17.26
C ALA A 650 -22.75 -38.65 -18.24
N GLU A 651 -23.46 -39.76 -18.09
CA GLU A 651 -24.59 -40.05 -18.96
C GLU A 651 -25.88 -39.55 -18.33
N TYR A 652 -26.72 -38.93 -19.14
CA TYR A 652 -28.00 -38.42 -18.67
C TYR A 652 -29.11 -39.43 -18.93
N VAL A 653 -29.83 -39.77 -17.87
CA VAL A 653 -30.89 -40.75 -17.92
C VAL A 653 -32.23 -40.05 -17.75
N ASN A 654 -33.31 -40.76 -18.05
CA ASN A 654 -34.66 -40.20 -17.99
C ASN A 654 -35.40 -40.53 -16.72
N ASN A 655 -34.81 -41.36 -15.86
CA ASN A 655 -35.38 -41.68 -14.57
C ASN A 655 -35.25 -40.49 -13.61
N SER A 656 -35.77 -40.62 -12.40
CA SER A 656 -35.66 -39.55 -11.42
C SER A 656 -35.38 -40.17 -10.06
N TYR A 657 -34.29 -39.75 -9.45
CA TYR A 657 -33.86 -40.27 -8.16
C TYR A 657 -33.82 -39.14 -7.15
N GLU A 658 -33.53 -39.49 -5.91
CA GLU A 658 -33.20 -38.50 -4.90
C GLU A 658 -31.85 -37.88 -5.22
N CYS A 659 -31.72 -36.59 -4.94
CA CYS A 659 -30.49 -35.89 -5.28
C CYS A 659 -29.35 -36.37 -4.41
N ASP A 660 -28.20 -36.61 -5.05
CA ASP A 660 -27.01 -37.08 -4.35
C ASP A 660 -25.90 -36.05 -4.38
N ILE A 661 -25.45 -35.72 -5.58
CA ILE A 661 -24.46 -34.67 -5.82
C ILE A 661 -25.18 -33.58 -6.59
N PRO A 662 -25.43 -32.43 -5.99
CA PRO A 662 -26.20 -31.40 -6.68
C PRO A 662 -25.39 -30.63 -7.69
N ILE A 663 -25.85 -30.59 -8.93
CA ILE A 663 -25.20 -29.81 -9.97
C ILE A 663 -25.86 -28.46 -10.11
N GLY A 664 -27.16 -28.44 -10.28
CA GLY A 664 -27.88 -27.18 -10.39
C GLY A 664 -29.01 -27.26 -11.38
N ALA A 665 -29.94 -26.32 -11.26
CA ALA A 665 -31.12 -26.24 -12.14
C ALA A 665 -31.90 -27.54 -12.18
N GLY A 666 -32.02 -28.20 -11.03
CA GLY A 666 -32.76 -29.43 -10.93
C GLY A 666 -32.01 -30.68 -11.28
N ILE A 667 -30.77 -30.59 -11.74
CA ILE A 667 -29.99 -31.72 -12.21
C ILE A 667 -29.01 -32.15 -11.14
N CYS A 668 -28.96 -33.46 -10.87
CA CYS A 668 -27.96 -34.03 -9.98
C CYS A 668 -27.21 -35.19 -10.64
N ALA A 669 -26.17 -35.67 -9.97
CA ALA A 669 -25.38 -36.79 -10.46
C ALA A 669 -25.33 -37.86 -9.38
N SER A 670 -25.13 -39.10 -9.82
CA SER A 670 -25.05 -40.21 -8.88
C SER A 670 -24.17 -41.30 -9.46
N TYR A 671 -23.71 -42.19 -8.60
CA TYR A 671 -22.93 -43.35 -9.01
C TYR A 671 -23.82 -44.58 -8.93
N GLN A 672 -24.61 -44.82 -9.97
CA GLN A 672 -25.58 -45.88 -9.84
C GLN A 672 -25.58 -46.88 -10.99
N THR A 673 -25.57 -46.37 -12.20
CA THR A 673 -25.87 -47.17 -13.37
C THR A 673 -24.75 -47.10 -14.40
N GLN A 687 -20.17 -49.81 -11.69
CA GLN A 687 -21.30 -49.32 -12.46
C GLN A 687 -20.89 -48.18 -13.39
N SER A 688 -21.24 -46.95 -13.03
CA SER A 688 -20.86 -45.78 -13.81
C SER A 688 -21.35 -44.50 -13.14
N ILE A 689 -21.33 -43.41 -13.88
CA ILE A 689 -21.77 -42.12 -13.36
C ILE A 689 -22.87 -41.57 -14.26
N ILE A 690 -23.96 -41.12 -13.65
CA ILE A 690 -25.09 -40.60 -14.42
C ILE A 690 -25.56 -39.24 -13.95
N ALA A 691 -26.30 -38.56 -14.80
CA ALA A 691 -27.00 -37.33 -14.44
C ALA A 691 -28.50 -37.53 -14.59
N TYR A 692 -29.28 -36.70 -13.92
CA TYR A 692 -30.73 -36.86 -13.90
C TYR A 692 -31.40 -35.69 -13.21
N THR A 693 -32.73 -35.71 -13.17
CA THR A 693 -33.48 -34.64 -12.53
C THR A 693 -34.07 -35.17 -11.23
N MET A 694 -33.84 -34.46 -10.14
CA MET A 694 -34.25 -34.94 -8.85
C MET A 694 -35.68 -35.22 -8.66
N SER A 695 -35.97 -36.07 -7.71
CA SER A 695 -37.28 -36.44 -7.32
C SER A 695 -37.57 -35.79 -6.07
N LEU A 696 -38.67 -35.06 -6.03
CA LEU A 696 -39.04 -34.31 -4.83
C LEU A 696 -39.59 -35.26 -3.77
N GLY A 697 -40.26 -36.32 -4.24
CA GLY A 697 -40.90 -37.25 -3.34
C GLY A 697 -41.90 -38.13 -4.08
N ALA A 698 -42.54 -39.04 -3.35
CA ALA A 698 -43.54 -39.92 -3.93
C ALA A 698 -44.76 -39.14 -4.43
N GLU A 699 -45.93 -39.76 -4.40
CA GLU A 699 -47.15 -39.15 -4.90
C GLU A 699 -48.22 -39.81 -4.07
N ASN A 700 -48.96 -39.03 -3.29
CA ASN A 700 -50.00 -39.57 -2.43
C ASN A 700 -51.34 -39.04 -2.89
N SER A 701 -52.34 -39.91 -3.03
CA SER A 701 -53.67 -39.42 -3.37
C SER A 701 -54.70 -39.70 -2.28
N VAL A 702 -55.05 -38.65 -1.53
CA VAL A 702 -55.96 -38.79 -0.40
C VAL A 702 -57.38 -39.04 -0.86
N ALA A 703 -58.01 -40.08 -0.31
CA ALA A 703 -59.36 -40.45 -0.70
C ALA A 703 -60.37 -39.50 -0.07
N TYR A 704 -60.32 -38.24 -0.49
CA TYR A 704 -61.23 -37.23 0.04
C TYR A 704 -62.66 -37.37 -0.44
N SER A 705 -63.61 -37.19 0.48
CA SER A 705 -65.03 -37.11 0.15
C SER A 705 -65.71 -36.21 1.19
N ASN A 706 -66.97 -35.86 0.95
CA ASN A 706 -67.66 -34.94 1.85
C ASN A 706 -68.31 -35.57 3.07
N ASN A 707 -67.96 -36.81 3.38
CA ASN A 707 -68.51 -37.48 4.56
C ASN A 707 -67.69 -38.68 5.01
N SER A 708 -66.39 -38.60 4.77
CA SER A 708 -65.43 -39.62 5.15
C SER A 708 -64.38 -39.06 6.08
N ILE A 709 -63.98 -39.87 7.07
CA ILE A 709 -62.99 -39.49 8.05
C ILE A 709 -62.05 -40.67 8.27
N ALA A 710 -60.81 -40.38 8.58
CA ALA A 710 -59.83 -41.36 8.98
C ALA A 710 -59.45 -41.11 10.42
N ILE A 711 -59.45 -42.15 11.23
CA ILE A 711 -59.13 -42.06 12.65
C ILE A 711 -58.13 -43.16 12.98
N PRO A 712 -57.05 -42.85 13.69
CA PRO A 712 -56.07 -43.89 14.04
C PRO A 712 -56.60 -44.83 15.09
N THR A 713 -56.20 -46.10 14.99
CA THR A 713 -56.52 -47.08 16.00
C THR A 713 -55.31 -47.49 16.84
N ASN A 714 -54.11 -47.05 16.48
CA ASN A 714 -52.93 -47.37 17.27
C ASN A 714 -51.97 -46.20 17.17
N PHE A 715 -50.83 -46.32 17.83
CA PHE A 715 -49.81 -45.27 17.77
C PHE A 715 -48.46 -45.86 18.15
N THR A 716 -47.42 -45.12 17.85
CA THR A 716 -46.08 -45.46 18.27
C THR A 716 -45.44 -44.25 18.96
N ILE A 717 -44.54 -44.54 19.89
CA ILE A 717 -43.71 -43.54 20.52
C ILE A 717 -42.41 -43.47 19.74
N SER A 718 -42.05 -42.28 19.27
CA SER A 718 -40.84 -42.16 18.48
C SER A 718 -39.85 -41.26 19.21
N VAL A 719 -38.56 -41.48 18.97
CA VAL A 719 -37.51 -40.69 19.61
C VAL A 719 -36.55 -40.20 18.54
N THR A 720 -36.29 -38.90 18.56
CA THR A 720 -35.35 -38.27 17.64
C THR A 720 -34.38 -37.40 18.40
N THR A 721 -33.28 -37.04 17.75
CA THR A 721 -32.30 -36.14 18.34
C THR A 721 -32.12 -34.87 17.52
N GLU A 722 -31.66 -33.83 18.20
CA GLU A 722 -31.27 -32.59 17.55
C GLU A 722 -30.00 -32.08 18.20
N ILE A 723 -29.02 -31.68 17.40
CA ILE A 723 -27.72 -31.24 17.88
C ILE A 723 -27.57 -29.75 17.62
N LEU A 724 -27.18 -28.98 18.63
CA LEU A 724 -26.99 -27.55 18.44
C LEU A 724 -25.67 -27.08 19.05
N PRO A 725 -24.87 -26.33 18.29
CA PRO A 725 -23.66 -25.70 18.86
C PRO A 725 -23.98 -24.57 19.82
N VAL A 726 -23.23 -24.49 20.91
CA VAL A 726 -23.48 -23.42 21.87
C VAL A 726 -22.27 -22.49 21.97
N SER A 727 -21.05 -23.01 21.87
CA SER A 727 -19.88 -22.18 22.11
C SER A 727 -18.83 -22.41 21.04
N MET A 728 -17.80 -21.57 21.08
CA MET A 728 -16.63 -21.66 20.21
C MET A 728 -15.40 -21.48 21.08
N THR A 729 -14.23 -21.54 20.47
CA THR A 729 -12.99 -21.40 21.21
C THR A 729 -12.63 -19.94 21.45
N LYS A 730 -12.16 -19.66 22.65
CA LYS A 730 -11.69 -18.35 23.01
C LYS A 730 -10.23 -18.19 22.60
N THR A 731 -9.98 -17.23 21.73
CA THR A 731 -8.63 -16.99 21.23
C THR A 731 -8.21 -15.59 21.63
N SER A 732 -6.92 -15.43 21.82
CA SER A 732 -6.34 -14.13 22.08
C SER A 732 -5.07 -14.01 21.25
N VAL A 733 -4.77 -12.79 20.83
CA VAL A 733 -3.57 -12.52 20.06
C VAL A 733 -2.79 -11.43 20.79
N ASP A 734 -1.48 -11.50 20.66
CA ASP A 734 -0.59 -10.44 21.11
C ASP A 734 -0.11 -9.73 19.85
N CYS A 735 -0.74 -8.60 19.54
CA CYS A 735 -0.50 -7.85 18.31
C CYS A 735 0.97 -7.72 17.96
N THR A 736 1.79 -7.27 18.90
CA THR A 736 3.19 -7.00 18.60
C THR A 736 3.92 -8.25 18.21
N MET A 737 3.62 -9.37 18.84
CA MET A 737 4.38 -10.59 18.59
C MET A 737 4.06 -11.18 17.24
N TYR A 738 2.89 -10.89 16.69
CA TYR A 738 2.54 -11.37 15.37
C TYR A 738 3.15 -10.49 14.28
N ILE A 739 3.03 -9.18 14.44
CA ILE A 739 3.43 -8.27 13.37
C ILE A 739 4.95 -8.15 13.32
N CYS A 740 5.60 -8.00 14.47
CA CYS A 740 7.04 -7.77 14.48
C CYS A 740 7.82 -8.98 14.99
N GLY A 741 7.29 -9.67 15.98
CA GLY A 741 7.98 -10.85 16.47
C GLY A 741 9.20 -10.53 17.28
N ASP A 742 9.07 -9.61 18.22
CA ASP A 742 10.15 -9.24 19.14
C ASP A 742 11.37 -8.69 18.39
N SER A 743 11.16 -7.54 17.77
CA SER A 743 12.22 -6.82 17.07
C SER A 743 12.03 -5.33 17.35
N THR A 744 13.05 -4.70 17.93
CA THR A 744 12.89 -3.35 18.44
C THR A 744 12.78 -2.32 17.34
N GLU A 745 13.37 -2.58 16.17
CA GLU A 745 13.24 -1.64 15.06
C GLU A 745 11.83 -1.65 14.51
N CYS A 746 11.25 -2.83 14.29
CA CYS A 746 9.89 -2.92 13.78
C CYS A 746 8.89 -2.40 14.79
N SER A 747 9.05 -2.78 16.06
CA SER A 747 8.08 -2.40 17.07
C SER A 747 8.06 -0.91 17.33
N ASN A 748 9.17 -0.22 17.11
CA ASN A 748 9.17 1.23 17.25
C ASN A 748 8.52 1.90 16.07
N LEU A 749 8.72 1.38 14.87
CA LEU A 749 8.01 1.87 13.70
C LEU A 749 6.51 1.59 13.77
N LEU A 750 6.13 0.46 14.35
CA LEU A 750 4.74 0.07 14.50
C LEU A 750 3.95 1.06 15.33
N LEU A 751 4.58 1.71 16.30
CA LEU A 751 3.94 2.74 17.11
C LEU A 751 3.44 3.91 16.29
N GLN A 752 3.97 4.12 15.10
CA GLN A 752 3.56 5.24 14.27
C GLN A 752 2.19 5.05 13.66
N TYR A 753 1.58 3.87 13.82
CA TYR A 753 0.28 3.62 13.23
C TYR A 753 -0.85 3.84 14.21
N GLY A 754 -0.56 4.30 15.40
CA GLY A 754 -1.62 4.65 16.34
C GLY A 754 -1.92 3.51 17.29
N SER A 755 -3.20 3.15 17.37
CA SER A 755 -3.68 2.24 18.40
C SER A 755 -4.40 1.04 17.81
N PHE A 756 -4.00 0.58 16.62
CA PHE A 756 -4.65 -0.58 16.03
C PHE A 756 -4.55 -1.80 16.93
N CYS A 757 -3.47 -1.88 17.70
CA CYS A 757 -3.29 -3.02 18.57
C CYS A 757 -4.15 -2.96 19.82
N THR A 758 -4.81 -1.84 20.08
CA THR A 758 -5.75 -1.80 21.18
C THR A 758 -7.14 -2.21 20.70
N GLN A 759 -7.49 -1.83 19.47
CA GLN A 759 -8.74 -2.28 18.87
C GLN A 759 -8.76 -3.78 18.68
N LEU A 760 -7.65 -4.38 18.27
CA LEU A 760 -7.66 -5.83 18.10
C LEU A 760 -7.92 -6.56 19.40
N LYS A 761 -7.34 -6.10 20.49
CA LYS A 761 -7.56 -6.74 21.78
C LYS A 761 -8.98 -6.57 22.29
N ARG A 762 -9.56 -5.37 22.13
CA ARG A 762 -10.92 -5.17 22.57
C ARG A 762 -11.90 -6.05 21.81
N ALA A 763 -11.70 -6.18 20.50
CA ALA A 763 -12.58 -7.02 19.70
C ALA A 763 -12.52 -8.47 20.12
N LEU A 764 -11.31 -8.99 20.33
CA LEU A 764 -11.20 -10.38 20.75
C LEU A 764 -11.71 -10.60 22.16
N THR A 765 -11.52 -9.64 23.07
CA THR A 765 -12.04 -9.78 24.41
C THR A 765 -13.57 -9.80 24.43
N GLY A 766 -14.19 -8.92 23.66
CA GLY A 766 -15.62 -8.87 23.60
C GLY A 766 -16.25 -10.15 23.14
N ILE A 767 -15.66 -10.84 22.17
CA ILE A 767 -16.24 -12.13 21.79
C ILE A 767 -15.75 -13.29 22.63
N ALA A 768 -14.62 -13.16 23.33
CA ALA A 768 -14.22 -14.25 24.21
C ALA A 768 -15.00 -14.28 25.52
N VAL A 769 -15.53 -13.15 25.97
CA VAL A 769 -16.34 -13.16 27.19
C VAL A 769 -17.73 -13.77 26.91
N GLU A 770 -18.28 -13.52 25.74
CA GLU A 770 -19.59 -14.06 25.44
C GLU A 770 -19.59 -15.57 25.29
N GLN A 771 -18.44 -16.23 25.15
CA GLN A 771 -18.47 -17.67 24.99
C GLN A 771 -18.90 -18.37 26.26
N ASP A 772 -18.54 -17.84 27.42
CA ASP A 772 -19.01 -18.37 28.68
C ASP A 772 -20.43 -17.93 28.99
N LYS A 773 -20.78 -16.71 28.59
CA LYS A 773 -22.17 -16.32 28.74
C LYS A 773 -23.12 -17.19 27.91
N ASN A 774 -22.72 -17.57 26.69
CA ASN A 774 -23.57 -18.43 25.88
C ASN A 774 -23.82 -19.77 26.53
N THR A 775 -22.78 -20.40 27.09
CA THR A 775 -22.94 -21.67 27.78
C THR A 775 -23.70 -21.52 29.08
N GLN A 776 -23.45 -20.43 29.81
CA GLN A 776 -24.11 -20.24 31.08
C GLN A 776 -25.62 -20.14 30.92
N GLU A 777 -26.11 -19.52 29.86
CA GLU A 777 -27.54 -19.32 29.70
C GLU A 777 -28.26 -20.53 29.12
N VAL A 778 -27.54 -21.49 28.56
CA VAL A 778 -28.20 -22.69 28.07
C VAL A 778 -28.34 -23.71 29.19
N PHE A 779 -27.31 -23.87 30.02
CA PHE A 779 -27.38 -24.96 30.97
C PHE A 779 -27.80 -24.56 32.38
N ALA A 780 -27.53 -23.32 32.81
CA ALA A 780 -27.82 -22.93 34.19
C ALA A 780 -29.28 -22.54 34.28
N GLN A 781 -30.16 -23.53 34.13
CA GLN A 781 -31.60 -23.31 34.20
C GLN A 781 -32.18 -23.94 35.46
N VAL A 782 -31.33 -24.16 36.45
CA VAL A 782 -31.72 -24.69 37.75
C VAL A 782 -31.07 -23.82 38.81
N LYS A 783 -31.72 -23.76 39.96
CA LYS A 783 -31.12 -23.18 41.15
C LYS A 783 -30.53 -24.26 42.05
N GLN A 784 -31.27 -25.33 42.29
CA GLN A 784 -30.81 -26.45 43.07
C GLN A 784 -30.25 -27.54 42.16
N ILE A 785 -29.34 -28.33 42.71
CA ILE A 785 -28.80 -29.49 42.01
C ILE A 785 -29.60 -30.68 42.47
N TYR A 786 -30.46 -31.19 41.61
CA TYR A 786 -31.36 -32.26 41.98
C TYR A 786 -30.68 -33.60 41.78
N LYS A 787 -30.95 -34.51 42.70
CA LYS A 787 -30.42 -35.87 42.64
C LYS A 787 -31.59 -36.84 42.56
N THR A 788 -31.33 -37.97 41.95
CA THR A 788 -32.33 -39.01 41.85
C THR A 788 -32.29 -39.92 43.08
N PRO A 789 -33.37 -40.65 43.36
CA PRO A 789 -33.34 -41.57 44.50
C PRO A 789 -32.45 -42.76 44.20
N PRO A 790 -32.01 -43.44 45.26
CA PRO A 790 -31.17 -44.63 45.11
C PRO A 790 -31.90 -45.76 44.39
N ILE A 791 -33.20 -45.93 44.66
CA ILE A 791 -33.97 -46.97 44.02
C ILE A 791 -34.25 -46.40 42.64
N LYS A 792 -34.67 -47.23 41.70
CA LYS A 792 -34.96 -46.72 40.37
C LYS A 792 -36.00 -47.57 39.68
N TYR A 793 -37.23 -47.53 40.17
CA TYR A 793 -38.27 -48.29 39.52
C TYR A 793 -39.00 -47.46 38.48
N PHE A 794 -39.23 -46.20 38.79
CA PHE A 794 -39.92 -45.29 37.87
C PHE A 794 -41.28 -45.81 37.46
N GLY A 795 -41.33 -46.84 36.65
CA GLY A 795 -42.61 -47.35 36.21
C GLY A 795 -42.50 -48.37 35.12
N GLY A 796 -41.28 -48.63 34.70
CA GLY A 796 -41.01 -49.54 33.62
C GLY A 796 -39.97 -48.90 32.73
N PHE A 797 -39.90 -47.58 32.78
CA PHE A 797 -38.94 -46.87 31.98
C PHE A 797 -37.59 -47.14 32.60
N ASN A 798 -36.61 -47.28 31.73
CA ASN A 798 -35.19 -47.44 32.07
C ASN A 798 -34.34 -46.34 31.48
N PHE A 799 -34.13 -45.26 32.21
CA PHE A 799 -33.38 -44.11 31.71
C PHE A 799 -31.88 -44.26 31.91
N SER A 800 -31.39 -45.48 32.09
CA SER A 800 -29.99 -45.64 32.46
C SER A 800 -29.02 -45.17 31.39
N GLN A 801 -29.45 -45.01 30.15
CA GLN A 801 -28.57 -44.57 29.08
C GLN A 801 -28.38 -43.07 29.02
N ILE A 802 -29.13 -42.28 29.79
CA ILE A 802 -28.98 -40.84 29.82
C ILE A 802 -28.64 -40.31 31.19
N LEU A 803 -28.61 -41.09 32.13
CA LEU A 803 -28.28 -40.65 33.47
C LEU A 803 -26.81 -40.91 33.75
N PRO A 804 -26.20 -40.18 34.68
CA PRO A 804 -24.78 -40.38 34.94
C PRO A 804 -24.45 -41.80 35.39
N ASP A 805 -23.25 -42.23 35.00
CA ASP A 805 -22.70 -43.52 35.40
C ASP A 805 -21.43 -43.29 36.21
N PRO A 806 -21.42 -43.54 37.51
CA PRO A 806 -20.21 -43.24 38.30
C PRO A 806 -18.98 -44.01 37.85
N SER A 807 -19.15 -45.12 37.14
CA SER A 807 -18.02 -45.94 36.72
C SER A 807 -17.33 -45.42 35.46
N LYS A 808 -17.86 -44.38 34.83
CA LYS A 808 -17.30 -43.83 33.59
C LYS A 808 -16.54 -42.54 33.89
N PRO A 809 -15.67 -42.09 32.96
CA PRO A 809 -14.92 -40.85 33.20
C PRO A 809 -15.81 -39.64 33.37
N SER A 810 -15.50 -38.80 34.36
CA SER A 810 -16.18 -37.57 34.71
C SER A 810 -17.65 -37.80 35.07
N LYS A 811 -18.06 -39.05 35.31
CA LYS A 811 -19.44 -39.36 35.69
C LYS A 811 -20.43 -38.90 34.62
N ARG A 812 -20.09 -39.13 33.37
CA ARG A 812 -21.01 -38.90 32.27
C ARG A 812 -21.93 -40.09 32.08
N SER A 813 -23.01 -39.85 31.37
CA SER A 813 -23.90 -40.91 30.96
C SER A 813 -23.28 -41.69 29.80
N PRO A 814 -23.81 -42.88 29.57
CA PRO A 814 -23.36 -43.74 28.46
C PRO A 814 -23.49 -43.05 27.11
N ILE A 815 -24.45 -42.16 26.98
CA ILE A 815 -24.62 -41.43 25.73
C ILE A 815 -23.77 -40.17 25.70
N GLU A 816 -23.61 -39.51 26.84
CA GLU A 816 -22.69 -38.38 26.89
C GLU A 816 -21.25 -38.80 26.69
N ASP A 817 -20.89 -40.03 27.03
CA ASP A 817 -19.58 -40.57 26.71
C ASP A 817 -19.41 -40.85 25.24
N LEU A 818 -20.42 -41.45 24.59
CA LEU A 818 -20.34 -41.66 23.16
C LEU A 818 -20.16 -40.35 22.41
N LEU A 819 -20.77 -39.27 22.89
CA LEU A 819 -20.66 -38.00 22.22
C LEU A 819 -19.26 -37.43 22.30
N PHE A 820 -18.59 -37.54 23.44
CA PHE A 820 -17.22 -37.06 23.54
C PHE A 820 -16.21 -38.06 23.01
N ASN A 821 -16.65 -39.25 22.63
CA ASN A 821 -15.78 -40.22 21.98
C ASN A 821 -15.73 -40.03 20.48
N LYS A 822 -16.74 -39.40 19.88
CA LYS A 822 -16.70 -39.16 18.44
C LYS A 822 -16.15 -37.78 18.14
N VAL A 823 -16.47 -36.79 18.98
CA VAL A 823 -15.95 -35.45 18.78
C VAL A 823 -15.21 -34.97 20.02
N LYS A 851 0.46 -21.70 21.45
CA LYS A 851 1.58 -22.35 20.77
C LYS A 851 1.98 -21.58 19.50
N PHE A 852 3.04 -20.80 19.62
CA PHE A 852 3.60 -20.10 18.47
C PHE A 852 4.07 -18.71 18.88
N LYS A 853 3.58 -17.70 18.19
CA LYS A 853 4.02 -16.33 18.41
C LYS A 853 2.83 -15.41 18.66
N GLY A 854 2.54 -15.16 19.93
CA GLY A 854 1.51 -14.21 20.28
C GLY A 854 0.09 -14.71 20.17
N LEU A 855 -0.11 -16.01 19.97
CA LEU A 855 -1.44 -16.60 19.83
C LEU A 855 -1.69 -17.52 21.00
N THR A 856 -2.79 -17.31 21.71
CA THR A 856 -3.14 -18.15 22.83
C THR A 856 -4.63 -18.51 22.80
N VAL A 857 -4.96 -19.55 23.57
CA VAL A 857 -6.33 -20.04 23.70
C VAL A 857 -6.70 -19.98 25.17
N LEU A 858 -7.81 -19.38 25.47
CA LEU A 858 -8.27 -19.23 26.84
C LEU A 858 -9.20 -20.37 27.22
N PRO A 859 -9.09 -20.87 28.44
CA PRO A 859 -9.94 -21.98 28.87
C PRO A 859 -11.34 -21.49 29.20
N PRO A 860 -12.34 -22.35 29.08
CA PRO A 860 -13.69 -21.98 29.50
C PRO A 860 -13.80 -21.90 31.01
N LEU A 861 -14.79 -21.12 31.45
CA LEU A 861 -15.06 -21.01 32.89
C LEU A 861 -15.71 -22.27 33.43
N LEU A 862 -16.65 -22.85 32.68
CA LEU A 862 -17.36 -24.05 33.09
C LEU A 862 -16.60 -25.28 32.60
N THR A 863 -16.26 -26.16 33.52
CA THR A 863 -15.58 -27.39 33.16
C THR A 863 -16.59 -28.41 32.65
N ASP A 864 -16.12 -29.53 32.12
CA ASP A 864 -17.05 -30.52 31.62
C ASP A 864 -17.79 -31.22 32.75
N GLU A 865 -17.18 -31.29 33.92
CA GLU A 865 -17.82 -31.84 35.10
C GLU A 865 -18.97 -30.97 35.54
N MET A 866 -18.77 -29.65 35.52
CA MET A 866 -19.83 -28.72 35.89
C MET A 866 -21.00 -28.78 34.91
N ILE A 867 -20.73 -28.96 33.62
CA ILE A 867 -21.82 -29.12 32.67
C ILE A 867 -22.56 -30.44 32.91
N ALA A 868 -21.86 -31.51 33.25
CA ALA A 868 -22.57 -32.73 33.59
C ALA A 868 -23.47 -32.56 34.80
N GLN A 869 -23.05 -31.76 35.77
CA GLN A 869 -23.88 -31.46 36.93
C GLN A 869 -25.16 -30.71 36.58
N TYR A 870 -25.09 -29.75 35.67
CA TYR A 870 -26.30 -29.10 35.17
C TYR A 870 -27.24 -30.08 34.49
N THR A 871 -26.71 -30.94 33.61
CA THR A 871 -27.61 -31.85 32.94
C THR A 871 -28.17 -32.91 33.87
N SER A 872 -27.41 -33.38 34.84
CA SER A 872 -28.00 -34.34 35.76
C SER A 872 -29.04 -33.69 36.68
N ALA A 873 -28.88 -32.42 37.04
CA ALA A 873 -29.94 -31.76 37.76
C ALA A 873 -31.22 -31.60 36.95
N LEU A 874 -31.13 -31.25 35.66
CA LEU A 874 -32.33 -31.18 34.84
C LEU A 874 -33.00 -32.55 34.72
N LEU A 875 -32.20 -33.59 34.54
CA LEU A 875 -32.72 -34.93 34.42
C LEU A 875 -33.32 -35.46 35.72
N ALA A 876 -32.72 -35.15 36.86
CA ALA A 876 -33.31 -35.58 38.11
C ALA A 876 -34.56 -34.81 38.46
N GLY A 877 -34.65 -33.55 38.06
CA GLY A 877 -35.84 -32.75 38.31
C GLY A 877 -37.03 -33.24 37.53
N THR A 878 -36.87 -33.47 36.23
CA THR A 878 -38.03 -33.80 35.43
C THR A 878 -38.56 -35.22 35.67
N ILE A 879 -37.70 -36.19 35.96
CA ILE A 879 -38.16 -37.56 36.14
C ILE A 879 -38.94 -37.71 37.44
N THR A 880 -38.77 -36.77 38.34
CA THR A 880 -39.35 -36.92 39.67
C THR A 880 -40.45 -35.89 39.94
N SER A 881 -40.36 -34.71 39.33
CA SER A 881 -41.33 -33.65 39.56
C SER A 881 -41.89 -33.07 38.28
N GLY A 882 -41.56 -33.62 37.12
CA GLY A 882 -42.06 -33.06 35.88
C GLY A 882 -41.57 -31.65 35.66
N TRP A 883 -42.49 -30.80 35.23
CA TRP A 883 -42.21 -29.41 34.89
C TRP A 883 -42.48 -28.46 36.03
N THR A 884 -42.76 -28.95 37.22
CA THR A 884 -43.17 -28.08 38.30
C THR A 884 -42.03 -27.27 38.88
N PHE A 885 -40.80 -27.76 38.80
CA PHE A 885 -39.69 -27.06 39.42
C PHE A 885 -39.27 -25.83 38.61
N GLY A 886 -39.74 -25.72 37.37
CA GLY A 886 -39.45 -24.56 36.58
C GLY A 886 -40.40 -23.40 36.82
N ALA A 887 -41.38 -23.60 37.68
CA ALA A 887 -42.32 -22.54 38.03
C ALA A 887 -42.36 -22.24 39.52
N GLY A 888 -41.57 -22.93 40.33
CA GLY A 888 -41.65 -22.79 41.77
C GLY A 888 -40.89 -23.90 42.44
N PRO A 889 -41.42 -24.37 43.56
CA PRO A 889 -40.83 -25.50 44.28
C PRO A 889 -41.10 -26.79 43.52
N ALA A 890 -40.13 -27.69 43.48
CA ALA A 890 -40.26 -28.99 42.84
C ALA A 890 -41.31 -29.83 43.54
N LEU A 891 -42.27 -30.32 42.78
CA LEU A 891 -43.37 -31.12 43.30
C LEU A 891 -43.30 -32.51 42.72
N GLN A 892 -43.13 -33.51 43.57
CA GLN A 892 -43.05 -34.88 43.10
C GLN A 892 -44.42 -35.41 42.71
N ILE A 893 -44.42 -36.31 41.74
CA ILE A 893 -45.59 -37.02 41.26
C ILE A 893 -45.06 -38.32 40.67
N PRO A 894 -45.74 -39.45 40.80
CA PRO A 894 -45.25 -40.69 40.17
C PRO A 894 -45.08 -40.52 38.67
N PHE A 895 -44.06 -41.16 38.10
CA PHE A 895 -43.76 -40.94 36.70
C PHE A 895 -44.87 -41.39 35.77
N PRO A 896 -45.46 -42.55 36.07
CA PRO A 896 -46.57 -43.08 35.27
C PRO A 896 -47.69 -42.06 35.14
N MET A 897 -47.94 -41.30 36.21
CA MET A 897 -48.98 -40.29 36.18
C MET A 897 -48.54 -39.07 35.40
N GLN A 898 -47.25 -38.78 35.41
CA GLN A 898 -46.72 -37.70 34.61
C GLN A 898 -46.97 -37.94 33.12
N MET A 899 -46.74 -39.15 32.66
CA MET A 899 -46.98 -39.52 31.27
C MET A 899 -48.46 -39.40 30.90
N ALA A 900 -49.36 -39.81 31.78
CA ALA A 900 -50.78 -39.64 31.54
C ALA A 900 -51.20 -38.19 31.39
N TYR A 901 -50.67 -37.29 32.21
CA TYR A 901 -50.92 -35.87 32.01
C TYR A 901 -50.37 -35.36 30.68
N ARG A 902 -49.20 -35.84 30.27
CA ARG A 902 -48.63 -35.41 29.01
C ARG A 902 -49.46 -35.84 27.82
N PHE A 903 -50.06 -37.02 27.85
CA PHE A 903 -51.00 -37.40 26.80
C PHE A 903 -52.23 -36.53 26.82
N ASN A 904 -52.76 -36.21 27.99
CA ASN A 904 -53.90 -35.30 28.07
C ASN A 904 -53.62 -33.98 27.42
N GLY A 905 -52.39 -33.46 27.56
CA GLY A 905 -52.07 -32.18 26.99
C GLY A 905 -52.10 -32.13 25.49
N ILE A 906 -52.08 -33.29 24.82
CA ILE A 906 -52.12 -33.34 23.36
C ILE A 906 -53.46 -33.82 22.84
N GLY A 907 -54.48 -33.90 23.67
CA GLY A 907 -55.77 -34.37 23.23
C GLY A 907 -56.02 -35.86 23.24
N VAL A 908 -55.29 -36.61 24.07
CA VAL A 908 -55.53 -38.04 24.23
C VAL A 908 -56.02 -38.26 25.66
N THR A 909 -56.93 -39.21 25.84
CA THR A 909 -57.47 -39.41 27.17
C THR A 909 -56.49 -40.18 28.05
N GLN A 910 -56.77 -40.17 29.36
CA GLN A 910 -55.82 -40.69 30.34
C GLN A 910 -55.82 -42.20 30.39
N ASN A 911 -56.96 -42.83 30.15
CA ASN A 911 -57.03 -44.27 30.18
C ASN A 911 -56.18 -44.92 29.11
N VAL A 912 -55.88 -44.25 28.00
CA VAL A 912 -55.03 -44.82 26.98
C VAL A 912 -53.62 -45.04 27.50
N LEU A 913 -53.12 -44.17 28.38
CA LEU A 913 -51.83 -44.44 29.01
C LEU A 913 -51.96 -45.53 30.07
N TYR A 914 -52.94 -45.42 30.95
CA TYR A 914 -52.91 -46.30 32.12
C TYR A 914 -53.17 -47.75 31.75
N GLU A 915 -53.91 -48.00 30.67
CA GLU A 915 -54.18 -49.37 30.28
C GLU A 915 -53.12 -49.95 29.38
N ASN A 916 -52.15 -49.15 28.97
CA ASN A 916 -51.11 -49.56 28.04
C ASN A 916 -49.74 -49.24 28.62
N GLN A 917 -49.67 -49.13 29.94
CA GLN A 917 -48.42 -48.75 30.60
C GLN A 917 -47.22 -49.59 30.16
N LYS A 918 -47.36 -50.90 30.12
CA LYS A 918 -46.22 -51.71 29.71
C LYS A 918 -45.85 -51.51 28.26
N LEU A 919 -46.84 -51.28 27.40
CA LEU A 919 -46.55 -51.13 25.98
C LEU A 919 -45.76 -49.86 25.71
N ILE A 920 -46.14 -48.75 26.35
CA ILE A 920 -45.47 -47.48 26.12
C ILE A 920 -44.05 -47.52 26.67
N ALA A 921 -43.86 -48.11 27.84
CA ALA A 921 -42.53 -48.27 28.40
C ALA A 921 -41.65 -49.17 27.55
N ASN A 922 -42.20 -50.24 26.97
CA ASN A 922 -41.42 -51.09 26.09
C ASN A 922 -40.99 -50.37 24.82
N GLN A 923 -41.88 -49.61 24.21
CA GLN A 923 -41.50 -48.85 23.02
C GLN A 923 -40.45 -47.80 23.34
N PHE A 924 -40.59 -47.10 24.47
CA PHE A 924 -39.56 -46.15 24.86
C PHE A 924 -38.21 -46.82 25.06
N ASN A 925 -38.17 -47.92 25.82
CA ASN A 925 -36.88 -48.57 26.13
C ASN A 925 -36.19 -49.05 24.87
N SER A 926 -36.95 -49.58 23.93
CA SER A 926 -36.39 -50.01 22.67
C SER A 926 -35.97 -48.86 21.78
N ALA A 927 -36.61 -47.69 21.90
CA ALA A 927 -36.25 -46.55 21.08
C ALA A 927 -35.02 -45.81 21.57
N ILE A 928 -34.79 -45.79 22.89
CA ILE A 928 -33.58 -45.15 23.40
C ILE A 928 -32.36 -45.99 23.08
N GLY A 929 -32.49 -47.32 23.09
CA GLY A 929 -31.38 -48.17 22.74
C GLY A 929 -30.89 -48.03 21.31
N LYS A 930 -31.68 -47.43 20.43
CA LYS A 930 -31.24 -47.25 19.06
C LYS A 930 -30.43 -45.99 18.85
N ILE A 931 -30.48 -45.04 19.79
CA ILE A 931 -29.76 -43.79 19.61
C ILE A 931 -28.29 -44.07 19.39
N GLN A 932 -27.74 -45.00 20.17
CA GLN A 932 -26.32 -45.28 20.14
C GLN A 932 -25.87 -45.71 18.75
N ASP A 933 -26.69 -46.46 18.03
CA ASP A 933 -26.36 -46.85 16.67
C ASP A 933 -26.39 -45.65 15.73
N SER A 934 -27.42 -44.83 15.82
CA SER A 934 -27.53 -43.67 14.96
C SER A 934 -26.38 -42.69 15.17
N LEU A 935 -25.85 -42.56 16.38
CA LEU A 935 -24.72 -41.65 16.55
C LEU A 935 -23.41 -42.30 16.15
N SER A 936 -23.20 -43.57 16.49
CA SER A 936 -21.96 -44.25 16.20
C SER A 936 -21.73 -44.47 14.71
N SER A 937 -22.78 -44.53 13.91
CA SER A 937 -22.64 -44.78 12.48
C SER A 937 -22.51 -43.49 11.69
N ALA A 941 -22.45 -37.84 12.17
CA ALA A 941 -23.69 -37.59 12.91
C ALA A 941 -23.59 -36.29 13.72
N LEU A 942 -22.40 -35.98 14.21
CA LEU A 942 -22.16 -34.73 14.92
C LEU A 942 -21.55 -33.68 14.01
N GLY A 943 -22.09 -33.56 12.80
CA GLY A 943 -21.50 -32.67 11.83
C GLY A 943 -21.57 -31.20 12.20
N LYS A 944 -22.61 -30.79 12.91
CA LYS A 944 -22.72 -29.39 13.28
C LYS A 944 -21.67 -28.98 14.30
N LEU A 945 -21.24 -29.92 15.15
CA LEU A 945 -20.21 -29.59 16.11
C LEU A 945 -18.82 -29.68 15.52
N GLN A 946 -18.60 -30.65 14.64
CA GLN A 946 -17.31 -30.82 14.00
C GLN A 946 -16.99 -29.68 13.04
N ASP A 947 -17.99 -29.17 12.33
CA ASP A 947 -17.74 -28.10 11.39
C ASP A 947 -17.33 -26.80 12.07
N VAL A 948 -17.91 -26.48 13.22
CA VAL A 948 -17.54 -25.21 13.85
C VAL A 948 -16.14 -25.30 14.43
N VAL A 949 -15.74 -26.45 14.97
CA VAL A 949 -14.37 -26.59 15.46
C VAL A 949 -13.38 -26.55 14.31
N ASN A 950 -13.66 -27.31 13.24
CA ASN A 950 -12.76 -27.34 12.10
C ASN A 950 -12.66 -25.99 11.40
N HIS A 951 -13.77 -25.28 11.24
CA HIS A 951 -13.74 -24.00 10.53
C HIS A 951 -12.85 -22.98 11.25
N ASN A 952 -12.97 -22.91 12.57
CA ASN A 952 -12.15 -21.99 13.33
C ASN A 952 -10.68 -22.36 13.27
N ALA A 953 -10.35 -23.65 13.33
CA ALA A 953 -8.96 -24.06 13.19
C ALA A 953 -8.37 -23.71 11.82
N GLN A 954 -9.15 -23.86 10.76
CA GLN A 954 -8.69 -23.47 9.43
C GLN A 954 -8.44 -21.98 9.33
N ALA A 955 -9.24 -21.16 10.00
CA ALA A 955 -8.98 -19.73 9.95
C ALA A 955 -7.73 -19.35 10.73
N LEU A 956 -7.50 -19.99 11.87
CA LEU A 956 -6.27 -19.70 12.61
C LEU A 956 -5.03 -20.14 11.87
N ASN A 957 -5.08 -21.28 11.19
CA ASN A 957 -3.92 -21.70 10.42
C ASN A 957 -3.71 -20.80 9.21
N THR A 958 -4.78 -20.33 8.60
CA THR A 958 -4.66 -19.36 7.53
C THR A 958 -3.99 -18.08 7.99
N LEU A 959 -4.24 -17.64 9.22
CA LEU A 959 -3.54 -16.46 9.71
C LEU A 959 -2.03 -16.67 9.77
N VAL A 960 -1.59 -17.82 10.26
CA VAL A 960 -0.16 -18.08 10.38
C VAL A 960 0.51 -18.15 9.01
N LYS A 961 -0.18 -18.71 8.03
CA LYS A 961 0.42 -18.83 6.70
C LYS A 961 0.67 -17.49 6.03
N GLN A 962 0.22 -16.39 6.62
CA GLN A 962 0.48 -15.08 6.05
C GLN A 962 1.80 -14.50 6.51
N LEU A 963 2.49 -15.16 7.42
CA LEU A 963 3.78 -14.69 7.91
C LEU A 963 4.91 -15.12 7.00
N SER A 964 4.57 -15.73 5.87
CA SER A 964 5.57 -16.14 4.90
C SER A 964 5.28 -15.56 3.54
N SER A 965 4.73 -14.36 3.50
CA SER A 965 4.48 -13.65 2.25
C SER A 965 5.26 -12.35 2.27
N LYS A 966 5.61 -11.88 1.08
CA LYS A 966 6.37 -10.65 0.95
C LYS A 966 5.50 -9.41 0.98
N PHE A 967 4.30 -9.51 0.42
CA PHE A 967 3.36 -8.40 0.33
C PHE A 967 3.96 -7.22 -0.42
N GLY A 968 4.86 -7.47 -1.36
CA GLY A 968 5.51 -6.39 -2.08
C GLY A 968 6.72 -5.84 -1.37
N ALA A 969 7.61 -6.72 -0.96
CA ALA A 969 8.83 -6.34 -0.26
C ALA A 969 9.95 -7.21 -0.79
N ILE A 970 11.17 -6.90 -0.39
CA ILE A 970 12.30 -7.70 -0.84
C ILE A 970 12.37 -9.05 -0.14
N SER A 971 11.90 -9.15 1.09
CA SER A 971 11.88 -10.44 1.78
C SER A 971 10.76 -10.44 2.81
N SER A 972 10.64 -11.55 3.52
CA SER A 972 9.67 -11.72 4.58
C SER A 972 10.32 -11.87 5.94
N VAL A 973 11.65 -11.80 6.00
CA VAL A 973 12.40 -12.09 7.21
C VAL A 973 13.06 -10.81 7.67
N LEU A 974 12.88 -10.46 8.94
CA LEU A 974 13.43 -9.21 9.43
C LEU A 974 14.94 -9.25 9.52
N ASN A 975 15.52 -10.44 9.67
CA ASN A 975 16.97 -10.55 9.72
C ASN A 975 17.63 -10.36 8.37
N ASP A 976 16.85 -10.28 7.30
CA ASP A 976 17.38 -9.89 6.00
C ASP A 976 17.10 -8.45 5.65
N ILE A 977 16.05 -7.85 6.21
CA ILE A 977 15.79 -6.44 5.92
C ILE A 977 16.67 -5.54 6.75
N PHE A 978 17.01 -5.93 7.97
CA PHE A 978 17.88 -5.14 8.81
C PHE A 978 19.35 -5.48 8.66
N SER A 979 19.72 -6.28 7.66
CA SER A 979 21.11 -6.66 7.45
C SER A 979 21.65 -6.25 6.09
N ARG A 980 20.80 -5.95 5.11
CA ARG A 980 21.30 -5.56 3.80
C ARG A 980 20.69 -4.25 3.36
N LEU A 981 20.39 -3.37 4.31
CA LEU A 981 19.84 -2.07 4.01
C LEU A 981 20.30 -1.11 5.09
N ASP A 982 20.59 0.11 4.69
CA ASP A 982 20.82 1.17 5.65
C ASP A 982 19.50 1.59 6.29
N PRO A 983 19.55 2.18 7.47
CA PRO A 983 18.32 2.57 8.19
C PRO A 983 17.34 3.35 7.32
N PRO A 984 17.76 4.36 6.56
CA PRO A 984 16.76 5.04 5.71
C PRO A 984 16.17 4.17 4.63
N GLU A 985 16.82 3.05 4.30
CA GLU A 985 16.27 2.13 3.30
C GLU A 985 15.51 0.97 3.90
N ALA A 986 15.82 0.60 5.15
CA ALA A 986 15.14 -0.51 5.77
C ALA A 986 13.77 -0.12 6.30
N GLU A 987 13.57 1.15 6.67
CA GLU A 987 12.26 1.57 7.15
C GLU A 987 11.16 1.32 6.13
N VAL A 988 11.50 1.52 4.85
CA VAL A 988 10.50 1.36 3.79
C VAL A 988 10.06 -0.09 3.70
N GLN A 989 10.99 -1.02 3.89
CA GLN A 989 10.66 -2.42 3.78
C GLN A 989 9.92 -2.94 4.99
N ILE A 990 10.18 -2.37 6.16
CA ILE A 990 9.47 -2.76 7.36
C ILE A 990 8.02 -2.32 7.30
N ASP A 991 7.77 -1.11 6.80
CA ASP A 991 6.40 -0.68 6.64
C ASP A 991 5.60 -1.58 5.70
N ARG A 992 6.22 -2.15 4.68
CA ARG A 992 5.52 -3.07 3.81
C ARG A 992 5.09 -4.33 4.54
N LEU A 993 5.93 -4.84 5.43
CA LEU A 993 5.59 -6.01 6.22
C LEU A 993 4.53 -5.72 7.25
N ILE A 994 4.62 -4.55 7.90
CA ILE A 994 3.62 -4.16 8.87
C ILE A 994 2.26 -4.01 8.22
N THR A 995 2.21 -3.35 7.07
CA THR A 995 0.94 -3.17 6.38
C THR A 995 0.30 -4.51 5.99
N GLY A 996 1.08 -5.40 5.41
CA GLY A 996 0.59 -6.70 5.02
C GLY A 996 0.13 -7.54 6.19
N ARG A 997 0.97 -7.66 7.22
CA ARG A 997 0.60 -8.45 8.37
C ARG A 997 -0.51 -7.83 9.20
N LEU A 998 -0.56 -6.51 9.28
CA LEU A 998 -1.67 -5.87 9.98
C LEU A 998 -2.98 -6.09 9.25
N GLN A 999 -2.97 -5.97 7.93
CA GLN A 999 -4.17 -6.23 7.16
C GLN A 999 -4.68 -7.64 7.36
N SER A 1000 -3.80 -8.61 7.38
CA SER A 1000 -4.21 -9.99 7.58
C SER A 1000 -4.77 -10.23 8.98
N LEU A 1001 -4.13 -9.66 10.00
CA LEU A 1001 -4.63 -9.81 11.36
C LEU A 1001 -5.94 -9.06 11.57
N GLN A 1002 -6.10 -7.90 10.96
CA GLN A 1002 -7.38 -7.21 11.08
C GLN A 1002 -8.50 -7.96 10.36
N THR A 1003 -8.20 -8.60 9.24
CA THR A 1003 -9.20 -9.45 8.61
C THR A 1003 -9.59 -10.63 9.48
N TYR A 1004 -8.60 -11.28 10.10
CA TYR A 1004 -8.89 -12.38 11.00
C TYR A 1004 -9.87 -11.98 12.09
N VAL A 1005 -9.65 -10.86 12.76
CA VAL A 1005 -10.53 -10.51 13.86
C VAL A 1005 -11.92 -10.11 13.37
N THR A 1006 -12.04 -9.44 12.23
CA THR A 1006 -13.37 -9.11 11.72
C THR A 1006 -14.19 -10.38 11.42
N GLN A 1007 -13.55 -11.38 10.84
CA GLN A 1007 -14.30 -12.59 10.53
C GLN A 1007 -14.79 -13.33 11.77
N GLN A 1008 -14.07 -13.25 12.88
CA GLN A 1008 -14.52 -13.82 14.13
C GLN A 1008 -15.72 -13.09 14.72
N LEU A 1009 -15.80 -11.77 14.59
CA LEU A 1009 -16.99 -11.05 15.00
C LEU A 1009 -18.20 -11.50 14.20
N ILE A 1010 -18.00 -11.76 12.91
CA ILE A 1010 -19.11 -12.21 12.10
C ILE A 1010 -19.58 -13.61 12.47
N ARG A 1011 -18.65 -14.52 12.76
CA ARG A 1011 -19.02 -15.85 13.22
C ARG A 1011 -19.54 -15.86 14.66
N ALA A 1012 -19.02 -14.98 15.50
CA ALA A 1012 -19.47 -14.89 16.87
C ALA A 1012 -20.95 -14.56 16.99
N ALA A 1013 -21.49 -13.72 16.09
CA ALA A 1013 -22.92 -13.47 16.11
C ALA A 1013 -23.74 -14.70 15.81
N GLU A 1014 -23.19 -15.65 15.08
CA GLU A 1014 -23.94 -16.82 14.67
C GLU A 1014 -23.99 -17.87 15.78
N ILE A 1015 -22.89 -18.07 16.49
CA ILE A 1015 -22.90 -19.00 17.62
C ILE A 1015 -23.78 -18.47 18.75
N ARG A 1016 -23.79 -17.16 18.94
CA ARG A 1016 -24.66 -16.55 19.95
C ARG A 1016 -26.13 -16.74 19.61
N ALA A 1017 -26.49 -16.59 18.34
CA ALA A 1017 -27.85 -16.87 17.90
C ALA A 1017 -28.24 -18.32 18.07
N SER A 1018 -27.33 -19.23 17.80
CA SER A 1018 -27.55 -20.64 18.06
C SER A 1018 -27.71 -20.93 19.55
N ALA A 1019 -26.88 -20.34 20.38
CA ALA A 1019 -27.03 -20.50 21.82
C ALA A 1019 -28.35 -19.96 22.34
N ASN A 1020 -28.86 -18.88 21.77
CA ASN A 1020 -30.16 -18.38 22.16
C ASN A 1020 -31.29 -19.34 21.78
N LEU A 1021 -31.17 -20.01 20.64
CA LEU A 1021 -32.11 -21.06 20.28
C LEU A 1021 -32.02 -22.27 21.19
N ALA A 1022 -30.81 -22.71 21.53
CA ALA A 1022 -30.63 -23.79 22.49
C ALA A 1022 -31.17 -23.46 23.87
N ALA A 1023 -31.00 -22.23 24.32
CA ALA A 1023 -31.59 -21.82 25.57
C ALA A 1023 -33.10 -21.77 25.54
N THR A 1024 -33.70 -21.38 24.43
CA THR A 1024 -35.13 -21.37 24.27
C THR A 1024 -35.73 -22.77 24.24
N LYS A 1025 -35.12 -23.69 23.51
CA LYS A 1025 -35.54 -25.07 23.56
C LYS A 1025 -35.32 -25.71 24.93
N MET A 1026 -34.27 -25.34 25.64
CA MET A 1026 -34.10 -25.90 26.97
C MET A 1026 -35.29 -25.60 27.88
N SER A 1027 -35.83 -24.39 27.83
CA SER A 1027 -36.99 -24.05 28.63
C SER A 1027 -38.27 -24.64 28.09
N GLU A 1028 -38.47 -24.59 26.78
CA GLU A 1028 -39.73 -24.95 26.19
C GLU A 1028 -39.86 -26.42 25.82
N CYS A 1029 -38.77 -27.14 25.65
CA CYS A 1029 -38.84 -28.56 25.34
C CYS A 1029 -38.53 -29.45 26.52
N VAL A 1030 -37.66 -29.06 27.43
CA VAL A 1030 -37.29 -29.88 28.57
C VAL A 1030 -38.07 -29.49 29.81
N LEU A 1031 -38.24 -28.20 30.09
CA LEU A 1031 -38.99 -27.78 31.27
C LEU A 1031 -40.46 -27.57 31.00
N GLY A 1032 -40.95 -27.96 29.83
CA GLY A 1032 -42.35 -27.88 29.55
C GLY A 1032 -42.78 -28.79 28.44
N GLN A 1033 -44.04 -28.70 28.04
CA GLN A 1033 -44.58 -29.40 26.88
C GLN A 1033 -44.99 -28.36 25.86
N SER A 1034 -44.39 -28.41 24.68
CA SER A 1034 -44.68 -27.39 23.68
C SER A 1034 -45.73 -27.88 22.68
N LYS A 1035 -46.56 -26.95 22.22
CA LYS A 1035 -47.47 -27.16 21.11
C LYS A 1035 -46.95 -26.64 19.79
N ARG A 1036 -45.83 -25.92 19.79
CA ARG A 1036 -45.27 -25.36 18.57
C ARG A 1036 -44.93 -26.48 17.60
N VAL A 1037 -45.31 -26.32 16.34
CA VAL A 1037 -45.15 -27.38 15.36
C VAL A 1037 -43.70 -27.47 14.93
N ASP A 1038 -43.15 -28.68 14.94
CA ASP A 1038 -41.78 -28.98 14.53
C ASP A 1038 -40.75 -28.14 15.29
N PHE A 1039 -41.00 -27.91 16.57
CA PHE A 1039 -40.05 -27.19 17.39
C PHE A 1039 -39.32 -28.09 18.36
N CYS A 1040 -39.97 -29.15 18.79
CA CYS A 1040 -39.43 -30.10 19.74
C CYS A 1040 -39.56 -31.51 19.16
N GLY A 1041 -39.13 -31.65 17.92
CA GLY A 1041 -39.15 -32.92 17.23
C GLY A 1041 -40.31 -33.03 16.26
N LYS A 1042 -40.50 -34.23 15.74
CA LYS A 1042 -41.53 -34.51 14.75
C LYS A 1042 -42.54 -35.47 15.34
N GLY A 1043 -43.77 -35.03 15.44
CA GLY A 1043 -44.86 -35.71 16.10
C GLY A 1043 -45.47 -34.78 17.10
N TYR A 1044 -46.17 -35.33 18.08
CA TYR A 1044 -46.76 -34.56 19.15
C TYR A 1044 -45.85 -34.61 20.36
N HIS A 1045 -45.37 -33.45 20.81
CA HIS A 1045 -44.34 -33.42 21.83
C HIS A 1045 -44.83 -34.02 23.13
N LEU A 1046 -44.10 -34.99 23.66
CA LEU A 1046 -44.34 -35.48 25.00
C LEU A 1046 -43.27 -34.98 25.95
N MET A 1047 -41.99 -35.23 25.68
CA MET A 1047 -40.95 -34.87 26.64
C MET A 1047 -39.60 -34.88 25.96
N SER A 1048 -38.62 -34.21 26.57
CA SER A 1048 -37.27 -34.14 26.03
C SER A 1048 -36.27 -34.26 27.16
N PHE A 1049 -35.09 -34.81 26.84
CA PHE A 1049 -34.00 -34.97 27.80
C PHE A 1049 -32.70 -34.40 27.22
N PRO A 1050 -32.00 -33.52 27.95
CA PRO A 1050 -30.73 -32.99 27.46
C PRO A 1050 -29.54 -33.93 27.69
N GLN A 1051 -28.57 -33.83 26.79
CA GLN A 1051 -27.27 -34.44 26.93
C GLN A 1051 -26.20 -33.43 26.53
N SER A 1052 -25.11 -33.39 27.28
CA SER A 1052 -24.05 -32.45 26.96
C SER A 1052 -23.20 -32.98 25.82
N ALA A 1053 -22.61 -32.07 25.07
CA ALA A 1053 -21.67 -32.37 24.00
C ALA A 1053 -20.48 -31.45 24.17
N PRO A 1054 -19.35 -31.75 23.52
CA PRO A 1054 -18.16 -30.88 23.66
C PRO A 1054 -18.36 -29.38 23.52
N HIS A 1055 -18.97 -28.88 22.46
CA HIS A 1055 -19.18 -27.45 22.34
C HIS A 1055 -20.65 -27.14 22.09
N GLY A 1056 -21.52 -27.94 22.65
CA GLY A 1056 -22.93 -27.75 22.41
C GLY A 1056 -23.77 -28.66 23.23
N VAL A 1057 -25.02 -28.80 22.80
CA VAL A 1057 -25.99 -29.57 23.53
C VAL A 1057 -26.76 -30.43 22.55
N VAL A 1058 -27.11 -31.64 22.99
CA VAL A 1058 -27.90 -32.59 22.24
C VAL A 1058 -29.22 -32.77 22.97
N PHE A 1059 -30.32 -32.66 22.26
CA PHE A 1059 -31.64 -32.87 22.83
C PHE A 1059 -32.17 -34.20 22.33
N LEU A 1060 -32.73 -34.99 23.23
CA LEU A 1060 -33.45 -36.22 22.92
C LEU A 1060 -34.93 -35.92 23.03
N HIS A 1061 -35.61 -35.90 21.90
CA HIS A 1061 -37.02 -35.53 21.81
C HIS A 1061 -37.87 -36.78 21.70
N VAL A 1062 -38.87 -36.90 22.57
CA VAL A 1062 -39.80 -38.01 22.60
C VAL A 1062 -41.15 -37.49 22.15
N THR A 1063 -41.67 -38.05 21.06
CA THR A 1063 -42.91 -37.60 20.46
C THR A 1063 -43.89 -38.75 20.29
N TYR A 1064 -45.15 -38.38 20.20
CA TYR A 1064 -46.28 -39.25 19.95
C TYR A 1064 -46.61 -39.20 18.48
N VAL A 1065 -46.71 -40.36 17.84
CA VAL A 1065 -47.02 -40.43 16.41
C VAL A 1065 -48.19 -41.40 16.23
N PRO A 1066 -49.29 -41.00 15.62
CA PRO A 1066 -50.37 -41.95 15.38
C PRO A 1066 -50.05 -42.94 14.27
N ALA A 1067 -50.71 -44.09 14.33
CA ALA A 1067 -50.49 -45.13 13.34
C ALA A 1067 -51.76 -45.93 13.12
N GLN A 1068 -51.80 -46.60 11.96
CA GLN A 1068 -52.81 -47.57 11.59
C GLN A 1068 -54.23 -47.01 11.55
N GLU A 1069 -54.48 -46.10 10.63
CA GLU A 1069 -55.79 -45.47 10.49
C GLU A 1069 -56.76 -46.33 9.69
N LYS A 1070 -58.04 -46.17 9.97
CA LYS A 1070 -59.11 -46.77 9.20
C LYS A 1070 -60.07 -45.67 8.78
N ASN A 1071 -60.81 -45.87 7.70
CA ASN A 1071 -61.87 -44.92 7.37
C ASN A 1071 -63.20 -45.33 7.96
N PHE A 1072 -63.97 -44.32 8.33
CA PHE A 1072 -65.29 -44.38 8.92
C PHE A 1072 -66.13 -43.34 8.21
N THR A 1073 -67.42 -43.29 8.50
CA THR A 1073 -68.27 -42.24 7.95
C THR A 1073 -68.69 -41.32 9.08
N THR A 1074 -68.86 -40.04 8.78
CA THR A 1074 -69.18 -39.03 9.78
C THR A 1074 -70.42 -38.24 9.40
N ALA A 1075 -70.89 -37.47 10.37
CA ALA A 1075 -71.90 -36.46 10.20
C ALA A 1075 -71.57 -35.32 11.14
N PRO A 1076 -71.89 -34.10 10.75
CA PRO A 1076 -71.57 -32.96 11.62
C PRO A 1076 -72.43 -32.87 12.86
N ALA A 1077 -73.63 -33.43 12.83
CA ALA A 1077 -74.58 -33.32 13.93
C ALA A 1077 -75.57 -34.47 13.79
N ILE A 1078 -76.28 -34.73 14.87
CA ILE A 1078 -77.30 -35.77 14.90
C ILE A 1078 -78.64 -35.11 15.13
N CYS A 1079 -79.67 -35.51 14.39
CA CYS A 1079 -81.01 -35.01 14.64
C CYS A 1079 -81.76 -35.97 15.54
N HIS A 1080 -82.41 -35.42 16.57
CA HIS A 1080 -83.19 -36.23 17.49
C HIS A 1080 -84.25 -35.34 18.10
N ASP A 1081 -85.50 -35.77 18.01
CA ASP A 1081 -86.65 -34.99 18.48
C ASP A 1081 -86.70 -33.62 17.81
N GLY A 1082 -86.24 -33.54 16.57
CA GLY A 1082 -86.26 -32.28 15.88
C GLY A 1082 -85.15 -31.32 16.26
N LYS A 1083 -84.25 -31.73 17.15
CA LYS A 1083 -83.19 -30.87 17.62
C LYS A 1083 -81.84 -31.35 17.08
N ALA A 1084 -80.88 -30.44 17.07
CA ALA A 1084 -79.54 -30.72 16.58
C ALA A 1084 -78.58 -30.95 17.74
N HIS A 1085 -77.92 -32.09 17.74
CA HIS A 1085 -76.98 -32.47 18.79
C HIS A 1085 -75.56 -32.42 18.23
N PHE A 1086 -74.67 -31.84 18.99
CA PHE A 1086 -73.27 -31.68 18.65
C PHE A 1086 -72.40 -32.37 19.70
N PRO A 1087 -71.24 -32.88 19.32
CA PRO A 1087 -70.37 -33.49 20.33
C PRO A 1087 -69.72 -32.46 21.23
N ARG A 1088 -69.60 -32.81 22.50
CA ARG A 1088 -68.91 -31.94 23.44
C ARG A 1088 -67.40 -31.94 23.21
N GLU A 1089 -66.80 -33.13 23.02
CA GLU A 1089 -65.36 -33.18 22.78
C GLU A 1089 -64.97 -34.22 21.73
N GLY A 1090 -65.85 -34.56 20.82
CA GLY A 1090 -65.45 -35.58 19.87
C GLY A 1090 -66.00 -35.44 18.48
N VAL A 1091 -66.13 -36.57 17.81
CA VAL A 1091 -66.67 -36.66 16.46
C VAL A 1091 -67.65 -37.81 16.41
N PHE A 1092 -68.72 -37.62 15.66
CA PHE A 1092 -69.67 -38.67 15.36
C PHE A 1092 -69.13 -39.54 14.24
N VAL A 1093 -69.13 -40.85 14.43
CA VAL A 1093 -68.69 -41.77 13.38
C VAL A 1093 -69.72 -42.87 13.21
N SER A 1094 -69.65 -43.54 12.06
CA SER A 1094 -70.51 -44.66 11.73
C SER A 1094 -69.66 -45.84 11.28
N ASN A 1095 -69.89 -47.01 11.87
CA ASN A 1095 -69.15 -48.18 11.42
C ASN A 1095 -69.83 -48.94 10.29
N GLY A 1096 -70.94 -48.42 9.79
CA GLY A 1096 -71.68 -49.05 8.73
C GLY A 1096 -73.14 -49.18 9.12
N THR A 1097 -73.37 -49.50 10.40
CA THR A 1097 -74.72 -49.71 10.92
C THR A 1097 -75.06 -48.92 12.16
N HIS A 1098 -74.10 -48.52 12.99
CA HIS A 1098 -74.37 -47.75 14.19
C HIS A 1098 -73.45 -46.55 14.28
N TRP A 1099 -73.90 -45.53 14.99
CA TRP A 1099 -73.19 -44.28 15.15
C TRP A 1099 -72.66 -44.14 16.57
N PHE A 1100 -71.40 -43.73 16.69
CA PHE A 1100 -70.72 -43.56 17.97
C PHE A 1100 -70.03 -42.22 18.01
N VAL A 1101 -69.45 -41.89 19.17
CA VAL A 1101 -68.61 -40.72 19.36
C VAL A 1101 -67.19 -41.20 19.66
N THR A 1102 -66.20 -40.66 18.97
CA THR A 1102 -64.82 -40.96 19.29
C THR A 1102 -64.07 -39.69 19.67
N GLN A 1103 -62.94 -39.89 20.32
CA GLN A 1103 -61.96 -38.83 20.45
C GLN A 1103 -61.13 -38.75 19.19
N ARG A 1104 -60.56 -37.58 18.94
CA ARG A 1104 -59.98 -37.32 17.64
C ARG A 1104 -58.64 -37.97 17.41
N ASN A 1105 -57.86 -38.27 18.45
CA ASN A 1105 -56.52 -38.79 18.28
C ASN A 1105 -56.39 -40.28 18.52
N PHE A 1106 -57.44 -40.95 18.96
CA PHE A 1106 -57.36 -42.38 19.24
C PHE A 1106 -58.74 -42.96 19.10
N TYR A 1107 -58.87 -44.06 18.37
CA TYR A 1107 -60.18 -44.64 18.13
C TYR A 1107 -60.67 -45.37 19.37
N GLU A 1108 -61.77 -44.89 19.93
CA GLU A 1108 -62.33 -45.42 21.16
C GLU A 1108 -63.80 -45.03 21.21
N PRO A 1109 -64.67 -45.83 20.60
CA PRO A 1109 -66.08 -45.44 20.47
C PRO A 1109 -66.85 -45.45 21.78
N GLN A 1110 -67.77 -44.50 21.90
CA GLN A 1110 -68.69 -44.43 23.02
C GLN A 1110 -70.11 -44.34 22.48
N ILE A 1111 -71.07 -44.75 23.28
CA ILE A 1111 -72.47 -44.65 22.88
C ILE A 1111 -72.88 -43.18 22.87
N ILE A 1112 -73.65 -42.80 21.86
CA ILE A 1112 -74.18 -41.44 21.76
C ILE A 1112 -75.25 -41.25 22.83
N THR A 1113 -74.98 -40.39 23.80
CA THR A 1113 -75.86 -40.16 24.93
C THR A 1113 -76.06 -38.67 25.12
N THR A 1114 -76.86 -38.31 26.10
CA THR A 1114 -77.03 -36.92 26.48
C THR A 1114 -75.97 -36.43 27.46
N ASP A 1115 -74.98 -37.27 27.76
CA ASP A 1115 -73.91 -36.91 28.67
C ASP A 1115 -72.68 -36.44 27.92
N ASN A 1116 -72.51 -36.84 26.67
CA ASN A 1116 -71.34 -36.47 25.90
C ASN A 1116 -71.69 -35.61 24.70
N THR A 1117 -72.93 -35.11 24.62
CA THR A 1117 -73.35 -34.20 23.57
C THR A 1117 -74.06 -33.02 24.19
N PHE A 1118 -74.26 -31.97 23.41
CA PHE A 1118 -75.10 -30.85 23.81
C PHE A 1118 -76.00 -30.45 22.65
N VAL A 1119 -77.06 -29.74 22.98
CA VAL A 1119 -78.11 -29.37 22.03
C VAL A 1119 -78.06 -27.88 21.77
N SER A 1120 -78.16 -27.48 20.51
CA SER A 1120 -78.27 -26.07 20.18
C SER A 1120 -78.96 -25.93 18.83
N GLY A 1121 -80.15 -25.36 18.84
CA GLY A 1121 -80.90 -25.15 17.61
C GLY A 1121 -81.71 -26.35 17.19
N ASN A 1122 -82.34 -26.20 16.04
CA ASN A 1122 -83.17 -27.24 15.46
C ASN A 1122 -82.38 -27.94 14.35
N CYS A 1123 -82.78 -29.15 14.03
CA CYS A 1123 -82.03 -29.90 13.04
C CYS A 1123 -82.55 -29.67 11.63
N ASP A 1124 -82.71 -28.41 11.22
CA ASP A 1124 -83.04 -28.08 9.84
C ASP A 1124 -82.20 -26.97 9.24
N VAL A 1125 -81.13 -26.52 9.89
CA VAL A 1125 -80.24 -25.54 9.32
C VAL A 1125 -78.86 -26.12 8.98
N VAL A 1126 -78.34 -27.05 9.76
CA VAL A 1126 -77.05 -27.68 9.50
C VAL A 1126 -77.19 -28.59 8.29
N ILE A 1127 -76.18 -28.61 7.42
CA ILE A 1127 -76.25 -29.44 6.23
C ILE A 1127 -75.40 -30.68 6.45
N GLY A 1128 -76.01 -31.84 6.33
CA GLY A 1128 -75.38 -33.09 6.61
C GLY A 1128 -75.87 -33.83 7.83
N ILE A 1129 -76.90 -33.32 8.51
CA ILE A 1129 -77.42 -33.97 9.71
C ILE A 1129 -77.89 -35.39 9.37
N VAL A 1130 -77.72 -36.30 10.31
CA VAL A 1130 -78.29 -37.63 10.16
C VAL A 1130 -79.22 -37.90 11.32
N ASN A 1131 -80.16 -38.80 11.09
CA ASN A 1131 -81.16 -39.19 12.07
C ASN A 1131 -80.65 -40.39 12.85
N ASN A 1132 -80.68 -40.29 14.17
CA ASN A 1132 -80.22 -41.37 15.03
C ASN A 1132 -80.83 -41.15 16.40
N THR A 1133 -80.75 -42.17 17.22
CA THR A 1133 -81.27 -42.10 18.58
C THR A 1133 -80.17 -41.65 19.53
N VAL A 1134 -80.52 -40.73 20.42
CA VAL A 1134 -79.65 -40.24 21.47
C VAL A 1134 -80.17 -40.81 22.77
N TYR A 1135 -79.33 -41.57 23.46
CA TYR A 1135 -79.73 -42.29 24.64
C TYR A 1135 -79.56 -41.44 25.89
N ASP A 1136 -80.62 -41.28 26.63
CA ASP A 1136 -80.62 -40.63 27.92
C ASP A 1136 -80.59 -41.67 29.03
N PRO A 1137 -79.57 -41.69 29.87
CA PRO A 1137 -79.49 -42.74 30.90
C PRO A 1137 -80.51 -42.59 32.02
N LEU A 1138 -80.99 -41.39 32.29
CA LEU A 1138 -81.91 -41.15 33.40
C LEU A 1138 -83.29 -41.73 33.13
N GLN A 1139 -83.84 -41.43 31.95
CA GLN A 1139 -85.20 -41.82 31.56
C GLN A 1139 -85.54 -43.29 31.84
N PRO A 1140 -84.77 -44.27 31.38
CA PRO A 1140 -85.15 -45.65 31.65
C PRO A 1140 -85.14 -46.01 33.12
N GLU A 1141 -83.99 -45.78 33.77
CA GLU A 1141 -83.82 -46.13 35.18
C GLU A 1141 -84.83 -45.40 36.06
N LEU A 1142 -85.00 -44.10 35.82
CA LEU A 1142 -85.96 -43.29 36.55
C LEU A 1142 -87.37 -43.83 36.37
N ASP A 1143 -87.71 -44.20 35.14
CA ASP A 1143 -89.05 -44.70 34.84
C ASP A 1143 -89.07 -46.23 34.70
N ALA B 27 -28.51 44.84 -25.32
CA ALA B 27 -29.55 43.99 -24.78
C ALA B 27 -28.99 42.66 -24.33
N TYR B 28 -29.72 41.98 -23.46
CA TYR B 28 -29.38 40.65 -22.99
C TYR B 28 -30.64 39.82 -23.05
N THR B 29 -30.48 38.51 -23.20
CA THR B 29 -31.61 37.61 -23.20
C THR B 29 -31.26 36.41 -22.32
N ASN B 30 -32.25 35.55 -22.13
CA ASN B 30 -32.16 34.37 -21.28
C ASN B 30 -32.12 33.14 -22.15
N SER B 31 -31.01 32.39 -22.06
CA SER B 31 -30.89 31.14 -22.78
C SER B 31 -31.78 30.13 -22.10
N PHE B 32 -32.12 29.03 -22.75
CA PHE B 32 -32.86 28.06 -21.98
C PHE B 32 -32.03 26.81 -21.77
N THR B 33 -31.88 26.00 -22.81
CA THR B 33 -31.02 24.82 -22.78
C THR B 33 -30.28 24.84 -24.11
N ARG B 34 -29.19 25.58 -24.15
CA ARG B 34 -28.47 25.83 -25.40
C ARG B 34 -26.99 25.70 -25.15
N GLY B 35 -26.25 25.32 -26.18
CA GLY B 35 -24.81 25.19 -26.05
C GLY B 35 -24.37 23.87 -25.49
N VAL B 36 -25.11 22.82 -25.79
CA VAL B 36 -24.79 21.46 -25.37
C VAL B 36 -24.22 20.71 -26.56
N TYR B 37 -23.01 20.20 -26.40
CA TYR B 37 -22.29 19.55 -27.49
C TYR B 37 -21.75 18.21 -27.01
N TYR B 38 -21.49 17.33 -27.98
CA TYR B 38 -20.95 16.02 -27.67
C TYR B 38 -19.54 16.19 -27.12
N PRO B 39 -19.34 15.86 -25.85
CA PRO B 39 -18.05 16.01 -25.18
C PRO B 39 -16.90 15.24 -25.84
N ASP B 40 -17.21 14.24 -26.65
CA ASP B 40 -16.16 13.43 -27.26
C ASP B 40 -16.71 12.44 -28.27
N LYS B 41 -15.83 11.66 -28.87
CA LYS B 41 -16.23 10.56 -29.73
C LYS B 41 -16.83 9.46 -28.86
N VAL B 42 -16.56 8.21 -29.22
CA VAL B 42 -17.07 7.10 -28.44
C VAL B 42 -18.58 6.99 -28.57
N PHE B 43 -19.03 5.99 -29.33
CA PHE B 43 -20.46 5.74 -29.48
C PHE B 43 -21.02 5.28 -28.15
N ARG B 44 -22.34 5.11 -28.08
CA ARG B 44 -23.00 4.83 -26.81
C ARG B 44 -24.50 4.70 -27.00
N SER B 45 -25.13 3.88 -26.16
CA SER B 45 -26.57 3.69 -26.21
C SER B 45 -27.23 4.22 -24.95
N SER B 46 -28.44 3.76 -24.68
CA SER B 46 -29.20 4.20 -23.52
C SER B 46 -28.38 4.16 -22.24
N VAL B 47 -27.64 5.24 -21.98
CA VAL B 47 -26.77 5.30 -20.82
C VAL B 47 -26.67 6.70 -20.21
N LEU B 48 -27.41 6.93 -19.13
CA LEU B 48 -27.40 8.23 -18.49
C LEU B 48 -25.98 8.51 -18.02
N HIS B 49 -25.18 9.03 -18.93
CA HIS B 49 -23.76 9.27 -18.71
C HIS B 49 -23.54 10.63 -18.07
N SER B 50 -22.61 10.70 -17.12
CA SER B 50 -22.26 11.94 -16.44
C SER B 50 -20.95 12.48 -16.98
N THR B 51 -20.95 13.76 -17.38
CA THR B 51 -19.75 14.38 -17.95
C THR B 51 -19.49 15.75 -17.34
N GLN B 52 -18.20 16.08 -17.26
CA GLN B 52 -17.71 17.37 -16.78
C GLN B 52 -16.95 18.02 -17.92
N ASP B 53 -17.34 19.22 -18.31
CA ASP B 53 -16.64 19.92 -19.38
C ASP B 53 -17.09 21.38 -19.40
N LEU B 54 -16.66 22.11 -20.43
CA LEU B 54 -16.96 23.53 -20.57
C LEU B 54 -18.21 23.67 -21.43
N PHE B 55 -19.27 24.18 -20.83
CA PHE B 55 -20.54 24.36 -21.51
C PHE B 55 -21.05 25.77 -21.28
N LEU B 56 -22.14 26.08 -21.96
CA LEU B 56 -22.94 27.26 -21.67
C LEU B 56 -23.99 26.87 -20.65
N PRO B 57 -23.96 27.45 -19.44
CA PRO B 57 -24.94 27.07 -18.41
C PRO B 57 -26.37 27.28 -18.84
N PHE B 58 -27.28 26.43 -18.38
CA PHE B 58 -28.68 26.60 -18.71
C PHE B 58 -29.25 27.83 -18.02
N PHE B 59 -30.17 28.49 -18.70
CA PHE B 59 -30.80 29.71 -18.19
C PHE B 59 -29.73 30.71 -17.79
N SER B 60 -28.90 31.09 -18.75
CA SER B 60 -27.81 32.03 -18.50
C SER B 60 -28.11 33.36 -19.15
N ASN B 61 -27.23 34.32 -18.88
CA ASN B 61 -27.35 35.70 -19.32
C ASN B 61 -26.47 35.89 -20.55
N VAL B 62 -27.07 35.79 -21.74
CA VAL B 62 -26.30 35.85 -22.99
C VAL B 62 -26.60 37.18 -23.65
N THR B 63 -25.54 37.87 -24.06
CA THR B 63 -25.68 39.17 -24.71
C THR B 63 -26.27 39.00 -26.11
N TRP B 64 -26.93 40.05 -26.56
CA TRP B 64 -27.63 40.03 -27.81
C TRP B 64 -27.17 41.22 -28.65
N PHE B 65 -26.86 40.98 -29.92
CA PHE B 65 -26.43 42.05 -30.80
C PHE B 65 -27.31 42.07 -32.03
N HIS B 66 -27.49 43.26 -32.60
CA HIS B 66 -28.22 43.44 -33.84
C HIS B 66 -27.25 43.86 -34.93
N ASN B 79 -18.62 45.55 -35.63
CA ASN B 79 -18.99 45.63 -34.23
C ASN B 79 -17.68 45.54 -33.38
N PRO B 80 -17.77 45.79 -32.08
CA PRO B 80 -16.57 45.83 -31.22
C PRO B 80 -15.88 44.53 -30.81
N VAL B 81 -14.59 44.64 -30.52
CA VAL B 81 -13.77 43.51 -30.07
C VAL B 81 -14.28 43.07 -28.71
N LEU B 82 -14.57 41.78 -28.57
CA LEU B 82 -15.11 41.23 -27.35
C LEU B 82 -14.05 40.39 -26.64
N PRO B 83 -14.16 40.18 -25.34
CA PRO B 83 -13.17 39.32 -24.67
C PRO B 83 -13.40 37.84 -24.96
N PHE B 84 -12.45 36.99 -24.58
CA PHE B 84 -12.55 35.55 -24.79
C PHE B 84 -12.70 34.77 -23.49
N ASN B 85 -11.67 34.84 -22.66
CA ASN B 85 -11.49 34.40 -21.27
C ASN B 85 -11.57 32.89 -21.08
N ASP B 86 -12.53 32.22 -21.72
CA ASP B 86 -12.65 30.77 -21.74
C ASP B 86 -13.71 30.38 -22.76
N GLY B 87 -13.33 30.11 -24.00
CA GLY B 87 -14.31 29.66 -24.96
C GLY B 87 -15.36 30.67 -25.36
N VAL B 88 -16.19 30.34 -26.34
CA VAL B 88 -17.20 31.26 -26.86
C VAL B 88 -18.41 30.46 -27.30
N TYR B 89 -19.60 30.94 -26.94
CA TYR B 89 -20.85 30.49 -27.53
C TYR B 89 -21.24 31.48 -28.62
N PHE B 90 -21.76 30.97 -29.72
CA PHE B 90 -22.12 31.85 -30.82
C PHE B 90 -23.38 31.33 -31.47
N ALA B 91 -24.52 31.95 -31.23
CA ALA B 91 -25.73 31.62 -31.96
C ALA B 91 -26.13 32.79 -32.87
N SER B 92 -27.04 32.52 -33.79
CA SER B 92 -27.56 33.54 -34.71
C SER B 92 -28.84 33.03 -35.37
N ILE B 93 -29.58 33.94 -36.00
CA ILE B 93 -30.76 33.56 -36.76
C ILE B 93 -30.91 34.38 -38.04
N GLU B 94 -31.05 33.69 -39.17
CA GLU B 94 -31.19 34.33 -40.47
C GLU B 94 -31.04 33.31 -41.59
N LYS B 95 -31.98 33.35 -42.54
CA LYS B 95 -31.92 32.44 -43.69
C LYS B 95 -30.77 32.78 -44.63
N SER B 96 -30.53 34.06 -44.91
CA SER B 96 -29.40 34.49 -45.72
C SER B 96 -28.13 34.34 -44.90
N ASN B 97 -26.99 34.71 -45.47
CA ASN B 97 -25.72 34.53 -44.76
C ASN B 97 -25.03 35.87 -44.63
N ILE B 98 -25.27 36.55 -43.51
CA ILE B 98 -24.73 37.88 -43.26
C ILE B 98 -23.37 37.73 -42.58
N ILE B 99 -23.24 36.70 -41.76
CA ILE B 99 -22.02 36.48 -41.01
C ILE B 99 -21.02 35.81 -41.93
N ARG B 100 -19.86 36.45 -42.10
CA ARG B 100 -18.85 36.02 -43.06
C ARG B 100 -17.55 35.79 -42.32
N GLY B 101 -17.59 34.96 -41.30
CA GLY B 101 -16.38 34.52 -40.64
C GLY B 101 -16.11 35.24 -39.34
N TRP B 102 -15.05 34.81 -38.70
CA TRP B 102 -14.67 35.25 -37.38
C TRP B 102 -13.19 35.60 -37.42
N ILE B 103 -12.73 36.34 -36.43
CA ILE B 103 -11.31 36.57 -36.25
C ILE B 103 -11.00 36.36 -34.78
N PHE B 104 -9.94 35.66 -34.48
CA PHE B 104 -9.59 35.38 -33.09
C PHE B 104 -8.14 35.76 -32.84
N GLY B 105 -7.72 35.66 -31.59
CA GLY B 105 -6.34 35.92 -31.24
C GLY B 105 -6.14 36.65 -29.93
N THR B 106 -4.96 37.23 -29.74
CA THR B 106 -4.67 37.93 -28.50
C THR B 106 -4.72 39.44 -28.71
N THR B 107 -4.17 39.93 -29.82
CA THR B 107 -4.17 41.36 -30.11
C THR B 107 -5.00 41.76 -31.31
N LEU B 108 -5.40 40.83 -32.16
CA LEU B 108 -6.15 41.12 -33.38
C LEU B 108 -5.41 42.12 -34.26
N ASP B 109 -4.08 41.95 -34.34
CA ASP B 109 -3.24 42.87 -35.08
C ASP B 109 -2.01 42.12 -35.58
N SER B 110 -1.13 42.84 -36.26
CA SER B 110 0.09 42.25 -36.77
C SER B 110 1.09 42.08 -35.64
N LYS B 111 2.26 41.50 -35.98
CA LYS B 111 3.36 41.22 -35.07
C LYS B 111 3.10 39.98 -34.22
N THR B 112 1.91 39.36 -34.36
CA THR B 112 1.61 38.12 -33.67
C THR B 112 0.55 37.38 -34.48
N GLN B 113 0.47 36.07 -34.26
CA GLN B 113 -0.39 35.19 -35.04
C GLN B 113 -1.86 35.31 -34.60
N SER B 114 -2.75 35.08 -35.56
CA SER B 114 -4.18 35.15 -35.31
C SER B 114 -4.91 34.17 -36.23
N LEU B 115 -6.16 33.91 -35.91
CA LEU B 115 -7.03 33.01 -36.67
C LEU B 115 -7.87 33.82 -37.64
N LEU B 116 -8.20 33.23 -38.78
CA LEU B 116 -9.13 33.82 -39.73
C LEU B 116 -9.97 32.72 -40.36
N ILE B 117 -11.28 32.78 -40.15
CA ILE B 117 -12.20 31.76 -40.64
C ILE B 117 -13.26 32.44 -41.50
N VAL B 118 -13.26 32.10 -42.77
CA VAL B 118 -14.18 32.71 -43.71
C VAL B 118 -14.90 31.63 -44.49
N ASN B 119 -16.02 31.97 -45.11
CA ASN B 119 -16.77 31.04 -45.95
C ASN B 119 -17.44 31.82 -47.07
N ASN B 120 -16.87 31.79 -48.28
CA ASN B 120 -17.52 32.46 -49.41
C ASN B 120 -18.54 31.49 -49.99
N ALA B 121 -19.10 31.79 -51.16
CA ALA B 121 -20.17 30.96 -51.69
C ALA B 121 -19.66 29.61 -52.16
N THR B 122 -18.35 29.37 -52.02
CA THR B 122 -17.77 28.09 -52.41
C THR B 122 -17.79 27.09 -51.27
N ASN B 123 -16.98 27.35 -50.24
CA ASN B 123 -16.86 26.51 -49.04
C ASN B 123 -15.94 27.17 -48.03
N VAL B 124 -15.90 26.56 -46.85
CA VAL B 124 -15.15 27.03 -45.69
C VAL B 124 -13.65 27.04 -45.97
N VAL B 125 -12.97 28.09 -45.51
CA VAL B 125 -11.53 28.24 -45.70
C VAL B 125 -10.86 28.51 -44.35
N ILE B 126 -10.27 27.48 -43.74
CA ILE B 126 -9.56 27.74 -42.50
C ILE B 126 -8.17 28.25 -42.87
N LYS B 127 -7.66 29.18 -42.06
CA LYS B 127 -6.35 29.75 -42.34
C LYS B 127 -5.75 30.27 -41.04
N VAL B 128 -4.46 30.05 -40.87
CA VAL B 128 -3.78 30.57 -39.68
C VAL B 128 -2.48 31.25 -40.09
N CYS B 129 -2.49 32.57 -40.12
CA CYS B 129 -1.35 33.38 -40.50
C CYS B 129 -1.20 34.55 -39.54
N GLU B 130 -0.21 35.38 -39.80
CA GLU B 130 -0.12 36.69 -39.19
C GLU B 130 -0.74 37.69 -40.15
N PHE B 131 -1.76 38.41 -39.69
CA PHE B 131 -2.52 39.28 -40.56
C PHE B 131 -2.31 40.74 -40.17
N GLN B 132 -2.80 41.62 -41.03
CA GLN B 132 -2.94 43.04 -40.72
C GLN B 132 -4.38 43.38 -41.03
N PHE B 133 -5.18 43.55 -39.98
CA PHE B 133 -6.61 43.67 -40.12
C PHE B 133 -7.01 45.12 -40.22
N CYS B 134 -7.95 45.41 -41.12
CA CYS B 134 -8.58 46.72 -41.15
C CYS B 134 -9.31 46.95 -39.84
N ASN B 135 -9.24 48.19 -39.35
CA ASN B 135 -10.00 48.50 -38.13
C ASN B 135 -11.51 48.41 -38.37
N ASP B 136 -11.95 48.55 -39.62
CA ASP B 136 -13.34 48.41 -39.99
C ASP B 136 -13.43 47.43 -41.16
N PRO B 137 -13.38 46.12 -40.87
CA PRO B 137 -13.34 45.14 -41.95
C PRO B 137 -14.74 44.86 -42.50
N PHE B 138 -14.83 44.65 -43.79
CA PHE B 138 -16.10 44.32 -44.43
C PHE B 138 -15.82 43.76 -45.82
N MET B 148 -20.14 43.07 -60.34
CA MET B 148 -19.17 43.36 -59.30
C MET B 148 -19.19 42.26 -58.24
N GLU B 149 -19.97 42.47 -57.19
CA GLU B 149 -20.19 41.49 -56.12
C GLU B 149 -18.86 40.98 -55.58
N SER B 150 -17.94 41.91 -55.32
CA SER B 150 -16.61 41.62 -54.80
C SER B 150 -16.52 42.08 -53.35
N GLU B 151 -15.76 41.32 -52.56
CA GLU B 151 -15.78 41.49 -51.12
C GLU B 151 -14.47 41.15 -50.46
N PHE B 152 -14.51 40.97 -49.14
CA PHE B 152 -13.37 40.56 -48.33
C PHE B 152 -12.21 41.55 -48.36
N ARG B 153 -12.47 42.76 -47.87
CA ARG B 153 -11.40 43.73 -47.70
C ARG B 153 -10.92 43.68 -46.26
N VAL B 154 -10.92 42.48 -45.67
CA VAL B 154 -10.70 42.35 -44.23
C VAL B 154 -9.25 42.66 -43.89
N TYR B 155 -8.30 41.96 -44.53
CA TYR B 155 -6.90 42.15 -44.19
C TYR B 155 -6.08 42.63 -45.38
N SER B 156 -4.82 42.94 -45.15
CA SER B 156 -3.91 43.28 -46.23
C SER B 156 -2.54 42.62 -46.06
N SER B 157 -2.47 41.61 -45.20
CA SER B 157 -1.22 40.89 -44.97
C SER B 157 -1.56 39.49 -44.46
N ALA B 158 -0.77 38.51 -44.92
CA ALA B 158 -0.94 37.12 -44.51
C ALA B 158 0.40 36.41 -44.36
N ASN B 159 1.26 36.90 -43.48
CA ASN B 159 2.63 36.41 -43.39
C ASN B 159 2.74 35.17 -42.52
N ASN B 160 3.79 34.38 -42.75
CA ASN B 160 4.16 33.28 -41.87
C ASN B 160 3.07 32.23 -41.65
N CYS B 161 2.27 31.93 -42.66
CA CYS B 161 1.16 31.00 -42.51
C CYS B 161 1.60 29.62 -42.04
N THR B 162 0.93 29.12 -41.00
CA THR B 162 1.28 27.87 -40.33
C THR B 162 0.18 26.82 -40.55
N PHE B 163 -0.83 27.18 -41.32
CA PHE B 163 -1.95 26.28 -41.60
C PHE B 163 -2.67 26.81 -42.83
N GLU B 164 -2.95 25.95 -43.79
CA GLU B 164 -3.81 26.33 -44.90
C GLU B 164 -4.89 25.28 -45.05
N TYR B 165 -5.95 25.64 -45.74
CA TYR B 165 -7.06 24.77 -46.05
C TYR B 165 -7.87 25.45 -47.14
N VAL B 166 -8.32 24.69 -48.14
CA VAL B 166 -9.34 25.18 -49.06
C VAL B 166 -10.32 24.04 -49.27
N SER B 167 -11.44 24.31 -49.95
CA SER B 167 -12.37 23.27 -50.32
C SER B 167 -13.30 23.75 -51.42
N LYS B 182 -36.86 30.85 -39.70
CA LYS B 182 -35.88 30.78 -40.78
C LYS B 182 -34.88 29.64 -40.57
N ASN B 183 -33.66 30.01 -40.23
CA ASN B 183 -32.58 29.04 -40.08
C ASN B 183 -31.77 29.39 -38.85
N LEU B 184 -31.33 28.35 -38.15
CA LEU B 184 -30.50 28.50 -36.96
C LEU B 184 -29.18 27.80 -37.21
N ARG B 185 -28.07 28.52 -37.05
CA ARG B 185 -26.74 27.97 -37.22
C ARG B 185 -25.93 28.29 -35.98
N GLU B 186 -25.79 27.30 -35.10
CA GLU B 186 -25.10 27.49 -33.82
C GLU B 186 -23.67 27.01 -33.87
N PHE B 187 -22.81 27.70 -33.13
CA PHE B 187 -21.40 27.35 -33.05
C PHE B 187 -20.93 27.46 -31.61
N VAL B 188 -20.01 26.58 -31.24
CA VAL B 188 -19.31 26.69 -29.97
C VAL B 188 -17.82 26.65 -30.28
N PHE B 189 -17.09 27.65 -29.81
CA PHE B 189 -15.67 27.76 -30.06
C PHE B 189 -14.92 27.62 -28.74
N LYS B 190 -13.89 26.79 -28.73
CA LYS B 190 -13.03 26.73 -27.56
C LYS B 190 -11.59 26.46 -27.99
N ASN B 191 -10.65 26.69 -27.07
CA ASN B 191 -9.23 26.61 -27.38
C ASN B 191 -8.50 26.00 -26.19
N ILE B 192 -8.19 24.71 -26.26
CA ILE B 192 -7.64 23.96 -25.13
C ILE B 192 -6.36 23.27 -25.55
N ASP B 193 -5.29 23.50 -24.78
CA ASP B 193 -3.96 22.94 -25.03
C ASP B 193 -3.52 23.14 -26.47
N GLY B 194 -3.78 24.32 -27.03
CA GLY B 194 -3.38 24.63 -28.38
C GLY B 194 -4.26 24.04 -29.47
N TYR B 195 -5.36 23.41 -29.09
CA TYR B 195 -6.29 22.85 -30.05
C TYR B 195 -7.51 23.75 -30.12
N PHE B 196 -7.91 24.08 -31.33
CA PHE B 196 -9.04 24.99 -31.54
C PHE B 196 -10.19 24.15 -32.08
N LYS B 197 -11.19 23.93 -31.25
CA LYS B 197 -12.34 23.12 -31.60
C LYS B 197 -13.47 23.99 -32.10
N ILE B 198 -14.24 23.43 -33.04
CA ILE B 198 -15.44 24.05 -33.57
C ILE B 198 -16.56 23.01 -33.55
N TYR B 199 -17.63 23.31 -32.84
CA TYR B 199 -18.85 22.51 -32.91
C TYR B 199 -19.89 23.34 -33.61
N SER B 200 -20.77 22.68 -34.35
CA SER B 200 -21.80 23.42 -35.04
C SER B 200 -22.94 22.49 -35.42
N LYS B 201 -24.07 23.10 -35.76
CA LYS B 201 -25.19 22.38 -36.37
C LYS B 201 -26.08 23.40 -37.05
N HIS B 202 -26.66 23.00 -38.18
CA HIS B 202 -27.55 23.87 -38.96
C HIS B 202 -28.91 23.18 -39.01
N THR B 203 -29.86 23.78 -38.32
CA THR B 203 -31.21 23.24 -38.24
C THR B 203 -32.17 24.30 -38.78
N PRO B 204 -32.99 23.89 -39.81
CA PRO B 204 -33.92 24.93 -40.28
C PRO B 204 -35.13 25.06 -39.37
N ILE B 205 -35.72 26.25 -39.32
CA ILE B 205 -36.96 26.47 -38.58
C ILE B 205 -38.17 26.14 -39.45
N ASP B 212 -35.50 37.00 -31.12
CA ASP B 212 -35.46 36.18 -29.91
C ASP B 212 -35.48 34.69 -30.24
N LEU B 213 -34.57 33.94 -29.64
CA LEU B 213 -34.44 32.51 -29.91
C LEU B 213 -35.69 31.76 -29.47
N PRO B 214 -35.91 30.60 -30.06
CA PRO B 214 -37.15 29.84 -29.86
C PRO B 214 -36.98 28.97 -28.63
N GLN B 215 -37.55 27.77 -28.66
CA GLN B 215 -37.43 26.85 -27.52
C GLN B 215 -37.28 25.41 -27.98
N GLY B 216 -36.17 24.78 -27.62
CA GLY B 216 -35.92 23.41 -28.00
C GLY B 216 -34.56 22.90 -27.59
N PHE B 217 -34.25 21.65 -27.90
CA PHE B 217 -32.97 21.05 -27.57
C PHE B 217 -32.35 20.43 -28.82
N SER B 218 -31.06 20.70 -29.03
CA SER B 218 -30.33 20.14 -30.15
C SER B 218 -28.84 20.11 -29.85
N ALA B 219 -28.24 18.92 -29.81
CA ALA B 219 -26.82 18.77 -29.51
C ALA B 219 -25.96 19.06 -30.73
N LEU B 220 -24.80 19.67 -30.50
CA LEU B 220 -23.90 20.11 -31.55
C LEU B 220 -22.76 19.12 -31.71
N GLU B 221 -22.40 18.79 -33.02
CA GLU B 221 -21.37 17.82 -33.38
C GLU B 221 -20.06 18.51 -33.74
N PRO B 222 -18.92 17.89 -33.43
CA PRO B 222 -17.64 18.45 -33.84
C PRO B 222 -17.42 18.39 -35.34
N LEU B 223 -16.74 19.41 -35.86
CA LEU B 223 -16.46 19.50 -37.29
C LEU B 223 -14.98 19.28 -37.60
N VAL B 224 -14.13 20.03 -36.91
CA VAL B 224 -12.71 20.05 -37.16
C VAL B 224 -11.99 19.88 -35.83
N ASP B 225 -10.66 19.75 -35.92
CA ASP B 225 -9.74 19.69 -34.80
C ASP B 225 -8.42 20.31 -35.31
N LEU B 226 -7.97 21.43 -34.72
CA LEU B 226 -6.86 22.13 -35.32
C LEU B 226 -5.70 22.22 -34.34
N PRO B 227 -4.61 21.50 -34.58
CA PRO B 227 -3.42 21.60 -33.70
C PRO B 227 -2.60 22.85 -34.00
N ILE B 228 -3.09 23.99 -33.53
CA ILE B 228 -2.53 25.28 -33.93
C ILE B 228 -1.47 25.72 -32.95
N GLY B 229 -1.82 25.82 -31.67
CA GLY B 229 -0.88 26.26 -30.66
C GLY B 229 -1.18 27.67 -30.20
N ILE B 230 -2.01 28.36 -30.99
CA ILE B 230 -2.41 29.76 -30.83
C ILE B 230 -3.07 30.02 -29.48
N ASN B 231 -2.72 31.14 -28.86
CA ASN B 231 -3.38 31.63 -27.66
C ASN B 231 -4.50 32.59 -28.07
N ILE B 232 -5.58 32.63 -27.30
CA ILE B 232 -6.67 33.55 -27.58
C ILE B 232 -7.07 34.28 -26.30
N THR B 233 -7.22 35.60 -26.41
CA THR B 233 -7.73 36.41 -25.32
C THR B 233 -8.83 37.34 -25.79
N ARG B 234 -8.94 37.56 -27.10
CA ARG B 234 -10.01 38.41 -27.61
C ARG B 234 -10.39 37.95 -29.01
N PHE B 235 -11.55 38.39 -29.47
CA PHE B 235 -12.01 38.04 -30.81
C PHE B 235 -12.98 39.12 -31.30
N GLN B 236 -13.28 39.08 -32.60
CA GLN B 236 -14.29 39.93 -33.20
C GLN B 236 -15.15 39.10 -34.14
N THR B 237 -16.06 39.77 -34.83
CA THR B 237 -16.95 39.15 -35.80
C THR B 237 -16.91 39.94 -37.11
N LEU B 238 -17.41 39.33 -38.18
CA LEU B 238 -17.40 39.92 -39.51
C LEU B 238 -18.81 39.84 -40.10
N LEU B 239 -19.26 40.94 -40.69
CA LEU B 239 -20.60 40.99 -41.26
C LEU B 239 -20.54 41.50 -42.69
N ALA B 240 -21.48 41.04 -43.51
CA ALA B 240 -21.63 41.46 -44.90
C ALA B 240 -22.61 42.64 -44.95
N LEU B 241 -22.10 43.82 -45.29
CA LEU B 241 -22.88 45.04 -45.35
C LEU B 241 -23.81 45.11 -46.55
N HIS B 242 -24.71 46.08 -46.53
CA HIS B 242 -25.60 46.44 -47.61
C HIS B 242 -25.04 47.65 -48.36
N ARG B 243 -24.75 47.47 -49.65
CA ARG B 243 -24.21 48.60 -50.41
C ARG B 243 -24.93 48.79 -51.75
N SER B 244 -25.63 47.77 -52.23
CA SER B 244 -26.28 47.85 -53.53
C SER B 244 -27.76 47.50 -53.43
N ALA B 261 -27.59 40.13 -36.71
CA ALA B 261 -28.22 39.54 -35.53
C ALA B 261 -27.45 38.32 -35.06
N TYR B 262 -26.86 38.42 -33.88
CA TYR B 262 -26.17 37.28 -33.30
C TYR B 262 -26.04 37.44 -31.80
N TYR B 263 -25.70 36.33 -31.15
CA TYR B 263 -25.56 36.23 -29.70
C TYR B 263 -24.13 35.85 -29.35
N VAL B 264 -23.69 36.25 -28.16
CA VAL B 264 -22.36 35.88 -27.69
C VAL B 264 -22.43 35.45 -26.22
N GLY B 265 -22.31 34.15 -25.98
CA GLY B 265 -22.17 33.63 -24.64
C GLY B 265 -20.74 33.20 -24.37
N TYR B 266 -20.49 32.80 -23.13
CA TYR B 266 -19.20 32.28 -22.75
C TYR B 266 -19.40 31.01 -21.94
N LEU B 267 -18.36 30.19 -21.89
CA LEU B 267 -18.46 28.84 -21.34
C LEU B 267 -17.81 28.80 -19.96
N GLN B 268 -18.34 27.98 -19.09
CA GLN B 268 -17.83 27.78 -17.75
C GLN B 268 -17.75 26.30 -17.47
N PRO B 269 -16.89 25.88 -16.56
CA PRO B 269 -16.81 24.47 -16.19
C PRO B 269 -18.01 24.02 -15.38
N ARG B 270 -18.85 23.21 -15.99
CA ARG B 270 -20.06 22.69 -15.37
C ARG B 270 -20.15 21.17 -15.57
N THR B 271 -21.12 20.57 -14.90
CA THR B 271 -21.37 19.14 -14.91
C THR B 271 -22.79 18.93 -15.37
N PHE B 272 -22.98 18.01 -16.31
CA PHE B 272 -24.32 17.67 -16.77
C PHE B 272 -24.56 16.17 -16.67
N LEU B 273 -25.84 15.80 -16.70
CA LEU B 273 -26.30 14.43 -16.80
C LEU B 273 -26.98 14.27 -18.16
N LEU B 274 -26.33 13.53 -19.06
CA LEU B 274 -26.74 13.47 -20.45
C LEU B 274 -27.50 12.18 -20.73
N LYS B 275 -28.62 12.30 -21.41
CA LYS B 275 -29.44 11.16 -21.78
C LYS B 275 -29.20 10.84 -23.24
N TYR B 276 -28.75 9.63 -23.52
CA TYR B 276 -28.56 9.18 -24.89
C TYR B 276 -29.66 8.22 -25.28
N ASN B 277 -30.13 8.37 -26.51
CA ASN B 277 -31.04 7.44 -27.14
C ASN B 277 -30.29 6.24 -27.71
N GLU B 278 -31.02 5.32 -28.31
CA GLU B 278 -30.40 4.14 -28.91
C GLU B 278 -29.63 4.46 -30.19
N ASN B 279 -29.93 5.57 -30.86
CA ASN B 279 -29.13 5.98 -31.99
C ASN B 279 -27.84 6.66 -31.59
N GLY B 280 -27.67 6.96 -30.31
CA GLY B 280 -26.43 7.52 -29.83
C GLY B 280 -26.41 9.02 -29.76
N THR B 281 -27.54 9.68 -29.91
CA THR B 281 -27.59 11.14 -29.86
C THR B 281 -28.08 11.60 -28.50
N ILE B 282 -27.74 12.85 -28.17
CA ILE B 282 -28.14 13.46 -26.91
C ILE B 282 -29.56 13.98 -27.09
N THR B 283 -30.48 13.49 -26.26
CA THR B 283 -31.87 13.90 -26.37
C THR B 283 -32.30 14.83 -25.22
N ASP B 284 -31.61 14.75 -24.09
CA ASP B 284 -31.94 15.58 -22.94
C ASP B 284 -30.70 15.83 -22.10
N ALA B 285 -30.78 16.77 -21.19
CA ALA B 285 -29.67 17.06 -20.29
C ALA B 285 -30.18 17.69 -19.02
N VAL B 286 -29.36 17.59 -17.97
CA VAL B 286 -29.63 18.22 -16.69
C VAL B 286 -28.43 19.09 -16.34
N ASP B 287 -28.67 20.35 -16.01
CA ASP B 287 -27.65 21.29 -15.60
C ASP B 287 -27.46 21.11 -14.11
N CYS B 288 -26.29 20.65 -13.69
CA CYS B 288 -26.09 20.18 -12.32
C CYS B 288 -25.72 21.33 -11.40
N ALA B 289 -25.84 22.55 -11.89
CA ALA B 289 -25.56 23.71 -11.06
C ALA B 289 -26.68 24.73 -11.22
N LEU B 290 -27.84 24.25 -11.65
CA LEU B 290 -29.03 25.09 -11.83
C LEU B 290 -29.81 25.28 -10.50
N ASP B 291 -30.60 24.29 -10.10
CA ASP B 291 -31.39 24.36 -8.86
C ASP B 291 -31.24 23.10 -7.98
N PRO B 292 -31.80 23.09 -6.77
CA PRO B 292 -31.60 21.92 -5.90
C PRO B 292 -32.22 20.64 -6.41
N LEU B 293 -33.30 20.72 -7.20
CA LEU B 293 -33.86 19.51 -7.80
C LEU B 293 -32.92 18.89 -8.82
N SER B 294 -32.25 19.70 -9.62
CA SER B 294 -31.29 19.18 -10.59
C SER B 294 -30.09 18.53 -9.91
N GLU B 295 -29.63 19.10 -8.81
CA GLU B 295 -28.58 18.47 -8.04
C GLU B 295 -29.00 17.10 -7.50
N THR B 296 -30.26 16.93 -7.11
CA THR B 296 -30.74 15.62 -6.72
C THR B 296 -30.74 14.65 -7.88
N LYS B 297 -31.22 15.08 -9.05
CA LYS B 297 -31.21 14.23 -10.23
C LYS B 297 -29.79 13.82 -10.59
N CYS B 298 -28.84 14.74 -10.48
CA CYS B 298 -27.47 14.47 -10.86
C CYS B 298 -26.82 13.46 -9.91
N THR B 299 -27.09 13.58 -8.61
CA THR B 299 -26.58 12.62 -7.65
C THR B 299 -27.16 11.23 -7.85
N LEU B 300 -28.44 11.12 -8.22
CA LEU B 300 -29.06 9.83 -8.47
C LEU B 300 -28.80 9.28 -9.86
N LYS B 301 -28.33 10.11 -10.79
CA LYS B 301 -28.08 9.71 -12.18
C LYS B 301 -29.37 9.25 -12.85
N SER B 302 -30.40 10.10 -12.77
CA SER B 302 -31.66 9.79 -13.41
C SER B 302 -32.40 11.07 -13.70
N PHE B 303 -33.43 10.95 -14.52
CA PHE B 303 -34.36 12.04 -14.75
C PHE B 303 -35.69 11.84 -14.04
N THR B 304 -35.88 10.70 -13.38
CA THR B 304 -37.06 10.45 -12.56
C THR B 304 -36.61 10.11 -11.15
N VAL B 305 -37.00 10.93 -10.20
CA VAL B 305 -36.62 10.76 -8.80
C VAL B 305 -37.82 10.19 -8.05
N GLU B 306 -37.57 9.14 -7.27
CA GLU B 306 -38.60 8.49 -6.47
C GLU B 306 -38.76 9.21 -5.16
N LYS B 307 -39.95 9.06 -4.57
CA LYS B 307 -40.24 9.78 -3.34
C LYS B 307 -39.25 9.38 -2.25
N GLY B 308 -38.77 10.38 -1.53
CA GLY B 308 -37.90 10.13 -0.41
C GLY B 308 -37.12 11.38 -0.10
N ILE B 309 -36.03 11.20 0.62
CA ILE B 309 -35.15 12.29 0.98
C ILE B 309 -33.75 11.85 0.63
N TYR B 310 -33.01 12.74 -0.03
CA TYR B 310 -31.71 12.41 -0.59
C TYR B 310 -30.67 13.36 -0.06
N GLN B 311 -29.53 12.81 0.33
CA GLN B 311 -28.37 13.63 0.66
C GLN B 311 -27.61 13.93 -0.62
N THR B 312 -27.44 15.21 -0.91
CA THR B 312 -26.95 15.58 -2.22
C THR B 312 -25.63 16.30 -2.12
N SER B 313 -25.41 17.04 -1.04
CA SER B 313 -24.20 17.85 -0.92
C SER B 313 -23.98 18.30 0.51
N ASN B 314 -23.21 19.37 0.69
CA ASN B 314 -22.88 19.85 2.01
C ASN B 314 -22.78 21.37 2.09
N PHE B 315 -22.96 21.90 3.29
CA PHE B 315 -22.86 23.33 3.51
C PHE B 315 -21.60 23.61 4.30
N ARG B 316 -20.75 24.47 3.76
CA ARG B 316 -19.54 24.88 4.46
C ARG B 316 -19.32 26.38 4.39
N VAL B 317 -19.45 27.06 5.52
CA VAL B 317 -19.16 28.48 5.59
C VAL B 317 -17.71 28.71 5.20
N GLN B 318 -17.45 29.79 4.48
CA GLN B 318 -16.10 30.06 3.99
C GLN B 318 -15.45 31.22 4.71
N PRO B 319 -14.15 31.10 4.98
CA PRO B 319 -13.43 32.16 5.70
C PRO B 319 -13.06 33.34 4.81
N THR B 320 -13.07 34.55 5.36
CA THR B 320 -12.59 35.72 4.62
C THR B 320 -11.40 36.37 5.31
N GLU B 321 -10.53 36.99 4.50
CA GLU B 321 -9.34 37.66 5.00
C GLU B 321 -8.36 36.70 5.68
N SER B 322 -7.10 37.10 5.72
CA SER B 322 -6.04 36.31 6.34
C SER B 322 -5.29 37.14 7.36
N ILE B 323 -5.59 36.93 8.64
CA ILE B 323 -4.98 37.72 9.70
C ILE B 323 -3.85 36.96 10.38
N VAL B 324 -2.64 37.48 10.25
CA VAL B 324 -1.47 36.85 10.87
C VAL B 324 -1.00 37.68 12.07
N ARG B 325 -1.28 37.18 13.26
CA ARG B 325 -0.97 37.90 14.48
C ARG B 325 0.42 37.53 14.99
N PHE B 326 1.08 38.43 15.70
CA PHE B 326 2.43 38.18 16.23
C PHE B 326 2.73 39.08 17.43
N PRO B 327 3.97 39.06 17.90
CA PRO B 327 4.36 39.89 19.05
C PRO B 327 4.88 41.25 18.62
N ASN B 328 5.26 42.08 19.59
CA ASN B 328 5.77 43.41 19.30
C ASN B 328 7.30 43.46 19.35
N ILE B 329 7.84 43.71 20.53
CA ILE B 329 9.29 43.78 20.71
C ILE B 329 9.67 43.81 22.18
N THR B 330 10.02 42.64 22.72
CA THR B 330 10.41 42.53 24.12
C THR B 330 11.57 43.46 24.45
N ASN B 331 12.74 43.15 23.90
CA ASN B 331 13.93 43.96 24.12
C ASN B 331 14.43 44.64 22.84
N LEU B 332 15.21 45.70 23.01
CA LEU B 332 15.76 46.43 21.88
C LEU B 332 17.26 46.23 21.76
N CYS B 333 17.74 46.06 20.52
CA CYS B 333 19.16 45.86 20.27
C CYS B 333 19.91 47.18 20.32
N PRO B 334 20.95 47.30 21.15
CA PRO B 334 21.64 48.59 21.28
C PRO B 334 22.47 48.95 20.05
N PHE B 335 21.80 49.18 18.91
CA PHE B 335 22.52 49.68 17.75
C PHE B 335 22.86 51.14 17.89
N ASP B 336 22.02 51.90 18.60
CA ASP B 336 22.30 53.30 18.88
C ASP B 336 23.75 53.50 19.33
N GLU B 337 24.20 52.75 20.33
CA GLU B 337 25.52 52.98 20.89
C GLU B 337 26.64 52.57 19.95
N VAL B 338 26.32 51.90 18.84
CA VAL B 338 27.31 51.56 17.81
C VAL B 338 27.39 52.65 16.75
N PHE B 339 26.26 53.00 16.14
CA PHE B 339 26.27 54.00 15.08
C PHE B 339 26.43 55.41 15.62
N ASN B 340 25.86 55.70 16.79
CA ASN B 340 25.84 57.06 17.31
C ASN B 340 26.96 57.31 18.33
N ALA B 341 27.89 56.37 18.46
CA ALA B 341 29.07 56.55 19.32
C ALA B 341 29.81 57.82 18.94
N THR B 342 30.42 58.45 19.96
CA THR B 342 31.14 59.70 19.74
C THR B 342 32.46 59.47 19.02
N ARG B 343 33.07 58.31 19.24
CA ARG B 343 34.37 58.01 18.65
C ARG B 343 34.36 56.56 18.20
N PHE B 344 34.74 56.31 16.96
CA PHE B 344 34.94 54.96 16.48
C PHE B 344 36.40 54.56 16.71
N ALA B 345 36.67 53.26 16.64
CA ALA B 345 38.03 52.78 16.74
C ALA B 345 38.82 53.13 15.48
N SER B 346 40.14 53.01 15.55
CA SER B 346 40.96 52.97 14.35
C SER B 346 40.76 51.62 13.66
N VAL B 347 40.87 51.61 12.33
CA VAL B 347 40.58 50.39 11.59
C VAL B 347 41.53 49.27 11.97
N TYR B 348 42.82 49.59 12.16
CA TYR B 348 43.77 48.57 12.59
C TYR B 348 43.32 47.89 13.88
N ALA B 349 42.66 48.64 14.77
CA ALA B 349 42.17 48.14 16.04
C ALA B 349 40.66 48.15 16.07
N TRP B 350 40.05 47.71 14.98
CA TRP B 350 38.60 47.76 14.82
C TRP B 350 37.89 47.15 16.04
N ASN B 351 36.73 47.71 16.33
CA ASN B 351 35.94 47.43 17.51
C ASN B 351 34.82 46.48 17.16
N ARG B 352 34.59 45.49 18.01
CA ARG B 352 33.57 44.47 17.74
C ARG B 352 32.59 44.40 18.89
N LYS B 353 31.35 44.80 18.65
CA LYS B 353 30.28 44.67 19.62
C LYS B 353 29.46 43.44 19.26
N ARG B 354 29.34 42.51 20.19
CA ARG B 354 28.56 41.30 19.97
C ARG B 354 27.14 41.54 20.45
N ILE B 355 26.17 41.14 19.63
CA ILE B 355 24.75 41.38 19.92
C ILE B 355 24.08 40.06 20.29
N SER B 356 23.16 40.12 21.26
CA SER B 356 22.45 38.95 21.76
C SER B 356 21.13 39.36 22.39
N ASN B 357 20.17 38.43 22.38
CA ASN B 357 18.92 38.50 23.16
C ASN B 357 18.22 39.85 23.04
N CYS B 358 17.96 40.27 21.81
CA CYS B 358 17.29 41.54 21.58
C CYS B 358 16.38 41.50 20.35
N VAL B 359 15.07 41.60 20.59
CA VAL B 359 14.09 41.55 19.52
C VAL B 359 13.82 42.92 18.89
N ALA B 360 13.62 42.90 17.57
CA ALA B 360 13.35 44.12 16.81
C ALA B 360 13.52 43.86 15.31
N ASP B 361 12.57 44.33 14.52
CA ASP B 361 12.64 44.15 13.07
C ASP B 361 14.03 44.52 12.58
N TYR B 362 14.47 43.90 11.49
CA TYR B 362 15.80 44.20 10.95
C TYR B 362 15.85 45.42 10.06
N SER B 363 14.71 45.87 9.54
CA SER B 363 14.64 47.10 8.77
C SER B 363 14.45 48.35 9.63
N VAL B 364 14.72 48.28 10.94
CA VAL B 364 14.80 49.51 11.72
C VAL B 364 15.98 50.34 11.26
N LEU B 365 17.04 49.70 10.80
CA LEU B 365 18.09 50.43 10.12
C LEU B 365 17.69 50.66 8.67
N TYR B 366 18.48 51.50 8.00
CA TYR B 366 18.20 52.21 6.74
C TYR B 366 17.05 53.20 6.90
N ASN B 367 16.63 53.45 8.13
CA ASN B 367 15.82 54.64 8.38
C ASN B 367 16.76 55.84 8.42
N LEU B 368 16.22 57.01 8.07
CA LEU B 368 16.99 58.17 7.62
C LEU B 368 17.91 57.72 6.48
N ALA B 369 17.31 57.10 5.47
CA ALA B 369 17.96 56.42 4.34
C ALA B 369 18.97 57.22 3.52
N PRO B 370 18.60 58.37 2.86
CA PRO B 370 19.38 58.80 1.69
C PRO B 370 20.74 59.45 1.96
N PHE B 371 21.55 58.84 2.81
CA PHE B 371 22.96 59.19 2.92
C PHE B 371 23.78 57.92 2.96
N PHE B 372 23.13 56.79 3.22
CA PHE B 372 23.84 55.51 3.39
C PHE B 372 24.47 54.74 2.22
N THR B 373 25.61 54.13 2.50
CA THR B 373 26.31 53.32 1.51
C THR B 373 25.90 51.87 1.71
N PHE B 374 24.74 51.68 2.34
CA PHE B 374 24.20 50.37 2.65
C PHE B 374 24.43 49.37 1.53
N LYS B 375 25.26 48.36 1.80
CA LYS B 375 25.55 47.33 0.82
C LYS B 375 25.53 46.00 1.56
N CYS B 376 24.45 45.26 1.38
CA CYS B 376 24.31 43.96 2.02
C CYS B 376 24.22 42.91 0.93
N TYR B 377 25.00 41.85 1.08
CA TYR B 377 25.34 40.98 -0.04
C TYR B 377 24.49 39.72 0.01
N GLY B 378 23.90 39.39 -1.13
CA GLY B 378 23.19 38.13 -1.30
C GLY B 378 21.83 38.05 -0.64
N VAL B 379 21.39 39.13 0.02
CA VAL B 379 20.10 39.15 0.69
C VAL B 379 19.66 40.60 0.83
N SER B 380 18.44 40.86 0.49
CA SER B 380 18.00 42.22 0.72
C SER B 380 17.59 42.36 2.19
N PRO B 381 17.52 43.58 2.73
CA PRO B 381 16.99 43.74 4.10
C PRO B 381 15.54 43.32 4.25
N THR B 382 14.78 43.33 3.15
CA THR B 382 13.43 42.80 3.14
C THR B 382 13.41 41.31 3.48
N LYS B 383 14.28 40.54 2.84
CA LYS B 383 14.31 39.10 3.08
C LYS B 383 14.86 38.75 4.46
N LEU B 384 15.91 39.44 4.91
CA LEU B 384 16.44 39.12 6.24
C LEU B 384 15.62 39.75 7.36
N ASN B 385 14.65 40.60 7.01
CA ASN B 385 13.79 41.22 8.01
C ASN B 385 12.95 40.19 8.77
N ASP B 386 12.67 39.04 8.13
CA ASP B 386 11.87 38.01 8.77
C ASP B 386 12.62 36.68 8.77
N LEU B 387 13.86 36.76 9.26
CA LEU B 387 14.79 35.66 9.44
C LEU B 387 15.77 36.04 10.56
N CYS B 388 15.72 35.34 11.69
CA CYS B 388 16.59 35.64 12.85
C CYS B 388 18.00 35.05 12.79
N PHE B 389 18.74 35.14 13.90
CA PHE B 389 20.10 34.62 13.94
C PHE B 389 20.50 34.42 15.39
N THR B 390 21.48 33.53 15.59
CA THR B 390 21.93 33.27 16.96
C THR B 390 22.69 34.47 17.51
N ASN B 391 23.71 34.92 16.79
CA ASN B 391 24.50 36.07 17.19
C ASN B 391 24.63 37.04 16.02
N VAL B 392 24.78 38.31 16.35
CA VAL B 392 25.13 39.34 15.40
C VAL B 392 26.34 40.08 15.94
N TYR B 393 27.30 40.38 15.06
CA TYR B 393 28.52 41.10 15.42
C TYR B 393 28.54 42.46 14.72
N ALA B 394 28.86 43.51 15.47
CA ALA B 394 28.95 44.87 14.92
C ALA B 394 30.40 45.37 15.02
N ASP B 395 31.11 45.40 13.90
CA ASP B 395 32.46 45.91 13.83
C ASP B 395 32.41 47.33 13.29
N SER B 396 33.08 48.26 13.97
CA SER B 396 33.07 49.65 13.54
C SER B 396 34.48 50.24 13.61
N PHE B 397 34.79 51.10 12.65
CA PHE B 397 36.10 51.72 12.52
C PHE B 397 35.94 52.97 11.64
N VAL B 398 37.07 53.58 11.25
CA VAL B 398 37.08 54.81 10.46
C VAL B 398 38.14 54.67 9.37
N ILE B 399 37.80 55.03 8.12
CA ILE B 399 38.74 55.02 7.01
C ILE B 399 38.45 56.19 6.08
N ARG B 400 39.23 56.36 5.01
CA ARG B 400 38.94 57.36 3.99
C ARG B 400 37.91 56.84 3.01
N GLY B 401 37.13 57.75 2.44
CA GLY B 401 36.11 57.34 1.47
C GLY B 401 36.68 56.45 0.38
N ASP B 402 37.84 56.82 -0.17
CA ASP B 402 38.60 56.03 -1.15
C ASP B 402 38.67 54.54 -0.83
N GLU B 403 38.60 54.20 0.46
CA GLU B 403 38.87 52.85 0.93
C GLU B 403 37.63 52.08 1.34
N VAL B 404 36.47 52.72 1.30
CA VAL B 404 35.23 52.06 1.64
C VAL B 404 35.08 50.84 0.73
N ARG B 405 35.45 51.02 -0.54
CA ARG B 405 35.39 49.94 -1.52
C ARG B 405 36.10 48.69 -1.04
N GLN B 406 37.12 48.84 -0.22
CA GLN B 406 37.84 47.66 0.27
C GLN B 406 37.08 46.90 1.34
N ILE B 407 36.04 47.50 1.93
CA ILE B 407 35.25 46.81 2.93
C ILE B 407 34.17 46.05 2.17
N ALA B 408 34.56 44.92 1.60
CA ALA B 408 33.73 44.08 0.74
C ALA B 408 34.52 42.83 0.42
N PRO B 409 33.85 41.71 0.17
CA PRO B 409 34.58 40.44 0.06
C PRO B 409 35.39 40.38 -1.22
N GLY B 410 36.61 39.88 -1.11
CA GLY B 410 37.48 39.73 -2.25
C GLY B 410 38.10 40.99 -2.80
N GLN B 411 38.51 41.92 -1.94
CA GLN B 411 39.20 43.14 -2.34
C GLN B 411 40.62 43.16 -1.77
N THR B 412 41.46 44.04 -2.31
CA THR B 412 42.83 44.18 -1.84
C THR B 412 43.17 45.65 -1.61
N GLY B 413 44.25 45.86 -0.86
CA GLY B 413 44.70 47.18 -0.46
C GLY B 413 45.23 47.23 0.97
N ASN B 414 45.69 48.39 1.42
CA ASN B 414 46.16 48.51 2.81
C ASN B 414 45.08 48.06 3.80
N ILE B 415 43.84 48.47 3.58
CA ILE B 415 42.80 48.17 4.55
C ILE B 415 42.49 46.69 4.54
N ALA B 416 42.16 46.14 3.36
CA ALA B 416 41.71 44.74 3.31
C ALA B 416 42.84 43.75 3.54
N ASP B 417 44.10 44.12 3.25
CA ASP B 417 45.20 43.19 3.46
C ASP B 417 45.72 43.23 4.89
N TYR B 418 45.75 44.43 5.51
CA TYR B 418 46.46 44.62 6.77
C TYR B 418 45.59 45.03 7.94
N ASN B 419 44.33 45.45 7.71
CA ASN B 419 43.53 46.04 8.78
C ASN B 419 42.21 45.33 9.05
N TYR B 420 41.35 45.22 8.02
CA TYR B 420 40.02 44.61 8.15
C TYR B 420 39.68 43.83 6.88
N LYS B 421 39.85 42.51 6.92
CA LYS B 421 39.56 41.64 5.80
C LYS B 421 38.23 40.93 6.02
N LEU B 422 37.32 41.04 5.03
CA LEU B 422 36.10 40.25 4.99
C LEU B 422 36.33 38.96 4.21
N PRO B 423 35.73 37.85 4.63
CA PRO B 423 35.93 36.58 3.93
C PRO B 423 35.23 36.56 2.59
N ASP B 424 35.72 35.68 1.71
CA ASP B 424 35.12 35.52 0.39
C ASP B 424 33.63 35.20 0.47
N ASP B 425 33.22 34.36 1.44
CA ASP B 425 31.84 33.89 1.60
C ASP B 425 31.05 34.71 2.61
N PHE B 426 30.94 36.02 2.40
CA PHE B 426 30.40 36.91 3.42
C PHE B 426 28.87 37.04 3.30
N THR B 427 28.18 36.88 4.43
CA THR B 427 26.73 36.92 4.52
C THR B 427 26.19 37.97 5.50
N GLY B 428 26.60 39.23 5.36
CA GLY B 428 26.13 40.33 6.18
C GLY B 428 25.91 41.63 5.42
N CYS B 429 26.18 42.78 6.05
CA CYS B 429 26.05 44.07 5.38
C CYS B 429 27.20 45.00 5.77
N VAL B 430 27.42 46.00 4.92
CA VAL B 430 28.36 47.08 5.19
C VAL B 430 27.60 48.40 5.10
N ILE B 431 27.68 49.20 6.16
CA ILE B 431 27.10 50.52 6.21
C ILE B 431 28.22 51.52 6.44
N ALA B 432 28.27 52.56 5.62
CA ALA B 432 29.31 53.57 5.68
C ALA B 432 28.69 54.92 5.39
N TRP B 433 29.09 55.93 6.15
CA TRP B 433 28.63 57.30 5.96
C TRP B 433 29.79 58.24 6.21
N ASN B 434 29.67 59.43 5.64
CA ASN B 434 30.72 60.44 5.73
C ASN B 434 30.64 61.17 7.06
N SER B 435 31.79 61.42 7.68
CA SER B 435 31.81 62.04 9.00
C SER B 435 32.84 63.17 9.08
N ASN B 436 32.92 63.99 8.03
CA ASN B 436 33.80 65.15 8.07
C ASN B 436 33.45 66.07 9.24
N LYS B 437 32.15 66.25 9.49
CA LYS B 437 31.72 67.15 10.57
C LYS B 437 32.18 66.70 11.94
N LEU B 438 32.52 65.42 12.11
CA LEU B 438 32.89 64.87 13.41
C LEU B 438 34.37 64.53 13.55
N ASP B 439 35.04 64.02 12.52
CA ASP B 439 36.34 63.40 12.69
C ASP B 439 37.46 64.14 11.97
N SER B 440 37.24 65.37 11.54
CA SER B 440 38.30 66.18 10.96
C SER B 440 38.31 67.54 11.65
N LYS B 441 39.50 68.13 11.73
CA LYS B 441 39.64 69.46 12.31
C LYS B 441 40.80 70.15 11.62
N VAL B 442 40.84 71.46 11.77
CA VAL B 442 41.79 72.26 11.00
C VAL B 442 43.22 71.88 11.34
N SER B 443 43.50 71.62 12.61
CA SER B 443 44.88 71.28 12.92
C SER B 443 45.23 69.87 12.45
N GLY B 444 44.25 69.09 12.02
CA GLY B 444 44.53 67.75 11.59
C GLY B 444 44.15 66.77 12.68
N ASN B 445 43.24 65.85 12.38
CA ASN B 445 42.86 64.84 13.36
C ASN B 445 43.79 63.63 13.21
N TYR B 446 44.75 63.50 14.14
CA TYR B 446 45.68 62.38 14.17
C TYR B 446 45.24 61.30 15.13
N ASN B 447 43.95 61.25 15.46
CA ASN B 447 43.42 60.19 16.33
C ASN B 447 43.42 58.83 15.63
N TYR B 448 43.01 58.77 14.36
CA TYR B 448 42.74 57.52 13.68
C TYR B 448 43.98 57.08 12.90
N LEU B 449 44.41 55.84 13.13
CA LEU B 449 45.55 55.24 12.46
C LEU B 449 45.12 54.07 11.59
N TYR B 450 46.03 53.61 10.73
CA TYR B 450 45.82 52.41 9.94
C TYR B 450 47.18 51.74 9.74
N ARG B 451 47.19 50.42 9.56
CA ARG B 451 48.44 49.68 9.43
C ARG B 451 48.87 49.68 7.97
N LEU B 452 50.12 50.05 7.74
CA LEU B 452 50.66 50.24 6.40
C LEU B 452 51.53 49.07 5.92
N PHE B 453 52.32 48.51 6.82
CA PHE B 453 53.19 47.39 6.53
C PHE B 453 52.78 46.19 7.38
N ARG B 454 52.83 45.00 6.77
CA ARG B 454 52.70 43.78 7.54
C ARG B 454 53.27 42.62 6.74
N LYS B 455 53.91 41.69 7.44
CA LYS B 455 54.54 40.55 6.78
C LYS B 455 53.54 39.78 5.93
N SER B 456 52.29 39.69 6.35
CA SER B 456 51.32 38.78 5.73
C SER B 456 49.93 39.38 5.76
N ASN B 457 49.15 39.08 4.72
CA ASN B 457 47.76 39.53 4.68
C ASN B 457 46.96 38.89 5.80
N LEU B 458 45.91 39.59 6.25
CA LEU B 458 45.10 39.08 7.34
C LEU B 458 44.24 37.92 6.89
N LYS B 459 44.08 36.93 7.75
CA LYS B 459 42.95 36.04 7.62
C LYS B 459 41.65 36.83 7.86
N PRO B 460 40.52 36.34 7.37
CA PRO B 460 39.26 37.07 7.56
C PRO B 460 38.88 37.26 9.03
N PHE B 461 38.43 38.48 9.34
CA PHE B 461 38.01 38.93 10.67
C PHE B 461 39.14 38.91 11.69
N GLU B 462 40.38 38.89 11.22
CA GLU B 462 41.52 38.94 12.13
C GLU B 462 41.78 40.39 12.54
N ARG B 463 42.31 40.56 13.75
CA ARG B 463 42.73 41.85 14.26
C ARG B 463 44.19 41.78 14.67
N ASP B 464 44.93 42.87 14.41
CA ASP B 464 46.34 42.94 14.78
C ASP B 464 46.59 44.32 15.36
N ILE B 465 46.89 44.40 16.65
CA ILE B 465 47.18 45.67 17.30
C ILE B 465 48.64 45.82 17.71
N SER B 466 49.48 44.83 17.46
CA SER B 466 50.89 44.91 17.81
C SER B 466 51.54 46.12 17.12
N THR B 467 52.43 46.78 17.84
CA THR B 467 53.15 47.94 17.33
C THR B 467 54.63 47.63 17.12
N GLU B 468 54.94 46.41 16.70
CA GLU B 468 56.30 46.01 16.44
C GLU B 468 56.85 46.72 15.20
N ILE B 469 58.14 47.04 15.23
CA ILE B 469 58.77 47.71 14.09
C ILE B 469 58.87 46.74 12.92
N TYR B 470 58.41 47.16 11.74
CA TYR B 470 58.37 46.31 10.55
C TYR B 470 59.75 46.26 9.92
N GLN B 471 60.30 45.05 9.81
CA GLN B 471 61.65 44.85 9.28
C GLN B 471 61.58 44.59 7.77
N ALA B 472 61.87 45.63 6.99
CA ALA B 472 61.90 45.52 5.53
C ALA B 472 63.29 45.19 4.99
N GLY B 473 64.34 45.65 5.66
CA GLY B 473 65.72 45.27 5.34
C GLY B 473 66.04 43.88 5.82
N ASN B 474 67.33 43.64 6.07
CA ASN B 474 67.74 42.35 6.60
C ASN B 474 68.55 42.46 7.89
N LYS B 475 68.68 43.66 8.45
CA LYS B 475 69.13 43.96 9.81
C LYS B 475 67.93 43.92 10.78
N PRO B 476 68.09 43.34 11.96
CA PRO B 476 67.02 43.42 12.96
C PRO B 476 66.80 44.84 13.45
N CYS B 477 65.55 45.15 13.77
CA CYS B 477 65.20 46.52 14.15
C CYS B 477 65.22 46.76 15.65
N ASN B 478 65.13 45.71 16.47
CA ASN B 478 65.27 45.72 17.93
C ASN B 478 64.29 46.64 18.62
N GLY B 479 63.34 47.21 17.89
CA GLY B 479 62.37 48.09 18.49
C GLY B 479 62.69 49.57 18.40
N VAL B 480 63.44 50.01 17.39
CA VAL B 480 63.63 51.42 17.12
C VAL B 480 63.50 51.67 15.63
N ALA B 481 62.74 52.70 15.25
CA ALA B 481 62.58 53.05 13.85
C ALA B 481 63.89 53.59 13.28
N GLY B 482 64.12 53.29 12.00
CA GLY B 482 65.36 53.68 11.34
C GLY B 482 65.36 53.17 9.93
N PHE B 483 66.55 53.04 9.34
CA PHE B 483 66.64 52.63 7.95
C PHE B 483 66.11 51.22 7.79
N ASN B 484 65.12 51.05 6.91
CA ASN B 484 64.44 49.77 6.68
C ASN B 484 63.79 49.25 7.96
N CYS B 485 63.47 50.16 8.87
CA CYS B 485 62.85 49.83 10.16
C CYS B 485 61.71 50.80 10.40
N TYR B 486 60.49 50.35 10.17
CA TYR B 486 59.34 51.25 10.14
C TYR B 486 58.35 50.87 11.22
N PHE B 487 57.96 51.85 12.03
CA PHE B 487 56.75 51.77 12.82
C PHE B 487 55.58 51.59 11.86
N PRO B 488 54.79 50.53 11.99
CA PRO B 488 53.87 50.14 10.92
C PRO B 488 52.49 50.80 10.95
N LEU B 489 52.18 51.62 11.95
CA LEU B 489 50.90 52.32 11.98
C LEU B 489 51.13 53.76 11.52
N ARG B 490 50.43 54.23 10.52
CA ARG B 490 50.67 55.63 10.19
C ARG B 490 49.52 56.38 10.86
N SER B 491 49.13 57.51 10.28
CA SER B 491 48.02 58.28 10.79
C SER B 491 47.31 59.00 9.65
N TYR B 492 46.01 58.75 9.47
CA TYR B 492 45.21 59.64 8.64
C TYR B 492 45.35 61.05 9.20
N SER B 493 45.08 62.04 8.36
CA SER B 493 45.44 63.39 8.76
C SER B 493 44.22 64.31 8.74
N PHE B 494 43.04 63.75 9.03
CA PHE B 494 41.77 64.31 8.60
C PHE B 494 41.63 65.81 8.86
N ARG B 495 41.55 66.59 7.78
CA ARG B 495 41.16 67.97 7.83
C ARG B 495 39.86 68.16 7.06
N PRO B 496 39.02 69.13 7.45
CA PRO B 496 37.73 69.31 6.76
C PRO B 496 37.85 69.75 5.30
N THR B 497 39.02 70.16 4.83
CA THR B 497 39.17 70.63 3.47
C THR B 497 39.74 69.57 2.54
N TYR B 498 39.87 68.32 3.00
CA TYR B 498 40.22 67.24 2.10
C TYR B 498 39.12 67.03 1.07
N GLY B 499 39.49 66.47 -0.06
CA GLY B 499 38.51 66.00 -0.99
C GLY B 499 37.72 64.86 -0.41
N VAL B 500 36.62 64.50 -1.08
CA VAL B 500 35.69 63.52 -0.51
C VAL B 500 36.40 62.19 -0.26
N GLY B 501 37.23 61.78 -1.20
CA GLY B 501 37.87 60.49 -1.09
C GLY B 501 39.00 60.44 -0.08
N HIS B 502 39.37 61.57 0.50
CA HIS B 502 40.32 61.58 1.61
C HIS B 502 39.67 61.94 2.94
N GLN B 503 38.38 62.24 2.94
CA GLN B 503 37.65 62.55 4.15
C GLN B 503 37.37 61.27 4.94
N PRO B 504 37.07 61.39 6.23
CA PRO B 504 36.78 60.20 7.04
C PRO B 504 35.37 59.67 6.81
N TYR B 505 35.26 58.35 6.84
CA TYR B 505 33.98 57.66 6.79
C TYR B 505 33.93 56.66 7.93
N ARG B 506 32.82 56.65 8.65
CA ARG B 506 32.58 55.64 9.66
C ARG B 506 31.90 54.45 9.00
N VAL B 507 32.32 53.25 9.37
CA VAL B 507 31.88 52.02 8.74
C VAL B 507 31.38 51.09 9.84
N VAL B 508 30.22 50.50 9.62
CA VAL B 508 29.64 49.52 10.54
C VAL B 508 29.40 48.24 9.76
N VAL B 509 29.98 47.14 10.23
CA VAL B 509 29.95 45.88 9.50
C VAL B 509 29.15 44.88 10.31
N LEU B 510 28.02 44.44 9.74
CA LEU B 510 27.11 43.50 10.40
C LEU B 510 27.37 42.10 9.86
N SER B 511 27.73 41.18 10.76
CA SER B 511 27.80 39.76 10.43
C SER B 511 26.67 39.03 11.14
N PHE B 512 26.05 38.07 10.45
CA PHE B 512 25.00 37.24 11.03
C PHE B 512 25.41 35.78 10.96
N GLU B 513 25.34 35.08 12.09
CA GLU B 513 25.75 33.69 12.13
C GLU B 513 24.58 32.78 12.54
N LEU B 514 24.66 31.51 12.15
CA LEU B 514 23.62 30.55 12.48
C LEU B 514 24.22 29.24 12.99
N LEU B 515 24.06 28.99 14.27
CA LEU B 515 24.59 27.77 14.88
C LEU B 515 23.46 26.87 15.38
N HIS B 516 23.83 25.87 16.17
CA HIS B 516 22.84 24.93 16.72
C HIS B 516 22.13 25.53 17.93
N ALA B 517 21.50 26.68 17.73
CA ALA B 517 20.78 27.36 18.81
C ALA B 517 19.78 28.36 18.25
N PRO B 518 18.59 28.49 18.97
CA PRO B 518 17.65 29.47 18.40
C PRO B 518 18.29 30.83 18.20
N ALA B 519 17.72 31.64 17.31
CA ALA B 519 18.25 32.97 17.03
C ALA B 519 17.79 33.98 18.07
N THR B 520 18.69 34.32 18.99
CA THR B 520 18.38 35.29 20.05
C THR B 520 18.26 36.70 19.49
N VAL B 521 18.19 36.80 18.17
CA VAL B 521 18.07 38.10 17.51
C VAL B 521 17.02 38.07 16.40
N CYS B 522 15.98 38.88 16.55
CA CYS B 522 14.91 38.93 15.56
C CYS B 522 13.71 39.71 16.10
N GLY B 523 12.68 39.84 15.28
CA GLY B 523 11.46 40.50 15.69
C GLY B 523 10.57 40.84 14.51
N PRO B 524 9.93 39.83 13.91
CA PRO B 524 9.07 40.16 12.77
C PRO B 524 7.61 40.31 13.19
N LYS B 525 6.75 40.65 12.24
CA LYS B 525 5.32 40.81 12.52
C LYS B 525 4.49 40.66 11.24
N LYS B 526 4.19 41.78 10.61
CA LYS B 526 3.40 41.78 9.38
C LYS B 526 1.96 41.37 9.66
N SER B 527 1.04 42.30 9.44
CA SER B 527 -0.38 42.04 9.67
C SER B 527 -1.22 43.28 9.38
N THR B 528 -2.44 43.29 9.89
CA THR B 528 -3.38 44.38 9.63
C THR B 528 -4.17 44.74 10.89
N ASN B 529 -5.26 44.03 11.12
CA ASN B 529 -6.06 44.22 12.33
C ASN B 529 -6.68 42.91 12.82
N LEU B 530 -7.38 42.98 13.94
CA LEU B 530 -8.02 41.80 14.52
C LEU B 530 -9.53 41.98 14.62
N VAL B 531 -10.28 41.10 13.95
CA VAL B 531 -11.72 41.17 13.94
C VAL B 531 -12.26 40.06 14.82
N LYS B 532 -13.53 40.14 15.20
CA LYS B 532 -14.13 39.11 16.03
C LYS B 532 -15.51 38.78 15.51
N ASN B 533 -15.99 37.59 15.87
CA ASN B 533 -17.29 37.07 15.49
C ASN B 533 -17.43 36.89 13.99
N LYS B 534 -16.35 36.57 13.29
CA LYS B 534 -16.37 36.34 11.86
C LYS B 534 -15.52 35.13 11.54
N CYS B 535 -15.98 34.32 10.58
CA CYS B 535 -15.14 33.21 10.13
C CYS B 535 -13.99 33.79 9.32
N VAL B 536 -12.77 33.59 9.81
CA VAL B 536 -11.58 34.18 9.24
C VAL B 536 -10.50 33.11 9.15
N ASN B 537 -9.45 33.42 8.43
CA ASN B 537 -8.25 32.61 8.37
C ASN B 537 -7.26 33.24 9.33
N PHE B 538 -6.85 32.49 10.36
CA PHE B 538 -6.04 33.06 11.42
C PHE B 538 -4.70 32.35 11.55
N ASN B 539 -3.75 33.09 12.12
CA ASN B 539 -2.44 32.56 12.51
C ASN B 539 -2.05 33.25 13.82
N PHE B 540 -1.89 32.45 14.88
CA PHE B 540 -1.49 32.93 16.20
C PHE B 540 -0.10 32.39 16.50
N ASN B 541 0.92 33.20 16.20
CA ASN B 541 2.33 32.91 16.41
C ASN B 541 2.72 31.50 15.99
N GLY B 542 2.30 31.08 14.81
CA GLY B 542 2.67 29.78 14.30
C GLY B 542 1.49 28.87 14.09
N LEU B 543 0.46 29.01 14.91
CA LEU B 543 -0.73 28.17 14.82
C LEU B 543 -1.55 28.60 13.63
N LYS B 544 -1.63 27.76 12.60
CA LYS B 544 -2.37 28.08 11.39
C LYS B 544 -3.71 27.37 11.42
N GLY B 545 -4.79 28.12 11.21
CA GLY B 545 -6.10 27.49 11.19
C GLY B 545 -7.23 28.35 10.67
N THR B 546 -8.45 27.83 10.77
CA THR B 546 -9.64 28.52 10.30
C THR B 546 -10.71 28.44 11.38
N GLY B 547 -11.50 29.49 11.51
CA GLY B 547 -12.59 29.44 12.47
C GLY B 547 -13.00 30.83 12.90
N VAL B 548 -14.01 30.84 13.75
CA VAL B 548 -14.60 32.04 14.32
C VAL B 548 -13.95 32.31 15.67
N LEU B 549 -13.57 33.55 15.90
CA LEU B 549 -12.91 33.99 17.12
C LEU B 549 -13.96 34.61 18.04
N THR B 550 -13.99 34.18 19.29
CA THR B 550 -14.94 34.74 20.24
C THR B 550 -14.29 34.92 21.61
N GLU B 551 -14.85 35.84 22.40
CA GLU B 551 -14.38 36.02 23.77
C GLU B 551 -14.52 34.74 24.56
N SER B 552 -13.46 34.38 25.28
CA SER B 552 -13.46 33.14 26.04
C SER B 552 -13.74 33.39 27.51
N ASN B 553 -13.83 32.30 28.26
CA ASN B 553 -13.90 32.37 29.71
C ASN B 553 -12.92 31.39 30.36
N LYS B 554 -11.90 30.95 29.62
CA LYS B 554 -10.86 30.09 30.14
C LYS B 554 -9.74 30.92 30.74
N LYS B 555 -8.93 30.28 31.58
CA LYS B 555 -7.82 30.95 32.25
C LYS B 555 -6.56 30.12 32.06
N PHE B 556 -5.65 30.60 31.21
CA PHE B 556 -4.41 29.89 30.95
C PHE B 556 -3.46 30.00 32.13
N LEU B 557 -2.44 29.18 32.17
CA LEU B 557 -1.43 29.38 33.19
C LEU B 557 -0.43 30.41 32.72
N PRO B 558 0.28 31.09 33.60
CA PRO B 558 1.09 32.22 33.16
C PRO B 558 2.34 31.82 32.42
N PHE B 559 2.24 30.80 31.59
CA PHE B 559 3.29 30.47 30.64
C PHE B 559 2.73 29.87 29.37
N GLN B 560 1.42 29.67 29.28
CA GLN B 560 0.80 28.91 28.21
C GLN B 560 0.20 29.86 27.20
N GLN B 561 0.43 29.58 25.91
CA GLN B 561 -0.07 30.40 24.83
C GLN B 561 -1.43 29.95 24.32
N PHE B 562 -1.63 28.65 24.13
CA PHE B 562 -2.87 28.15 23.60
C PHE B 562 -3.27 26.88 24.34
N GLY B 563 -4.56 26.52 24.20
CA GLY B 563 -5.10 25.33 24.80
C GLY B 563 -5.64 24.38 23.75
N ARG B 564 -5.73 23.12 24.14
CA ARG B 564 -6.37 22.11 23.32
C ARG B 564 -7.44 21.41 24.12
N ASP B 565 -8.43 20.86 23.42
CA ASP B 565 -9.53 20.15 24.02
C ASP B 565 -9.24 18.66 24.06
N ILE B 566 -10.19 17.90 24.58
CA ILE B 566 -10.12 16.45 24.55
C ILE B 566 -10.18 16.07 23.08
N ALA B 567 -9.40 15.05 22.71
CA ALA B 567 -9.18 14.63 21.33
C ALA B 567 -8.07 15.45 20.68
N ASP B 568 -7.37 16.24 21.48
CA ASP B 568 -6.14 16.91 21.07
C ASP B 568 -6.28 17.86 19.89
N THR B 569 -7.23 18.78 19.95
CA THR B 569 -7.37 19.81 18.92
C THR B 569 -7.39 21.17 19.59
N THR B 570 -6.72 22.14 18.97
CA THR B 570 -6.65 23.49 19.52
C THR B 570 -8.05 24.07 19.64
N ASP B 571 -8.39 24.59 20.82
CA ASP B 571 -9.70 25.20 20.99
C ASP B 571 -9.66 26.59 21.58
N ALA B 572 -8.50 27.08 22.01
CA ALA B 572 -8.37 28.44 22.49
C ALA B 572 -6.94 28.90 22.25
N VAL B 573 -6.77 30.20 22.01
CA VAL B 573 -5.45 30.79 21.83
C VAL B 573 -5.39 32.06 22.64
N ARG B 574 -4.18 32.58 22.79
CA ARG B 574 -3.94 33.88 23.38
C ARG B 574 -3.34 34.77 22.30
N ASP B 575 -3.90 35.96 22.15
CA ASP B 575 -3.41 36.85 21.12
C ASP B 575 -2.03 37.36 21.50
N PRO B 576 -1.01 37.13 20.69
CA PRO B 576 0.34 37.56 21.07
C PRO B 576 0.44 39.05 21.39
N GLN B 577 -0.30 39.88 20.67
CA GLN B 577 -0.16 41.33 20.85
C GLN B 577 -0.98 41.83 22.04
N THR B 578 -2.24 41.45 22.13
CA THR B 578 -3.10 42.01 23.17
C THR B 578 -3.19 41.12 24.41
N LEU B 579 -2.72 39.88 24.34
CA LEU B 579 -2.71 38.93 25.48
C LEU B 579 -4.12 38.66 26.02
N GLU B 580 -5.03 38.34 25.11
CA GLU B 580 -6.39 37.97 25.49
C GLU B 580 -6.70 36.57 24.97
N ILE B 581 -7.49 35.84 25.76
CA ILE B 581 -7.82 34.47 25.45
C ILE B 581 -9.10 34.45 24.64
N LEU B 582 -9.06 33.76 23.51
CA LEU B 582 -10.17 33.71 22.56
C LEU B 582 -10.47 32.26 22.23
N ASP B 583 -11.75 31.90 22.24
CA ASP B 583 -12.15 30.57 21.77
C ASP B 583 -12.29 30.54 20.27
N ILE B 584 -12.09 29.34 19.73
CA ILE B 584 -12.17 29.08 18.30
C ILE B 584 -13.29 28.09 18.09
N THR B 585 -14.37 28.53 17.49
CA THR B 585 -15.42 27.59 17.21
C THR B 585 -15.44 27.25 15.73
N PRO B 586 -15.93 26.07 15.34
CA PRO B 586 -15.93 25.74 13.91
C PRO B 586 -16.91 26.62 13.16
N CYS B 587 -16.62 26.83 11.88
CA CYS B 587 -17.47 27.64 11.01
C CYS B 587 -18.65 26.81 10.51
N SER B 588 -19.76 26.85 11.26
CA SER B 588 -20.98 26.08 10.99
C SER B 588 -21.05 25.29 9.67
N PHE B 589 -21.19 23.97 9.78
CA PHE B 589 -21.25 23.12 8.60
C PHE B 589 -22.32 22.08 8.85
N GLY B 590 -22.79 21.45 7.78
CA GLY B 590 -23.73 20.37 7.91
C GLY B 590 -24.23 19.86 6.60
N GLY B 591 -24.88 18.70 6.59
CA GLY B 591 -25.36 18.13 5.34
C GLY B 591 -26.52 18.90 4.75
N VAL B 592 -26.71 18.72 3.46
CA VAL B 592 -27.84 19.31 2.75
C VAL B 592 -28.62 18.19 2.10
N SER B 593 -29.90 18.11 2.41
CA SER B 593 -30.77 17.09 1.83
C SER B 593 -31.91 17.75 1.10
N VAL B 594 -32.41 17.07 0.08
CA VAL B 594 -33.50 17.58 -0.76
C VAL B 594 -34.73 16.70 -0.56
N ILE B 595 -35.85 17.33 -0.30
CA ILE B 595 -37.14 16.68 -0.07
C ILE B 595 -37.95 16.82 -1.34
N THR B 596 -38.28 15.69 -1.94
CA THR B 596 -38.99 15.67 -3.22
C THR B 596 -40.15 14.68 -3.18
N PRO B 597 -41.33 15.09 -3.66
CA PRO B 597 -42.45 14.13 -3.76
C PRO B 597 -42.32 13.13 -4.88
N GLY B 598 -41.34 13.25 -5.75
CA GLY B 598 -41.21 12.41 -6.93
C GLY B 598 -41.61 13.19 -8.16
N THR B 599 -40.84 13.04 -9.24
CA THR B 599 -41.06 13.84 -10.43
C THR B 599 -42.36 13.53 -11.13
N ASN B 600 -43.02 12.44 -10.73
CA ASN B 600 -44.31 12.01 -11.24
C ASN B 600 -45.44 12.59 -10.41
N THR B 601 -45.11 13.45 -9.45
CA THR B 601 -46.11 14.13 -8.65
C THR B 601 -45.92 15.64 -8.78
N SER B 602 -44.68 16.07 -8.70
CA SER B 602 -44.34 17.49 -8.74
C SER B 602 -42.83 17.60 -8.86
N ASN B 603 -42.38 18.80 -9.18
CA ASN B 603 -40.95 19.10 -9.20
C ASN B 603 -40.58 20.11 -8.13
N GLN B 604 -41.49 20.41 -7.21
CA GLN B 604 -41.17 21.29 -6.10
C GLN B 604 -40.37 20.54 -5.04
N VAL B 605 -39.52 21.28 -4.36
CA VAL B 605 -38.65 20.69 -3.35
C VAL B 605 -38.45 21.71 -2.24
N ALA B 606 -38.23 21.23 -1.02
CA ALA B 606 -37.83 22.06 0.10
C ALA B 606 -36.51 21.53 0.65
N VAL B 607 -35.74 22.40 1.29
CA VAL B 607 -34.41 22.03 1.77
C VAL B 607 -34.29 22.36 3.25
N LEU B 608 -33.83 21.40 4.03
CA LEU B 608 -33.53 21.59 5.45
C LEU B 608 -32.03 21.60 5.64
N TYR B 609 -31.53 22.67 6.23
CA TYR B 609 -30.12 22.80 6.60
C TYR B 609 -30.01 22.45 8.06
N GLN B 610 -29.42 21.31 8.38
CA GLN B 610 -29.52 20.78 9.71
C GLN B 610 -28.67 21.61 10.68
N GLY B 611 -29.31 22.05 11.74
CA GLY B 611 -28.79 22.96 12.78
C GLY B 611 -28.02 24.13 12.20
N VAL B 612 -28.58 24.70 11.14
CA VAL B 612 -28.08 25.92 10.56
C VAL B 612 -29.12 27.01 10.78
N ASN B 613 -28.66 28.15 11.26
CA ASN B 613 -29.58 29.26 11.46
C ASN B 613 -29.94 29.86 10.12
N CYS B 614 -31.17 30.34 10.01
CA CYS B 614 -31.66 30.85 8.75
C CYS B 614 -31.03 32.19 8.36
N THR B 615 -30.09 32.68 9.17
CA THR B 615 -29.40 33.94 8.88
C THR B 615 -27.99 33.67 8.33
N GLU B 616 -27.59 32.40 8.37
CA GLU B 616 -26.24 32.05 7.95
C GLU B 616 -26.27 30.99 6.86
N VAL B 617 -27.36 30.95 6.10
CA VAL B 617 -27.51 29.97 5.04
C VAL B 617 -26.77 30.42 3.77
N PRO B 618 -26.93 31.67 3.30
CA PRO B 618 -26.27 31.95 2.03
C PRO B 618 -24.82 32.36 2.21
N SER B 637 -40.81 34.46 0.49
CA SER B 637 -40.85 32.99 0.53
C SER B 637 -41.18 32.49 1.93
N ASN B 638 -41.01 31.19 2.13
CA ASN B 638 -41.42 30.51 3.36
C ASN B 638 -40.19 30.04 4.10
N VAL B 639 -39.80 30.78 5.13
CA VAL B 639 -38.66 30.41 5.95
C VAL B 639 -39.16 30.20 7.37
N PHE B 640 -38.83 29.05 7.93
CA PHE B 640 -39.30 28.65 9.25
C PHE B 640 -38.10 28.14 10.00
N GLN B 641 -37.90 28.64 11.21
CA GLN B 641 -36.82 28.17 12.07
C GLN B 641 -37.36 27.16 13.06
N THR B 642 -36.71 26.00 13.09
CA THR B 642 -37.05 24.93 14.01
C THR B 642 -35.77 24.55 14.75
N ARG B 643 -35.95 23.87 15.87
CA ARG B 643 -34.82 23.43 16.67
C ARG B 643 -33.97 22.39 15.93
N ALA B 644 -34.44 21.86 14.81
CA ALA B 644 -33.72 20.87 14.03
C ALA B 644 -32.93 21.48 12.88
N GLY B 645 -32.98 22.80 12.71
CA GLY B 645 -32.31 23.45 11.60
C GLY B 645 -33.21 24.47 10.91
N CYS B 646 -32.76 24.89 9.74
CA CYS B 646 -33.51 25.88 8.96
C CYS B 646 -34.26 25.22 7.82
N LEU B 647 -35.58 25.41 7.83
CA LEU B 647 -36.48 24.83 6.84
C LEU B 647 -36.89 25.90 5.84
N ILE B 648 -36.63 25.67 4.56
CA ILE B 648 -36.90 26.65 3.51
C ILE B 648 -37.79 26.00 2.46
N GLY B 649 -38.85 26.69 2.07
CA GLY B 649 -39.70 26.22 1.00
C GLY B 649 -40.99 25.56 1.43
N ALA B 650 -41.27 25.54 2.73
CA ALA B 650 -42.52 25.00 3.26
C ALA B 650 -43.02 25.98 4.31
N GLU B 651 -44.33 26.14 4.38
CA GLU B 651 -44.93 26.97 5.41
C GLU B 651 -45.33 26.14 6.62
N TYR B 652 -45.03 26.65 7.80
CA TYR B 652 -45.33 25.94 9.03
C TYR B 652 -46.70 26.34 9.57
N VAL B 653 -47.54 25.34 9.78
CA VAL B 653 -48.89 25.52 10.27
C VAL B 653 -49.00 24.95 11.67
N ASN B 654 -50.10 25.29 12.36
CA ASN B 654 -50.33 24.84 13.73
C ASN B 654 -51.25 23.65 13.82
N ASN B 655 -51.83 23.22 12.70
CA ASN B 655 -52.67 22.03 12.64
C ASN B 655 -51.81 20.78 12.76
N SER B 656 -52.43 19.61 12.77
CA SER B 656 -51.70 18.35 12.79
C SER B 656 -52.43 17.33 11.96
N TYR B 657 -51.76 16.77 10.98
CA TYR B 657 -52.34 15.85 10.03
C TYR B 657 -51.64 14.51 10.14
N GLU B 658 -52.14 13.53 9.40
CA GLU B 658 -51.42 12.29 9.20
C GLU B 658 -50.22 12.53 8.32
N CYS B 659 -49.13 11.84 8.62
CA CYS B 659 -47.88 12.11 7.92
C CYS B 659 -48.01 11.72 6.45
N ASP B 660 -47.53 12.61 5.58
CA ASP B 660 -47.58 12.38 4.15
C ASP B 660 -46.17 12.26 3.56
N ILE B 661 -45.40 13.33 3.68
CA ILE B 661 -44.00 13.36 3.32
C ILE B 661 -43.24 13.58 4.62
N PRO B 662 -42.49 12.61 5.10
CA PRO B 662 -41.83 12.77 6.39
C PRO B 662 -40.58 13.60 6.31
N ILE B 663 -40.50 14.65 7.12
CA ILE B 663 -39.31 15.48 7.19
C ILE B 663 -38.41 15.02 8.31
N GLY B 664 -38.94 14.91 9.52
CA GLY B 664 -38.16 14.46 10.64
C GLY B 664 -38.54 15.19 11.92
N ALA B 665 -38.19 14.57 13.04
CA ALA B 665 -38.45 15.13 14.37
C ALA B 665 -39.94 15.44 14.57
N GLY B 666 -40.80 14.58 14.07
CA GLY B 666 -42.22 14.74 14.22
C GLY B 666 -42.90 15.62 13.21
N ILE B 667 -42.18 16.23 12.27
CA ILE B 667 -42.72 17.14 11.29
C ILE B 667 -42.80 16.44 9.95
N CYS B 668 -43.95 16.58 9.28
CA CYS B 668 -44.11 16.13 7.90
C CYS B 668 -44.61 17.24 6.99
N ALA B 669 -44.59 16.98 5.69
CA ALA B 669 -45.10 17.92 4.69
C ALA B 669 -46.10 17.19 3.81
N SER B 670 -47.00 17.95 3.22
CA SER B 670 -48.00 17.37 2.32
C SER B 670 -48.42 18.42 1.30
N TYR B 671 -49.00 17.93 0.21
CA TYR B 671 -49.58 18.81 -0.81
C TYR B 671 -51.09 18.79 -0.67
N GLN B 672 -51.62 19.60 0.23
CA GLN B 672 -53.04 19.46 0.49
C GLN B 672 -53.84 20.75 0.40
N THR B 673 -53.37 21.77 1.10
CA THR B 673 -54.16 22.96 1.34
C THR B 673 -53.45 24.22 0.84
N GLN B 687 -52.09 24.60 -4.38
CA GLN B 687 -51.24 23.69 -3.62
C GLN B 687 -49.80 24.13 -3.69
N SER B 688 -49.11 24.24 -2.55
CA SER B 688 -47.68 24.40 -2.69
C SER B 688 -46.85 23.28 -2.07
N ILE B 689 -46.58 23.34 -0.77
CA ILE B 689 -46.01 22.29 0.08
C ILE B 689 -46.02 22.91 1.46
N ILE B 690 -46.39 22.15 2.48
CA ILE B 690 -46.54 22.70 3.82
C ILE B 690 -45.73 21.86 4.80
N ALA B 691 -45.39 22.49 5.92
CA ALA B 691 -44.75 21.82 7.03
C ALA B 691 -45.68 21.89 8.24
N TYR B 692 -45.93 20.74 8.87
CA TYR B 692 -46.91 20.65 9.93
C TYR B 692 -46.53 19.57 10.92
N THR B 693 -47.11 19.64 12.11
CA THR B 693 -46.87 18.65 13.15
C THR B 693 -47.77 17.43 12.94
N MET B 694 -47.19 16.25 12.93
CA MET B 694 -47.96 15.05 12.61
C MET B 694 -48.95 14.68 13.71
N SER B 695 -50.05 14.09 13.30
CA SER B 695 -50.98 13.47 14.21
C SER B 695 -50.56 12.05 14.52
N LEU B 696 -50.85 11.61 15.73
CA LEU B 696 -50.40 10.30 16.15
C LEU B 696 -51.42 9.20 15.88
N GLY B 697 -52.68 9.56 15.79
CA GLY B 697 -53.73 8.60 15.56
C GLY B 697 -55.03 9.11 16.15
N ALA B 698 -56.09 8.35 15.90
CA ALA B 698 -57.38 8.69 16.46
C ALA B 698 -57.37 8.44 17.96
N GLU B 699 -58.26 9.13 18.64
CA GLU B 699 -58.38 9.01 20.07
C GLU B 699 -59.66 8.24 20.40
N ASN B 700 -59.61 7.42 21.44
CA ASN B 700 -60.85 6.73 21.80
C ASN B 700 -60.83 6.32 23.25
N SER B 701 -61.90 6.66 23.93
CA SER B 701 -62.17 6.24 25.30
C SER B 701 -62.97 4.95 25.30
N VAL B 702 -62.53 4.02 26.12
CA VAL B 702 -63.26 2.79 26.36
C VAL B 702 -64.30 3.09 27.43
N ALA B 703 -65.51 2.59 27.21
CA ALA B 703 -66.62 2.86 28.12
C ALA B 703 -66.59 1.93 29.32
N TYR B 704 -65.53 2.03 30.11
CA TYR B 704 -65.35 1.15 31.25
C TYR B 704 -66.32 1.51 32.37
N SER B 705 -66.87 0.49 33.03
CA SER B 705 -67.54 0.66 34.31
C SER B 705 -67.30 -0.58 35.17
N ASN B 706 -67.79 -0.58 36.40
CA ASN B 706 -67.51 -1.72 37.26
C ASN B 706 -68.50 -2.86 37.11
N ASN B 707 -69.50 -2.74 36.24
CA ASN B 707 -70.41 -3.85 36.03
C ASN B 707 -70.92 -3.94 34.60
N SER B 708 -70.12 -3.49 33.63
CA SER B 708 -70.51 -3.46 32.23
C SER B 708 -69.57 -4.35 31.43
N ILE B 709 -70.13 -5.01 30.41
CA ILE B 709 -69.33 -5.84 29.50
C ILE B 709 -69.82 -5.60 28.08
N ALA B 710 -68.92 -5.81 27.12
CA ALA B 710 -69.23 -5.74 25.70
C ALA B 710 -68.89 -7.06 25.03
N ILE B 711 -69.86 -7.66 24.35
CA ILE B 711 -69.71 -8.97 23.71
C ILE B 711 -70.11 -8.81 22.25
N PRO B 712 -69.33 -9.35 21.31
CA PRO B 712 -69.72 -9.30 19.90
C PRO B 712 -70.91 -10.18 19.57
N THR B 713 -71.74 -9.72 18.63
CA THR B 713 -72.85 -10.52 18.14
C THR B 713 -72.67 -10.99 16.69
N ASN B 714 -71.59 -10.57 16.04
CA ASN B 714 -71.31 -10.98 14.68
C ASN B 714 -69.80 -10.95 14.49
N PHE B 715 -69.36 -11.34 13.31
CA PHE B 715 -67.93 -11.44 13.03
C PHE B 715 -67.70 -11.34 11.54
N THR B 716 -66.45 -11.11 11.16
CA THR B 716 -65.99 -11.23 9.78
C THR B 716 -64.75 -12.08 9.72
N ILE B 717 -64.50 -12.64 8.53
CA ILE B 717 -63.27 -13.36 8.22
C ILE B 717 -62.37 -12.44 7.40
N SER B 718 -61.17 -12.19 7.88
CA SER B 718 -60.23 -11.30 7.21
C SER B 718 -59.10 -12.10 6.59
N VAL B 719 -58.50 -11.55 5.54
CA VAL B 719 -57.30 -12.11 4.93
C VAL B 719 -56.24 -11.02 4.83
N THR B 720 -55.03 -11.34 5.26
CA THR B 720 -53.92 -10.39 5.19
C THR B 720 -52.67 -11.07 4.65
N THR B 721 -51.82 -10.29 4.02
CA THR B 721 -50.57 -10.79 3.46
C THR B 721 -49.39 -10.50 4.39
N GLU B 722 -48.41 -11.38 4.32
CA GLU B 722 -47.09 -11.16 4.90
C GLU B 722 -46.06 -11.69 3.92
N ILE B 723 -44.98 -10.95 3.73
CA ILE B 723 -43.98 -11.28 2.71
C ILE B 723 -42.63 -11.44 3.39
N LEU B 724 -41.92 -12.51 3.06
CA LEU B 724 -40.60 -12.73 3.62
C LEU B 724 -39.61 -13.15 2.55
N PRO B 725 -38.44 -12.53 2.51
CA PRO B 725 -37.37 -12.99 1.61
C PRO B 725 -36.75 -14.29 2.10
N VAL B 726 -36.31 -15.12 1.17
CA VAL B 726 -35.65 -16.36 1.55
C VAL B 726 -34.27 -16.54 0.94
N SER B 727 -33.91 -15.89 -0.17
CA SER B 727 -32.60 -16.14 -0.77
C SER B 727 -32.13 -14.96 -1.61
N MET B 728 -30.82 -14.94 -1.86
CA MET B 728 -30.15 -14.02 -2.77
C MET B 728 -29.58 -14.78 -3.96
N THR B 729 -29.12 -14.02 -4.95
CA THR B 729 -28.34 -14.58 -6.04
C THR B 729 -26.95 -14.98 -5.58
N LYS B 730 -26.49 -16.12 -6.07
CA LYS B 730 -25.18 -16.66 -5.76
C LYS B 730 -24.17 -16.07 -6.73
N THR B 731 -23.15 -15.44 -6.19
CA THR B 731 -22.15 -14.78 -7.01
C THR B 731 -20.81 -15.45 -6.76
N SER B 732 -19.94 -15.36 -7.77
CA SER B 732 -18.57 -15.83 -7.67
C SER B 732 -17.64 -14.90 -8.46
N VAL B 733 -16.50 -14.56 -7.87
CA VAL B 733 -15.55 -13.63 -8.48
C VAL B 733 -14.28 -14.41 -8.75
N ASP B 734 -13.75 -14.27 -9.96
CA ASP B 734 -12.44 -14.79 -10.30
C ASP B 734 -11.40 -13.78 -9.83
N CYS B 735 -10.71 -14.09 -8.73
CA CYS B 735 -9.78 -13.16 -8.11
C CYS B 735 -8.69 -12.71 -9.09
N THR B 736 -8.11 -13.67 -9.81
CA THR B 736 -7.03 -13.33 -10.73
C THR B 736 -7.52 -12.50 -11.90
N MET B 737 -8.71 -12.78 -12.42
CA MET B 737 -9.21 -12.01 -13.55
C MET B 737 -9.76 -10.66 -13.13
N TYR B 738 -10.22 -10.52 -11.90
CA TYR B 738 -10.65 -9.21 -11.43
C TYR B 738 -9.46 -8.30 -11.22
N ILE B 739 -8.45 -8.77 -10.51
CA ILE B 739 -7.33 -7.91 -10.19
C ILE B 739 -6.47 -7.71 -11.43
N CYS B 740 -5.67 -8.72 -11.76
CA CYS B 740 -4.76 -8.62 -12.89
C CYS B 740 -5.55 -8.31 -14.15
N GLY B 741 -6.28 -9.31 -14.65
CA GLY B 741 -7.04 -9.17 -15.88
C GLY B 741 -6.22 -9.49 -17.11
N ASP B 742 -6.25 -10.76 -17.52
CA ASP B 742 -5.60 -11.22 -18.74
C ASP B 742 -4.08 -11.28 -18.64
N SER B 743 -3.46 -10.17 -18.27
CA SER B 743 -2.00 -10.10 -18.15
C SER B 743 -1.43 -11.30 -17.41
N THR B 744 -0.22 -11.71 -17.79
CA THR B 744 0.42 -12.88 -17.20
C THR B 744 1.65 -12.52 -16.37
N GLU B 745 2.17 -11.32 -16.57
CA GLU B 745 3.30 -10.85 -15.79
C GLU B 745 2.79 -10.54 -14.39
N CYS B 746 1.51 -10.21 -14.32
CA CYS B 746 0.83 -9.93 -13.07
C CYS B 746 0.66 -11.17 -12.20
N SER B 747 0.42 -12.33 -12.81
CA SER B 747 0.13 -13.52 -12.02
C SER B 747 1.26 -13.86 -11.07
N ASN B 748 2.52 -13.70 -11.51
CA ASN B 748 3.63 -13.97 -10.61
C ASN B 748 3.71 -12.97 -9.48
N LEU B 749 3.26 -11.73 -9.72
CA LEU B 749 3.25 -10.74 -8.65
C LEU B 749 2.14 -11.00 -7.66
N LEU B 750 0.97 -11.46 -8.14
CA LEU B 750 -0.16 -11.71 -7.26
C LEU B 750 0.09 -12.87 -6.32
N LEU B 751 0.88 -13.86 -6.75
CA LEU B 751 1.25 -14.97 -5.89
C LEU B 751 2.06 -14.54 -4.67
N GLN B 752 2.63 -13.32 -4.69
CA GLN B 752 3.48 -12.83 -3.63
C GLN B 752 2.70 -12.29 -2.45
N TYR B 753 1.38 -12.24 -2.52
CA TYR B 753 0.56 -11.75 -1.43
C TYR B 753 -0.05 -12.87 -0.60
N GLY B 754 0.27 -14.11 -0.89
CA GLY B 754 -0.20 -15.19 -0.04
C GLY B 754 -1.53 -15.71 -0.49
N SER B 755 -2.36 -16.10 0.46
CA SER B 755 -3.57 -16.87 0.17
C SER B 755 -4.82 -16.02 0.21
N PHE B 756 -4.74 -14.73 -0.15
CA PHE B 756 -5.93 -13.89 -0.14
C PHE B 756 -6.98 -14.38 -1.11
N CYS B 757 -6.59 -14.88 -2.28
CA CYS B 757 -7.53 -15.39 -3.26
C CYS B 757 -8.17 -16.70 -2.85
N THR B 758 -7.50 -17.51 -2.04
CA THR B 758 -8.10 -18.72 -1.48
C THR B 758 -9.17 -18.36 -0.45
N GLN B 759 -8.89 -17.36 0.39
CA GLN B 759 -9.86 -16.91 1.38
C GLN B 759 -11.14 -16.41 0.72
N LEU B 760 -11.03 -15.69 -0.39
CA LEU B 760 -12.22 -15.20 -1.05
C LEU B 760 -13.08 -16.32 -1.59
N LYS B 761 -12.47 -17.34 -2.18
CA LYS B 761 -13.23 -18.47 -2.69
C LYS B 761 -13.86 -19.28 -1.58
N ARG B 762 -13.16 -19.48 -0.47
CA ARG B 762 -13.77 -20.22 0.63
C ARG B 762 -14.94 -19.47 1.23
N ALA B 763 -14.78 -18.16 1.42
CA ALA B 763 -15.84 -17.35 2.01
C ALA B 763 -17.08 -17.34 1.14
N LEU B 764 -16.91 -17.14 -0.16
CA LEU B 764 -18.07 -17.10 -1.05
C LEU B 764 -18.73 -18.46 -1.22
N THR B 765 -17.98 -19.56 -1.17
CA THR B 765 -18.59 -20.87 -1.23
C THR B 765 -19.48 -21.14 -0.03
N GLY B 766 -19.08 -20.69 1.16
CA GLY B 766 -19.94 -20.83 2.32
C GLY B 766 -21.31 -20.21 2.13
N ILE B 767 -21.35 -19.00 1.58
CA ILE B 767 -22.60 -18.33 1.22
C ILE B 767 -23.38 -19.12 0.19
N ALA B 768 -22.73 -19.58 -0.88
CA ALA B 768 -23.40 -20.30 -1.94
C ALA B 768 -24.06 -21.58 -1.48
N VAL B 769 -23.45 -22.29 -0.55
CA VAL B 769 -24.07 -23.51 -0.07
C VAL B 769 -25.25 -23.21 0.85
N GLU B 770 -25.14 -22.18 1.68
CA GLU B 770 -26.22 -21.86 2.62
C GLU B 770 -27.48 -21.38 1.91
N GLN B 771 -27.34 -20.69 0.78
CA GLN B 771 -28.50 -20.13 0.10
C GLN B 771 -29.43 -21.18 -0.47
N ASP B 772 -28.92 -22.35 -0.81
CA ASP B 772 -29.79 -23.44 -1.24
C ASP B 772 -30.42 -24.16 -0.06
N LYS B 773 -29.71 -24.26 1.04
CA LYS B 773 -30.26 -24.83 2.25
C LYS B 773 -31.35 -23.95 2.84
N ASN B 774 -31.20 -22.64 2.76
CA ASN B 774 -32.26 -21.72 3.20
C ASN B 774 -33.60 -22.05 2.55
N THR B 775 -33.58 -22.30 1.24
CA THR B 775 -34.80 -22.59 0.49
C THR B 775 -35.37 -23.95 0.83
N GLN B 776 -34.52 -24.95 1.00
CA GLN B 776 -35.01 -26.28 1.36
C GLN B 776 -35.70 -26.26 2.71
N GLU B 777 -35.14 -25.53 3.68
CA GLU B 777 -35.75 -25.48 4.99
C GLU B 777 -37.07 -24.75 5.00
N VAL B 778 -37.27 -23.75 4.15
CA VAL B 778 -38.58 -23.08 4.14
C VAL B 778 -39.61 -23.92 3.40
N PHE B 779 -39.27 -24.48 2.24
CA PHE B 779 -40.29 -25.13 1.42
C PHE B 779 -40.32 -26.64 1.51
N ALA B 780 -39.19 -27.32 1.69
CA ALA B 780 -39.15 -28.78 1.59
C ALA B 780 -39.51 -29.43 2.92
N GLN B 781 -40.72 -29.11 3.39
CA GLN B 781 -41.27 -29.62 4.64
C GLN B 781 -42.37 -30.65 4.41
N VAL B 782 -42.36 -31.32 3.27
CA VAL B 782 -43.38 -32.31 3.01
C VAL B 782 -42.74 -33.52 2.35
N LYS B 783 -43.14 -34.70 2.80
CA LYS B 783 -42.55 -35.95 2.32
C LYS B 783 -43.07 -36.29 0.93
N GLN B 784 -44.38 -36.35 0.78
CA GLN B 784 -45.03 -36.77 -0.45
C GLN B 784 -45.63 -35.57 -1.13
N ILE B 785 -45.87 -35.70 -2.42
CA ILE B 785 -46.47 -34.62 -3.20
C ILE B 785 -47.95 -34.93 -3.28
N TYR B 786 -48.75 -34.14 -2.57
CA TYR B 786 -50.19 -34.31 -2.50
C TYR B 786 -50.87 -33.64 -3.69
N LYS B 787 -52.00 -34.23 -4.11
CA LYS B 787 -52.85 -33.68 -5.14
C LYS B 787 -54.29 -33.57 -4.67
N THR B 788 -54.98 -32.56 -5.14
CA THR B 788 -56.40 -32.41 -4.85
C THR B 788 -57.23 -33.27 -5.78
N PRO B 789 -58.44 -33.63 -5.37
CA PRO B 789 -59.31 -34.41 -6.26
C PRO B 789 -59.82 -33.56 -7.39
N PRO B 790 -60.13 -34.21 -8.51
CA PRO B 790 -60.62 -33.55 -9.72
C PRO B 790 -61.76 -32.59 -9.51
N ILE B 791 -62.73 -32.96 -8.68
CA ILE B 791 -63.96 -32.18 -8.54
C ILE B 791 -63.61 -30.76 -8.11
N LYS B 792 -62.72 -30.63 -7.14
CA LYS B 792 -62.36 -29.34 -6.58
C LYS B 792 -63.54 -28.50 -6.09
N TYR B 793 -64.39 -29.08 -5.26
CA TYR B 793 -65.49 -28.33 -4.67
C TYR B 793 -65.59 -28.69 -3.20
N PHE B 794 -65.07 -27.82 -2.34
CA PHE B 794 -64.92 -28.12 -0.91
C PHE B 794 -66.02 -27.41 -0.13
N GLY B 795 -67.20 -28.01 -0.13
CA GLY B 795 -68.34 -27.47 0.60
C GLY B 795 -68.65 -26.00 0.34
N GLY B 796 -68.19 -25.49 -0.80
CA GLY B 796 -68.46 -24.12 -1.18
C GLY B 796 -67.18 -23.35 -1.33
N PHE B 797 -66.48 -23.17 -0.23
CA PHE B 797 -65.20 -22.48 -0.29
C PHE B 797 -64.56 -22.69 -1.66
N ASN B 798 -64.11 -21.62 -2.27
CA ASN B 798 -63.58 -21.62 -3.62
C ASN B 798 -62.14 -21.20 -3.57
N PHE B 799 -61.22 -22.11 -3.87
CA PHE B 799 -59.80 -21.89 -3.70
C PHE B 799 -59.09 -21.74 -5.03
N SER B 800 -59.82 -21.45 -6.09
CA SER B 800 -59.21 -21.44 -7.42
C SER B 800 -58.13 -20.40 -7.57
N GLN B 801 -58.13 -19.36 -6.75
CA GLN B 801 -57.11 -18.34 -6.88
C GLN B 801 -55.78 -18.73 -6.26
N ILE B 802 -55.73 -19.81 -5.49
CA ILE B 802 -54.48 -20.24 -4.88
C ILE B 802 -54.06 -21.63 -5.33
N LEU B 803 -54.89 -22.34 -6.02
CA LEU B 803 -54.47 -23.62 -6.57
C LEU B 803 -53.90 -23.44 -7.97
N PRO B 804 -53.08 -24.36 -8.45
CA PRO B 804 -52.51 -24.22 -9.79
C PRO B 804 -53.56 -24.16 -10.89
N ASP B 805 -53.20 -23.46 -11.95
CA ASP B 805 -54.04 -23.36 -13.15
C ASP B 805 -53.61 -24.41 -14.16
N PRO B 806 -54.42 -25.45 -14.41
CA PRO B 806 -53.99 -26.51 -15.33
C PRO B 806 -53.76 -26.03 -16.75
N SER B 807 -54.30 -24.88 -17.14
CA SER B 807 -54.14 -24.35 -18.49
C SER B 807 -52.95 -23.39 -18.58
N LYS B 808 -51.80 -23.82 -18.11
CA LYS B 808 -50.58 -23.01 -18.16
C LYS B 808 -49.37 -23.92 -18.26
N PRO B 809 -48.34 -23.51 -18.99
CA PRO B 809 -47.11 -24.32 -19.01
C PRO B 809 -46.40 -24.37 -17.67
N SER B 810 -46.55 -23.33 -16.85
CA SER B 810 -45.84 -23.23 -15.59
C SER B 810 -46.60 -23.83 -14.42
N LYS B 811 -47.92 -23.97 -14.54
CA LYS B 811 -48.77 -24.50 -13.48
C LYS B 811 -48.72 -23.63 -12.22
N ARG B 812 -48.61 -22.33 -12.39
CA ARG B 812 -48.70 -21.42 -11.25
C ARG B 812 -50.15 -21.11 -10.96
N SER B 813 -50.38 -20.57 -9.77
CA SER B 813 -51.70 -20.06 -9.46
C SER B 813 -51.85 -18.64 -9.98
N PRO B 814 -53.10 -18.21 -10.09
CA PRO B 814 -53.41 -16.85 -10.56
C PRO B 814 -52.71 -15.77 -9.74
N ILE B 815 -52.57 -16.00 -8.44
CA ILE B 815 -51.93 -15.02 -7.57
C ILE B 815 -50.42 -15.11 -7.69
N GLU B 816 -49.87 -16.31 -7.84
CA GLU B 816 -48.45 -16.46 -8.08
C GLU B 816 -48.00 -15.82 -9.38
N ASP B 817 -48.84 -15.81 -10.40
CA ASP B 817 -48.52 -15.12 -11.64
C ASP B 817 -48.35 -13.63 -11.43
N LEU B 818 -49.18 -13.02 -10.58
CA LEU B 818 -48.94 -11.62 -10.24
C LEU B 818 -47.67 -11.44 -9.45
N LEU B 819 -47.36 -12.36 -8.53
CA LEU B 819 -46.22 -12.14 -7.65
C LEU B 819 -44.89 -12.13 -8.41
N PHE B 820 -44.77 -12.90 -9.49
CA PHE B 820 -43.55 -12.86 -10.27
C PHE B 820 -43.53 -11.79 -11.33
N ASN B 821 -44.59 -10.98 -11.44
CA ASN B 821 -44.65 -9.91 -12.41
C ASN B 821 -44.36 -8.55 -11.82
N LYS B 822 -43.99 -8.50 -10.54
CA LYS B 822 -43.69 -7.25 -9.88
C LYS B 822 -42.21 -7.08 -9.57
N VAL B 823 -41.44 -8.16 -9.57
CA VAL B 823 -40.02 -8.06 -9.26
C VAL B 823 -39.18 -8.44 -10.47
N LYS B 851 -22.90 -10.67 -17.10
CA LYS B 851 -21.52 -11.12 -16.93
C LYS B 851 -20.56 -9.96 -17.05
N PHE B 852 -19.44 -10.04 -16.32
CA PHE B 852 -18.45 -8.98 -16.27
C PHE B 852 -17.04 -9.52 -16.26
N LYS B 853 -16.11 -8.69 -15.79
CA LYS B 853 -14.69 -9.00 -15.80
C LYS B 853 -14.28 -10.00 -14.74
N GLY B 854 -14.71 -11.24 -14.87
CA GLY B 854 -14.45 -12.26 -13.87
C GLY B 854 -15.60 -12.52 -12.91
N LEU B 855 -16.72 -11.84 -13.06
CA LEU B 855 -17.88 -12.03 -12.21
C LEU B 855 -18.87 -12.97 -12.89
N THR B 856 -19.42 -13.91 -12.12
CA THR B 856 -20.42 -14.80 -12.64
C THR B 856 -21.51 -15.09 -11.61
N VAL B 857 -22.70 -15.39 -12.10
CA VAL B 857 -23.87 -15.68 -11.29
C VAL B 857 -24.24 -17.15 -11.47
N LEU B 858 -24.29 -17.87 -10.39
CA LEU B 858 -24.59 -19.30 -10.45
C LEU B 858 -26.09 -19.53 -10.37
N PRO B 859 -26.61 -20.56 -11.01
CA PRO B 859 -28.05 -20.84 -10.96
C PRO B 859 -28.44 -21.51 -9.66
N PRO B 860 -29.68 -21.34 -9.21
CA PRO B 860 -30.16 -22.07 -8.04
C PRO B 860 -30.26 -23.57 -8.30
N LEU B 861 -30.17 -24.35 -7.23
CA LEU B 861 -30.33 -25.80 -7.33
C LEU B 861 -31.76 -26.17 -7.66
N LEU B 862 -32.73 -25.53 -7.01
CA LEU B 862 -34.14 -25.81 -7.25
C LEU B 862 -34.69 -24.80 -8.24
N THR B 863 -35.31 -25.30 -9.29
CA THR B 863 -35.98 -24.45 -10.25
C THR B 863 -37.26 -23.91 -9.61
N ASP B 864 -37.88 -22.93 -10.24
CA ASP B 864 -39.12 -22.43 -9.65
C ASP B 864 -40.31 -23.31 -9.94
N GLU B 865 -40.22 -24.22 -10.90
CA GLU B 865 -41.23 -25.24 -11.04
C GLU B 865 -41.25 -26.19 -9.86
N MET B 866 -40.09 -26.63 -9.40
CA MET B 866 -39.98 -27.49 -8.25
C MET B 866 -40.50 -26.86 -6.98
N ILE B 867 -40.25 -25.56 -6.79
CA ILE B 867 -40.80 -24.86 -5.65
C ILE B 867 -42.33 -24.80 -5.73
N ALA B 868 -42.85 -24.58 -6.94
CA ALA B 868 -44.30 -24.58 -7.09
C ALA B 868 -44.91 -25.92 -6.69
N GLN B 869 -44.18 -27.00 -6.93
CA GLN B 869 -44.67 -28.32 -6.55
C GLN B 869 -44.66 -28.55 -5.05
N TYR B 870 -43.71 -27.98 -4.32
CA TYR B 870 -43.78 -27.99 -2.86
C TYR B 870 -44.97 -27.19 -2.35
N THR B 871 -45.23 -26.02 -2.96
CA THR B 871 -46.37 -25.23 -2.50
C THR B 871 -47.70 -25.89 -2.79
N SER B 872 -47.87 -26.50 -3.95
CA SER B 872 -49.13 -27.18 -4.22
C SER B 872 -49.34 -28.40 -3.34
N ALA B 873 -48.27 -29.06 -2.91
CA ALA B 873 -48.39 -30.17 -1.97
C ALA B 873 -48.82 -29.71 -0.60
N LEU B 874 -48.29 -28.58 -0.12
CA LEU B 874 -48.76 -28.03 1.14
C LEU B 874 -50.21 -27.60 1.06
N LEU B 875 -50.63 -27.03 -0.05
CA LEU B 875 -52.03 -26.64 -0.21
C LEU B 875 -52.97 -27.83 -0.27
N ALA B 876 -52.63 -28.86 -1.04
CA ALA B 876 -53.44 -30.05 -1.13
C ALA B 876 -53.47 -30.85 0.17
N GLY B 877 -52.39 -30.89 0.92
CA GLY B 877 -52.43 -31.56 2.21
C GLY B 877 -53.35 -30.88 3.19
N THR B 878 -53.23 -29.56 3.31
CA THR B 878 -54.00 -28.79 4.27
C THR B 878 -55.48 -28.79 3.99
N ILE B 879 -55.88 -28.63 2.74
CA ILE B 879 -57.30 -28.48 2.43
C ILE B 879 -58.04 -29.79 2.61
N THR B 880 -57.34 -30.90 2.53
CA THR B 880 -57.97 -32.21 2.65
C THR B 880 -57.75 -32.88 4.00
N SER B 881 -56.65 -32.61 4.68
CA SER B 881 -56.40 -33.26 5.95
C SER B 881 -56.00 -32.30 7.05
N GLY B 882 -56.08 -31.01 6.84
CA GLY B 882 -55.79 -30.07 7.89
C GLY B 882 -54.35 -30.09 8.33
N TRP B 883 -54.09 -30.39 9.59
CA TRP B 883 -52.73 -30.42 10.11
C TRP B 883 -52.27 -31.82 10.47
N THR B 884 -53.01 -32.85 10.11
CA THR B 884 -52.64 -34.18 10.54
C THR B 884 -51.46 -34.74 9.77
N PHE B 885 -51.29 -34.35 8.51
CA PHE B 885 -50.23 -34.91 7.70
C PHE B 885 -48.85 -34.42 8.13
N GLY B 886 -48.76 -33.35 8.91
CA GLY B 886 -47.48 -32.90 9.41
C GLY B 886 -46.99 -33.63 10.64
N ALA B 887 -47.81 -34.49 11.22
CA ALA B 887 -47.44 -35.25 12.39
C ALA B 887 -47.44 -36.75 12.17
N GLY B 888 -47.76 -37.20 10.97
CA GLY B 888 -47.89 -38.61 10.69
C GLY B 888 -48.55 -38.83 9.36
N PRO B 889 -49.46 -39.80 9.31
CA PRO B 889 -50.24 -40.07 8.10
C PRO B 889 -51.27 -38.97 7.89
N ALA B 890 -51.61 -38.69 6.64
CA ALA B 890 -52.67 -37.75 6.33
C ALA B 890 -54.01 -38.41 6.59
N LEU B 891 -54.84 -37.76 7.39
CA LEU B 891 -56.14 -38.27 7.78
C LEU B 891 -57.20 -37.36 7.19
N GLN B 892 -58.00 -37.90 6.26
CA GLN B 892 -59.01 -37.10 5.64
C GLN B 892 -60.15 -36.78 6.62
N ILE B 893 -60.72 -35.60 6.45
CA ILE B 893 -61.89 -35.14 7.18
C ILE B 893 -62.55 -34.12 6.27
N PRO B 894 -63.88 -34.02 6.20
CA PRO B 894 -64.49 -32.98 5.37
C PRO B 894 -64.05 -31.58 5.78
N PHE B 895 -63.89 -30.69 4.79
CA PHE B 895 -63.32 -29.39 5.06
C PHE B 895 -64.19 -28.53 5.97
N PRO B 896 -65.50 -28.57 5.76
CA PRO B 896 -66.44 -27.85 6.63
C PRO B 896 -66.23 -28.23 8.10
N MET B 897 -65.90 -29.49 8.36
CA MET B 897 -65.60 -29.94 9.71
C MET B 897 -64.23 -29.49 10.16
N GLN B 898 -63.30 -29.30 9.23
CA GLN B 898 -62.00 -28.76 9.57
C GLN B 898 -62.13 -27.33 10.08
N MET B 899 -62.96 -26.53 9.41
CA MET B 899 -63.17 -25.15 9.80
C MET B 899 -63.83 -25.05 11.17
N ALA B 900 -64.75 -25.94 11.47
CA ALA B 900 -65.41 -25.96 12.76
C ALA B 900 -64.47 -26.27 13.91
N TYR B 901 -63.52 -27.19 13.72
CA TYR B 901 -62.50 -27.43 14.73
C TYR B 901 -61.63 -26.20 14.95
N ARG B 902 -61.33 -25.47 13.87
CA ARG B 902 -60.50 -24.29 13.98
C ARG B 902 -61.17 -23.17 14.75
N PHE B 903 -62.49 -23.02 14.60
CA PHE B 903 -63.19 -22.07 15.47
C PHE B 903 -63.19 -22.53 16.92
N ASN B 904 -63.31 -23.82 17.17
CA ASN B 904 -63.22 -24.34 18.51
C ASN B 904 -61.89 -24.06 19.17
N GLY B 905 -60.81 -24.08 18.40
CA GLY B 905 -59.49 -23.83 18.95
C GLY B 905 -59.33 -22.41 19.45
N ILE B 906 -60.14 -21.49 18.96
CA ILE B 906 -60.07 -20.11 19.42
C ILE B 906 -61.17 -19.77 20.41
N GLY B 907 -61.88 -20.76 20.92
CA GLY B 907 -62.88 -20.52 21.92
C GLY B 907 -64.26 -20.16 21.41
N VAL B 908 -64.59 -20.52 20.19
CA VAL B 908 -65.91 -20.30 19.66
C VAL B 908 -66.58 -21.67 19.52
N THR B 909 -67.84 -21.72 19.91
CA THR B 909 -68.56 -22.98 19.92
C THR B 909 -68.85 -23.41 18.48
N GLN B 910 -68.76 -24.71 18.23
CA GLN B 910 -68.69 -25.15 16.85
C GLN B 910 -70.01 -25.04 16.09
N ASN B 911 -71.14 -24.80 16.74
CA ASN B 911 -72.36 -24.61 15.97
C ASN B 911 -72.38 -23.30 15.21
N VAL B 912 -71.51 -22.36 15.53
CA VAL B 912 -71.49 -21.09 14.83
C VAL B 912 -71.16 -21.30 13.36
N LEU B 913 -70.31 -22.27 13.05
CA LEU B 913 -70.07 -22.58 11.65
C LEU B 913 -71.18 -23.42 11.05
N TYR B 914 -71.61 -24.47 11.73
CA TYR B 914 -72.49 -25.43 11.10
C TYR B 914 -73.83 -24.82 10.75
N GLU B 915 -74.29 -23.83 11.52
CA GLU B 915 -75.54 -23.17 11.22
C GLU B 915 -75.37 -21.99 10.27
N ASN B 916 -74.14 -21.59 9.97
CA ASN B 916 -73.86 -20.43 9.14
C ASN B 916 -72.83 -20.75 8.07
N GLN B 917 -72.70 -22.03 7.72
CA GLN B 917 -71.71 -22.48 6.74
C GLN B 917 -71.73 -21.68 5.44
N LYS B 918 -72.89 -21.41 4.88
CA LYS B 918 -72.96 -20.67 3.62
C LYS B 918 -72.47 -19.23 3.77
N LEU B 919 -72.81 -18.59 4.87
CA LEU B 919 -72.40 -17.21 5.08
C LEU B 919 -70.88 -17.10 5.17
N ILE B 920 -70.24 -18.00 5.91
CA ILE B 920 -68.81 -17.92 6.12
C ILE B 920 -68.07 -18.22 4.83
N ALA B 921 -68.53 -19.21 4.07
CA ALA B 921 -67.92 -19.55 2.80
C ALA B 921 -68.06 -18.44 1.76
N ASN B 922 -69.23 -17.82 1.65
CA ASN B 922 -69.40 -16.69 0.74
C ASN B 922 -68.61 -15.46 1.16
N GLN B 923 -68.60 -15.12 2.45
CA GLN B 923 -67.78 -14.01 2.89
C GLN B 923 -66.30 -14.27 2.72
N PHE B 924 -65.83 -15.48 2.99
CA PHE B 924 -64.44 -15.80 2.73
C PHE B 924 -64.09 -15.58 1.26
N ASN B 925 -64.93 -16.10 0.36
CA ASN B 925 -64.60 -16.06 -1.07
C ASN B 925 -64.41 -14.64 -1.58
N SER B 926 -65.23 -13.70 -1.12
CA SER B 926 -64.99 -12.30 -1.46
C SER B 926 -63.75 -11.74 -0.76
N ALA B 927 -63.52 -12.10 0.50
CA ALA B 927 -62.37 -11.55 1.20
C ALA B 927 -61.05 -11.98 0.57
N ILE B 928 -60.96 -13.20 0.09
CA ILE B 928 -59.74 -13.62 -0.61
C ILE B 928 -59.66 -12.97 -1.97
N GLY B 929 -60.80 -12.83 -2.64
CA GLY B 929 -60.83 -12.14 -3.91
C GLY B 929 -60.29 -10.73 -3.87
N LYS B 930 -60.45 -10.03 -2.76
CA LYS B 930 -59.90 -8.69 -2.68
C LYS B 930 -58.38 -8.65 -2.69
N ILE B 931 -57.70 -9.77 -2.45
CA ILE B 931 -56.24 -9.74 -2.37
C ILE B 931 -55.63 -9.36 -3.71
N GLN B 932 -56.16 -9.87 -4.81
CA GLN B 932 -55.60 -9.49 -6.11
C GLN B 932 -55.72 -8.00 -6.36
N ASP B 933 -56.83 -7.38 -5.98
CA ASP B 933 -57.00 -5.95 -6.18
C ASP B 933 -55.91 -5.15 -5.49
N SER B 934 -55.51 -5.58 -4.29
CA SER B 934 -54.46 -4.87 -3.59
C SER B 934 -53.09 -5.05 -4.23
N LEU B 935 -52.95 -6.00 -5.16
CA LEU B 935 -51.67 -6.24 -5.80
C LEU B 935 -51.64 -5.68 -7.22
N SER B 936 -52.64 -6.00 -8.02
CA SER B 936 -52.71 -5.50 -9.40
C SER B 936 -53.29 -4.09 -9.46
N ALA B 941 -45.70 -3.26 -1.36
CA ALA B 941 -46.06 -4.68 -1.36
C ALA B 941 -44.80 -5.54 -1.37
N LEU B 942 -44.29 -5.81 -2.57
CA LEU B 942 -43.15 -6.70 -2.74
C LEU B 942 -41.84 -5.93 -2.75
N GLY B 943 -41.78 -4.79 -2.07
CA GLY B 943 -40.54 -4.04 -1.96
C GLY B 943 -39.44 -4.76 -1.22
N LYS B 944 -39.80 -5.64 -0.28
CA LYS B 944 -38.78 -6.41 0.42
C LYS B 944 -38.07 -7.38 -0.50
N LEU B 945 -38.74 -7.83 -1.55
CA LEU B 945 -38.12 -8.73 -2.50
C LEU B 945 -37.29 -7.99 -3.53
N GLN B 946 -37.73 -6.80 -3.93
CA GLN B 946 -36.96 -6.00 -4.85
C GLN B 946 -35.69 -5.45 -4.22
N ASP B 947 -35.75 -5.09 -2.94
CA ASP B 947 -34.56 -4.65 -2.21
C ASP B 947 -33.44 -5.68 -2.21
N VAL B 948 -33.76 -6.97 -2.12
CA VAL B 948 -32.70 -7.97 -2.16
C VAL B 948 -32.00 -7.96 -3.51
N VAL B 949 -32.77 -7.87 -4.58
CA VAL B 949 -32.23 -7.77 -5.93
C VAL B 949 -31.40 -6.50 -6.10
N ASN B 950 -31.88 -5.38 -5.58
CA ASN B 950 -31.18 -4.12 -5.72
C ASN B 950 -29.85 -4.13 -5.00
N HIS B 951 -29.82 -4.66 -3.77
CA HIS B 951 -28.59 -4.64 -3.00
C HIS B 951 -27.49 -5.45 -3.67
N ASN B 952 -27.81 -6.59 -4.25
CA ASN B 952 -26.77 -7.31 -4.94
C ASN B 952 -26.40 -6.65 -6.26
N ALA B 953 -27.37 -6.11 -6.99
CA ALA B 953 -27.03 -5.44 -8.24
C ALA B 953 -26.13 -4.24 -8.00
N GLN B 954 -26.37 -3.52 -6.92
CA GLN B 954 -25.53 -2.37 -6.60
C GLN B 954 -24.13 -2.79 -6.20
N ALA B 955 -23.96 -3.90 -5.48
CA ALA B 955 -22.61 -4.33 -5.16
C ALA B 955 -21.85 -4.83 -6.38
N LEU B 956 -22.53 -5.41 -7.34
CA LEU B 956 -21.86 -5.86 -8.56
C LEU B 956 -21.55 -4.72 -9.51
N ASN B 957 -22.39 -3.70 -9.56
CA ASN B 957 -22.11 -2.52 -10.37
C ASN B 957 -20.97 -1.68 -9.78
N THR B 958 -20.90 -1.55 -8.46
CA THR B 958 -19.79 -0.89 -7.80
C THR B 958 -18.48 -1.65 -7.92
N LEU B 959 -18.50 -2.98 -7.75
CA LEU B 959 -17.29 -3.77 -7.86
C LEU B 959 -16.64 -3.61 -9.23
N VAL B 960 -17.42 -3.59 -10.30
CA VAL B 960 -16.87 -3.39 -11.62
C VAL B 960 -16.37 -1.96 -11.80
N LYS B 961 -17.13 -0.98 -11.34
CA LYS B 961 -16.69 0.39 -11.54
C LYS B 961 -15.40 0.72 -10.83
N GLN B 962 -15.08 0.04 -9.73
CA GLN B 962 -13.85 0.28 -9.00
C GLN B 962 -12.61 -0.16 -9.76
N LEU B 963 -12.75 -0.74 -10.94
CA LEU B 963 -11.57 -1.04 -11.74
C LEU B 963 -11.07 0.17 -12.52
N SER B 964 -11.88 1.20 -12.68
CA SER B 964 -11.42 2.41 -13.34
C SER B 964 -10.96 3.44 -12.33
N SER B 965 -9.98 3.11 -11.50
CA SER B 965 -9.45 4.01 -10.48
C SER B 965 -7.93 3.86 -10.50
N LYS B 966 -7.20 4.95 -10.40
CA LYS B 966 -5.73 4.92 -10.42
C LYS B 966 -5.07 4.75 -9.06
N PHE B 967 -5.80 5.03 -7.99
CA PHE B 967 -5.29 4.86 -6.64
C PHE B 967 -3.94 5.53 -6.45
N GLY B 968 -3.67 6.57 -7.22
CA GLY B 968 -2.43 7.29 -7.09
C GLY B 968 -1.28 6.73 -7.91
N ALA B 969 -1.58 5.92 -8.91
CA ALA B 969 -0.57 5.33 -9.77
C ALA B 969 -0.52 6.17 -11.04
N ILE B 970 0.42 5.86 -11.93
CA ILE B 970 0.49 6.63 -13.16
C ILE B 970 -0.69 6.33 -14.06
N SER B 971 -1.17 5.09 -14.05
CA SER B 971 -2.29 4.72 -14.90
C SER B 971 -3.12 3.69 -14.15
N SER B 972 -4.20 3.24 -14.80
CA SER B 972 -5.10 2.26 -14.22
C SER B 972 -5.13 0.98 -15.04
N VAL B 973 -4.23 0.82 -16.00
CA VAL B 973 -4.21 -0.33 -16.89
C VAL B 973 -2.83 -0.97 -16.79
N LEU B 974 -2.80 -2.24 -16.39
CA LEU B 974 -1.57 -2.99 -16.15
C LEU B 974 -0.77 -3.29 -17.41
N ASN B 975 -1.36 -3.14 -18.59
CA ASN B 975 -0.57 -3.25 -19.81
C ASN B 975 0.06 -1.92 -20.20
N ASP B 976 -0.67 -0.82 -20.03
CA ASP B 976 -0.14 0.48 -20.43
C ASP B 976 1.09 0.86 -19.63
N ILE B 977 1.17 0.37 -18.40
CA ILE B 977 2.30 0.68 -17.55
C ILE B 977 3.59 0.21 -18.20
N PHE B 978 3.57 -1.02 -18.70
CA PHE B 978 4.75 -1.62 -19.29
C PHE B 978 5.12 -0.92 -20.58
N SER B 979 4.11 -0.68 -21.40
CA SER B 979 4.26 -0.01 -22.69
C SER B 979 5.04 1.32 -22.60
N ARG B 980 4.97 1.98 -21.45
CA ARG B 980 5.63 3.25 -21.26
C ARG B 980 6.40 3.31 -19.95
N LEU B 981 7.02 2.18 -19.58
CA LEU B 981 7.84 2.17 -18.37
C LEU B 981 8.61 0.87 -18.14
N ASP B 982 9.76 1.02 -17.48
CA ASP B 982 10.69 -0.08 -17.27
C ASP B 982 10.21 -0.94 -16.12
N PRO B 983 10.71 -2.16 -16.03
CA PRO B 983 10.19 -3.10 -15.00
C PRO B 983 10.41 -2.63 -13.58
N PRO B 984 11.59 -2.14 -13.26
CA PRO B 984 11.91 -1.71 -11.89
C PRO B 984 10.85 -0.78 -11.31
N GLU B 985 10.35 0.12 -12.14
CA GLU B 985 9.30 1.05 -11.73
C GLU B 985 7.88 0.53 -12.02
N ALA B 986 7.74 -0.38 -12.97
CA ALA B 986 6.42 -0.91 -13.27
C ALA B 986 5.91 -1.86 -12.22
N GLU B 987 6.80 -2.63 -11.58
CA GLU B 987 6.43 -3.45 -10.45
C GLU B 987 5.82 -2.65 -9.31
N VAL B 988 6.35 -1.46 -9.04
CA VAL B 988 5.76 -0.61 -8.00
C VAL B 988 4.38 -0.13 -8.40
N GLN B 989 4.20 0.32 -9.64
CA GLN B 989 2.91 0.86 -10.05
C GLN B 989 1.84 -0.22 -10.11
N ILE B 990 2.20 -1.42 -10.56
CA ILE B 990 1.24 -2.50 -10.59
C ILE B 990 0.95 -2.98 -9.18
N ASP B 991 1.94 -3.00 -8.30
CA ASP B 991 1.64 -3.38 -6.93
C ASP B 991 0.65 -2.45 -6.24
N ARG B 992 0.68 -1.16 -6.54
CA ARG B 992 -0.32 -0.24 -5.99
C ARG B 992 -1.73 -0.57 -6.47
N LEU B 993 -1.88 -0.81 -7.76
CA LEU B 993 -3.19 -1.16 -8.29
C LEU B 993 -3.69 -2.49 -7.74
N ILE B 994 -2.80 -3.47 -7.58
CA ILE B 994 -3.19 -4.75 -7.02
C ILE B 994 -3.70 -4.58 -5.60
N THR B 995 -2.98 -3.81 -4.78
CA THR B 995 -3.45 -3.57 -3.42
C THR B 995 -4.81 -2.89 -3.41
N GLY B 996 -5.01 -1.89 -4.26
CA GLY B 996 -6.31 -1.22 -4.29
C GLY B 996 -7.45 -2.14 -4.68
N ARG B 997 -7.27 -2.92 -5.75
CA ARG B 997 -8.32 -3.82 -6.18
C ARG B 997 -8.47 -5.03 -5.27
N LEU B 998 -7.42 -5.45 -4.60
CA LEU B 998 -7.56 -6.47 -3.59
C LEU B 998 -8.37 -5.98 -2.39
N GLN B 999 -8.20 -4.72 -2.00
CA GLN B 999 -9.07 -4.14 -1.00
C GLN B 999 -10.53 -4.11 -1.44
N SER B 1000 -10.78 -3.88 -2.72
CA SER B 1000 -12.14 -3.93 -3.23
C SER B 1000 -12.81 -5.27 -3.01
N LEU B 1001 -12.09 -6.35 -3.29
CA LEU B 1001 -12.62 -7.68 -3.05
C LEU B 1001 -12.85 -7.97 -1.58
N GLN B 1002 -11.97 -7.50 -0.70
CA GLN B 1002 -12.23 -7.71 0.72
C GLN B 1002 -13.48 -6.99 1.19
N THR B 1003 -13.70 -5.76 0.70
CA THR B 1003 -14.92 -5.06 1.05
C THR B 1003 -16.15 -5.81 0.54
N TYR B 1004 -16.10 -6.27 -0.71
CA TYR B 1004 -17.22 -6.98 -1.29
C TYR B 1004 -17.57 -8.23 -0.49
N VAL B 1005 -16.59 -9.08 -0.20
CA VAL B 1005 -16.89 -10.34 0.43
C VAL B 1005 -17.35 -10.13 1.87
N THR B 1006 -16.77 -9.17 2.59
CA THR B 1006 -17.21 -8.92 3.96
C THR B 1006 -18.67 -8.50 4.00
N GLN B 1007 -19.10 -7.63 3.08
CA GLN B 1007 -20.50 -7.27 3.07
C GLN B 1007 -21.43 -8.41 2.68
N GLN B 1008 -21.01 -9.31 1.80
CA GLN B 1008 -21.88 -10.42 1.45
C GLN B 1008 -22.11 -11.35 2.63
N LEU B 1009 -21.09 -11.56 3.46
CA LEU B 1009 -21.26 -12.36 4.67
C LEU B 1009 -22.19 -11.69 5.67
N ILE B 1010 -22.09 -10.38 5.85
CA ILE B 1010 -22.96 -9.69 6.79
C ILE B 1010 -24.40 -9.68 6.27
N ARG B 1011 -24.58 -9.46 4.98
CA ARG B 1011 -25.91 -9.48 4.39
C ARG B 1011 -26.49 -10.88 4.27
N ALA B 1012 -25.67 -11.91 4.11
CA ALA B 1012 -26.21 -13.26 4.07
C ALA B 1012 -26.73 -13.74 5.41
N ALA B 1013 -26.18 -13.23 6.50
CA ALA B 1013 -26.71 -13.52 7.82
C ALA B 1013 -28.10 -12.96 8.04
N GLU B 1014 -28.44 -11.86 7.39
CA GLU B 1014 -29.74 -11.23 7.51
C GLU B 1014 -30.82 -11.98 6.73
N ILE B 1015 -30.49 -12.47 5.54
CA ILE B 1015 -31.42 -13.26 4.75
C ILE B 1015 -31.58 -14.64 5.35
N ARG B 1016 -30.52 -15.14 5.98
CA ARG B 1016 -30.62 -16.39 6.71
C ARG B 1016 -31.55 -16.28 7.91
N ALA B 1017 -31.48 -15.18 8.65
CA ALA B 1017 -32.41 -14.96 9.75
C ALA B 1017 -33.84 -14.85 9.26
N SER B 1018 -34.05 -14.29 8.08
CA SER B 1018 -35.35 -14.21 7.46
C SER B 1018 -35.86 -15.56 6.98
N ALA B 1019 -34.99 -16.36 6.39
CA ALA B 1019 -35.34 -17.72 6.01
C ALA B 1019 -35.69 -18.58 7.22
N ASN B 1020 -35.05 -18.35 8.37
CA ASN B 1020 -35.42 -19.06 9.58
C ASN B 1020 -36.79 -18.68 10.11
N LEU B 1021 -37.14 -17.41 10.03
CA LEU B 1021 -38.47 -16.94 10.37
C LEU B 1021 -39.54 -17.48 9.43
N ALA B 1022 -39.27 -17.46 8.13
CA ALA B 1022 -40.17 -18.05 7.16
C ALA B 1022 -40.35 -19.55 7.34
N ALA B 1023 -39.30 -20.30 7.61
CA ALA B 1023 -39.44 -21.72 7.91
C ALA B 1023 -40.24 -21.99 9.17
N THR B 1024 -40.04 -21.18 10.21
CA THR B 1024 -40.80 -21.28 11.45
C THR B 1024 -42.27 -21.00 11.24
N LYS B 1025 -42.60 -19.94 10.51
CA LYS B 1025 -43.99 -19.70 10.18
C LYS B 1025 -44.58 -20.78 9.29
N MET B 1026 -43.81 -21.34 8.37
CA MET B 1026 -44.33 -22.43 7.56
C MET B 1026 -44.77 -23.59 8.42
N SER B 1027 -44.04 -23.89 9.47
CA SER B 1027 -44.43 -24.97 10.38
C SER B 1027 -45.61 -24.57 11.25
N GLU B 1028 -45.56 -23.38 11.82
CA GLU B 1028 -46.50 -23.02 12.85
C GLU B 1028 -47.75 -22.32 12.36
N CYS B 1029 -47.74 -21.78 11.15
CA CYS B 1029 -48.91 -21.09 10.63
C CYS B 1029 -49.66 -21.90 9.57
N VAL B 1030 -48.91 -22.77 8.89
CA VAL B 1030 -49.47 -23.51 7.76
C VAL B 1030 -49.74 -24.95 8.13
N LEU B 1031 -48.82 -25.58 8.86
CA LEU B 1031 -48.99 -26.95 9.29
C LEU B 1031 -49.69 -27.07 10.64
N GLY B 1032 -50.17 -25.99 11.20
CA GLY B 1032 -50.92 -26.08 12.43
C GLY B 1032 -51.63 -24.78 12.72
N GLN B 1033 -52.25 -24.72 13.89
CA GLN B 1033 -52.92 -23.54 14.38
C GLN B 1033 -52.14 -22.96 15.56
N SER B 1034 -51.82 -21.68 15.47
CA SER B 1034 -51.00 -21.02 16.47
C SER B 1034 -51.84 -20.16 17.40
N LYS B 1035 -51.42 -20.09 18.65
CA LYS B 1035 -51.98 -19.15 19.61
C LYS B 1035 -51.08 -17.95 19.84
N ARG B 1036 -49.94 -17.88 19.16
CA ARG B 1036 -49.01 -16.77 19.30
C ARG B 1036 -49.60 -15.49 18.70
N VAL B 1037 -49.63 -14.42 19.48
CA VAL B 1037 -50.30 -13.18 19.09
C VAL B 1037 -49.50 -12.48 18.00
N ASP B 1038 -50.19 -12.14 16.92
CA ASP B 1038 -49.61 -11.45 15.78
C ASP B 1038 -48.53 -12.20 15.01
N PHE B 1039 -48.40 -13.50 15.25
CA PHE B 1039 -47.38 -14.28 14.57
C PHE B 1039 -47.91 -14.77 13.24
N CYS B 1040 -49.22 -14.96 13.16
CA CYS B 1040 -49.86 -15.47 11.96
C CYS B 1040 -50.97 -14.52 11.49
N GLY B 1041 -50.67 -13.23 11.41
CA GLY B 1041 -51.67 -12.24 11.00
C GLY B 1041 -52.36 -11.51 12.13
N LYS B 1042 -53.28 -10.61 11.78
CA LYS B 1042 -53.99 -9.78 12.75
C LYS B 1042 -55.38 -10.35 12.98
N GLY B 1043 -55.70 -10.67 14.23
CA GLY B 1043 -56.94 -11.30 14.56
C GLY B 1043 -56.67 -12.66 15.13
N TYR B 1044 -57.71 -13.46 15.24
CA TYR B 1044 -57.57 -14.80 15.77
C TYR B 1044 -57.28 -15.78 14.65
N HIS B 1045 -56.13 -16.43 14.72
CA HIS B 1045 -55.65 -17.28 13.65
C HIS B 1045 -56.59 -18.43 13.41
N LEU B 1046 -57.05 -18.58 12.16
CA LEU B 1046 -57.73 -19.79 11.75
C LEU B 1046 -56.84 -20.67 10.89
N MET B 1047 -56.29 -20.13 9.80
CA MET B 1047 -55.52 -20.95 8.87
C MET B 1047 -54.69 -20.05 7.99
N SER B 1048 -53.71 -20.63 7.29
CA SER B 1048 -52.88 -19.87 6.36
C SER B 1048 -52.58 -20.73 5.13
N PHE B 1049 -52.41 -20.07 3.98
CA PHE B 1049 -52.08 -20.70 2.71
C PHE B 1049 -50.80 -20.09 2.13
N PRO B 1050 -49.79 -20.89 1.80
CA PRO B 1050 -48.58 -20.34 1.18
C PRO B 1050 -48.71 -20.09 -0.31
N GLN B 1051 -47.94 -19.12 -0.78
CA GLN B 1051 -47.78 -18.85 -2.20
C GLN B 1051 -46.31 -18.62 -2.46
N SER B 1052 -45.83 -19.00 -3.64
CA SER B 1052 -44.43 -18.82 -3.97
C SER B 1052 -44.22 -17.46 -4.60
N ALA B 1053 -43.13 -16.80 -4.23
CA ALA B 1053 -42.77 -15.52 -4.81
C ALA B 1053 -41.32 -15.65 -5.25
N PRO B 1054 -40.80 -14.82 -6.14
CA PRO B 1054 -39.39 -14.93 -6.52
C PRO B 1054 -38.46 -14.53 -5.39
N HIS B 1055 -37.63 -15.49 -4.94
CA HIS B 1055 -36.72 -15.37 -3.81
C HIS B 1055 -37.44 -15.16 -2.49
N GLY B 1056 -38.69 -15.57 -2.38
CA GLY B 1056 -39.39 -15.34 -1.14
C GLY B 1056 -40.65 -16.16 -1.01
N VAL B 1057 -41.38 -15.89 0.05
CA VAL B 1057 -42.63 -16.58 0.32
C VAL B 1057 -43.68 -15.56 0.74
N VAL B 1058 -44.91 -15.82 0.35
CA VAL B 1058 -46.06 -15.01 0.70
C VAL B 1058 -47.02 -15.89 1.48
N PHE B 1059 -47.50 -15.37 2.60
CA PHE B 1059 -48.43 -16.07 3.46
C PHE B 1059 -49.78 -15.38 3.36
N LEU B 1060 -50.81 -16.14 3.08
CA LEU B 1060 -52.19 -15.64 3.12
C LEU B 1060 -52.78 -16.04 4.45
N HIS B 1061 -52.94 -15.08 5.36
CA HIS B 1061 -53.37 -15.32 6.72
C HIS B 1061 -54.88 -15.13 6.82
N VAL B 1062 -55.57 -16.18 7.27
CA VAL B 1062 -57.00 -16.17 7.51
C VAL B 1062 -57.25 -16.05 9.01
N THR B 1063 -57.97 -15.00 9.40
CA THR B 1063 -58.18 -14.67 10.80
C THR B 1063 -59.67 -14.48 11.09
N TYR B 1064 -59.99 -14.59 12.36
CA TYR B 1064 -61.33 -14.39 12.92
C TYR B 1064 -61.37 -13.04 13.62
N VAL B 1065 -62.27 -12.16 13.21
CA VAL B 1065 -62.36 -10.84 13.80
C VAL B 1065 -63.78 -10.62 14.31
N PRO B 1066 -64.00 -10.36 15.60
CA PRO B 1066 -65.35 -10.09 16.08
C PRO B 1066 -65.86 -8.72 15.63
N ALA B 1067 -67.19 -8.57 15.58
CA ALA B 1067 -67.78 -7.33 15.11
C ALA B 1067 -69.12 -7.09 15.81
N GLN B 1068 -69.50 -5.81 15.85
CA GLN B 1068 -70.82 -5.35 16.30
C GLN B 1068 -71.12 -5.73 17.75
N GLU B 1069 -70.39 -5.10 18.66
CA GLU B 1069 -70.58 -5.40 20.07
C GLU B 1069 -71.77 -4.66 20.66
N LYS B 1070 -72.36 -5.28 21.68
CA LYS B 1070 -73.35 -4.64 22.54
C LYS B 1070 -72.85 -4.70 23.97
N ASN B 1071 -73.31 -3.76 24.79
CA ASN B 1071 -72.92 -3.72 26.19
C ASN B 1071 -74.01 -4.39 27.02
N PHE B 1072 -73.59 -5.03 28.10
CA PHE B 1072 -74.45 -5.71 29.05
C PHE B 1072 -73.91 -5.47 30.45
N THR B 1073 -74.78 -5.70 31.42
CA THR B 1073 -74.43 -5.74 32.82
C THR B 1073 -74.05 -7.16 33.18
N THR B 1074 -73.08 -7.32 34.07
CA THR B 1074 -72.55 -8.63 34.37
C THR B 1074 -72.34 -8.78 35.87
N ALA B 1075 -72.07 -10.00 36.30
CA ALA B 1075 -71.81 -10.31 37.69
C ALA B 1075 -70.97 -11.57 37.73
N PRO B 1076 -70.08 -11.70 38.70
CA PRO B 1076 -69.19 -12.86 38.71
C PRO B 1076 -69.86 -14.18 39.07
N ALA B 1077 -70.93 -14.17 39.86
CA ALA B 1077 -71.55 -15.39 40.32
C ALA B 1077 -73.02 -15.10 40.59
N ILE B 1078 -73.79 -16.16 40.82
CA ILE B 1078 -75.21 -16.02 41.12
C ILE B 1078 -75.51 -16.78 42.39
N CYS B 1079 -76.35 -16.20 43.25
CA CYS B 1079 -76.73 -16.88 44.49
C CYS B 1079 -78.04 -17.62 44.30
N HIS B 1080 -78.08 -18.85 44.79
CA HIS B 1080 -79.29 -19.66 44.79
C HIS B 1080 -79.20 -20.63 45.94
N ASP B 1081 -80.25 -20.69 46.76
CA ASP B 1081 -80.29 -21.48 47.99
C ASP B 1081 -79.15 -21.15 48.94
N GLY B 1082 -78.69 -19.90 48.95
CA GLY B 1082 -77.61 -19.55 49.83
C GLY B 1082 -76.26 -20.03 49.39
N LYS B 1083 -76.13 -20.48 48.16
CA LYS B 1083 -74.87 -20.97 47.64
C LYS B 1083 -74.47 -20.17 46.41
N ALA B 1084 -73.16 -20.06 46.19
CA ALA B 1084 -72.62 -19.32 45.07
C ALA B 1084 -72.44 -20.25 43.88
N HIS B 1085 -72.92 -19.82 42.72
CA HIS B 1085 -72.78 -20.55 41.47
C HIS B 1085 -71.89 -19.75 40.53
N PHE B 1086 -70.98 -20.38 39.93
CA PHE B 1086 -70.01 -19.86 39.00
C PHE B 1086 -70.17 -20.52 37.65
N PRO B 1087 -69.94 -19.82 36.56
CA PRO B 1087 -70.06 -20.46 35.25
C PRO B 1087 -68.94 -21.44 35.01
N ARG B 1088 -69.26 -22.53 34.30
CA ARG B 1088 -68.24 -23.45 33.84
C ARG B 1088 -67.39 -22.81 32.75
N GLU B 1089 -68.02 -22.33 31.69
CA GLU B 1089 -67.40 -21.46 30.71
C GLU B 1089 -68.41 -20.39 30.36
N GLY B 1090 -67.97 -19.15 30.22
CA GLY B 1090 -68.83 -18.08 29.83
C GLY B 1090 -68.91 -17.00 30.89
N VAL B 1091 -69.75 -16.02 30.62
CA VAL B 1091 -69.98 -14.89 31.50
C VAL B 1091 -71.48 -14.72 31.69
N PHE B 1092 -71.86 -14.22 32.86
CA PHE B 1092 -73.24 -13.85 33.12
C PHE B 1092 -73.51 -12.47 32.54
N VAL B 1093 -74.64 -12.33 31.83
CA VAL B 1093 -75.06 -11.05 31.27
C VAL B 1093 -76.50 -10.78 31.67
N SER B 1094 -76.88 -9.51 31.60
CA SER B 1094 -78.25 -9.10 31.86
C SER B 1094 -78.73 -8.24 30.70
N ASN B 1095 -79.91 -8.53 30.17
CA ASN B 1095 -80.45 -7.74 29.08
C ASN B 1095 -81.28 -6.57 29.56
N GLY B 1096 -81.37 -6.36 30.86
CA GLY B 1096 -82.15 -5.29 31.43
C GLY B 1096 -83.12 -5.81 32.47
N THR B 1097 -83.68 -6.99 32.21
CA THR B 1097 -84.65 -7.58 33.11
C THR B 1097 -84.36 -9.02 33.49
N HIS B 1098 -83.65 -9.79 32.67
CA HIS B 1098 -83.34 -11.18 32.96
C HIS B 1098 -81.85 -11.42 32.75
N TRP B 1099 -81.32 -12.40 33.45
CA TRP B 1099 -79.91 -12.77 33.37
C TRP B 1099 -79.74 -14.09 32.64
N PHE B 1100 -78.68 -14.19 31.84
CA PHE B 1100 -78.39 -15.36 31.03
C PHE B 1100 -76.91 -15.69 31.13
N VAL B 1101 -76.53 -16.88 30.69
CA VAL B 1101 -75.13 -17.27 30.51
C VAL B 1101 -74.82 -17.21 29.03
N THR B 1102 -73.68 -16.63 28.69
CA THR B 1102 -73.26 -16.60 27.30
C THR B 1102 -71.83 -17.11 27.20
N GLN B 1103 -71.46 -17.61 26.03
CA GLN B 1103 -70.06 -17.86 25.75
C GLN B 1103 -69.36 -16.54 25.47
N ARG B 1104 -68.05 -16.51 25.69
CA ARG B 1104 -67.34 -15.24 25.71
C ARG B 1104 -67.05 -14.67 24.33
N ASN B 1105 -67.14 -15.45 23.26
CA ASN B 1105 -66.69 -14.98 21.96
C ASN B 1105 -67.82 -14.72 20.98
N PHE B 1106 -69.04 -15.10 21.31
CA PHE B 1106 -70.19 -14.92 20.44
C PHE B 1106 -71.40 -14.83 21.33
N TYR B 1107 -72.27 -13.85 21.08
CA TYR B 1107 -73.45 -13.68 21.91
C TYR B 1107 -74.48 -14.76 21.60
N GLU B 1108 -74.71 -15.65 22.56
CA GLU B 1108 -75.63 -16.77 22.39
C GLU B 1108 -76.12 -17.18 23.77
N PRO B 1109 -77.19 -16.56 24.26
CA PRO B 1109 -77.64 -16.78 25.63
C PRO B 1109 -78.42 -18.07 25.85
N GLN B 1110 -78.17 -18.68 27.01
CA GLN B 1110 -78.92 -19.84 27.46
C GLN B 1110 -79.37 -19.64 28.89
N ILE B 1111 -80.35 -20.43 29.32
CA ILE B 1111 -80.85 -20.26 30.69
C ILE B 1111 -79.86 -20.88 31.65
N ILE B 1112 -79.72 -20.25 32.82
CA ILE B 1112 -78.78 -20.68 33.84
C ILE B 1112 -79.37 -21.85 34.60
N THR B 1113 -78.74 -23.01 34.49
CA THR B 1113 -79.22 -24.24 35.07
C THR B 1113 -78.12 -24.85 35.92
N THR B 1114 -78.42 -25.99 36.53
CA THR B 1114 -77.45 -26.71 37.34
C THR B 1114 -76.49 -27.55 36.50
N ASP B 1115 -76.70 -27.62 35.19
CA ASP B 1115 -75.82 -28.38 34.32
C ASP B 1115 -74.84 -27.45 33.62
N ASN B 1116 -75.12 -26.16 33.67
CA ASN B 1116 -74.31 -25.12 33.09
C ASN B 1116 -73.31 -24.53 34.05
N THR B 1117 -73.48 -24.75 35.34
CA THR B 1117 -72.73 -24.07 36.38
C THR B 1117 -72.14 -25.08 37.32
N PHE B 1118 -71.29 -24.62 38.21
CA PHE B 1118 -70.83 -25.43 39.32
C PHE B 1118 -70.85 -24.59 40.58
N VAL B 1119 -70.85 -25.27 41.72
CA VAL B 1119 -71.00 -24.65 43.03
C VAL B 1119 -69.64 -24.64 43.71
N SER B 1120 -69.32 -23.52 44.33
CA SER B 1120 -68.11 -23.42 45.14
C SER B 1120 -68.25 -22.28 46.13
N GLY B 1121 -68.23 -22.58 47.41
CA GLY B 1121 -68.29 -21.57 48.44
C GLY B 1121 -69.68 -21.00 48.65
N ASN B 1122 -69.75 -20.04 49.55
CA ASN B 1122 -71.00 -19.42 49.96
C ASN B 1122 -71.03 -17.99 49.46
N CYS B 1123 -72.21 -17.38 49.45
CA CYS B 1123 -72.33 -15.99 49.02
C CYS B 1123 -71.99 -15.02 50.15
N ASP B 1124 -70.75 -15.05 50.60
CA ASP B 1124 -70.26 -14.12 51.61
C ASP B 1124 -68.85 -13.64 51.29
N VAL B 1125 -68.23 -14.25 50.29
CA VAL B 1125 -66.85 -13.97 49.92
C VAL B 1125 -66.73 -13.34 48.54
N VAL B 1126 -67.73 -13.47 47.70
CA VAL B 1126 -67.68 -12.93 46.34
C VAL B 1126 -68.20 -11.51 46.36
N ILE B 1127 -67.43 -10.59 45.81
CA ILE B 1127 -67.79 -9.17 45.75
C ILE B 1127 -68.53 -8.95 44.45
N GLY B 1128 -69.75 -8.46 44.53
CA GLY B 1128 -70.56 -8.21 43.37
C GLY B 1128 -71.47 -9.33 42.96
N ILE B 1129 -71.67 -10.33 43.82
CA ILE B 1129 -72.59 -11.42 43.52
C ILE B 1129 -74.04 -10.95 43.61
N VAL B 1130 -74.88 -11.49 42.74
CA VAL B 1130 -76.25 -11.03 42.57
C VAL B 1130 -77.21 -12.19 42.76
N ASN B 1131 -78.44 -11.88 43.12
CA ASN B 1131 -79.49 -12.87 43.28
C ASN B 1131 -80.15 -13.17 41.94
N ASN B 1132 -80.38 -14.45 41.67
CA ASN B 1132 -81.15 -14.86 40.51
C ASN B 1132 -81.64 -16.27 40.77
N THR B 1133 -82.35 -16.82 39.80
CA THR B 1133 -82.86 -18.17 39.87
C THR B 1133 -82.04 -19.07 38.97
N VAL B 1134 -81.58 -20.19 39.52
CA VAL B 1134 -80.91 -21.24 38.76
C VAL B 1134 -81.84 -22.44 38.73
N TYR B 1135 -82.23 -22.85 37.53
CA TYR B 1135 -83.29 -23.82 37.35
C TYR B 1135 -82.74 -25.23 37.34
N ASP B 1136 -83.36 -26.10 38.09
CA ASP B 1136 -83.05 -27.51 38.22
C ASP B 1136 -83.96 -28.30 37.29
N PRO B 1137 -83.45 -29.08 36.35
CA PRO B 1137 -84.35 -29.79 35.42
C PRO B 1137 -85.09 -30.96 36.07
N LEU B 1138 -84.59 -31.40 37.21
CA LEU B 1138 -85.13 -32.60 37.84
C LEU B 1138 -86.56 -32.40 38.29
N GLN B 1139 -86.84 -31.31 39.00
CA GLN B 1139 -88.15 -31.17 39.63
C GLN B 1139 -89.29 -31.05 38.60
N PRO B 1140 -89.16 -30.30 37.50
CA PRO B 1140 -90.27 -30.26 36.54
C PRO B 1140 -90.41 -31.53 35.76
N GLU B 1141 -89.41 -32.41 35.77
CA GLU B 1141 -89.63 -33.73 35.21
C GLU B 1141 -90.44 -34.59 36.17
N LEU B 1142 -90.24 -34.38 37.48
CA LEU B 1142 -90.98 -35.14 38.49
C LEU B 1142 -92.30 -34.46 38.84
N ASP B 1143 -92.69 -33.44 38.11
CA ASP B 1143 -93.93 -32.69 38.34
C ASP B 1143 -94.08 -32.20 39.77
N ALA C 27 23.57 9.40 53.44
CA ALA C 27 22.21 8.94 53.69
C ALA C 27 21.41 8.89 52.40
N TYR C 28 20.32 8.13 52.42
CA TYR C 28 19.38 8.06 51.33
C TYR C 28 17.99 8.22 51.91
N THR C 29 17.06 8.72 51.11
CA THR C 29 15.70 8.89 51.55
C THR C 29 14.78 8.36 50.46
N ASN C 30 13.50 8.30 50.79
CA ASN C 30 12.45 7.80 49.91
C ASN C 30 11.58 8.95 49.47
N SER C 31 11.55 9.21 48.15
CA SER C 31 10.68 10.23 47.61
C SER C 31 9.25 9.71 47.68
N PHE C 32 8.26 10.57 47.56
CA PHE C 32 6.94 9.98 47.48
C PHE C 32 6.34 10.17 46.11
N THR C 33 5.88 11.38 45.82
CA THR C 33 5.38 11.73 44.50
C THR C 33 5.96 13.12 44.22
N ARG C 34 7.18 13.15 43.72
CA ARG C 34 7.93 14.38 43.61
C ARG C 34 8.66 14.39 42.27
N GLY C 35 8.90 15.58 41.73
CA GLY C 35 9.57 15.69 40.45
C GLY C 35 8.63 15.57 39.28
N VAL C 36 7.40 16.04 39.45
CA VAL C 36 6.41 16.07 38.39
C VAL C 36 6.27 17.51 37.92
N TYR C 37 6.49 17.74 36.64
CA TYR C 37 6.47 19.07 36.07
C TYR C 37 5.61 19.09 34.83
N TYR C 38 5.14 20.28 34.48
CA TYR C 38 4.32 20.45 33.28
C TYR C 38 5.16 20.12 32.06
N PRO C 39 4.83 19.02 31.38
CA PRO C 39 5.58 18.55 30.22
C PRO C 39 5.66 19.54 29.07
N ASP C 40 4.77 20.52 29.03
CA ASP C 40 4.76 21.47 27.93
C ASP C 40 3.75 22.59 28.14
N LYS C 41 3.64 23.47 27.16
CA LYS C 41 2.57 24.45 27.13
C LYS C 41 1.25 23.74 26.91
N VAL C 42 0.37 24.36 26.14
CA VAL C 42 -0.92 23.74 25.85
C VAL C 42 -1.78 23.68 27.09
N PHE C 43 -2.77 24.56 27.17
CA PHE C 43 -3.72 24.53 28.27
C PHE C 43 -4.59 23.28 28.13
N ARG C 44 -5.46 23.06 29.11
CA ARG C 44 -6.21 21.81 29.17
C ARG C 44 -7.17 21.82 30.35
N SER C 45 -8.31 21.13 30.18
CA SER C 45 -9.30 21.03 31.25
C SER C 45 -9.41 19.59 31.73
N SER C 46 -10.54 19.29 32.37
CA SER C 46 -10.78 17.94 32.89
C SER C 46 -10.50 16.86 31.87
N VAL C 47 -9.24 16.45 31.77
CA VAL C 47 -8.83 15.46 30.78
C VAL C 47 -7.70 14.56 31.26
N LEU C 48 -8.05 13.34 31.67
CA LEU C 48 -7.05 12.39 32.15
C LEU C 48 -6.09 12.12 30.99
N HIS C 49 -5.10 13.00 30.86
CA HIS C 49 -4.13 12.94 29.77
C HIS C 49 -2.97 12.03 30.13
N SER C 50 -2.50 11.24 29.17
CA SER C 50 -1.36 10.36 29.34
C SER C 50 -0.14 10.93 28.65
N THR C 51 0.98 11.03 29.39
CA THR C 51 2.20 11.62 28.84
C THR C 51 3.42 10.76 29.12
N GLN C 52 4.36 10.81 28.19
CA GLN C 52 5.64 10.14 28.28
C GLN C 52 6.73 11.20 28.27
N ASP C 53 7.59 11.21 29.27
CA ASP C 53 8.67 12.20 29.32
C ASP C 53 9.67 11.80 30.39
N LEU C 54 10.62 12.69 30.68
CA LEU C 54 11.67 12.45 31.67
C LEU C 54 11.19 12.96 33.01
N PHE C 55 10.97 12.05 33.95
CA PHE C 55 10.49 12.40 35.27
C PHE C 55 11.37 11.74 36.32
N LEU C 56 11.13 12.13 37.56
CA LEU C 56 11.65 11.42 38.71
C LEU C 56 10.64 10.36 39.11
N PRO C 57 11.00 9.07 39.02
CA PRO C 57 10.04 8.00 39.34
C PRO C 57 9.47 8.11 40.74
N PHE C 58 8.23 7.72 40.92
CA PHE C 58 7.61 7.79 42.23
C PHE C 58 8.22 6.73 43.14
N PHE C 59 8.34 7.08 44.42
CA PHE C 59 8.96 6.21 45.41
C PHE C 59 10.33 5.77 44.94
N SER C 60 11.22 6.73 44.70
CA SER C 60 12.55 6.45 44.20
C SER C 60 13.58 6.64 45.30
N ASN C 61 14.80 6.25 44.98
CA ASN C 61 15.93 6.23 45.90
C ASN C 61 16.79 7.45 45.61
N VAL C 62 16.63 8.51 46.41
CA VAL C 62 17.29 9.79 46.14
C VAL C 62 18.43 9.95 47.15
N THR C 63 19.61 10.28 46.65
CA THR C 63 20.77 10.49 47.50
C THR C 63 20.60 11.75 48.33
N TRP C 64 21.29 11.77 49.45
CA TRP C 64 21.17 12.85 50.40
C TRP C 64 22.54 13.42 50.68
N PHE C 65 22.65 14.75 50.64
CA PHE C 65 23.92 15.40 50.94
C PHE C 65 23.71 16.45 52.00
N HIS C 66 24.75 16.69 52.79
CA HIS C 66 24.75 17.72 53.82
C HIS C 66 25.68 18.83 53.41
N ASN C 79 31.40 20.52 48.20
CA ASN C 79 31.13 19.08 48.16
C ASN C 79 31.58 18.54 46.77
N PRO C 80 31.60 17.23 46.60
CA PRO C 80 32.12 16.60 45.37
C PRO C 80 31.32 16.72 44.07
N VAL C 81 32.05 16.61 42.95
CA VAL C 81 31.49 16.63 41.61
C VAL C 81 30.58 15.42 41.44
N LEU C 82 29.34 15.66 41.03
CA LEU C 82 28.36 14.60 40.85
C LEU C 82 28.11 14.36 39.38
N PRO C 83 27.66 13.18 38.98
CA PRO C 83 27.37 12.96 37.55
C PRO C 83 26.08 13.62 37.11
N PHE C 84 25.84 13.68 35.80
CA PHE C 84 24.60 14.24 35.25
C PHE C 84 23.72 13.19 34.60
N ASN C 85 24.24 12.56 33.55
CA ASN C 85 23.80 11.39 32.78
C ASN C 85 22.49 11.58 32.04
N ASP C 86 21.48 12.19 32.68
CA ASP C 86 20.22 12.56 32.03
C ASP C 86 19.42 13.38 33.04
N GLY C 87 19.55 14.69 33.03
CA GLY C 87 18.72 15.50 33.91
C GLY C 87 18.97 15.32 35.39
N VAL C 88 18.39 16.20 36.21
CA VAL C 88 18.62 16.17 37.65
C VAL C 88 17.37 16.69 38.34
N TYR C 89 16.98 16.03 39.42
CA TYR C 89 16.03 16.56 40.39
C TYR C 89 16.82 17.18 41.54
N PHE C 90 16.36 18.32 42.02
CA PHE C 90 17.09 19.01 43.06
C PHE C 90 16.10 19.64 44.02
N ALA C 91 15.92 19.06 45.19
CA ALA C 91 15.11 19.69 46.22
C ALA C 91 15.99 20.16 47.37
N SER C 92 15.42 20.96 48.27
CA SER C 92 16.11 21.45 49.44
C SER C 92 15.11 21.97 50.46
N ILE C 93 15.56 22.17 51.70
CA ILE C 93 14.71 22.74 52.74
C ILE C 93 15.49 23.67 53.67
N GLU C 94 15.00 24.89 53.83
CA GLU C 94 15.64 25.89 54.68
C GLU C 94 15.08 27.28 54.40
N LYS C 95 14.76 28.02 55.46
CA LYS C 95 14.23 29.37 55.31
C LYS C 95 15.27 30.34 54.77
N SER C 96 16.50 30.27 55.24
CA SER C 96 17.59 31.10 54.73
C SER C 96 18.00 30.57 53.36
N ASN C 97 19.00 31.18 52.73
CA ASN C 97 19.38 30.78 51.38
C ASN C 97 20.83 30.32 51.39
N ILE C 98 21.03 29.01 51.52
CA ILE C 98 22.35 28.42 51.66
C ILE C 98 22.88 28.10 50.28
N ILE C 99 21.99 27.75 49.37
CA ILE C 99 22.38 27.38 48.01
C ILE C 99 22.58 28.65 47.20
N ARG C 100 23.79 28.81 46.68
CA ARG C 100 24.21 30.04 46.02
C ARG C 100 24.65 29.71 44.60
N GLY C 101 23.80 29.00 43.87
CA GLY C 101 24.06 28.71 42.49
C GLY C 101 24.61 27.31 42.27
N TRP C 102 24.77 26.99 41.00
CA TRP C 102 25.20 25.70 40.55
C TRP C 102 26.28 25.90 39.50
N ILE C 103 26.97 24.83 39.16
CA ILE C 103 27.94 24.86 38.07
C ILE C 103 27.66 23.65 37.20
N PHE C 104 27.62 23.83 35.90
CA PHE C 104 27.36 22.72 35.00
C PHE C 104 28.42 22.67 33.92
N GLY C 105 28.39 21.62 33.11
CA GLY C 105 29.29 21.52 31.99
C GLY C 105 29.84 20.13 31.75
N THR C 106 30.91 20.04 30.96
CA THR C 106 31.50 18.74 30.67
C THR C 106 32.81 18.55 31.44
N THR C 107 33.62 19.61 31.55
CA THR C 107 34.89 19.52 32.25
C THR C 107 34.94 20.30 33.55
N LEU C 108 34.03 21.23 33.78
CA LEU C 108 34.00 22.05 34.99
C LEU C 108 35.34 22.74 35.22
N ASP C 109 35.94 23.20 34.12
CA ASP C 109 37.26 23.83 34.17
C ASP C 109 37.39 24.79 33.02
N SER C 110 38.56 25.42 32.93
CA SER C 110 38.82 26.37 31.87
C SER C 110 39.15 25.63 30.58
N LYS C 111 39.42 26.40 29.52
CA LYS C 111 39.73 25.92 28.18
C LYS C 111 38.46 25.51 27.43
N THR C 112 37.30 25.56 28.08
CA THR C 112 36.03 25.28 27.42
C THR C 112 34.93 26.01 28.18
N GLN C 113 33.82 26.27 27.49
CA GLN C 113 32.72 27.05 28.02
C GLN C 113 31.83 26.22 28.95
N SER C 114 31.21 26.90 29.91
CA SER C 114 30.35 26.25 30.90
C SER C 114 29.26 27.22 31.35
N LEU C 115 28.25 26.67 32.01
CA LEU C 115 27.12 27.44 32.54
C LEU C 115 27.38 27.77 34.00
N LEU C 116 26.95 28.95 34.43
CA LEU C 116 27.06 29.36 35.82
C LEU C 116 25.82 30.13 36.21
N ILE C 117 25.13 29.65 37.24
CA ILE C 117 23.87 30.24 37.68
C ILE C 117 24.03 30.71 39.11
N VAL C 118 23.88 32.02 39.30
CA VAL C 118 23.96 32.59 40.64
C VAL C 118 22.73 33.46 40.88
N ASN C 119 22.45 33.75 42.15
CA ASN C 119 21.32 34.59 42.52
C ASN C 119 21.67 35.36 43.78
N ASN C 120 22.03 36.65 43.64
CA ASN C 120 22.30 37.46 44.82
C ASN C 120 20.97 37.99 45.33
N ALA C 121 20.98 38.96 46.25
CA ALA C 121 19.73 39.40 46.84
C ALA C 121 18.87 40.18 45.86
N THR C 122 19.34 40.31 44.61
CA THR C 122 18.59 40.99 43.57
C THR C 122 17.67 40.03 42.82
N ASN C 123 18.27 39.15 42.01
CA ASN C 123 17.55 38.17 41.21
C ASN C 123 18.56 37.24 40.52
N VAL C 124 18.00 36.22 39.87
CA VAL C 124 18.74 35.18 39.18
C VAL C 124 19.58 35.74 38.03
N VAL C 125 20.80 35.23 37.86
CA VAL C 125 21.69 35.69 36.81
C VAL C 125 22.18 34.48 36.00
N ILE C 126 21.59 34.24 34.83
CA ILE C 126 22.11 33.19 33.99
C ILE C 126 23.30 33.74 33.22
N LYS C 127 24.33 32.91 33.02
CA LYS C 127 25.51 33.36 32.31
C LYS C 127 26.22 32.15 31.73
N VAL C 128 26.71 32.29 30.51
CA VAL C 128 27.47 31.21 29.89
C VAL C 128 28.78 31.76 29.33
N CYS C 129 29.88 31.50 30.01
CA CYS C 129 31.20 31.93 29.61
C CYS C 129 32.18 30.78 29.76
N GLU C 130 33.44 31.04 29.46
CA GLU C 130 34.54 30.17 29.84
C GLU C 130 35.07 30.67 31.17
N PHE C 131 35.03 29.81 32.19
CA PHE C 131 35.37 30.23 33.53
C PHE C 131 36.65 29.52 33.99
N GLN C 132 37.17 29.99 35.11
CA GLN C 132 38.19 29.30 35.86
C GLN C 132 37.69 29.22 37.29
N PHE C 133 37.26 28.04 37.69
CA PHE C 133 36.54 27.86 38.94
C PHE C 133 37.52 27.52 40.05
N CYS C 134 37.29 28.13 41.22
CA CYS C 134 38.01 27.71 42.41
C CYS C 134 37.67 26.27 42.73
N ASN C 135 38.67 25.52 43.19
CA ASN C 135 38.38 24.14 43.60
C ASN C 135 37.46 24.11 44.81
N ASP C 136 37.45 25.16 45.63
CA ASP C 136 36.55 25.28 46.76
C ASP C 136 35.85 26.63 46.65
N PRO C 137 34.81 26.73 45.83
CA PRO C 137 34.16 28.02 45.60
C PRO C 137 33.15 28.33 46.70
N PHE C 138 33.07 29.60 47.07
CA PHE C 138 32.10 30.03 48.07
C PHE C 138 31.96 31.54 47.99
N MET C 148 32.15 44.39 55.99
CA MET C 148 32.81 43.53 55.01
C MET C 148 31.78 42.93 54.06
N GLU C 149 31.28 41.74 54.41
CA GLU C 149 30.19 41.09 53.69
C GLU C 149 30.48 41.02 52.20
N SER C 150 31.69 40.59 51.85
CA SER C 150 32.16 40.48 50.48
C SER C 150 32.17 39.01 50.06
N GLU C 151 31.90 38.79 48.78
CA GLU C 151 31.59 37.45 48.30
C GLU C 151 32.07 37.21 46.87
N PHE C 152 31.52 36.17 46.26
CA PHE C 152 31.82 35.78 44.89
C PHE C 152 33.28 35.41 44.67
N ARG C 153 33.74 34.40 45.41
CA ARG C 153 35.09 33.90 45.20
C ARG C 153 35.00 32.61 44.39
N VAL C 154 33.96 32.49 43.58
CA VAL C 154 33.72 31.24 42.85
C VAL C 154 34.69 31.10 41.68
N TYR C 155 34.74 32.09 40.80
CA TYR C 155 35.62 31.99 39.64
C TYR C 155 36.61 33.15 39.60
N SER C 156 37.56 33.08 38.66
CA SER C 156 38.50 34.18 38.45
C SER C 156 38.67 34.48 36.96
N SER C 157 37.74 34.01 36.12
CA SER C 157 37.79 34.26 34.69
C SER C 157 36.37 34.15 34.14
N ALA C 158 36.06 35.02 33.17
CA ALA C 158 34.76 35.04 32.52
C ALA C 158 34.88 35.39 31.04
N ASN C 159 35.62 34.59 30.28
CA ASN C 159 35.95 34.93 28.91
C ASN C 159 34.86 34.49 27.93
N ASN C 160 34.78 35.19 26.80
CA ASN C 160 33.95 34.78 25.67
C ASN C 160 32.48 34.56 25.98
N CYS C 161 31.90 35.39 26.84
CA CYS C 161 30.51 35.22 27.25
C CYS C 161 29.54 35.22 26.08
N THR C 162 28.69 34.20 26.02
CA THR C 162 27.79 33.95 24.90
C THR C 162 26.34 34.15 25.32
N PHE C 163 26.11 34.52 26.57
CA PHE C 163 24.77 34.70 27.11
C PHE C 163 24.90 35.56 28.35
N GLU C 164 24.08 36.59 28.48
CA GLU C 164 23.99 37.33 29.72
C GLU C 164 22.52 37.47 30.10
N TYR C 165 22.29 37.75 31.36
CA TYR C 165 20.97 38.02 31.91
C TYR C 165 21.16 38.67 33.26
N VAL C 166 20.40 39.72 33.56
CA VAL C 166 20.30 40.22 34.92
C VAL C 166 18.84 40.57 35.14
N SER C 167 18.47 40.90 36.38
CA SER C 167 17.15 41.43 36.67
C SER C 167 17.12 42.11 38.03
N LYS C 182 9.53 24.64 57.27
CA LYS C 182 10.18 25.85 56.78
C LYS C 182 9.75 26.19 55.37
N ASN C 183 10.66 26.00 54.42
CA ASN C 183 10.42 26.35 53.03
C ASN C 183 10.98 25.25 52.14
N LEU C 184 10.29 25.00 51.04
CA LEU C 184 10.70 24.00 50.06
C LEU C 184 10.94 24.70 48.74
N ARG C 185 12.12 24.51 48.16
CA ARG C 185 12.49 25.12 46.89
C ARG C 185 12.92 24.02 45.95
N GLU C 186 12.01 23.61 45.05
CA GLU C 186 12.27 22.50 44.16
C GLU C 186 12.70 22.97 42.78
N PHE C 187 13.56 22.18 42.14
CA PHE C 187 14.02 22.46 40.80
C PHE C 187 14.07 21.16 40.01
N VAL C 188 13.82 21.28 38.71
CA VAL C 188 14.04 20.17 37.78
C VAL C 188 14.93 20.70 36.66
N PHE C 189 16.04 20.04 36.43
CA PHE C 189 17.00 20.46 35.41
C PHE C 189 17.06 19.40 34.33
N LYS C 190 16.96 19.81 33.07
CA LYS C 190 17.19 18.89 31.98
C LYS C 190 17.83 19.63 30.81
N ASN C 191 18.41 18.88 29.88
CA ASN C 191 19.18 19.45 28.79
C ASN C 191 18.91 18.65 27.51
N ILE C 192 18.03 19.15 26.65
CA ILE C 192 17.58 18.42 25.48
C ILE C 192 17.73 19.28 24.25
N ASP C 193 18.37 18.73 23.22
CA ASP C 193 18.62 19.41 21.95
C ASP C 193 19.26 20.79 22.15
N GLY C 194 20.21 20.88 23.08
CA GLY C 194 20.90 22.12 23.33
C GLY C 194 20.14 23.14 24.14
N TYR C 195 18.97 22.77 24.64
CA TYR C 195 18.18 23.67 25.47
C TYR C 195 18.30 23.20 26.91
N PHE C 196 18.56 24.14 27.80
CA PHE C 196 18.72 23.83 29.21
C PHE C 196 17.49 24.38 29.93
N LYS C 197 16.61 23.48 30.33
CA LYS C 197 15.34 23.84 30.96
C LYS C 197 15.48 23.77 32.47
N ILE C 198 14.76 24.68 33.13
CA ILE C 198 14.65 24.71 34.59
C ILE C 198 13.18 24.87 34.94
N TYR C 199 12.68 23.97 35.77
CA TYR C 199 11.38 24.14 36.39
C TYR C 199 11.61 24.42 37.85
N SER C 200 10.70 25.17 38.46
CA SER C 200 10.87 25.49 39.86
C SER C 200 9.53 25.85 40.47
N LYS C 201 9.48 25.79 41.79
CA LYS C 201 8.37 26.33 42.56
C LYS C 201 8.82 26.49 44.01
N HIS C 202 8.34 27.54 44.65
CA HIS C 202 8.67 27.84 46.04
C HIS C 202 7.39 27.78 46.84
N THR C 203 7.29 26.75 47.67
CA THR C 203 6.10 26.50 48.47
C THR C 203 6.51 26.52 49.93
N PRO C 204 5.80 27.40 50.76
CA PRO C 204 6.19 27.34 52.17
C PRO C 204 5.54 26.15 52.87
N ILE C 205 6.17 25.68 53.96
CA ILE C 205 5.58 24.64 54.79
C ILE C 205 4.69 25.23 55.88
N ASP C 212 13.95 16.09 56.88
CA ASP C 212 13.29 15.12 56.02
C ASP C 212 12.06 15.74 55.34
N LEU C 213 11.96 15.55 54.03
CA LEU C 213 10.86 16.12 53.26
C LEU C 213 9.52 15.50 53.68
N PRO C 214 8.45 16.22 53.42
CA PRO C 214 7.12 15.84 53.92
C PRO C 214 6.49 14.88 52.92
N GLN C 215 5.18 14.95 52.74
CA GLN C 215 4.50 14.09 51.79
C GLN C 215 3.35 14.84 51.10
N GLY C 216 3.42 14.94 49.77
CA GLY C 216 2.39 15.63 49.02
C GLY C 216 2.69 15.74 47.55
N PHE C 217 1.80 16.39 46.79
CA PHE C 217 1.97 16.54 45.35
C PHE C 217 1.90 18.00 44.97
N SER C 218 2.84 18.43 44.11
CA SER C 218 2.85 19.79 43.60
C SER C 218 3.60 19.85 42.28
N ALA C 219 2.92 20.22 41.20
CA ALA C 219 3.52 20.27 39.88
C ALA C 219 4.35 21.55 39.70
N LEU C 220 5.48 21.41 39.00
CA LEU C 220 6.43 22.49 38.82
C LEU C 220 6.28 23.09 37.42
N GLU C 221 6.31 24.47 37.33
CA GLU C 221 6.11 25.24 36.11
C GLU C 221 7.43 25.68 35.50
N PRO C 222 7.48 25.85 34.18
CA PRO C 222 8.71 26.35 33.54
C PRO C 222 9.16 27.68 34.10
N LEU C 223 10.48 27.84 34.20
CA LEU C 223 11.07 29.08 34.72
C LEU C 223 11.79 29.86 33.63
N VAL C 224 12.62 29.18 32.86
CA VAL C 224 13.46 29.79 31.86
C VAL C 224 13.26 29.02 30.55
N ASP C 225 13.87 29.55 29.50
CA ASP C 225 14.05 28.91 28.21
C ASP C 225 15.41 29.39 27.67
N LEU C 226 16.42 28.52 27.61
CA LEU C 226 17.77 29.02 27.41
C LEU C 226 18.40 28.37 26.20
N PRO C 227 18.48 29.04 25.06
CA PRO C 227 19.09 28.46 23.85
C PRO C 227 20.62 28.53 23.90
N ILE C 228 21.21 27.65 24.70
CA ILE C 228 22.63 27.76 25.01
C ILE C 228 23.46 26.90 24.07
N GLY C 229 23.17 25.60 24.03
CA GLY C 229 23.90 24.68 23.17
C GLY C 229 24.87 23.82 23.97
N ILE C 230 25.06 24.20 25.22
CA ILE C 230 25.98 23.60 26.18
C ILE C 230 25.72 22.11 26.39
N ASN C 231 26.79 21.32 26.46
CA ASN C 231 26.73 19.91 26.86
C ASN C 231 26.98 19.83 28.35
N ILE C 232 26.31 18.89 29.03
CA ILE C 232 26.53 18.69 30.46
C ILE C 232 26.69 17.22 30.75
N THR C 233 27.71 16.88 31.55
CA THR C 233 27.89 15.53 32.04
C THR C 233 28.14 15.52 33.55
N ARG C 234 28.50 16.66 34.12
CA ARG C 234 28.71 16.73 35.56
C ARG C 234 28.36 18.12 36.06
N PHE C 235 28.14 18.23 37.36
CA PHE C 235 27.80 19.51 37.96
C PHE C 235 28.21 19.50 39.44
N GLN C 236 28.21 20.69 40.04
CA GLN C 236 28.43 20.83 41.47
C GLN C 236 27.41 21.78 42.07
N THR C 237 27.57 22.09 43.34
CA THR C 237 26.68 23.01 44.05
C THR C 237 27.53 24.04 44.78
N LEU C 238 26.87 25.12 45.22
CA LEU C 238 27.54 26.22 45.92
C LEU C 238 26.78 26.52 47.20
N LEU C 239 27.51 26.70 48.30
CA LEU C 239 26.89 26.94 49.59
C LEU C 239 27.47 28.19 50.23
N ALA C 240 26.64 28.84 51.05
CA ALA C 240 27.04 30.04 51.80
C ALA C 240 27.58 29.59 53.16
N LEU C 241 28.88 29.78 53.36
CA LEU C 241 29.57 29.41 54.59
C LEU C 241 29.29 30.34 55.75
N HIS C 242 29.71 29.92 56.93
CA HIS C 242 29.68 30.70 58.16
C HIS C 242 31.06 31.28 58.43
N ARG C 243 31.14 32.60 58.50
CA ARG C 243 32.44 33.22 58.75
C ARG C 243 32.40 34.27 59.86
N SER C 244 31.21 34.77 60.17
CA SER C 244 31.09 35.85 61.16
C SER C 244 30.09 35.49 62.25
N ALA C 261 21.83 21.55 53.29
CA ALA C 261 20.89 20.44 53.15
C ALA C 261 20.23 20.49 51.79
N TYR C 262 20.49 19.49 50.96
CA TYR C 262 19.87 19.41 49.65
C TYR C 262 19.84 17.98 49.14
N TYR C 263 19.05 17.77 48.10
CA TYR C 263 18.78 16.47 47.50
C TYR C 263 19.26 16.45 46.06
N VAL C 264 19.62 15.27 45.58
CA VAL C 264 19.99 15.11 44.18
C VAL C 264 19.37 13.84 43.61
N GLY C 265 18.33 14.00 42.79
CA GLY C 265 17.78 12.89 42.05
C GLY C 265 18.14 12.99 40.57
N TYR C 266 17.77 11.96 39.84
CA TYR C 266 17.96 11.95 38.39
C TYR C 266 16.68 11.48 37.74
N LEU C 267 16.54 11.79 36.46
CA LEU C 267 15.30 11.57 35.73
C LEU C 267 15.43 10.36 34.83
N GLN C 268 14.35 9.64 34.64
CA GLN C 268 14.29 8.47 33.78
C GLN C 268 13.08 8.58 32.88
N PRO C 269 13.12 7.94 31.73
CA PRO C 269 11.95 7.95 30.84
C PRO C 269 10.83 7.07 31.37
N ARG C 270 9.77 7.72 31.84
CA ARG C 270 8.59 7.07 32.38
C ARG C 270 7.32 7.64 31.76
N THR C 271 6.21 6.98 32.05
CA THR C 271 4.88 7.32 31.55
C THR C 271 3.98 7.57 32.75
N PHE C 272 3.24 8.66 32.72
CA PHE C 272 2.27 8.95 33.77
C PHE C 272 0.91 9.23 33.16
N LEU C 273 -0.11 9.11 34.02
CA LEU C 273 -1.49 9.51 33.71
C LEU C 273 -1.81 10.70 34.60
N LEU C 274 -1.96 11.87 33.97
CA LEU C 274 -2.06 13.12 34.71
C LEU C 274 -3.51 13.58 34.80
N LYS C 275 -3.91 13.99 35.99
CA LYS C 275 -5.26 14.47 36.24
C LYS C 275 -5.23 15.98 36.30
N TYR C 276 -6.00 16.63 35.42
CA TYR C 276 -6.14 18.06 35.45
C TYR C 276 -7.46 18.46 36.06
N ASN C 277 -7.44 19.51 36.86
CA ASN C 277 -8.63 20.17 37.37
C ASN C 277 -9.19 21.14 36.34
N GLU C 278 -10.28 21.80 36.69
CA GLU C 278 -10.90 22.75 35.80
C GLU C 278 -10.09 24.04 35.63
N ASN C 279 -9.20 24.36 36.57
CA ASN C 279 -8.32 25.49 36.38
C ASN C 279 -7.14 25.16 35.48
N GLY C 280 -6.94 23.90 35.14
CA GLY C 280 -5.89 23.52 34.24
C GLY C 280 -4.61 23.08 34.87
N THR C 281 -4.61 22.86 36.18
CA THR C 281 -3.41 22.44 36.88
C THR C 281 -3.44 20.93 37.13
N ILE C 282 -2.26 20.36 37.32
CA ILE C 282 -2.10 18.95 37.59
C ILE C 282 -2.35 18.74 39.08
N THR C 283 -3.33 17.91 39.42
CA THR C 283 -3.69 17.69 40.81
C THR C 283 -3.26 16.30 41.30
N ASP C 284 -3.14 15.34 40.39
CA ASP C 284 -2.76 13.98 40.75
C ASP C 284 -2.02 13.33 39.60
N ALA C 285 -1.39 12.20 39.87
CA ALA C 285 -0.68 11.46 38.84
C ALA C 285 -0.59 9.99 39.22
N VAL C 286 -0.41 9.16 38.20
CA VAL C 286 -0.19 7.74 38.37
C VAL C 286 1.10 7.37 37.66
N ASP C 287 1.99 6.68 38.37
CA ASP C 287 3.25 6.19 37.80
C ASP C 287 2.94 4.86 37.14
N CYS C 288 3.12 4.78 35.84
CA CYS C 288 2.60 3.65 35.06
C CYS C 288 3.59 2.49 35.03
N ALA C 289 4.62 2.58 35.87
CA ALA C 289 5.62 1.53 35.97
C ALA C 289 6.00 1.27 37.43
N LEU C 290 5.04 0.85 38.22
CA LEU C 290 5.27 0.58 39.64
C LEU C 290 4.42 -0.60 40.11
N ASP C 291 3.24 -0.29 40.65
CA ASP C 291 2.33 -1.33 41.14
C ASP C 291 1.38 -1.78 40.05
N PRO C 292 1.10 -3.08 40.00
CA PRO C 292 0.13 -3.63 39.06
C PRO C 292 -1.20 -2.90 39.03
N LEU C 293 -1.67 -2.38 40.15
CA LEU C 293 -2.90 -1.60 40.15
C LEU C 293 -2.75 -0.30 39.34
N SER C 294 -1.57 0.32 39.38
CA SER C 294 -1.35 1.53 38.61
C SER C 294 -1.34 1.25 37.11
N GLU C 295 -0.79 0.11 36.72
CA GLU C 295 -0.89 -0.29 35.33
C GLU C 295 -2.32 -0.50 34.87
N THR C 296 -3.18 -1.01 35.74
CA THR C 296 -4.61 -1.09 35.40
C THR C 296 -5.24 0.28 35.25
N LYS C 297 -4.93 1.19 36.18
CA LYS C 297 -5.45 2.56 36.07
C LYS C 297 -5.02 3.21 34.78
N CYS C 298 -3.76 3.01 34.39
CA CYS C 298 -3.23 3.67 33.22
C CYS C 298 -3.85 3.11 31.94
N THR C 299 -4.03 1.80 31.88
CA THR C 299 -4.69 1.18 30.72
C THR C 299 -6.14 1.59 30.59
N LEU C 300 -6.86 1.71 31.70
CA LEU C 300 -8.26 2.13 31.67
C LEU C 300 -8.46 3.63 31.56
N LYS C 301 -7.41 4.42 31.78
CA LYS C 301 -7.49 5.88 31.81
C LYS C 301 -8.45 6.36 32.89
N SER C 302 -8.22 5.89 34.11
CA SER C 302 -9.03 6.28 35.23
C SER C 302 -8.24 6.16 36.51
N PHE C 303 -8.73 6.80 37.55
CA PHE C 303 -8.19 6.65 38.89
C PHE C 303 -9.08 5.82 39.79
N THR C 304 -10.24 5.40 39.31
CA THR C 304 -11.13 4.50 40.04
C THR C 304 -11.40 3.29 39.17
N VAL C 305 -10.98 2.12 39.63
CA VAL C 305 -11.17 0.87 38.92
C VAL C 305 -12.27 0.08 39.59
N GLU C 306 -13.20 -0.43 38.79
CA GLU C 306 -14.31 -1.23 39.28
C GLU C 306 -13.88 -2.68 39.43
N LYS C 307 -14.55 -3.39 40.31
CA LYS C 307 -14.16 -4.76 40.60
C LYS C 307 -14.23 -5.62 39.35
N GLY C 308 -13.21 -6.44 39.17
CA GLY C 308 -13.18 -7.34 38.04
C GLY C 308 -11.76 -7.81 37.82
N ILE C 309 -11.50 -8.27 36.61
CA ILE C 309 -10.19 -8.74 36.23
C ILE C 309 -9.85 -8.06 34.91
N TYR C 310 -8.66 -7.49 34.84
CA TYR C 310 -8.25 -6.66 33.72
C TYR C 310 -6.96 -7.18 33.14
N GLN C 311 -6.91 -7.29 31.83
CA GLN C 311 -5.67 -7.63 31.14
C GLN C 311 -4.91 -6.35 30.87
N THR C 312 -3.70 -6.26 31.37
CA THR C 312 -3.01 -4.98 31.40
C THR C 312 -1.72 -5.05 30.60
N SER C 313 -1.09 -6.21 30.55
CA SER C 313 0.22 -6.32 29.91
C SER C 313 0.55 -7.76 29.58
N ASN C 314 1.84 -8.04 29.41
CA ASN C 314 2.28 -9.37 28.98
C ASN C 314 3.58 -9.79 29.62
N PHE C 315 3.82 -11.09 29.64
CA PHE C 315 5.05 -11.65 30.18
C PHE C 315 5.86 -12.23 29.03
N ARG C 316 7.11 -11.81 28.92
CA ARG C 316 8.00 -12.30 27.88
C ARG C 316 9.35 -12.69 28.42
N VAL C 317 9.63 -14.00 28.45
CA VAL C 317 10.93 -14.47 28.88
C VAL C 317 11.99 -13.97 27.91
N GLN C 318 13.17 -13.63 28.43
CA GLN C 318 14.24 -13.11 27.60
C GLN C 318 15.40 -14.09 27.46
N PRO C 319 16.00 -14.14 26.27
CA PRO C 319 17.12 -15.07 26.03
C PRO C 319 18.44 -14.54 26.59
N THR C 320 19.31 -15.44 27.04
CA THR C 320 20.62 -15.04 27.52
C THR C 320 21.74 -15.68 26.68
N GLU C 321 22.86 -14.96 26.57
CA GLU C 321 24.02 -15.46 25.84
C GLU C 321 23.75 -15.63 24.35
N SER C 322 24.82 -15.58 23.56
CA SER C 322 24.73 -15.76 22.12
C SER C 322 25.74 -16.79 21.66
N ILE C 323 25.27 -18.00 21.39
CA ILE C 323 26.15 -19.10 21.01
C ILE C 323 26.12 -19.35 19.51
N VAL C 324 27.28 -19.19 18.87
CA VAL C 324 27.40 -19.44 17.44
C VAL C 324 28.12 -20.75 17.17
N ARG C 325 27.36 -21.79 16.84
CA ARG C 325 27.93 -23.10 16.59
C ARG C 325 28.33 -23.24 15.13
N PHE C 326 29.26 -24.14 14.85
CA PHE C 326 29.83 -24.28 13.52
C PHE C 326 30.57 -25.60 13.37
N PRO C 327 30.82 -26.00 12.12
CA PRO C 327 31.49 -27.29 11.86
C PRO C 327 33.00 -27.21 11.96
N ASN C 328 33.67 -28.36 11.94
CA ASN C 328 35.13 -28.41 12.03
C ASN C 328 35.80 -28.03 10.71
N ILE C 329 37.00 -27.47 10.80
CA ILE C 329 37.76 -27.07 9.63
C ILE C 329 37.72 -28.15 8.55
N THR C 330 36.90 -27.92 7.52
CA THR C 330 36.78 -28.87 6.43
C THR C 330 38.14 -29.27 5.87
N ASN C 331 38.61 -28.54 4.87
CA ASN C 331 39.90 -28.81 4.26
C ASN C 331 40.99 -27.86 4.73
N LEU C 332 42.18 -28.00 4.18
CA LEU C 332 43.31 -27.14 4.54
C LEU C 332 43.93 -26.49 3.31
N CYS C 333 44.30 -25.23 3.44
CA CYS C 333 44.92 -24.48 2.34
C CYS C 333 46.36 -24.92 2.14
N PRO C 334 46.73 -25.35 0.93
CA PRO C 334 48.10 -25.86 0.72
C PRO C 334 49.16 -24.77 0.76
N PHE C 335 49.33 -24.14 1.93
CA PHE C 335 50.43 -23.19 2.07
C PHE C 335 51.76 -23.91 2.19
N ASP C 336 51.75 -25.10 2.78
CA ASP C 336 52.96 -25.92 2.86
C ASP C 336 53.73 -25.94 1.53
N GLU C 337 53.04 -26.28 0.44
CA GLU C 337 53.72 -26.45 -0.83
C GLU C 337 54.22 -25.14 -1.41
N VAL C 338 53.83 -24.00 -0.84
CA VAL C 338 54.34 -22.69 -1.25
C VAL C 338 55.58 -22.29 -0.45
N PHE C 339 55.48 -22.30 0.87
CA PHE C 339 56.60 -21.89 1.70
C PHE C 339 57.68 -22.97 1.77
N ASN C 340 57.30 -24.24 1.76
CA ASN C 340 58.25 -25.32 1.96
C ASN C 340 58.72 -25.94 0.64
N ALA C 341 58.38 -25.32 -0.49
CA ALA C 341 58.87 -25.76 -1.79
C ALA C 341 60.38 -25.83 -1.81
N THR C 342 60.91 -26.78 -2.60
CA THR C 342 62.36 -26.97 -2.68
C THR C 342 63.02 -25.86 -3.47
N ARG C 343 62.32 -25.31 -4.45
CA ARG C 343 62.88 -24.29 -5.31
C ARG C 343 61.82 -23.23 -5.56
N PHE C 344 62.17 -21.97 -5.35
CA PHE C 344 61.29 -20.87 -5.71
C PHE C 344 61.62 -20.43 -7.14
N ALA C 345 60.72 -19.67 -7.74
CA ALA C 345 60.97 -19.11 -9.06
C ALA C 345 62.01 -18.00 -8.97
N SER C 346 62.54 -17.60 -10.12
CA SER C 346 63.26 -16.34 -10.23
C SER C 346 62.26 -15.18 -10.15
N VAL C 347 62.69 -14.05 -9.60
CA VAL C 347 61.75 -12.95 -9.39
C VAL C 347 61.21 -12.45 -10.73
N TYR C 348 62.05 -12.37 -11.75
CA TYR C 348 61.56 -11.94 -13.07
C TYR C 348 60.42 -12.82 -13.55
N ALA C 349 60.45 -14.11 -13.19
CA ALA C 349 59.42 -15.08 -13.58
C ALA C 349 58.67 -15.58 -12.36
N TRP C 350 58.32 -14.64 -11.47
CA TRP C 350 57.69 -14.98 -10.21
C TRP C 350 56.49 -15.90 -10.41
N ASN C 351 56.29 -16.77 -9.44
CA ASN C 351 55.33 -17.85 -9.46
C ASN C 351 54.09 -17.44 -8.68
N ARG C 352 52.92 -17.75 -9.23
CA ARG C 352 51.66 -17.36 -8.60
C ARG C 352 50.78 -18.57 -8.38
N LYS C 353 50.57 -18.93 -7.13
CA LYS C 353 49.65 -20.00 -6.76
C LYS C 353 48.33 -19.37 -6.32
N ARG C 354 47.25 -19.74 -6.98
CA ARG C 354 45.93 -19.23 -6.64
C ARG C 354 45.29 -20.16 -5.62
N ILE C 355 44.71 -19.59 -4.56
CA ILE C 355 44.12 -20.37 -3.48
C ILE C 355 42.60 -20.26 -3.55
N SER C 356 41.92 -21.37 -3.24
CA SER C 356 40.46 -21.44 -3.29
C SER C 356 39.97 -22.56 -2.39
N ASN C 357 38.73 -22.40 -1.89
CA ASN C 357 37.94 -23.46 -1.25
C ASN C 357 38.73 -24.21 -0.18
N CYS C 358 39.30 -23.48 0.77
CA CYS C 358 40.08 -24.09 1.84
C CYS C 358 39.94 -23.33 3.16
N VAL C 359 39.30 -23.98 4.13
CA VAL C 359 39.08 -23.37 5.44
C VAL C 359 40.25 -23.57 6.40
N ALA C 360 40.52 -22.54 7.21
CA ALA C 360 41.60 -22.57 8.18
C ALA C 360 41.91 -21.16 8.69
N ASP C 361 42.05 -21.01 9.99
CA ASP C 361 42.34 -19.71 10.58
C ASP C 361 43.48 -19.05 9.81
N TYR C 362 43.51 -17.73 9.78
CA TYR C 362 44.56 -17.02 9.06
C TYR C 362 45.84 -16.85 9.85
N SER C 363 45.81 -16.99 11.16
CA SER C 363 47.00 -16.95 11.99
C SER C 363 47.67 -18.31 12.13
N VAL C 364 47.37 -19.28 11.26
CA VAL C 364 48.20 -20.48 11.21
C VAL C 364 49.61 -20.13 10.75
N LEU C 365 49.72 -19.12 9.89
CA LEU C 365 51.05 -18.59 9.61
C LEU C 365 51.45 -17.63 10.72
N TYR C 366 52.72 -17.23 10.66
CA TYR C 366 53.52 -16.61 11.73
C TYR C 366 53.72 -17.56 12.90
N ASN C 367 53.37 -18.83 12.75
CA ASN C 367 53.86 -19.85 13.65
C ASN C 367 55.30 -20.15 13.26
N LEU C 368 56.10 -20.59 14.25
CA LEU C 368 57.57 -20.54 14.21
C LEU C 368 57.97 -19.11 13.87
N ALA C 369 57.46 -18.15 14.65
CA ALA C 369 57.54 -16.70 14.45
C ALA C 369 58.95 -16.11 14.28
N PRO C 370 59.90 -16.21 15.27
CA PRO C 370 60.97 -15.20 15.34
C PRO C 370 62.10 -15.33 14.32
N PHE C 371 61.75 -15.48 13.04
CA PHE C 371 62.71 -15.32 11.96
C PHE C 371 62.06 -14.51 10.86
N PHE C 372 60.74 -14.38 10.90
CA PHE C 372 60.01 -13.70 9.84
C PHE C 372 60.01 -12.18 9.64
N THR C 373 60.00 -11.77 8.38
CA THR C 373 59.98 -10.35 8.03
C THR C 373 58.52 -9.96 7.79
N PHE C 374 57.61 -10.75 8.37
CA PHE C 374 56.18 -10.53 8.24
C PHE C 374 55.79 -9.06 8.28
N LYS C 375 55.30 -8.56 7.15
CA LYS C 375 54.88 -7.18 7.04
C LYS C 375 53.57 -7.16 6.28
N CYS C 376 52.47 -6.99 7.00
CA CYS C 376 51.16 -6.95 6.38
C CYS C 376 50.57 -5.58 6.65
N TYR C 377 50.05 -4.95 5.60
CA TYR C 377 49.82 -3.52 5.59
C TYR C 377 48.36 -3.21 5.84
N GLY C 378 48.12 -2.29 6.77
CA GLY C 378 46.79 -1.78 7.02
C GLY C 378 45.86 -2.70 7.78
N VAL C 379 46.33 -3.87 8.18
CA VAL C 379 45.52 -4.84 8.90
C VAL C 379 46.44 -5.78 9.65
N SER C 380 46.14 -5.99 10.91
CA SER C 380 46.97 -6.97 11.58
C SER C 380 46.47 -8.36 11.25
N PRO C 381 47.28 -9.42 11.44
CA PRO C 381 46.75 -10.78 11.26
C PRO C 381 45.64 -11.15 12.23
N THR C 382 45.60 -10.47 13.38
CA THR C 382 44.49 -10.63 14.32
C THR C 382 43.17 -10.21 13.69
N LYS C 383 43.15 -9.04 13.04
CA LYS C 383 41.92 -8.55 12.43
C LYS C 383 41.51 -9.36 11.20
N LEU C 384 42.46 -9.74 10.35
CA LEU C 384 42.08 -10.52 9.18
C LEU C 384 41.87 -12.00 9.51
N ASN C 385 42.18 -12.41 10.74
CA ASN C 385 41.97 -13.79 11.15
C ASN C 385 40.49 -14.18 11.14
N ASP C 386 39.61 -13.20 11.30
CA ASP C 386 38.17 -13.48 11.31
C ASP C 386 37.45 -12.62 10.27
N LEU C 387 38.01 -12.70 9.05
CA LEU C 387 37.51 -12.02 7.84
C LEU C 387 37.99 -12.84 6.64
N CYS C 388 37.06 -13.45 5.90
CA CYS C 388 37.39 -14.29 4.73
C CYS C 388 37.63 -13.54 3.42
N PHE C 389 37.76 -14.27 2.31
CA PHE C 389 37.99 -13.64 1.02
C PHE C 389 37.61 -14.62 -0.08
N THR C 390 37.32 -14.08 -1.26
CA THR C 390 36.93 -14.94 -2.36
C THR C 390 38.13 -15.73 -2.87
N ASN C 391 39.22 -15.03 -3.21
CA ASN C 391 40.44 -15.68 -3.66
C ASN C 391 41.63 -15.13 -2.89
N VAL C 392 42.65 -15.96 -2.77
CA VAL C 392 43.94 -15.55 -2.26
C VAL C 392 44.99 -15.99 -3.27
N TYR C 393 45.97 -15.11 -3.51
CA TYR C 393 47.05 -15.38 -4.45
C TYR C 393 48.38 -15.44 -3.69
N ALA C 394 49.20 -16.46 -3.97
CA ALA C 394 50.51 -16.62 -3.35
C ALA C 394 51.61 -16.50 -4.41
N ASP C 395 52.30 -15.38 -4.43
CA ASP C 395 53.41 -15.16 -5.33
C ASP C 395 54.71 -15.39 -4.57
N SER C 396 55.61 -16.19 -5.15
CA SER C 396 56.86 -16.50 -4.48
C SER C 396 58.02 -16.40 -5.47
N PHE C 397 59.16 -15.92 -4.97
CA PHE C 397 60.36 -15.71 -5.77
C PHE C 397 61.55 -15.62 -4.83
N VAL C 398 62.72 -15.25 -5.36
CA VAL C 398 63.96 -15.18 -4.58
C VAL C 398 64.68 -13.89 -4.96
N ILE C 399 65.17 -13.13 -3.96
CA ILE C 399 65.95 -11.92 -4.19
C ILE C 399 67.03 -11.80 -3.12
N ARG C 400 67.87 -10.76 -3.19
CA ARG C 400 68.84 -10.48 -2.14
C ARG C 400 68.17 -9.73 -1.00
N GLY C 401 68.70 -9.94 0.21
CA GLY C 401 68.15 -9.25 1.38
C GLY C 401 68.00 -7.76 1.16
N ASP C 402 69.04 -7.11 0.60
CA ASP C 402 69.06 -5.71 0.20
C ASP C 402 67.78 -5.24 -0.49
N GLU C 403 67.08 -6.17 -1.17
CA GLU C 403 65.99 -5.83 -2.05
C GLU C 403 64.62 -6.18 -1.49
N VAL C 404 64.58 -6.81 -0.32
CA VAL C 404 63.32 -7.14 0.31
C VAL C 404 62.51 -5.86 0.48
N ARG C 405 63.21 -4.79 0.84
CA ARG C 405 62.58 -3.49 1.03
C ARG C 405 61.76 -3.06 -0.18
N GLN C 406 62.16 -3.51 -1.38
CA GLN C 406 61.42 -3.14 -2.59
C GLN C 406 60.11 -3.89 -2.71
N ILE C 407 59.91 -4.98 -1.96
CA ILE C 407 58.66 -5.72 -2.03
C ILE C 407 57.74 -5.06 -1.03
N ALA C 408 57.16 -3.93 -1.44
CA ALA C 408 56.31 -3.09 -0.62
C ALA C 408 55.77 -1.98 -1.51
N PRO C 409 54.59 -1.44 -1.20
CA PRO C 409 53.95 -0.54 -2.16
C PRO C 409 54.67 0.80 -2.20
N GLY C 410 54.83 1.32 -3.42
CA GLY C 410 55.47 2.60 -3.62
C GLY C 410 56.97 2.63 -3.44
N GLN C 411 57.68 1.62 -3.90
CA GLN C 411 59.14 1.58 -3.87
C GLN C 411 59.69 1.53 -5.30
N THR C 412 60.98 1.80 -5.43
CA THR C 412 61.65 1.77 -6.73
C THR C 412 62.95 0.99 -6.64
N GLY C 413 63.45 0.59 -7.82
CA GLY C 413 64.64 -0.22 -7.95
C GLY C 413 64.53 -1.26 -9.05
N ASN C 414 65.59 -2.05 -9.27
CA ASN C 414 65.51 -3.11 -10.28
C ASN C 414 64.33 -4.04 -10.04
N ILE C 415 64.10 -4.43 -8.79
CA ILE C 415 63.07 -5.41 -8.51
C ILE C 415 61.70 -4.79 -8.73
N ALA C 416 61.42 -3.66 -8.08
CA ALA C 416 60.07 -3.09 -8.13
C ALA C 416 59.76 -2.45 -9.49
N ASP C 417 60.77 -2.02 -10.24
CA ASP C 417 60.49 -1.42 -11.55
C ASP C 417 60.38 -2.46 -12.65
N TYR C 418 61.19 -3.52 -12.59
CA TYR C 418 61.34 -4.44 -13.70
C TYR C 418 60.90 -5.87 -13.43
N ASN C 419 60.70 -6.27 -12.17
CA ASN C 419 60.46 -7.67 -11.84
C ASN C 419 59.16 -7.96 -11.13
N TYR C 420 58.92 -7.31 -9.97
CA TYR C 420 57.73 -7.53 -9.15
C TYR C 420 57.29 -6.22 -8.50
N LYS C 421 56.29 -5.58 -9.09
CA LYS C 421 55.75 -4.33 -8.59
C LYS C 421 54.44 -4.58 -7.85
N LEU C 422 54.36 -4.09 -6.59
CA LEU C 422 53.12 -4.05 -5.83
C LEU C 422 52.41 -2.73 -6.06
N PRO C 423 51.08 -2.73 -6.14
CA PRO C 423 50.34 -1.49 -6.37
C PRO C 423 50.36 -0.58 -5.15
N ASP C 424 50.13 0.71 -5.41
CA ASP C 424 50.09 1.69 -4.34
C ASP C 424 49.06 1.32 -3.27
N ASP C 425 47.90 0.80 -3.68
CA ASP C 425 46.78 0.47 -2.78
C ASP C 425 46.76 -1.00 -2.36
N PHE C 426 47.85 -1.48 -1.75
CA PHE C 426 48.01 -2.90 -1.52
C PHE C 426 47.40 -3.32 -0.17
N THR C 427 46.60 -4.40 -0.22
CA THR C 427 45.88 -4.94 0.94
C THR C 427 46.18 -6.41 1.24
N GLY C 428 47.47 -6.75 1.38
CA GLY C 428 47.90 -8.11 1.73
C GLY C 428 49.07 -8.16 2.69
N CYS C 429 49.97 -9.14 2.53
CA CYS C 429 51.15 -9.25 3.38
C CYS C 429 52.37 -9.66 2.56
N VAL C 430 53.54 -9.36 3.11
CA VAL C 430 54.82 -9.82 2.57
C VAL C 430 55.55 -10.59 3.65
N ILE C 431 55.94 -11.82 3.34
CA ILE C 431 56.72 -12.68 4.21
C ILE C 431 58.03 -12.99 3.51
N ALA C 432 59.14 -12.80 4.20
CA ALA C 432 60.46 -13.00 3.64
C ALA C 432 61.35 -13.59 4.72
N TRP C 433 62.15 -14.58 4.36
CA TRP C 433 63.10 -15.21 5.27
C TRP C 433 64.37 -15.51 4.52
N ASN C 434 65.46 -15.64 5.27
CA ASN C 434 66.78 -15.87 4.70
C ASN C 434 66.96 -17.35 4.35
N SER C 435 67.55 -17.63 3.20
CA SER C 435 67.70 -19.01 2.75
C SER C 435 69.10 -19.29 2.24
N ASN C 436 70.11 -18.79 2.94
CA ASN C 436 71.49 -19.11 2.58
C ASN C 436 71.73 -20.62 2.60
N LYS C 437 71.17 -21.31 3.59
CA LYS C 437 71.38 -22.75 3.71
C LYS C 437 70.85 -23.54 2.52
N LEU C 438 69.92 -22.96 1.75
CA LEU C 438 69.27 -23.66 0.64
C LEU C 438 69.69 -23.17 -0.74
N ASP C 439 69.90 -21.87 -0.95
CA ASP C 439 69.99 -21.32 -2.29
C ASP C 439 71.36 -20.74 -2.61
N SER C 440 72.38 -21.04 -1.83
CA SER C 440 73.74 -20.62 -2.15
C SER C 440 74.66 -21.83 -2.06
N LYS C 441 75.71 -21.81 -2.86
CA LYS C 441 76.70 -22.88 -2.83
C LYS C 441 78.04 -22.29 -3.22
N VAL C 442 79.09 -23.01 -2.91
CA VAL C 442 80.44 -22.47 -3.04
C VAL C 442 80.74 -22.14 -4.49
N SER C 443 80.30 -22.98 -5.42
CA SER C 443 80.62 -22.65 -6.81
C SER C 443 79.77 -21.49 -7.31
N GLY C 444 78.77 -21.07 -6.56
CA GLY C 444 77.94 -19.99 -7.01
C GLY C 444 76.64 -20.53 -7.55
N ASN C 445 75.52 -20.12 -6.96
CA ASN C 445 74.21 -20.57 -7.45
C ASN C 445 73.74 -19.60 -8.53
N TYR C 446 73.84 -20.01 -9.80
CA TYR C 446 73.37 -19.22 -10.93
C TYR C 446 71.99 -19.63 -11.39
N ASN C 447 71.20 -20.28 -10.53
CA ASN C 447 69.83 -20.64 -10.84
C ASN C 447 68.92 -19.43 -10.95
N TYR C 448 69.04 -18.49 -10.02
CA TYR C 448 68.08 -17.40 -9.88
C TYR C 448 68.55 -16.18 -10.64
N LEU C 449 67.67 -15.65 -11.51
CA LEU C 449 67.95 -14.46 -12.30
C LEU C 449 67.03 -13.32 -11.91
N TYR C 450 67.35 -12.12 -12.37
CA TYR C 450 66.49 -10.95 -12.22
C TYR C 450 66.67 -10.05 -13.44
N ARG C 451 65.65 -9.29 -13.78
CA ARG C 451 65.70 -8.44 -14.97
C ARG C 451 66.34 -7.11 -14.61
N LEU C 452 67.33 -6.70 -15.40
CA LEU C 452 68.13 -5.52 -15.13
C LEU C 452 67.75 -4.32 -15.99
N PHE C 453 67.42 -4.56 -17.24
CA PHE C 453 67.01 -3.52 -18.17
C PHE C 453 65.59 -3.77 -18.64
N ARG C 454 64.81 -2.69 -18.77
CA ARG C 454 63.52 -2.79 -19.42
C ARG C 454 63.08 -1.40 -19.88
N LYS C 455 62.44 -1.35 -21.04
CA LYS C 455 62.02 -0.06 -21.59
C LYS C 455 61.13 0.71 -20.62
N SER C 456 60.32 0.01 -19.84
CA SER C 456 59.28 0.66 -19.04
C SER C 456 59.07 -0.07 -17.72
N ASN C 457 58.72 0.69 -16.68
CA ASN C 457 58.42 0.09 -15.39
C ASN C 457 57.17 -0.78 -15.50
N LEU C 458 57.09 -1.79 -14.65
CA LEU C 458 55.96 -2.71 -14.67
C LEU C 458 54.71 -2.04 -14.13
N LYS C 459 53.57 -2.34 -14.73
CA LYS C 459 52.31 -2.15 -14.04
C LYS C 459 52.26 -3.11 -12.86
N PRO C 460 51.43 -2.81 -11.84
CA PRO C 460 51.35 -3.70 -10.68
C PRO C 460 50.90 -5.12 -11.03
N PHE C 461 51.58 -6.10 -10.41
CA PHE C 461 51.37 -7.53 -10.57
C PHE C 461 51.61 -8.02 -11.99
N GLU C 462 52.35 -7.26 -12.78
CA GLU C 462 52.68 -7.68 -14.13
C GLU C 462 53.89 -8.62 -14.07
N ARG C 463 53.93 -9.55 -15.03
CA ARG C 463 55.06 -10.46 -15.20
C ARG C 463 55.62 -10.32 -16.61
N ASP C 464 56.94 -10.39 -16.74
CA ASP C 464 57.60 -10.30 -18.03
C ASP C 464 58.69 -11.36 -18.08
N ILE C 465 58.52 -12.37 -18.92
CA ILE C 465 59.53 -13.43 -19.06
C ILE C 465 60.26 -13.39 -20.39
N SER C 466 59.94 -12.45 -21.28
CA SER C 466 60.61 -12.36 -22.57
C SER C 466 62.11 -12.16 -22.37
N THR C 467 62.89 -12.80 -23.23
CA THR C 467 64.35 -12.71 -23.20
C THR C 467 64.89 -11.93 -24.40
N GLU C 468 64.16 -10.92 -24.83
CA GLU C 468 64.58 -10.10 -25.95
C GLU C 468 65.79 -9.24 -25.56
N ILE C 469 66.69 -9.02 -26.52
CA ILE C 469 67.87 -8.21 -26.26
C ILE C 469 67.46 -6.75 -26.10
N TYR C 470 67.92 -6.13 -25.01
CA TYR C 470 67.54 -4.75 -24.67
C TYR C 470 68.38 -3.78 -25.50
N GLN C 471 67.70 -2.95 -26.29
CA GLN C 471 68.34 -2.00 -27.20
C GLN C 471 68.54 -0.65 -26.50
N ALA C 472 69.76 -0.41 -26.01
CA ALA C 472 70.09 0.85 -25.37
C ALA C 472 70.67 1.88 -26.35
N GLY C 473 71.38 1.41 -27.39
CA GLY C 473 71.84 2.28 -28.45
C GLY C 473 70.73 2.65 -29.41
N ASN C 474 71.10 2.94 -30.66
CA ASN C 474 70.09 3.25 -31.67
C ASN C 474 70.21 2.37 -32.91
N LYS C 475 71.10 1.38 -32.91
CA LYS C 475 71.18 0.25 -33.83
C LYS C 475 70.28 -0.89 -33.34
N PRO C 476 69.53 -1.54 -34.23
CA PRO C 476 68.78 -2.73 -33.81
C PRO C 476 69.71 -3.88 -33.42
N CYS C 477 69.24 -4.68 -32.45
CA CYS C 477 70.07 -5.75 -31.91
C CYS C 477 69.85 -7.09 -32.57
N ASN C 478 68.71 -7.28 -33.23
CA ASN C 478 68.38 -8.46 -34.05
C ASN C 478 68.45 -9.77 -33.29
N GLY C 479 68.64 -9.72 -31.98
CA GLY C 479 68.71 -10.93 -31.20
C GLY C 479 70.10 -11.46 -30.94
N VAL C 480 71.12 -10.61 -30.93
CA VAL C 480 72.46 -11.00 -30.49
C VAL C 480 73.03 -9.92 -29.58
N ALA C 481 73.60 -10.33 -28.45
CA ALA C 481 74.22 -9.39 -27.53
C ALA C 481 75.47 -8.78 -28.14
N GLY C 482 75.70 -7.52 -27.81
CA GLY C 482 76.82 -6.78 -28.37
C GLY C 482 76.81 -5.36 -27.84
N PHE C 483 77.47 -4.47 -28.56
CA PHE C 483 77.58 -3.08 -28.10
C PHE C 483 76.20 -2.44 -28.05
N ASN C 484 75.83 -1.94 -26.87
CA ASN C 484 74.51 -1.36 -26.62
C ASN C 484 73.39 -2.35 -26.87
N CYS C 485 73.71 -3.64 -26.77
CA CYS C 485 72.77 -4.73 -27.00
C CYS C 485 72.94 -5.74 -25.87
N TYR C 486 72.02 -5.71 -24.91
CA TYR C 486 72.20 -6.46 -23.67
C TYR C 486 71.08 -7.48 -23.51
N PHE C 487 71.46 -8.72 -23.28
CA PHE C 487 70.57 -9.70 -22.70
C PHE C 487 70.11 -9.19 -21.33
N PRO C 488 68.81 -9.02 -21.10
CA PRO C 488 68.34 -8.24 -19.96
C PRO C 488 68.19 -9.00 -18.65
N LEU C 489 68.42 -10.31 -18.61
CA LEU C 489 68.35 -11.05 -17.35
C LEU C 489 69.77 -11.28 -16.86
N ARG C 490 70.11 -10.89 -15.65
CA ARG C 490 71.46 -11.21 -15.24
C ARG C 490 71.32 -12.46 -14.38
N SER C 491 72.20 -12.66 -13.42
CA SER C 491 72.13 -13.77 -12.51
C SER C 491 72.71 -13.38 -11.15
N TYR C 492 71.90 -13.51 -10.09
CA TYR C 492 72.49 -13.49 -8.76
C TYR C 492 73.54 -14.58 -8.68
N SER C 493 74.46 -14.44 -7.74
CA SER C 493 75.63 -15.30 -7.79
C SER C 493 75.79 -16.09 -6.49
N PHE C 494 74.66 -16.43 -5.85
CA PHE C 494 74.62 -16.72 -4.43
C PHE C 494 75.69 -17.69 -3.96
N ARG C 495 76.60 -17.19 -3.12
CA ARG C 495 77.53 -18.01 -2.37
C ARG C 495 77.27 -17.85 -0.88
N PRO C 496 77.52 -18.89 -0.07
CA PRO C 496 77.23 -18.80 1.37
C PRO C 496 78.07 -17.77 2.12
N THR C 497 79.12 -17.22 1.53
CA THR C 497 79.98 -16.27 2.22
C THR C 497 79.64 -14.82 1.86
N TYR C 498 78.57 -14.58 1.13
CA TYR C 498 78.11 -13.21 0.93
C TYR C 498 77.68 -12.60 2.26
N GLY C 499 77.74 -11.29 2.32
CA GLY C 499 77.13 -10.59 3.42
C GLY C 499 75.64 -10.77 3.40
N VAL C 500 74.99 -10.38 4.51
CA VAL C 500 73.57 -10.67 4.67
C VAL C 500 72.76 -10.03 3.54
N GLY C 501 73.10 -8.81 3.20
CA GLY C 501 72.33 -8.10 2.20
C GLY C 501 72.56 -8.56 0.78
N HIS C 502 73.51 -9.46 0.55
CA HIS C 502 73.66 -10.10 -0.75
C HIS C 502 73.25 -11.57 -0.75
N GLN C 503 72.85 -12.10 0.39
CA GLN C 503 72.39 -13.47 0.51
C GLN C 503 70.98 -13.59 -0.06
N PRO C 504 70.56 -14.81 -0.41
CA PRO C 504 69.21 -15.00 -0.95
C PRO C 504 68.15 -14.98 0.13
N TYR C 505 67.00 -14.42 -0.21
CA TYR C 505 65.82 -14.43 0.63
C TYR C 505 64.64 -14.92 -0.20
N ARG C 506 63.88 -15.85 0.35
CA ARG C 506 62.64 -16.28 -0.27
C ARG C 506 61.52 -15.38 0.22
N VAL C 507 60.64 -14.99 -0.69
CA VAL C 507 59.59 -14.02 -0.43
C VAL C 507 58.27 -14.63 -0.84
N VAL C 508 57.26 -14.53 0.01
CA VAL C 508 55.91 -14.99 -0.28
C VAL C 508 54.96 -13.82 -0.13
N VAL C 509 54.22 -13.51 -1.18
CA VAL C 509 53.38 -12.33 -1.21
C VAL C 509 51.93 -12.75 -1.27
N LEU C 510 51.18 -12.43 -0.21
CA LEU C 510 49.77 -12.80 -0.10
C LEU C 510 48.90 -11.61 -0.50
N SER C 511 48.07 -11.80 -1.53
CA SER C 511 47.04 -10.84 -1.88
C SER C 511 45.68 -11.43 -1.54
N PHE C 512 44.78 -10.58 -1.01
CA PHE C 512 43.41 -10.98 -0.70
C PHE C 512 42.44 -10.11 -1.49
N GLU C 513 41.50 -10.74 -2.19
CA GLU C 513 40.55 -9.98 -3.00
C GLU C 513 39.12 -10.25 -2.54
N LEU C 514 38.25 -9.27 -2.80
CA LEU C 514 36.82 -9.38 -2.53
C LEU C 514 36.04 -9.05 -3.80
N LEU C 515 35.03 -9.86 -4.10
CA LEU C 515 34.26 -9.75 -5.34
C LEU C 515 32.80 -10.04 -5.02
N HIS C 516 32.01 -10.31 -6.06
CA HIS C 516 30.60 -10.63 -5.90
C HIS C 516 30.35 -12.12 -5.77
N ALA C 517 31.47 -12.98 -5.80
CA ALA C 517 31.53 -14.41 -5.62
C ALA C 517 31.66 -14.75 -4.13
N PRO C 518 31.10 -15.88 -3.71
CA PRO C 518 31.19 -16.27 -2.29
C PRO C 518 32.63 -16.41 -1.83
N ALA C 519 32.87 -16.07 -0.56
CA ALA C 519 34.20 -16.13 0.02
C ALA C 519 34.52 -17.58 0.37
N THR C 520 35.49 -18.17 -0.34
CA THR C 520 35.83 -19.59 -0.20
C THR C 520 37.07 -19.82 0.65
N VAL C 521 37.62 -18.76 1.23
CA VAL C 521 38.81 -18.86 2.06
C VAL C 521 38.64 -18.11 3.38
N CYS C 522 38.50 -18.86 4.47
CA CYS C 522 38.32 -18.28 5.78
C CYS C 522 38.95 -19.15 6.86
N GLY C 523 39.42 -18.49 7.92
CA GLY C 523 40.06 -19.12 9.06
C GLY C 523 39.04 -19.73 10.00
N PRO C 524 38.88 -19.19 11.20
CA PRO C 524 37.89 -19.80 12.10
C PRO C 524 36.56 -19.06 12.05
N LYS C 525 35.65 -19.39 12.96
CA LYS C 525 34.34 -18.76 13.03
C LYS C 525 34.03 -18.28 14.43
N LYS C 526 34.96 -18.48 15.35
CA LYS C 526 34.78 -18.07 16.74
C LYS C 526 34.33 -19.26 17.59
N SER C 527 35.29 -19.98 18.14
CA SER C 527 35.02 -21.14 18.99
C SER C 527 34.07 -20.81 20.15
N THR C 528 33.34 -21.81 20.60
CA THR C 528 32.37 -21.63 21.67
C THR C 528 31.66 -22.95 22.02
N ASN C 529 31.35 -23.14 23.29
CA ASN C 529 30.71 -24.36 23.76
C ASN C 529 29.20 -24.35 23.51
N LEU C 530 28.50 -25.34 24.06
CA LEU C 530 27.06 -25.44 23.84
C LEU C 530 26.33 -25.81 25.14
N VAL C 531 25.36 -24.99 25.51
CA VAL C 531 24.62 -25.19 26.75
C VAL C 531 23.25 -25.74 26.39
N LYS C 532 22.56 -26.29 27.37
CA LYS C 532 21.23 -26.82 27.13
C LYS C 532 20.29 -26.41 28.25
N ASN C 533 19.00 -26.47 27.97
CA ASN C 533 17.92 -26.14 28.90
C ASN C 533 17.94 -24.68 29.33
N LYS C 534 18.37 -23.77 28.46
CA LYS C 534 18.39 -22.35 28.76
C LYS C 534 17.89 -21.60 27.53
N CYS C 535 17.15 -20.52 27.78
CA CYS C 535 16.68 -19.69 26.69
C CYS C 535 17.97 -19.01 26.26
N VAL C 536 18.34 -19.16 25.00
CA VAL C 536 19.59 -18.60 24.53
C VAL C 536 19.37 -18.07 23.13
N ASN C 537 20.28 -17.23 22.68
CA ASN C 537 20.32 -16.72 21.32
C ASN C 537 21.32 -17.60 20.57
N PHE C 538 20.84 -18.33 19.58
CA PHE C 538 21.68 -19.33 18.92
C PHE C 538 21.84 -19.05 17.44
N ASN C 539 22.93 -19.59 16.90
CA ASN C 539 23.20 -19.59 15.46
C ASN C 539 23.89 -20.91 15.14
N PHE C 540 23.27 -21.71 14.28
CA PHE C 540 23.83 -22.98 13.80
C PHE C 540 24.15 -22.83 12.32
N ASN C 541 25.40 -22.45 12.04
CA ASN C 541 25.94 -22.25 10.70
C ASN C 541 24.97 -21.57 9.75
N GLY C 542 24.37 -20.47 10.20
CA GLY C 542 23.48 -19.73 9.34
C GLY C 542 22.06 -19.65 9.87
N LEU C 543 21.62 -20.70 10.57
CA LEU C 543 20.28 -20.74 11.15
C LEU C 543 20.26 -19.84 12.37
N LYS C 544 19.55 -18.72 12.29
CA LYS C 544 19.52 -17.74 13.37
C LYS C 544 18.17 -17.87 14.09
N GLY C 545 18.21 -17.99 15.41
CA GLY C 545 16.97 -18.02 16.16
C GLY C 545 17.10 -17.86 17.65
N THR C 546 15.98 -17.97 18.36
CA THR C 546 15.94 -17.86 19.81
C THR C 546 15.09 -18.99 20.36
N GLY C 547 15.51 -19.53 21.50
CA GLY C 547 14.73 -20.57 22.13
C GLY C 547 15.58 -21.47 23.01
N VAL C 548 14.90 -22.41 23.62
CA VAL C 548 15.49 -23.40 24.51
C VAL C 548 15.84 -24.64 23.71
N LEU C 549 17.05 -25.14 23.92
CA LEU C 549 17.58 -26.30 23.22
C LEU C 549 17.44 -27.51 24.13
N THR C 550 16.84 -28.58 23.61
CA THR C 550 16.68 -29.79 24.39
C THR C 550 16.92 -31.03 23.54
N GLU C 551 17.31 -32.13 24.20
CA GLU C 551 17.48 -33.39 23.49
C GLU C 551 16.18 -33.80 22.81
N SER C 552 16.29 -34.21 21.54
CA SER C 552 15.12 -34.58 20.77
C SER C 552 14.96 -36.09 20.72
N ASN C 553 13.87 -36.51 20.07
CA ASN C 553 13.65 -37.92 19.80
C ASN C 553 13.29 -38.15 18.34
N LYS C 554 13.62 -37.21 17.45
CA LYS C 554 13.42 -37.34 16.02
C LYS C 554 14.62 -38.03 15.39
N LYS C 555 14.41 -38.53 14.17
CA LYS C 555 15.47 -39.19 13.42
C LYS C 555 15.53 -38.62 12.01
N PHE C 556 16.54 -37.81 11.75
CA PHE C 556 16.71 -37.18 10.45
C PHE C 556 17.22 -38.19 9.43
N LEU C 557 17.18 -37.85 8.16
CA LEU C 557 17.82 -38.72 7.20
C LEU C 557 19.30 -38.36 7.12
N PRO C 558 20.16 -39.28 6.72
CA PRO C 558 21.59 -39.00 6.82
C PRO C 558 22.09 -38.00 5.78
N PHE C 559 21.31 -36.99 5.52
CA PHE C 559 21.77 -35.84 4.75
C PHE C 559 21.11 -34.56 5.20
N GLN C 560 20.21 -34.61 6.19
CA GLN C 560 19.38 -33.48 6.57
C GLN C 560 19.98 -32.82 7.80
N GLN C 561 20.01 -31.49 7.79
CA GLN C 561 20.56 -30.70 8.88
C GLN C 561 19.52 -30.32 9.92
N PHE C 562 18.37 -29.79 9.50
CA PHE C 562 17.37 -29.31 10.42
C PHE C 562 15.99 -29.69 9.94
N GLY C 563 15.02 -29.65 10.85
CA GLY C 563 13.65 -29.98 10.56
C GLY C 563 12.74 -28.77 10.76
N ARG C 564 11.61 -28.82 10.08
CA ARG C 564 10.56 -27.84 10.27
C ARG C 564 9.27 -28.53 10.65
N ASP C 565 8.39 -27.78 11.30
CA ASP C 565 7.07 -28.26 11.65
C ASP C 565 6.06 -27.91 10.57
N ILE C 566 4.81 -28.27 10.79
CA ILE C 566 3.73 -27.89 9.91
C ILE C 566 3.62 -26.38 10.02
N ALA C 567 3.41 -25.72 8.89
CA ALA C 567 3.43 -24.25 8.74
C ALA C 567 4.86 -23.77 8.54
N ASP C 568 5.80 -24.70 8.34
CA ASP C 568 7.16 -24.39 7.89
C ASP C 568 7.95 -23.48 8.82
N THR C 569 8.05 -23.83 10.10
CA THR C 569 8.93 -23.12 11.02
C THR C 569 9.92 -24.11 11.61
N THR C 570 11.18 -23.71 11.69
CA THR C 570 12.23 -24.60 12.18
C THR C 570 11.95 -25.00 13.61
N ASP C 571 11.98 -26.29 13.89
CA ASP C 571 11.76 -26.74 15.26
C ASP C 571 12.80 -27.71 15.76
N ALA C 572 13.74 -28.13 14.93
CA ALA C 572 14.83 -28.99 15.37
C ALA C 572 16.03 -28.74 14.49
N VAL C 573 17.22 -28.86 15.06
CA VAL C 573 18.46 -28.73 14.30
C VAL C 573 19.38 -29.88 14.72
N ARG C 574 20.46 -30.03 13.95
CA ARG C 574 21.51 -30.97 14.24
C ARG C 574 22.77 -30.19 14.54
N ASP C 575 23.46 -30.54 15.62
CA ASP C 575 24.70 -29.84 15.95
C ASP C 575 25.78 -30.27 14.97
N PRO C 576 26.40 -29.35 14.26
CA PRO C 576 27.41 -29.74 13.27
C PRO C 576 28.54 -30.59 13.84
N GLN C 577 28.94 -30.32 15.09
CA GLN C 577 30.09 -31.02 15.64
C GLN C 577 29.73 -32.38 16.22
N THR C 578 28.68 -32.45 17.04
CA THR C 578 28.37 -33.68 17.73
C THR C 578 27.33 -34.54 16.99
N LEU C 579 26.66 -33.98 15.98
CA LEU C 579 25.67 -34.69 15.16
C LEU C 579 24.51 -35.22 16.00
N GLU C 580 23.96 -34.36 16.85
CA GLU C 580 22.80 -34.72 17.66
C GLU C 580 21.65 -33.77 17.38
N ILE C 581 20.45 -34.31 17.40
CA ILE C 581 19.25 -33.56 17.09
C ILE C 581 18.72 -32.92 18.36
N LEU C 582 18.45 -31.63 18.30
CA LEU C 582 18.00 -30.84 19.43
C LEU C 582 16.73 -30.11 19.05
N ASP C 583 15.72 -30.18 19.91
CA ASP C 583 14.49 -29.41 19.69
C ASP C 583 14.65 -27.98 20.15
N ILE C 584 13.89 -27.11 19.50
CA ILE C 584 13.90 -25.69 19.77
C ILE C 584 12.51 -25.30 20.21
N THR C 585 12.36 -25.00 21.48
CA THR C 585 11.03 -24.60 21.92
C THR C 585 11.01 -23.11 22.20
N PRO C 586 9.88 -22.44 22.05
CA PRO C 586 9.84 -21.00 22.35
C PRO C 586 10.00 -20.76 23.84
N CYS C 587 10.50 -19.56 24.16
CA CYS C 587 10.73 -19.13 25.53
C CYS C 587 9.46 -18.47 26.08
N SER C 588 8.75 -19.22 26.90
CA SER C 588 7.46 -18.83 27.49
C SER C 588 7.04 -17.36 27.52
N PHE C 589 5.82 -17.14 27.02
CA PHE C 589 5.17 -15.84 26.90
C PHE C 589 3.70 -16.03 27.27
N GLY C 590 3.06 -14.93 27.63
CA GLY C 590 1.63 -14.99 27.89
C GLY C 590 1.09 -13.70 28.46
N GLY C 591 -0.22 -13.54 28.50
CA GLY C 591 -0.79 -12.33 29.04
C GLY C 591 -0.66 -12.25 30.55
N VAL C 592 -0.72 -11.03 31.05
CA VAL C 592 -0.71 -10.77 32.49
C VAL C 592 -1.98 -10.01 32.83
N SER C 593 -2.74 -10.55 33.78
CA SER C 593 -4.00 -9.94 34.18
C SER C 593 -3.93 -9.57 35.66
N VAL C 594 -4.64 -8.53 36.02
CA VAL C 594 -4.66 -8.01 37.39
C VAL C 594 -6.06 -8.19 37.97
N ILE C 595 -6.13 -8.82 39.12
CA ILE C 595 -7.36 -9.13 39.83
C ILE C 595 -7.49 -8.14 40.97
N THR C 596 -8.56 -7.37 40.96
CA THR C 596 -8.77 -6.30 41.93
C THR C 596 -10.17 -6.37 42.52
N PRO C 597 -10.29 -6.23 43.85
CA PRO C 597 -11.62 -6.15 44.46
C PRO C 597 -12.35 -4.83 44.20
N GLY C 598 -11.72 -3.85 43.61
CA GLY C 598 -12.28 -2.52 43.43
C GLY C 598 -11.59 -1.56 44.38
N THR C 599 -11.24 -0.38 43.87
CA THR C 599 -10.46 0.58 44.64
C THR C 599 -11.25 1.17 45.79
N ASN C 600 -12.55 0.94 45.82
CA ASN C 600 -13.45 1.38 46.87
C ASN C 600 -13.60 0.33 47.95
N THR C 601 -12.83 -0.74 47.85
CA THR C 601 -12.90 -1.83 48.81
C THR C 601 -11.53 -2.02 49.46
N SER C 602 -10.49 -2.00 48.64
CA SER C 602 -9.13 -2.26 49.09
C SER C 602 -8.19 -1.94 47.94
N ASN C 603 -6.90 -1.93 48.25
CA ASN C 603 -5.87 -1.79 47.23
C ASN C 603 -5.05 -3.05 47.09
N GLN C 604 -5.50 -4.15 47.67
CA GLN C 604 -4.85 -5.44 47.46
C GLN C 604 -5.18 -5.97 46.07
N VAL C 605 -4.26 -6.77 45.53
CA VAL C 605 -4.37 -7.24 44.17
C VAL C 605 -3.65 -8.58 44.08
N ALA C 606 -4.14 -9.44 43.19
CA ALA C 606 -3.45 -10.66 42.83
C ALA C 606 -3.22 -10.68 41.32
N VAL C 607 -2.22 -11.43 40.88
CA VAL C 607 -1.83 -11.40 39.47
C VAL C 607 -1.84 -12.81 38.91
N LEU C 608 -2.43 -12.97 37.73
CA LEU C 608 -2.47 -14.24 37.02
C LEU C 608 -1.57 -14.16 35.80
N TYR C 609 -0.61 -15.08 35.71
CA TYR C 609 0.25 -15.22 34.55
C TYR C 609 -0.35 -16.31 33.68
N GLN C 610 -0.87 -15.95 32.52
CA GLN C 610 -1.67 -16.88 31.76
C GLN C 610 -0.79 -17.95 31.12
N GLY C 611 -1.13 -19.20 31.39
CA GLY C 611 -0.45 -20.42 30.95
C GLY C 611 1.07 -20.33 31.11
N VAL C 612 1.49 -19.83 32.27
CA VAL C 612 2.88 -19.79 32.64
C VAL C 612 3.10 -20.76 33.78
N ASN C 613 4.14 -21.57 33.65
CA ASN C 613 4.44 -22.51 34.72
C ASN C 613 5.05 -21.74 35.89
N CYS C 614 4.75 -22.22 37.10
CA CYS C 614 5.13 -21.49 38.29
C CYS C 614 6.62 -21.56 38.59
N THR C 615 7.41 -22.18 37.72
CA THR C 615 8.86 -22.26 37.87
C THR C 615 9.57 -21.28 36.94
N GLU C 616 8.80 -20.65 36.06
CA GLU C 616 9.37 -19.76 35.06
C GLU C 616 8.74 -18.38 35.13
N VAL C 617 8.25 -18.01 36.31
CA VAL C 617 7.59 -16.73 36.49
C VAL C 617 8.62 -15.60 36.62
N PRO C 618 9.67 -15.72 37.44
CA PRO C 618 10.54 -14.55 37.53
C PRO C 618 11.56 -14.50 36.41
N SER C 637 5.07 -16.69 50.17
CA SER C 637 3.86 -16.08 49.62
C SER C 637 2.86 -17.12 49.13
N ASN C 638 1.85 -16.67 48.40
CA ASN C 638 0.73 -17.51 48.01
C ASN C 638 0.76 -17.73 46.51
N VAL C 639 1.19 -18.91 46.10
CA VAL C 639 1.22 -19.26 44.69
C VAL C 639 0.26 -20.43 44.50
N PHE C 640 -0.66 -20.28 43.56
CA PHE C 640 -1.70 -21.25 43.32
C PHE C 640 -1.67 -21.59 41.83
N GLN C 641 -1.60 -22.87 41.52
CA GLN C 641 -1.55 -23.31 40.13
C GLN C 641 -2.96 -23.67 39.66
N THR C 642 -3.36 -23.08 38.56
CA THR C 642 -4.62 -23.35 37.92
C THR C 642 -4.36 -23.76 36.48
N ARG C 643 -5.35 -24.38 35.85
CA ARG C 643 -5.24 -24.73 34.46
C ARG C 643 -5.15 -23.50 33.55
N ALA C 644 -5.38 -22.31 34.09
CA ALA C 644 -5.31 -21.07 33.33
C ALA C 644 -3.99 -20.34 33.54
N GLY C 645 -3.09 -20.86 34.36
CA GLY C 645 -1.85 -20.19 34.68
C GLY C 645 -1.55 -20.19 36.16
N CYS C 646 -0.59 -19.37 36.55
CA CYS C 646 -0.20 -19.27 37.95
C CYS C 646 -0.79 -18.00 38.59
N LEU C 647 -1.51 -18.20 39.68
CA LEU C 647 -2.12 -17.12 40.44
C LEU C 647 -1.29 -16.85 41.68
N ILE C 648 -0.81 -15.61 41.83
CA ILE C 648 0.05 -15.23 42.93
C ILE C 648 -0.59 -14.06 43.68
N GLY C 649 -0.64 -14.18 45.00
CA GLY C 649 -1.21 -13.15 45.83
C GLY C 649 -2.59 -13.43 46.36
N ALA C 650 -3.12 -14.63 46.14
CA ALA C 650 -4.41 -15.04 46.65
C ALA C 650 -4.25 -16.42 47.28
N GLU C 651 -4.96 -16.65 48.37
CA GLU C 651 -4.91 -17.95 49.04
C GLU C 651 -6.04 -18.85 48.54
N TYR C 652 -5.72 -20.11 48.32
CA TYR C 652 -6.72 -21.08 47.90
C TYR C 652 -7.29 -21.82 49.08
N VAL C 653 -8.62 -21.80 49.19
CA VAL C 653 -9.34 -22.39 50.29
C VAL C 653 -10.07 -23.64 49.80
N ASN C 654 -10.55 -24.45 50.73
CA ASN C 654 -11.23 -25.70 50.42
C ASN C 654 -12.74 -25.58 50.42
N ASN C 655 -13.28 -24.44 50.85
CA ASN C 655 -14.70 -24.17 50.79
C ASN C 655 -15.13 -23.89 49.36
N SER C 656 -16.42 -23.65 49.13
CA SER C 656 -16.90 -23.32 47.80
C SER C 656 -17.97 -22.26 47.93
N TYR C 657 -17.79 -21.16 47.22
CA TYR C 657 -18.67 -20.01 47.27
C TYR C 657 -19.31 -19.80 45.91
N GLU C 658 -20.22 -18.85 45.85
CA GLU C 658 -20.73 -18.36 44.58
C GLU C 658 -19.64 -17.60 43.86
N CYS C 659 -19.61 -17.73 42.55
CA CYS C 659 -18.56 -17.07 41.78
C CYS C 659 -18.76 -15.56 41.79
N ASP C 660 -17.67 -14.84 42.00
CA ASP C 660 -17.69 -13.39 42.04
C ASP C 660 -16.90 -12.77 40.89
N ILE C 661 -15.61 -13.07 40.86
CA ILE C 661 -14.71 -12.67 39.80
C ILE C 661 -14.28 -13.96 39.11
N PRO C 662 -14.67 -14.20 37.89
CA PRO C 662 -14.33 -15.46 37.24
C PRO C 662 -12.89 -15.51 36.74
N ILE C 663 -12.14 -16.52 37.15
CA ILE C 663 -10.79 -16.70 36.69
C ILE C 663 -10.74 -17.62 35.49
N GLY C 664 -11.33 -18.79 35.61
CA GLY C 664 -11.37 -19.73 34.50
C GLY C 664 -11.21 -21.15 34.97
N ALA C 665 -11.66 -22.07 34.12
CA ALA C 665 -11.59 -23.52 34.39
C ALA C 665 -12.17 -23.87 35.75
N GLY C 666 -13.28 -23.25 36.10
CA GLY C 666 -13.95 -23.52 37.35
C GLY C 666 -13.46 -22.74 38.54
N ILE C 667 -12.44 -21.89 38.39
CA ILE C 667 -11.85 -21.14 39.50
C ILE C 667 -12.36 -19.72 39.46
N CYS C 668 -12.79 -19.22 40.62
CA CYS C 668 -13.12 -17.81 40.79
C CYS C 668 -12.38 -17.19 41.97
N ALA C 669 -12.45 -15.87 42.07
CA ALA C 669 -11.80 -15.13 43.15
C ALA C 669 -12.83 -14.26 43.83
N SER C 670 -12.58 -13.97 45.11
CA SER C 670 -13.48 -13.08 45.85
C SER C 670 -12.69 -12.37 46.93
N TYR C 671 -13.26 -11.29 47.43
CA TYR C 671 -12.67 -10.53 48.53
C TYR C 671 -13.46 -10.82 49.80
N GLN C 672 -13.14 -11.90 50.48
CA GLN C 672 -13.95 -12.22 51.65
C GLN C 672 -13.16 -12.44 52.92
N THR C 673 -12.12 -13.25 52.84
CA THR C 673 -11.48 -13.79 54.01
C THR C 673 -10.01 -13.40 54.07
N GLN C 687 -10.95 -9.14 54.08
CA GLN C 687 -9.69 -8.89 54.75
C GLN C 687 -8.52 -9.48 53.95
N SER C 688 -8.82 -9.95 52.74
CA SER C 688 -7.79 -10.48 51.87
C SER C 688 -8.36 -10.85 50.49
N ILE C 689 -7.70 -11.78 49.81
CA ILE C 689 -8.16 -12.26 48.51
C ILE C 689 -7.98 -13.76 48.46
N ILE C 690 -8.98 -14.47 47.96
CA ILE C 690 -8.93 -15.93 47.93
C ILE C 690 -9.35 -16.52 46.59
N ALA C 691 -8.87 -17.73 46.31
CA ALA C 691 -9.35 -18.52 45.19
C ALA C 691 -10.14 -19.73 45.67
N TYR C 692 -11.04 -20.23 44.84
CA TYR C 692 -11.88 -21.35 45.21
C TYR C 692 -12.62 -21.89 43.99
N THR C 693 -13.13 -23.11 44.09
CA THR C 693 -13.91 -23.70 43.02
C THR C 693 -15.38 -23.38 43.24
N MET C 694 -15.91 -22.43 42.49
CA MET C 694 -17.29 -22.01 42.67
C MET C 694 -18.29 -23.17 42.80
N SER C 695 -19.34 -22.94 43.56
CA SER C 695 -20.45 -23.87 43.70
C SER C 695 -21.55 -23.51 42.73
N LEU C 696 -22.22 -24.53 42.22
CA LEU C 696 -23.30 -24.31 41.27
C LEU C 696 -24.61 -23.99 41.97
N GLY C 697 -24.79 -24.47 43.18
CA GLY C 697 -26.02 -24.24 43.91
C GLY C 697 -26.14 -25.26 45.03
N ALA C 698 -27.20 -25.09 45.81
CA ALA C 698 -27.44 -26.00 46.92
C ALA C 698 -28.01 -27.32 46.42
N GLU C 699 -27.68 -28.39 47.11
CA GLU C 699 -28.22 -29.68 46.74
C GLU C 699 -29.61 -29.90 47.33
N ASN C 700 -30.37 -30.76 46.67
CA ASN C 700 -31.72 -31.06 47.09
C ASN C 700 -32.11 -32.42 46.56
N SER C 701 -32.44 -33.33 47.46
CA SER C 701 -32.97 -34.63 47.08
C SER C 701 -34.48 -34.55 47.12
N VAL C 702 -35.10 -35.03 46.07
CA VAL C 702 -36.56 -35.02 45.93
C VAL C 702 -37.07 -36.33 46.51
N ALA C 703 -38.07 -36.24 47.38
CA ALA C 703 -38.62 -37.40 48.06
C ALA C 703 -39.52 -38.19 47.11
N TYR C 704 -38.92 -38.72 46.06
CA TYR C 704 -39.68 -39.44 45.07
C TYR C 704 -40.12 -40.80 45.59
N SER C 705 -41.37 -41.15 45.32
CA SER C 705 -41.88 -42.50 45.46
C SER C 705 -42.98 -42.70 44.44
N ASN C 706 -43.49 -43.91 44.33
CA ASN C 706 -44.47 -44.21 43.31
C ASN C 706 -45.91 -44.00 43.76
N ASN C 707 -46.17 -43.44 44.94
CA ASN C 707 -47.53 -43.12 45.30
C ASN C 707 -47.61 -41.83 46.11
N SER C 708 -46.65 -40.94 45.97
CA SER C 708 -46.60 -39.71 46.72
C SER C 708 -46.71 -38.51 45.79
N ILE C 709 -47.42 -37.48 46.24
CA ILE C 709 -47.59 -36.27 45.45
C ILE C 709 -47.45 -35.05 46.36
N ALA C 710 -46.93 -33.96 45.82
CA ALA C 710 -46.86 -32.70 46.51
C ALA C 710 -47.78 -31.70 45.84
N ILE C 711 -48.67 -31.11 46.63
CA ILE C 711 -49.67 -30.18 46.11
C ILE C 711 -49.64 -28.87 46.88
N PRO C 712 -49.57 -27.72 46.22
CA PRO C 712 -49.52 -26.46 46.93
C PRO C 712 -50.85 -26.07 47.55
N THR C 713 -50.76 -25.42 48.70
CA THR C 713 -51.94 -24.91 49.39
C THR C 713 -52.03 -23.39 49.38
N ASN C 714 -51.02 -22.69 48.87
CA ASN C 714 -51.03 -21.25 48.86
C ASN C 714 -50.24 -20.80 47.65
N PHE C 715 -50.10 -19.50 47.46
CA PHE C 715 -49.35 -18.98 46.33
C PHE C 715 -48.88 -17.59 46.66
N THR C 716 -47.93 -17.11 45.88
CA THR C 716 -47.51 -15.72 45.91
C THR C 716 -47.55 -15.15 44.51
N ILE C 717 -47.73 -13.83 44.43
CA ILE C 717 -47.62 -13.09 43.18
C ILE C 717 -46.23 -12.48 43.13
N SER C 718 -45.52 -12.75 42.04
CA SER C 718 -44.18 -12.21 41.84
C SER C 718 -44.16 -11.27 40.65
N VAL C 719 -43.35 -10.22 40.73
CA VAL C 719 -43.18 -9.26 39.65
C VAL C 719 -41.69 -9.13 39.36
N THR C 720 -41.31 -9.29 38.10
CA THR C 720 -39.92 -9.13 37.71
C THR C 720 -39.79 -8.22 36.51
N THR C 721 -38.60 -7.68 36.31
CA THR C 721 -38.33 -6.79 35.18
C THR C 721 -37.42 -7.44 34.15
N GLU C 722 -37.54 -6.97 32.93
CA GLU C 722 -36.68 -7.40 31.83
C GLU C 722 -36.44 -6.20 30.92
N ILE C 723 -35.18 -5.96 30.56
CA ILE C 723 -34.80 -4.77 29.83
C ILE C 723 -34.21 -5.16 28.49
N LEU C 724 -34.66 -4.49 27.42
CA LEU C 724 -34.14 -4.79 26.08
C LEU C 724 -33.82 -3.53 25.29
N PRO C 725 -32.62 -3.42 24.72
CA PRO C 725 -32.32 -2.33 23.79
C PRO C 725 -33.08 -2.44 22.48
N VAL C 726 -33.59 -1.31 22.02
CA VAL C 726 -34.36 -1.26 20.79
C VAL C 726 -33.63 -0.52 19.68
N SER C 727 -32.88 0.52 20.01
CA SER C 727 -32.34 1.42 19.01
C SER C 727 -30.99 1.91 19.47
N MET C 728 -30.22 2.48 18.55
CA MET C 728 -28.97 3.10 18.96
C MET C 728 -28.78 4.44 18.28
N THR C 729 -27.65 5.08 18.51
CA THR C 729 -27.40 6.43 18.00
C THR C 729 -27.17 6.40 16.50
N LYS C 730 -27.83 7.30 15.79
CA LYS C 730 -27.62 7.45 14.36
C LYS C 730 -26.45 8.38 14.12
N THR C 731 -25.46 7.92 13.39
CA THR C 731 -24.25 8.68 13.17
C THR C 731 -23.99 8.77 11.68
N SER C 732 -23.41 9.88 11.26
CA SER C 732 -22.87 9.98 9.92
C SER C 732 -21.54 10.69 9.99
N VAL C 733 -20.69 10.40 9.00
CA VAL C 733 -19.38 11.02 8.90
C VAL C 733 -19.26 11.56 7.49
N ASP C 734 -18.89 12.82 7.37
CA ASP C 734 -18.53 13.35 6.07
C ASP C 734 -17.11 12.90 5.73
N CYS C 735 -16.97 12.13 4.66
CA CYS C 735 -15.67 11.57 4.32
C CYS C 735 -14.66 12.64 3.98
N THR C 736 -15.10 13.75 3.40
CA THR C 736 -14.16 14.75 2.95
C THR C 736 -13.56 15.52 4.11
N MET C 737 -14.38 15.91 5.08
CA MET C 737 -13.87 16.62 6.24
C MET C 737 -13.04 15.74 7.15
N TYR C 738 -13.30 14.44 7.19
CA TYR C 738 -12.49 13.54 7.99
C TYR C 738 -11.12 13.37 7.36
N ILE C 739 -11.07 13.08 6.07
CA ILE C 739 -9.84 12.70 5.41
C ILE C 739 -8.98 13.92 5.13
N CYS C 740 -9.57 14.96 4.54
CA CYS C 740 -8.81 16.13 4.11
C CYS C 740 -8.91 17.27 5.09
N GLY C 741 -10.11 17.63 5.50
CA GLY C 741 -10.29 18.69 6.47
C GLY C 741 -10.03 20.07 5.93
N ASP C 742 -10.80 20.53 4.95
CA ASP C 742 -10.64 21.85 4.36
C ASP C 742 -9.26 22.00 3.74
N SER C 743 -8.97 21.17 2.75
CA SER C 743 -7.70 21.21 2.03
C SER C 743 -7.95 20.89 0.56
N THR C 744 -7.66 21.82 -0.32
CA THR C 744 -7.98 21.65 -1.73
C THR C 744 -7.03 20.68 -2.43
N GLU C 745 -5.78 20.59 -2.00
CA GLU C 745 -4.87 19.63 -2.60
C GLU C 745 -5.35 18.21 -2.32
N CYS C 746 -5.80 17.94 -1.10
CA CYS C 746 -6.28 16.62 -0.75
C CYS C 746 -7.62 16.32 -1.42
N SER C 747 -8.50 17.31 -1.46
CA SER C 747 -9.83 17.12 -2.05
C SER C 747 -9.77 16.67 -3.49
N ASN C 748 -8.83 17.21 -4.27
CA ASN C 748 -8.70 16.78 -5.65
C ASN C 748 -8.12 15.39 -5.75
N LEU C 749 -7.27 15.01 -4.79
CA LEU C 749 -6.72 13.66 -4.78
C LEU C 749 -7.77 12.61 -4.47
N LEU C 750 -8.83 12.98 -3.76
CA LEU C 750 -9.90 12.05 -3.50
C LEU C 750 -10.57 11.57 -4.78
N LEU C 751 -10.44 12.31 -5.87
CA LEU C 751 -11.05 11.92 -7.12
C LEU C 751 -10.39 10.72 -7.77
N GLN C 752 -9.20 10.34 -7.32
CA GLN C 752 -8.48 9.23 -7.91
C GLN C 752 -8.82 7.90 -7.26
N TYR C 753 -9.71 7.88 -6.28
CA TYR C 753 -10.05 6.67 -5.56
C TYR C 753 -11.42 6.14 -5.95
N GLY C 754 -12.14 6.85 -6.80
CA GLY C 754 -13.42 6.38 -7.26
C GLY C 754 -14.56 6.75 -6.34
N SER C 755 -15.43 5.78 -6.07
CA SER C 755 -16.68 6.02 -5.37
C SER C 755 -16.67 5.48 -3.95
N PHE C 756 -15.56 5.60 -3.23
CA PHE C 756 -15.51 5.09 -1.86
C PHE C 756 -16.47 5.86 -0.95
N CYS C 757 -16.58 7.18 -1.15
CA CYS C 757 -17.49 7.95 -0.32
C CYS C 757 -18.94 7.60 -0.58
N THR C 758 -19.25 7.19 -1.81
CA THR C 758 -20.61 6.77 -2.10
C THR C 758 -20.99 5.56 -1.28
N GLN C 759 -20.08 4.59 -1.21
CA GLN C 759 -20.30 3.41 -0.38
C GLN C 759 -20.41 3.78 1.10
N LEU C 760 -19.56 4.68 1.57
CA LEU C 760 -19.58 5.05 2.98
C LEU C 760 -20.88 5.72 3.37
N LYS C 761 -21.39 6.64 2.54
CA LYS C 761 -22.62 7.31 2.90
C LYS C 761 -23.81 6.35 2.87
N ARG C 762 -23.88 5.49 1.87
CA ARG C 762 -24.99 4.55 1.78
C ARG C 762 -24.95 3.52 2.90
N ALA C 763 -23.78 3.03 3.27
CA ALA C 763 -23.68 2.04 4.33
C ALA C 763 -24.17 2.59 5.65
N LEU C 764 -23.78 3.82 6.00
CA LEU C 764 -24.24 4.40 7.25
C LEU C 764 -25.69 4.87 7.19
N THR C 765 -26.17 5.31 6.04
CA THR C 765 -27.56 5.73 5.92
C THR C 765 -28.52 4.56 5.92
N GLY C 766 -28.14 3.46 5.28
CA GLY C 766 -28.98 2.29 5.25
C GLY C 766 -29.25 1.68 6.59
N ILE C 767 -28.33 1.82 7.54
CA ILE C 767 -28.57 1.31 8.87
C ILE C 767 -29.13 2.37 9.79
N ALA C 768 -29.10 3.63 9.39
CA ALA C 768 -29.72 4.68 10.19
C ALA C 768 -31.21 4.71 9.99
N VAL C 769 -31.68 4.35 8.80
CA VAL C 769 -33.12 4.31 8.56
C VAL C 769 -33.77 3.20 9.36
N GLU C 770 -33.10 2.04 9.48
CA GLU C 770 -33.63 0.91 10.24
C GLU C 770 -33.83 1.25 11.71
N GLN C 771 -33.08 2.22 12.24
CA GLN C 771 -33.18 2.51 13.66
C GLN C 771 -34.51 3.13 14.04
N ASP C 772 -35.13 3.86 13.13
CA ASP C 772 -36.48 4.37 13.40
C ASP C 772 -37.54 3.29 13.21
N LYS C 773 -37.34 2.41 12.26
CA LYS C 773 -38.19 1.24 12.06
C LYS C 773 -38.20 0.33 13.27
N ASN C 774 -37.04 0.13 13.90
CA ASN C 774 -36.94 -0.66 15.11
C ASN C 774 -37.84 -0.12 16.21
N THR C 775 -37.99 1.19 16.34
CA THR C 775 -38.79 1.70 17.44
C THR C 775 -40.27 1.74 17.09
N GLN C 776 -40.61 1.91 15.82
CA GLN C 776 -42.00 1.81 15.42
C GLN C 776 -42.56 0.41 15.62
N GLU C 777 -41.79 -0.61 15.32
CA GLU C 777 -42.28 -1.98 15.45
C GLU C 777 -42.47 -2.42 16.90
N VAL C 778 -41.80 -1.78 17.86
CA VAL C 778 -41.98 -2.13 19.26
C VAL C 778 -43.15 -1.37 19.87
N PHE C 779 -43.26 -0.07 19.63
CA PHE C 779 -44.27 0.67 20.36
C PHE C 779 -45.54 0.94 19.57
N ALA C 780 -45.46 1.12 18.26
CA ALA C 780 -46.64 1.51 17.47
C ALA C 780 -47.42 0.27 17.03
N GLN C 781 -47.91 -0.46 18.02
CA GLN C 781 -48.67 -1.68 17.81
C GLN C 781 -50.14 -1.47 18.18
N VAL C 782 -50.54 -0.23 18.36
CA VAL C 782 -51.92 0.09 18.70
C VAL C 782 -52.39 1.19 17.78
N LYS C 783 -53.61 1.06 17.28
CA LYS C 783 -54.16 2.03 16.34
C LYS C 783 -54.70 3.28 17.02
N GLN C 784 -55.36 3.11 18.15
CA GLN C 784 -55.97 4.20 18.89
C GLN C 784 -55.11 4.56 20.09
N ILE C 785 -55.24 5.79 20.54
CA ILE C 785 -54.59 6.24 21.75
C ILE C 785 -55.60 6.10 22.88
N TYR C 786 -55.48 5.05 23.67
CA TYR C 786 -56.42 4.77 24.73
C TYR C 786 -56.09 5.55 25.99
N LYS C 787 -57.13 5.93 26.71
CA LYS C 787 -57.03 6.63 27.98
C LYS C 787 -57.73 5.85 29.08
N THR C 788 -57.23 5.95 30.30
CA THR C 788 -57.90 5.38 31.44
C THR C 788 -58.94 6.35 31.98
N PRO C 789 -59.94 5.87 32.72
CA PRO C 789 -60.90 6.77 33.35
C PRO C 789 -60.24 7.57 34.45
N PRO C 790 -60.81 8.72 34.82
CA PRO C 790 -60.25 9.48 35.94
C PRO C 790 -60.30 8.73 37.26
N ILE C 791 -61.24 7.82 37.40
CA ILE C 791 -61.38 7.11 38.66
C ILE C 791 -60.39 5.97 38.67
N LYS C 792 -59.14 6.32 38.85
CA LYS C 792 -58.10 5.32 38.86
C LYS C 792 -58.25 4.41 40.07
N TYR C 793 -59.02 3.35 39.92
CA TYR C 793 -59.16 2.35 40.98
C TYR C 793 -59.72 1.05 40.42
N PHE C 794 -58.91 0.01 40.37
CA PHE C 794 -59.32 -1.22 39.71
C PHE C 794 -59.36 -2.48 40.57
N GLY C 795 -60.53 -2.78 41.09
CA GLY C 795 -60.77 -3.89 41.98
C GLY C 795 -59.87 -3.95 43.18
N GLY C 796 -59.22 -2.86 43.54
CA GLY C 796 -58.26 -2.83 44.61
C GLY C 796 -56.81 -2.75 44.15
N PHE C 797 -56.55 -2.96 42.87
CA PHE C 797 -55.20 -2.88 42.33
C PHE C 797 -54.80 -1.43 42.12
N ASN C 798 -53.60 -1.09 42.55
CA ASN C 798 -53.08 0.27 42.46
C ASN C 798 -52.05 0.33 41.34
N PHE C 799 -52.37 1.03 40.26
CA PHE C 799 -51.53 1.13 39.08
C PHE C 799 -50.90 2.51 38.93
N SER C 800 -50.86 3.31 39.98
CA SER C 800 -50.42 4.68 39.82
C SER C 800 -48.94 4.82 39.52
N GLN C 801 -48.12 3.81 39.79
CA GLN C 801 -46.69 3.88 39.52
C GLN C 801 -46.34 3.53 38.08
N ILE C 802 -47.28 2.99 37.32
CA ILE C 802 -47.02 2.63 35.94
C ILE C 802 -47.82 3.47 34.94
N LEU C 803 -48.78 4.19 35.39
CA LEU C 803 -49.57 5.08 34.56
C LEU C 803 -48.98 6.48 34.61
N PRO C 804 -49.21 7.30 33.59
CA PRO C 804 -48.65 8.65 33.60
C PRO C 804 -49.12 9.43 34.82
N ASP C 805 -48.23 10.25 35.35
CA ASP C 805 -48.53 11.09 36.51
C ASP C 805 -48.55 12.53 36.05
N PRO C 806 -49.75 13.10 36.00
CA PRO C 806 -49.99 14.49 35.58
C PRO C 806 -49.31 15.56 36.42
N SER C 807 -47.99 15.44 36.62
CA SER C 807 -47.32 16.44 37.44
C SER C 807 -45.80 16.28 37.35
N LYS C 808 -45.31 15.94 36.16
CA LYS C 808 -43.92 15.54 36.00
C LYS C 808 -43.34 16.08 34.69
N PRO C 809 -42.05 15.90 34.48
CA PRO C 809 -41.44 16.34 33.21
C PRO C 809 -42.12 15.67 32.02
N SER C 810 -42.78 16.45 31.17
CA SER C 810 -43.50 15.89 30.03
C SER C 810 -44.71 15.08 30.49
N LYS C 811 -44.51 13.79 30.70
CA LYS C 811 -45.61 12.89 31.04
C LYS C 811 -45.10 11.46 31.20
N ARG C 812 -44.42 11.19 32.30
CA ARG C 812 -43.90 9.88 32.58
C ARG C 812 -44.55 9.34 33.83
N SER C 813 -44.53 8.04 33.97
CA SER C 813 -44.89 7.45 35.24
C SER C 813 -43.75 7.65 36.23
N PRO C 814 -44.08 7.47 37.51
CA PRO C 814 -43.09 7.63 38.58
C PRO C 814 -41.95 6.62 38.39
N ILE C 815 -42.27 5.44 37.85
CA ILE C 815 -41.24 4.43 37.58
C ILE C 815 -40.43 4.79 36.34
N GLU C 816 -41.06 5.30 35.30
CA GLU C 816 -40.32 5.73 34.13
C GLU C 816 -39.34 6.85 34.45
N ASP C 817 -39.67 7.71 35.42
CA ASP C 817 -38.73 8.74 35.87
C ASP C 817 -37.45 8.15 36.41
N LEU C 818 -37.51 7.06 37.16
CA LEU C 818 -36.28 6.39 37.52
C LEU C 818 -35.53 5.87 36.31
N LEU C 819 -36.22 5.35 35.31
CA LEU C 819 -35.54 4.80 34.14
C LEU C 819 -34.83 5.87 33.34
N PHE C 820 -35.43 7.04 33.22
CA PHE C 820 -34.77 8.12 32.48
C PHE C 820 -33.79 8.90 33.33
N ASN C 821 -33.92 8.83 34.66
CA ASN C 821 -32.98 9.52 35.54
C ASN C 821 -31.78 8.69 35.92
N LYS C 822 -31.86 7.38 35.83
CA LYS C 822 -30.72 6.53 36.17
C LYS C 822 -29.70 6.46 35.05
N VAL C 823 -30.13 6.55 33.80
CA VAL C 823 -29.21 6.47 32.66
C VAL C 823 -28.75 7.85 32.22
N LYS C 851 -20.15 17.67 15.52
CA LYS C 851 -19.66 18.92 14.95
C LYS C 851 -18.15 18.94 15.00
N PHE C 852 -17.55 17.82 15.36
CA PHE C 852 -16.11 17.75 15.46
C PHE C 852 -15.46 18.06 14.11
N LYS C 853 -15.33 17.04 13.28
CA LYS C 853 -14.78 17.20 11.94
C LYS C 853 -15.56 16.35 10.95
N GLY C 854 -16.87 16.29 11.11
CA GLY C 854 -17.70 15.57 10.17
C GLY C 854 -18.53 14.55 10.91
N LEU C 855 -18.02 14.09 12.03
CA LEU C 855 -18.71 13.09 12.82
C LEU C 855 -19.99 13.64 13.42
N THR C 856 -21.08 13.43 12.69
CA THR C 856 -22.40 13.95 13.01
C THR C 856 -23.31 12.90 13.62
N VAL C 857 -24.10 13.33 14.60
CA VAL C 857 -25.10 12.51 15.26
C VAL C 857 -26.48 13.01 14.86
N LEU C 858 -27.28 12.12 14.31
CA LEU C 858 -28.62 12.47 13.85
C LEU C 858 -29.65 12.21 14.94
N PRO C 859 -30.68 13.05 15.06
CA PRO C 859 -31.68 12.83 16.09
C PRO C 859 -32.61 11.70 15.69
N PRO C 860 -33.17 10.98 16.66
CA PRO C 860 -34.20 9.99 16.33
C PRO C 860 -35.45 10.66 15.80
N LEU C 861 -36.21 9.90 15.02
CA LEU C 861 -37.49 10.39 14.51
C LEU C 861 -38.52 10.51 15.62
N LEU C 862 -38.66 9.48 16.44
CA LEU C 862 -39.59 9.54 17.56
C LEU C 862 -38.89 10.13 18.77
N THR C 863 -39.49 11.15 19.35
CA THR C 863 -38.97 11.73 20.56
C THR C 863 -39.39 10.87 21.76
N ASP C 864 -38.80 11.16 22.91
CA ASP C 864 -39.14 10.42 24.12
C ASP C 864 -40.55 10.70 24.59
N GLU C 865 -41.06 11.88 24.31
CA GLU C 865 -42.45 12.19 24.59
C GLU C 865 -43.39 11.37 23.73
N MET C 866 -43.00 11.06 22.50
CA MET C 866 -43.86 10.27 21.62
C MET C 866 -43.88 8.80 22.00
N ILE C 867 -42.74 8.28 22.47
CA ILE C 867 -42.72 6.92 22.97
C ILE C 867 -43.52 6.79 24.25
N ALA C 868 -43.46 7.79 25.14
CA ALA C 868 -44.27 7.72 26.35
C ALA C 868 -45.75 7.64 26.02
N GLN C 869 -46.19 8.33 24.99
CA GLN C 869 -47.59 8.30 24.59
C GLN C 869 -48.01 6.97 23.98
N TYR C 870 -47.10 6.25 23.31
CA TYR C 870 -47.41 4.90 22.89
C TYR C 870 -47.50 3.95 24.08
N THR C 871 -46.56 4.05 25.02
CA THR C 871 -46.63 3.15 26.15
C THR C 871 -47.81 3.42 27.07
N SER C 872 -48.25 4.67 27.22
CA SER C 872 -49.42 4.89 28.05
C SER C 872 -50.72 4.40 27.42
N ALA C 873 -50.81 4.41 26.09
CA ALA C 873 -51.95 3.82 25.40
C ALA C 873 -51.99 2.30 25.51
N LEU C 874 -50.84 1.63 25.50
CA LEU C 874 -50.85 0.18 25.71
C LEU C 874 -51.31 -0.20 27.11
N LEU C 875 -50.87 0.56 28.11
CA LEU C 875 -51.27 0.37 29.49
C LEU C 875 -52.75 0.58 29.71
N ALA C 876 -53.32 1.63 29.15
CA ALA C 876 -54.74 1.82 29.27
C ALA C 876 -55.55 0.72 28.61
N GLY C 877 -55.12 0.20 27.47
CA GLY C 877 -55.85 -0.87 26.84
C GLY C 877 -55.82 -2.16 27.63
N THR C 878 -54.70 -2.52 28.21
CA THR C 878 -54.67 -3.81 28.89
C THR C 878 -55.37 -3.79 30.24
N ILE C 879 -55.58 -2.63 30.84
CA ILE C 879 -56.27 -2.54 32.12
C ILE C 879 -57.78 -2.42 31.94
N THR C 880 -58.23 -1.76 30.89
CA THR C 880 -59.67 -1.56 30.70
C THR C 880 -60.27 -2.58 29.75
N SER C 881 -59.46 -3.10 28.83
CA SER C 881 -59.94 -3.95 27.77
C SER C 881 -59.26 -5.29 27.69
N GLY C 882 -58.36 -5.60 28.58
CA GLY C 882 -57.72 -6.89 28.53
C GLY C 882 -56.93 -7.10 27.26
N TRP C 883 -57.18 -8.21 26.58
CA TRP C 883 -56.50 -8.57 25.36
C TRP C 883 -57.40 -8.48 24.14
N THR C 884 -58.49 -7.74 24.23
CA THR C 884 -59.42 -7.66 23.12
C THR C 884 -59.08 -6.57 22.12
N PHE C 885 -58.39 -5.53 22.53
CA PHE C 885 -58.10 -4.44 21.62
C PHE C 885 -57.07 -4.83 20.58
N GLY C 886 -56.38 -5.95 20.77
CA GLY C 886 -55.39 -6.38 19.82
C GLY C 886 -55.93 -7.31 18.75
N ALA C 887 -57.24 -7.52 18.73
CA ALA C 887 -57.86 -8.40 17.74
C ALA C 887 -59.08 -7.73 17.14
N GLY C 888 -59.24 -6.43 17.37
CA GLY C 888 -60.39 -5.71 16.89
C GLY C 888 -60.66 -4.50 17.75
N PRO C 889 -61.94 -4.28 18.05
CA PRO C 889 -62.35 -3.15 18.90
C PRO C 889 -62.07 -3.46 20.37
N ALA C 890 -61.73 -2.43 21.13
CA ALA C 890 -61.55 -2.57 22.56
C ALA C 890 -62.89 -2.84 23.23
N LEU C 891 -62.96 -3.93 23.98
CA LEU C 891 -64.18 -4.33 24.67
C LEU C 891 -63.95 -4.23 26.17
N GLN C 892 -64.76 -3.43 26.84
CA GLN C 892 -64.58 -3.24 28.27
C GLN C 892 -65.07 -4.47 29.04
N ILE C 893 -64.42 -4.72 30.17
CA ILE C 893 -64.75 -5.80 31.10
C ILE C 893 -64.15 -5.37 32.42
N PRO C 894 -64.80 -5.57 33.57
CA PRO C 894 -64.21 -5.13 34.83
C PRO C 894 -62.95 -5.92 35.15
N PHE C 895 -62.04 -5.29 35.88
CA PHE C 895 -60.69 -5.84 36.00
C PHE C 895 -60.66 -7.13 36.81
N PRO C 896 -61.44 -7.17 37.89
CA PRO C 896 -61.47 -8.37 38.74
C PRO C 896 -61.82 -9.59 37.88
N MET C 897 -62.71 -9.39 36.89
CA MET C 897 -63.11 -10.46 36.00
C MET C 897 -62.04 -10.79 34.96
N GLN C 898 -61.19 -9.83 34.62
CA GLN C 898 -60.07 -10.10 33.73
C GLN C 898 -59.06 -11.02 34.41
N MET C 899 -58.76 -10.75 35.67
CA MET C 899 -57.84 -11.55 36.44
C MET C 899 -58.37 -12.95 36.68
N ALA C 900 -59.67 -13.11 36.83
CA ALA C 900 -60.23 -14.45 36.94
C ALA C 900 -60.07 -15.27 35.66
N TYR C 901 -60.28 -14.65 34.49
CA TYR C 901 -59.99 -15.31 33.23
C TYR C 901 -58.54 -15.71 33.15
N ARG C 902 -57.66 -14.83 33.57
CA ARG C 902 -56.25 -15.13 33.47
C ARG C 902 -55.82 -16.29 34.37
N PHE C 903 -56.41 -16.46 35.55
CA PHE C 903 -56.18 -17.66 36.34
C PHE C 903 -56.69 -18.91 35.64
N ASN C 904 -57.88 -18.85 35.04
CA ASN C 904 -58.38 -19.99 34.29
C ASN C 904 -57.40 -20.43 33.21
N GLY C 905 -56.76 -19.49 32.53
CA GLY C 905 -55.82 -19.81 31.48
C GLY C 905 -54.55 -20.51 31.93
N ILE C 906 -54.29 -20.60 33.23
CA ILE C 906 -53.11 -21.32 33.70
C ILE C 906 -53.46 -22.56 34.50
N GLY C 907 -54.73 -22.95 34.55
CA GLY C 907 -55.12 -24.13 35.28
C GLY C 907 -55.63 -23.94 36.69
N VAL C 908 -55.99 -22.73 37.07
CA VAL C 908 -56.52 -22.44 38.40
C VAL C 908 -57.98 -22.04 38.24
N THR C 909 -58.84 -22.59 39.07
CA THR C 909 -60.25 -22.26 38.95
C THR C 909 -60.49 -20.81 39.37
N GLN C 910 -61.64 -20.28 38.96
CA GLN C 910 -61.86 -18.87 39.16
C GLN C 910 -62.34 -18.52 40.56
N ASN C 911 -62.94 -19.47 41.26
CA ASN C 911 -63.35 -19.22 42.63
C ASN C 911 -62.17 -18.96 43.55
N VAL C 912 -60.98 -19.46 43.23
CA VAL C 912 -59.80 -19.23 44.05
C VAL C 912 -59.43 -17.75 44.06
N LEU C 913 -59.68 -17.04 42.98
CA LEU C 913 -59.42 -15.60 42.98
C LEU C 913 -60.51 -14.86 43.73
N TYR C 914 -61.77 -15.15 43.43
CA TYR C 914 -62.84 -14.30 43.96
C TYR C 914 -62.95 -14.37 45.47
N GLU C 915 -62.57 -15.48 46.09
CA GLU C 915 -62.61 -15.58 47.53
C GLU C 915 -61.35 -15.07 48.19
N ASN C 916 -60.34 -14.66 47.42
CA ASN C 916 -59.08 -14.17 47.94
C ASN C 916 -58.67 -12.85 47.30
N GLN C 917 -59.63 -12.19 46.66
CA GLN C 917 -59.38 -10.96 45.93
C GLN C 917 -58.56 -9.93 46.71
N LYS C 918 -58.86 -9.75 48.01
CA LYS C 918 -58.12 -8.79 48.80
C LYS C 918 -56.67 -9.17 48.97
N LEU C 919 -56.38 -10.46 49.08
CA LEU C 919 -55.01 -10.90 49.28
C LEU C 919 -54.18 -10.67 48.02
N ILE C 920 -54.74 -11.00 46.86
CA ILE C 920 -54.01 -10.85 45.62
C ILE C 920 -53.75 -9.38 45.31
N ALA C 921 -54.72 -8.51 45.62
CA ALA C 921 -54.50 -7.08 45.44
C ALA C 921 -53.44 -6.54 46.39
N ASN C 922 -53.43 -6.97 47.64
CA ASN C 922 -52.37 -6.56 48.56
C ASN C 922 -51.00 -7.05 48.11
N GLN C 923 -50.90 -8.29 47.66
CA GLN C 923 -49.63 -8.83 47.22
C GLN C 923 -49.13 -8.14 45.97
N PHE C 924 -50.02 -7.87 45.01
CA PHE C 924 -49.61 -7.16 43.81
C PHE C 924 -49.12 -5.76 44.15
N ASN C 925 -49.84 -5.03 44.99
CA ASN C 925 -49.48 -3.65 45.27
C ASN C 925 -48.13 -3.54 45.97
N SER C 926 -47.84 -4.44 46.90
CA SER C 926 -46.51 -4.45 47.49
C SER C 926 -45.44 -4.86 46.49
N ALA C 927 -45.73 -5.85 45.65
CA ALA C 927 -44.73 -6.30 44.70
C ALA C 927 -44.33 -5.20 43.73
N ILE C 928 -45.27 -4.37 43.31
CA ILE C 928 -44.92 -3.26 42.41
C ILE C 928 -44.10 -2.22 43.15
N GLY C 929 -44.44 -1.93 44.40
CA GLY C 929 -43.70 -0.93 45.14
C GLY C 929 -42.25 -1.28 45.38
N LYS C 930 -41.91 -2.55 45.31
CA LYS C 930 -40.53 -2.99 45.45
C LYS C 930 -39.68 -2.70 44.22
N ILE C 931 -40.28 -2.35 43.08
CA ILE C 931 -39.53 -2.16 41.85
C ILE C 931 -38.66 -0.92 41.95
N GLN C 932 -39.20 0.15 42.52
CA GLN C 932 -38.47 1.40 42.63
C GLN C 932 -37.27 1.27 43.54
N ASP C 933 -37.30 0.35 44.49
CA ASP C 933 -36.16 0.13 45.35
C ASP C 933 -35.06 -0.59 44.60
N SER C 934 -35.42 -1.55 43.78
CA SER C 934 -34.42 -2.25 42.98
C SER C 934 -33.83 -1.35 41.89
N LEU C 935 -34.58 -0.37 41.41
CA LEU C 935 -34.01 0.55 40.44
C LEU C 935 -33.24 1.69 41.10
N SER C 936 -33.67 2.19 42.24
CA SER C 936 -32.99 3.28 42.89
C SER C 936 -32.01 2.77 43.94
N ALA C 941 -28.29 -3.17 36.67
CA ALA C 941 -29.70 -3.01 36.31
C ALA C 941 -29.86 -2.74 34.81
N LEU C 942 -29.48 -1.54 34.41
CA LEU C 942 -29.70 -1.05 33.05
C LEU C 942 -28.46 -1.18 32.17
N GLY C 943 -27.57 -2.13 32.48
CA GLY C 943 -26.36 -2.30 31.72
C GLY C 943 -26.57 -2.62 30.26
N LYS C 944 -27.69 -3.25 29.91
CA LYS C 944 -27.95 -3.57 28.51
C LYS C 944 -28.17 -2.33 27.67
N LEU C 945 -28.52 -1.22 28.29
CA LEU C 945 -28.69 0.03 27.58
C LEU C 945 -27.44 0.88 27.61
N GLN C 946 -26.71 0.85 28.73
CA GLN C 946 -25.50 1.64 28.86
C GLN C 946 -24.39 1.10 27.98
N ASP C 947 -24.32 -0.22 27.78
CA ASP C 947 -23.34 -0.80 26.88
C ASP C 947 -23.46 -0.32 25.45
N VAL C 948 -24.67 -0.10 24.96
CA VAL C 948 -24.85 0.39 23.60
C VAL C 948 -24.30 1.80 23.45
N VAL C 949 -24.59 2.67 24.41
CA VAL C 949 -24.08 4.05 24.38
C VAL C 949 -22.56 4.05 24.46
N ASN C 950 -21.99 3.27 25.36
CA ASN C 950 -20.54 3.26 25.56
C ASN C 950 -19.81 2.67 24.37
N HIS C 951 -20.31 1.57 23.79
CA HIS C 951 -19.61 0.97 22.66
C HIS C 951 -19.55 1.90 21.46
N ASN C 952 -20.63 2.61 21.18
CA ASN C 952 -20.56 3.53 20.05
C ASN C 952 -19.72 4.76 20.36
N ALA C 953 -19.78 5.26 21.59
CA ALA C 953 -18.95 6.42 21.91
C ALA C 953 -17.46 6.11 21.79
N GLN C 954 -17.05 4.92 22.20
CA GLN C 954 -15.67 4.52 22.08
C GLN C 954 -15.25 4.32 20.63
N ALA C 955 -16.16 3.89 19.77
CA ALA C 955 -15.82 3.81 18.36
C ALA C 955 -15.68 5.19 17.72
N LEU C 956 -16.52 6.15 18.09
CA LEU C 956 -16.36 7.49 17.56
C LEU C 956 -15.08 8.15 18.03
N ASN C 957 -14.68 7.93 19.28
CA ASN C 957 -13.45 8.51 19.77
C ASN C 957 -12.23 7.89 19.11
N THR C 958 -12.24 6.58 18.89
CA THR C 958 -11.14 5.93 18.21
C THR C 958 -11.00 6.41 16.78
N LEU C 959 -12.12 6.62 16.10
CA LEU C 959 -12.05 7.12 14.73
C LEU C 959 -11.34 8.46 14.69
N VAL C 960 -11.64 9.36 15.62
CA VAL C 960 -10.94 10.65 15.66
C VAL C 960 -9.46 10.46 15.91
N LYS C 961 -9.09 9.58 16.84
CA LYS C 961 -7.69 9.43 17.19
C LYS C 961 -6.84 8.88 16.07
N GLN C 962 -7.42 8.18 15.10
CA GLN C 962 -6.62 7.75 13.97
C GLN C 962 -6.20 8.89 13.07
N LEU C 963 -6.63 10.11 13.34
CA LEU C 963 -6.19 11.26 12.56
C LEU C 963 -4.85 11.81 13.02
N SER C 964 -4.16 11.12 13.92
CA SER C 964 -2.84 11.55 14.35
C SER C 964 -1.81 10.48 14.07
N SER C 965 -2.10 9.59 13.15
CA SER C 965 -1.18 8.56 12.70
C SER C 965 -0.52 9.00 11.41
N LYS C 966 0.73 8.60 11.23
CA LYS C 966 1.51 8.95 10.03
C LYS C 966 1.28 8.00 8.89
N PHE C 967 0.97 6.75 9.18
CA PHE C 967 0.72 5.73 8.16
C PHE C 967 1.87 5.66 7.16
N GLY C 968 3.07 5.94 7.64
CA GLY C 968 4.24 5.93 6.78
C GLY C 968 4.53 7.21 6.06
N ALA C 969 3.98 8.33 6.50
CA ALA C 969 4.27 9.64 5.97
C ALA C 969 5.21 10.36 6.94
N ILE C 970 5.67 11.54 6.55
CA ILE C 970 6.54 12.32 7.42
C ILE C 970 5.75 13.11 8.46
N SER C 971 4.57 13.60 8.11
CA SER C 971 3.75 14.35 9.03
C SER C 971 2.33 13.88 8.86
N SER C 972 1.53 14.09 9.90
CA SER C 972 0.12 13.75 9.87
C SER C 972 -0.74 14.89 9.36
N VAL C 973 -0.19 16.09 9.26
CA VAL C 973 -0.94 17.29 8.92
C VAL C 973 -0.76 17.56 7.44
N LEU C 974 -1.87 17.67 6.72
CA LEU C 974 -1.85 17.92 5.29
C LEU C 974 -1.35 19.30 4.92
N ASN C 975 -1.58 20.28 5.79
CA ASN C 975 -1.06 21.62 5.57
C ASN C 975 0.42 21.73 5.90
N ASP C 976 1.00 20.63 6.37
CA ASP C 976 2.43 20.57 6.67
C ASP C 976 3.21 19.96 5.52
N ILE C 977 2.92 18.70 5.22
CA ILE C 977 3.64 17.97 4.18
C ILE C 977 3.83 18.82 2.93
N PHE C 978 2.72 19.20 2.31
CA PHE C 978 2.75 19.86 1.01
C PHE C 978 3.54 21.17 1.08
N SER C 979 3.54 21.81 2.25
CA SER C 979 4.10 23.14 2.40
C SER C 979 5.63 23.10 2.45
N ARG C 980 6.16 22.09 3.13
CA ARG C 980 7.61 21.95 3.28
C ARG C 980 8.06 20.56 2.86
N LEU C 981 8.46 20.42 1.60
CA LEU C 981 8.86 19.13 1.06
C LEU C 981 9.14 19.23 -0.44
N ASP C 982 8.14 18.85 -1.24
CA ASP C 982 8.28 18.87 -2.70
C ASP C 982 6.97 18.35 -3.25
N PRO C 983 6.31 19.04 -4.17
CA PRO C 983 4.97 18.49 -4.51
C PRO C 983 4.98 17.03 -4.94
N PRO C 984 5.90 16.59 -5.83
CA PRO C 984 5.85 15.19 -6.26
C PRO C 984 5.88 14.17 -5.13
N GLU C 985 6.55 14.53 -4.04
CA GLU C 985 6.69 13.65 -2.89
C GLU C 985 5.50 13.86 -1.96
N ALA C 986 5.04 15.10 -1.84
CA ALA C 986 3.91 15.37 -0.98
C ALA C 986 2.70 14.57 -1.41
N GLU C 987 2.53 14.41 -2.73
CA GLU C 987 1.41 13.67 -3.28
C GLU C 987 1.42 12.20 -2.84
N VAL C 988 2.59 11.57 -2.86
CA VAL C 988 2.69 10.19 -2.42
C VAL C 988 2.46 10.02 -0.94
N GLN C 989 2.97 10.93 -0.12
CA GLN C 989 2.75 10.90 1.32
C GLN C 989 1.32 11.25 1.70
N ILE C 990 0.69 12.17 0.99
CA ILE C 990 -0.72 12.47 1.25
C ILE C 990 -1.59 11.30 0.85
N ASP C 991 -1.26 10.63 -0.24
CA ASP C 991 -1.98 9.41 -0.57
C ASP C 991 -1.84 8.32 0.48
N ARG C 992 -0.69 8.25 1.18
CA ARG C 992 -0.59 7.31 2.30
C ARG C 992 -1.49 7.71 3.45
N LEU C 993 -1.61 9.00 3.73
CA LEU C 993 -2.55 9.45 4.75
C LEU C 993 -3.98 9.18 4.34
N ILE C 994 -4.30 9.40 3.07
CA ILE C 994 -5.67 9.14 2.60
C ILE C 994 -5.99 7.67 2.72
N THR C 995 -5.10 6.80 2.28
CA THR C 995 -5.31 5.36 2.41
C THR C 995 -5.45 4.91 3.86
N GLY C 996 -4.58 5.37 4.76
CA GLY C 996 -4.71 4.98 6.15
C GLY C 996 -5.97 5.47 6.82
N ARG C 997 -6.35 6.71 6.56
CA ARG C 997 -7.58 7.24 7.11
C ARG C 997 -8.82 6.63 6.48
N LEU C 998 -8.78 6.33 5.18
CA LEU C 998 -9.89 5.63 4.56
C LEU C 998 -10.10 4.25 5.14
N GLN C 999 -9.03 3.51 5.40
CA GLN C 999 -9.12 2.21 6.02
C GLN C 999 -9.69 2.28 7.43
N SER C 1000 -9.31 3.30 8.20
CA SER C 1000 -9.95 3.50 9.50
C SER C 1000 -11.45 3.73 9.37
N LEU C 1001 -11.84 4.61 8.45
CA LEU C 1001 -13.24 4.94 8.25
C LEU C 1001 -14.06 3.76 7.73
N GLN C 1002 -13.48 2.98 6.82
CA GLN C 1002 -14.13 1.76 6.38
C GLN C 1002 -14.25 0.74 7.50
N THR C 1003 -13.25 0.64 8.37
CA THR C 1003 -13.40 -0.24 9.52
C THR C 1003 -14.55 0.22 10.41
N TYR C 1004 -14.67 1.52 10.63
CA TYR C 1004 -15.81 2.04 11.39
C TYR C 1004 -17.14 1.58 10.79
N VAL C 1005 -17.29 1.74 9.47
CA VAL C 1005 -18.57 1.37 8.86
C VAL C 1005 -18.84 -0.13 8.96
N THR C 1006 -17.83 -0.98 8.75
CA THR C 1006 -18.08 -2.41 8.88
C THR C 1006 -18.54 -2.78 10.27
N GLN C 1007 -17.94 -2.18 11.29
CA GLN C 1007 -18.40 -2.53 12.62
C GLN C 1007 -19.78 -1.97 12.94
N GLN C 1008 -20.20 -0.88 12.30
CA GLN C 1008 -21.57 -0.42 12.51
C GLN C 1008 -22.59 -1.34 11.89
N LEU C 1009 -22.28 -1.95 10.75
CA LEU C 1009 -23.19 -2.93 10.18
C LEU C 1009 -23.26 -4.20 11.03
N ILE C 1010 -22.15 -4.58 11.65
CA ILE C 1010 -22.19 -5.78 12.48
C ILE C 1010 -22.95 -5.53 13.77
N ARG C 1011 -22.83 -4.33 14.32
CA ARG C 1011 -23.57 -3.92 15.51
C ARG C 1011 -25.03 -3.60 15.22
N ALA C 1012 -25.33 -3.08 14.05
CA ALA C 1012 -26.71 -2.84 13.68
C ALA C 1012 -27.54 -4.11 13.64
N ALA C 1013 -26.95 -5.23 13.26
CA ALA C 1013 -27.65 -6.51 13.26
C ALA C 1013 -27.97 -7.00 14.65
N GLU C 1014 -27.16 -6.65 15.63
CA GLU C 1014 -27.41 -7.04 17.00
C GLU C 1014 -28.53 -6.23 17.62
N ILE C 1015 -28.60 -4.95 17.29
CA ILE C 1015 -29.69 -4.13 17.75
C ILE C 1015 -31.01 -4.53 17.09
N ARG C 1016 -30.98 -4.87 15.80
CA ARG C 1016 -32.19 -5.35 15.14
C ARG C 1016 -32.66 -6.69 15.69
N ALA C 1017 -31.73 -7.59 15.99
CA ALA C 1017 -32.12 -8.86 16.57
C ALA C 1017 -32.81 -8.68 17.92
N SER C 1018 -32.30 -7.77 18.75
CA SER C 1018 -32.92 -7.42 20.01
C SER C 1018 -34.26 -6.73 19.84
N ALA C 1019 -34.36 -5.79 18.91
CA ALA C 1019 -35.63 -5.15 18.62
C ALA C 1019 -36.68 -6.10 18.07
N ASN C 1020 -36.29 -7.11 17.30
CA ASN C 1020 -37.26 -8.11 16.89
C ASN C 1020 -37.77 -8.94 18.06
N LEU C 1021 -36.88 -9.28 19.00
CA LEU C 1021 -37.33 -9.96 20.20
C LEU C 1021 -38.22 -9.07 21.06
N ALA C 1022 -37.91 -7.78 21.19
CA ALA C 1022 -38.75 -6.90 21.99
C ALA C 1022 -40.11 -6.71 21.37
N ALA C 1023 -40.20 -6.60 20.04
CA ALA C 1023 -41.50 -6.56 19.39
C ALA C 1023 -42.29 -7.85 19.59
N THR C 1024 -41.63 -8.99 19.54
CA THR C 1024 -42.34 -10.24 19.76
C THR C 1024 -42.90 -10.35 21.17
N LYS C 1025 -42.13 -9.95 22.18
CA LYS C 1025 -42.62 -9.91 23.55
C LYS C 1025 -43.75 -8.93 23.75
N MET C 1026 -43.73 -7.79 23.10
CA MET C 1026 -44.82 -6.86 23.23
C MET C 1026 -46.15 -7.47 22.84
N SER C 1027 -46.20 -8.19 21.73
CA SER C 1027 -47.46 -8.81 21.32
C SER C 1027 -47.84 -10.01 22.19
N GLU C 1028 -46.88 -10.84 22.54
CA GLU C 1028 -47.18 -12.10 23.18
C GLU C 1028 -47.20 -12.04 24.70
N CYS C 1029 -46.61 -11.00 25.27
CA CYS C 1029 -46.64 -10.82 26.73
C CYS C 1029 -47.59 -9.73 27.21
N VAL C 1030 -47.80 -8.69 26.41
CA VAL C 1030 -48.61 -7.57 26.86
C VAL C 1030 -50.01 -7.62 26.25
N LEU C 1031 -50.10 -7.98 24.98
CA LEU C 1031 -51.39 -8.04 24.31
C LEU C 1031 -52.04 -9.41 24.42
N GLY C 1032 -51.49 -10.31 25.20
CA GLY C 1032 -52.08 -11.60 25.42
C GLY C 1032 -51.46 -12.31 26.60
N GLN C 1033 -51.88 -13.54 26.80
CA GLN C 1033 -51.34 -14.41 27.83
C GLN C 1033 -50.59 -15.55 27.15
N SER C 1034 -49.32 -15.72 27.49
CA SER C 1034 -48.48 -16.73 26.85
C SER C 1034 -48.36 -17.97 27.72
N LYS C 1035 -48.22 -19.11 27.05
CA LYS C 1035 -47.86 -20.37 27.70
C LYS C 1035 -46.42 -20.77 27.50
N ARG C 1036 -45.64 -19.98 26.76
CA ARG C 1036 -44.25 -20.31 26.51
C ARG C 1036 -43.43 -20.19 27.78
N VAL C 1037 -42.74 -21.27 28.15
CA VAL C 1037 -42.06 -21.33 29.44
C VAL C 1037 -40.91 -20.33 29.46
N ASP C 1038 -40.86 -19.54 30.53
CA ASP C 1038 -39.82 -18.55 30.72
C ASP C 1038 -39.79 -17.38 29.74
N PHE C 1039 -40.71 -17.36 28.78
CA PHE C 1039 -40.69 -16.32 27.77
C PHE C 1039 -41.17 -14.98 28.31
N CYS C 1040 -42.17 -15.01 29.19
CA CYS C 1040 -42.73 -13.80 29.76
C CYS C 1040 -42.54 -13.75 31.28
N GLY C 1041 -41.32 -13.96 31.74
CA GLY C 1041 -41.03 -13.99 33.17
C GLY C 1041 -41.04 -15.38 33.77
N LYS C 1042 -40.59 -15.51 35.01
CA LYS C 1042 -40.53 -16.80 35.68
C LYS C 1042 -41.77 -17.06 36.52
N GLY C 1043 -42.47 -18.15 36.23
CA GLY C 1043 -43.71 -18.49 36.91
C GLY C 1043 -44.78 -18.64 35.85
N TYR C 1044 -46.03 -18.81 36.26
CA TYR C 1044 -47.14 -18.92 35.31
C TYR C 1044 -47.60 -17.55 34.89
N HIS C 1045 -47.45 -17.23 33.61
CA HIS C 1045 -47.69 -15.89 33.10
C HIS C 1045 -49.13 -15.45 33.35
N LEU C 1046 -49.31 -14.29 33.96
CA LEU C 1046 -50.60 -13.65 34.01
C LEU C 1046 -50.65 -12.41 33.14
N MET C 1047 -49.76 -11.45 33.31
CA MET C 1047 -49.87 -10.23 32.52
C MET C 1047 -48.56 -9.47 32.56
N SER C 1048 -48.43 -8.48 31.68
CA SER C 1048 -47.23 -7.65 31.58
C SER C 1048 -47.65 -6.22 31.33
N PHE C 1049 -46.81 -5.28 31.78
CA PHE C 1049 -46.99 -3.85 31.56
C PHE C 1049 -45.69 -3.26 31.01
N PRO C 1050 -45.74 -2.56 29.88
CA PRO C 1050 -44.54 -1.89 29.34
C PRO C 1050 -44.19 -0.59 30.03
N GLN C 1051 -42.90 -0.28 30.05
CA GLN C 1051 -42.38 1.02 30.47
C GLN C 1051 -41.34 1.45 29.46
N SER C 1052 -41.25 2.75 29.22
CA SER C 1052 -40.27 3.21 28.26
C SER C 1052 -38.92 3.46 28.94
N ALA C 1053 -37.87 3.30 28.16
CA ALA C 1053 -36.51 3.58 28.59
C ALA C 1053 -35.87 4.43 27.52
N PRO C 1054 -34.75 5.11 27.82
CA PRO C 1054 -34.13 5.99 26.81
C PRO C 1054 -33.88 5.40 25.43
N HIS C 1055 -33.40 4.17 25.30
CA HIS C 1055 -33.21 3.62 23.96
C HIS C 1055 -33.74 2.19 23.91
N GLY C 1056 -34.80 1.92 24.64
CA GLY C 1056 -35.29 0.59 24.76
C GLY C 1056 -36.62 0.54 25.43
N VAL C 1057 -36.96 -0.66 25.91
CA VAL C 1057 -38.24 -0.86 26.56
C VAL C 1057 -38.02 -1.78 27.74
N VAL C 1058 -38.75 -1.54 28.82
CA VAL C 1058 -38.69 -2.34 30.03
C VAL C 1058 -40.05 -2.99 30.24
N PHE C 1059 -40.06 -4.30 30.39
CA PHE C 1059 -41.30 -5.05 30.64
C PHE C 1059 -41.37 -5.41 32.10
N LEU C 1060 -42.54 -5.21 32.69
CA LEU C 1060 -42.88 -5.66 34.04
C LEU C 1060 -43.74 -6.91 33.89
N HIS C 1061 -43.20 -8.05 34.28
CA HIS C 1061 -43.83 -9.36 34.12
C HIS C 1061 -44.47 -9.77 35.45
N VAL C 1062 -45.76 -10.08 35.41
CA VAL C 1062 -46.52 -10.56 36.56
C VAL C 1062 -46.81 -12.04 36.37
N THR C 1063 -46.32 -12.85 37.31
CA THR C 1063 -46.42 -14.29 37.26
C THR C 1063 -47.03 -14.83 38.54
N TYR C 1064 -47.57 -16.02 38.42
CA TYR C 1064 -48.18 -16.78 39.50
C TYR C 1064 -47.20 -17.85 39.94
N VAL C 1065 -46.88 -17.90 41.23
CA VAL C 1065 -45.91 -18.87 41.73
C VAL C 1065 -46.54 -19.63 42.88
N PRO C 1066 -46.69 -20.95 42.79
CA PRO C 1066 -47.25 -21.70 43.92
C PRO C 1066 -46.30 -21.79 45.11
N ALA C 1067 -46.86 -21.98 46.30
CA ALA C 1067 -46.10 -22.05 47.53
C ALA C 1067 -46.75 -23.01 48.54
N GLN C 1068 -45.92 -23.51 49.46
CA GLN C 1068 -46.33 -24.28 50.64
C GLN C 1068 -47.03 -25.58 50.26
N GLU C 1069 -46.24 -26.49 49.71
CA GLU C 1069 -46.72 -27.79 49.30
C GLU C 1069 -46.87 -28.72 50.48
N LYS C 1070 -47.84 -29.64 50.38
CA LYS C 1070 -48.01 -30.72 51.33
C LYS C 1070 -47.98 -32.06 50.62
N ASN C 1071 -47.67 -33.10 51.39
CA ASN C 1071 -47.62 -34.48 50.96
C ASN C 1071 -48.98 -35.15 50.99
N PHE C 1072 -49.29 -35.92 49.96
CA PHE C 1072 -50.52 -36.71 49.91
C PHE C 1072 -50.23 -38.03 49.23
N THR C 1073 -51.11 -38.99 49.45
CA THR C 1073 -51.11 -40.29 48.80
C THR C 1073 -52.10 -40.28 47.65
N THR C 1074 -51.72 -40.87 46.51
CA THR C 1074 -52.55 -40.88 45.31
C THR C 1074 -52.83 -42.31 44.87
N ALA C 1075 -53.75 -42.42 43.92
CA ALA C 1075 -54.03 -43.64 43.19
C ALA C 1075 -54.50 -43.27 41.80
N PRO C 1076 -54.10 -44.04 40.78
CA PRO C 1076 -54.51 -43.70 39.41
C PRO C 1076 -56.01 -43.63 39.22
N ALA C 1077 -56.76 -44.53 39.83
CA ALA C 1077 -58.20 -44.62 39.62
C ALA C 1077 -58.82 -45.26 40.83
N ILE C 1078 -60.14 -45.11 40.96
CA ILE C 1078 -60.91 -45.70 42.04
C ILE C 1078 -61.70 -46.86 41.46
N CYS C 1079 -61.85 -47.94 42.22
CA CYS C 1079 -62.74 -49.02 41.80
C CYS C 1079 -64.03 -48.95 42.60
N HIS C 1080 -65.14 -49.01 41.88
CA HIS C 1080 -66.45 -49.02 42.51
C HIS C 1080 -67.39 -49.85 41.65
N ASP C 1081 -67.99 -50.88 42.25
CA ASP C 1081 -68.86 -51.81 41.53
C ASP C 1081 -68.16 -52.46 40.34
N GLY C 1082 -66.88 -52.72 40.48
CA GLY C 1082 -66.16 -53.36 39.39
C GLY C 1082 -65.93 -52.49 38.19
N LYS C 1083 -65.89 -51.17 38.38
CA LYS C 1083 -65.65 -50.23 37.29
C LYS C 1083 -64.51 -49.31 37.67
N ALA C 1084 -63.77 -48.86 36.65
CA ALA C 1084 -62.65 -47.96 36.84
C ALA C 1084 -63.10 -46.52 36.65
N HIS C 1085 -62.86 -45.69 37.65
CA HIS C 1085 -63.25 -44.30 37.65
C HIS C 1085 -62.01 -43.44 37.60
N PHE C 1086 -61.99 -42.50 36.69
CA PHE C 1086 -60.90 -41.59 36.45
C PHE C 1086 -61.35 -40.17 36.69
N PRO C 1087 -60.48 -39.28 37.15
CA PRO C 1087 -60.86 -37.88 37.30
C PRO C 1087 -61.04 -37.19 35.96
N ARG C 1088 -62.03 -36.31 35.91
CA ARG C 1088 -62.20 -35.49 34.71
C ARG C 1088 -61.14 -34.41 34.62
N GLU C 1089 -60.86 -33.73 35.74
CA GLU C 1089 -59.80 -32.74 35.78
C GLU C 1089 -59.29 -32.66 37.21
N GLY C 1090 -58.23 -33.38 37.51
CA GLY C 1090 -57.69 -33.36 38.85
C GLY C 1090 -56.98 -34.66 39.14
N VAL C 1091 -56.72 -34.86 40.41
CA VAL C 1091 -56.04 -36.04 40.90
C VAL C 1091 -56.73 -36.51 42.17
N PHE C 1092 -56.74 -37.82 42.36
CA PHE C 1092 -57.21 -38.44 43.58
C PHE C 1092 -56.14 -38.31 44.66
N VAL C 1093 -56.51 -37.83 45.83
CA VAL C 1093 -55.57 -37.69 46.93
C VAL C 1093 -56.20 -38.25 48.21
N SER C 1094 -55.34 -38.70 49.11
CA SER C 1094 -55.80 -39.21 50.40
C SER C 1094 -55.17 -38.40 51.52
N ASN C 1095 -55.96 -38.03 52.51
CA ASN C 1095 -55.40 -37.40 53.70
C ASN C 1095 -55.06 -38.40 54.78
N GLY C 1096 -55.16 -39.69 54.50
CA GLY C 1096 -54.92 -40.74 55.47
C GLY C 1096 -56.13 -41.60 55.77
N THR C 1097 -57.33 -41.06 55.68
CA THR C 1097 -58.52 -41.84 55.98
C THR C 1097 -59.59 -41.71 54.91
N HIS C 1098 -59.60 -40.60 54.18
CA HIS C 1098 -60.61 -40.34 53.16
C HIS C 1098 -59.93 -39.87 51.88
N TRP C 1099 -60.55 -40.18 50.74
CA TRP C 1099 -60.04 -39.81 49.44
C TRP C 1099 -60.88 -38.67 48.85
N PHE C 1100 -60.21 -37.73 48.20
CA PHE C 1100 -60.83 -36.55 47.63
C PHE C 1100 -60.24 -36.30 46.25
N VAL C 1101 -60.90 -35.45 45.47
CA VAL C 1101 -60.39 -34.96 44.20
C VAL C 1101 -59.99 -33.52 44.43
N THR C 1102 -58.87 -33.12 43.87
CA THR C 1102 -58.42 -31.73 43.96
C THR C 1102 -57.86 -31.32 42.61
N GLN C 1103 -57.93 -30.04 42.32
CA GLN C 1103 -57.23 -29.50 41.17
C GLN C 1103 -55.73 -29.49 41.44
N ARG C 1104 -54.94 -29.55 40.37
CA ARG C 1104 -53.52 -29.80 40.51
C ARG C 1104 -52.71 -28.62 41.00
N ASN C 1105 -53.22 -27.40 40.90
CA ASN C 1105 -52.41 -26.21 41.16
C ASN C 1105 -52.74 -25.53 42.47
N PHE C 1106 -53.83 -25.91 43.12
CA PHE C 1106 -54.24 -25.32 44.38
C PHE C 1106 -54.97 -26.40 45.13
N TYR C 1107 -54.69 -26.56 46.40
CA TYR C 1107 -55.32 -27.63 47.17
C TYR C 1107 -56.75 -27.24 47.46
N GLU C 1108 -57.68 -28.03 46.93
CA GLU C 1108 -59.10 -27.75 47.07
C GLU C 1108 -59.85 -29.06 46.96
N PRO C 1109 -59.99 -29.79 48.07
CA PRO C 1109 -60.59 -31.12 48.03
C PRO C 1109 -62.10 -31.14 47.85
N GLN C 1110 -62.58 -32.08 47.05
CA GLN C 1110 -64.00 -32.29 46.86
C GLN C 1110 -64.34 -33.76 46.98
N ILE C 1111 -65.60 -34.03 47.25
CA ILE C 1111 -66.08 -35.40 47.38
C ILE C 1111 -66.04 -36.09 46.02
N ILE C 1112 -65.72 -37.37 46.03
CA ILE C 1112 -65.66 -38.17 44.81
C ILE C 1112 -67.07 -38.55 44.42
N THR C 1113 -67.54 -38.00 43.30
CA THR C 1113 -68.91 -38.20 42.85
C THR C 1113 -68.90 -38.62 41.39
N THR C 1114 -70.09 -38.87 40.87
CA THR C 1114 -70.24 -39.18 39.45
C THR C 1114 -70.27 -37.94 38.58
N ASP C 1115 -70.13 -36.76 39.17
CA ASP C 1115 -70.11 -35.50 38.42
C ASP C 1115 -68.71 -35.00 38.15
N ASN C 1116 -67.70 -35.46 38.89
CA ASN C 1116 -66.34 -35.01 38.62
C ASN C 1116 -65.44 -36.17 38.17
N THR C 1117 -66.01 -37.33 37.86
CA THR C 1117 -65.26 -38.47 37.36
C THR C 1117 -65.94 -38.99 36.11
N PHE C 1118 -65.26 -39.90 35.42
CA PHE C 1118 -65.85 -40.66 34.32
C PHE C 1118 -65.35 -42.09 34.38
N VAL C 1119 -66.07 -42.99 33.71
CA VAL C 1119 -65.76 -44.40 33.73
C VAL C 1119 -65.20 -44.83 32.39
N SER C 1120 -64.17 -45.69 32.43
CA SER C 1120 -63.62 -46.25 31.19
C SER C 1120 -62.98 -47.60 31.52
N GLY C 1121 -63.68 -48.69 31.24
CA GLY C 1121 -63.18 -50.02 31.46
C GLY C 1121 -63.42 -50.56 32.85
N ASN C 1122 -62.75 -51.67 33.13
CA ASN C 1122 -62.82 -52.39 34.39
C ASN C 1122 -61.67 -51.99 35.29
N CYS C 1123 -61.83 -52.25 36.58
CA CYS C 1123 -60.77 -51.92 37.54
C CYS C 1123 -59.89 -53.14 37.77
N ASP C 1124 -59.43 -53.74 36.67
CA ASP C 1124 -58.54 -54.89 36.77
C ASP C 1124 -57.42 -54.86 35.76
N VAL C 1125 -57.19 -53.72 35.11
CA VAL C 1125 -56.14 -53.62 34.10
C VAL C 1125 -55.06 -52.64 34.56
N VAL C 1126 -55.43 -51.62 35.30
CA VAL C 1126 -54.50 -50.60 35.72
C VAL C 1126 -53.89 -51.01 37.05
N ILE C 1127 -52.58 -50.82 37.19
CA ILE C 1127 -51.82 -51.28 38.33
C ILE C 1127 -51.82 -50.18 39.40
N GLY C 1128 -52.48 -50.43 40.52
CA GLY C 1128 -52.52 -49.47 41.60
C GLY C 1128 -53.86 -48.87 41.93
N ILE C 1129 -54.95 -49.39 41.38
CA ILE C 1129 -56.29 -48.89 41.70
C ILE C 1129 -56.60 -49.18 43.17
N VAL C 1130 -57.34 -48.27 43.79
CA VAL C 1130 -57.77 -48.46 45.17
C VAL C 1130 -59.29 -48.49 45.21
N ASN C 1131 -59.81 -49.15 46.24
CA ASN C 1131 -61.24 -49.29 46.42
C ASN C 1131 -61.84 -48.17 47.25
N ASN C 1132 -62.88 -47.54 46.72
CA ASN C 1132 -63.57 -46.46 47.42
C ASN C 1132 -64.94 -46.32 46.79
N THR C 1133 -65.70 -45.38 47.29
CA THR C 1133 -67.06 -45.16 46.81
C THR C 1133 -67.13 -43.90 45.96
N VAL C 1134 -67.81 -44.00 44.82
CA VAL C 1134 -68.09 -42.88 43.97
C VAL C 1134 -69.56 -42.55 44.13
N TYR C 1135 -69.85 -41.43 44.75
CA TYR C 1135 -71.18 -41.13 45.22
C TYR C 1135 -72.02 -40.56 44.09
N ASP C 1136 -73.20 -41.12 43.89
CA ASP C 1136 -74.14 -40.61 42.91
C ASP C 1136 -75.17 -39.74 43.59
N PRO C 1137 -75.25 -38.45 43.28
CA PRO C 1137 -76.23 -37.58 43.96
C PRO C 1137 -77.68 -37.90 43.65
N LEU C 1138 -77.89 -38.61 42.54
CA LEU C 1138 -79.24 -38.87 42.07
C LEU C 1138 -80.05 -39.69 43.06
N GLN C 1139 -79.42 -40.62 43.76
CA GLN C 1139 -80.18 -41.48 44.64
C GLN C 1139 -80.80 -40.68 45.78
N PRO C 1140 -80.02 -39.91 46.56
CA PRO C 1140 -80.66 -39.14 47.63
C PRO C 1140 -81.58 -38.06 47.12
N GLU C 1141 -81.43 -37.63 45.86
CA GLU C 1141 -82.43 -36.75 45.29
C GLU C 1141 -83.75 -37.47 45.08
N LEU C 1142 -83.71 -38.66 44.52
CA LEU C 1142 -84.92 -39.41 44.25
C LEU C 1142 -85.40 -40.23 45.44
N ASP C 1143 -84.59 -40.34 46.49
CA ASP C 1143 -84.94 -41.09 47.70
C ASP C 1143 -85.23 -42.54 47.37
N GLU D 1 47.00 10.57 18.88
CA GLU D 1 48.47 10.58 18.79
C GLU D 1 49.01 9.36 19.52
N VAL D 2 50.15 8.80 19.09
CA VAL D 2 50.77 7.65 19.77
C VAL D 2 51.38 8.11 21.09
N GLN D 3 50.99 7.48 22.20
CA GLN D 3 51.55 7.75 23.51
C GLN D 3 51.98 6.46 24.19
N LEU D 4 53.14 6.51 24.83
CA LEU D 4 53.74 5.44 25.61
C LEU D 4 54.06 6.00 27.00
N VAL D 5 53.50 5.40 28.04
CA VAL D 5 53.64 5.89 29.42
C VAL D 5 54.25 4.81 30.30
N GLU D 6 55.50 5.00 30.71
CA GLU D 6 56.22 4.11 31.61
C GLU D 6 55.87 4.33 33.08
N SER D 7 55.87 3.25 33.85
CA SER D 7 55.70 3.26 35.30
C SER D 7 56.44 2.09 35.95
N GLY D 8 56.60 2.15 37.28
CA GLY D 8 57.26 1.10 38.06
C GLY D 8 58.76 1.28 38.25
N GLY D 9 59.36 2.37 37.76
CA GLY D 9 60.72 2.77 38.16
C GLY D 9 60.79 3.15 39.64
N GLY D 10 62.00 3.21 40.19
CA GLY D 10 62.25 3.46 41.61
C GLY D 10 63.66 3.05 42.05
N VAL D 11 63.90 3.12 43.36
CA VAL D 11 65.16 2.69 43.99
C VAL D 11 65.04 1.24 44.45
N VAL D 12 66.05 0.43 44.19
CA VAL D 12 66.12 -0.97 44.61
C VAL D 12 67.53 -1.34 45.04
N ARG D 13 67.65 -2.27 45.99
CA ARG D 13 68.96 -2.79 46.42
C ARG D 13 69.53 -3.77 45.39
N PRO D 14 70.87 -3.86 45.24
CA PRO D 14 71.49 -4.91 44.43
C PRO D 14 71.00 -6.30 44.80
N GLY D 15 70.81 -7.17 43.81
CA GLY D 15 70.19 -8.49 43.96
C GLY D 15 68.66 -8.47 44.03
N GLY D 16 68.04 -7.30 44.27
CA GLY D 16 66.59 -7.11 44.27
C GLY D 16 65.95 -7.25 42.89
N SER D 17 64.62 -7.10 42.85
CA SER D 17 63.82 -7.23 41.64
C SER D 17 62.84 -6.05 41.49
N LEU D 18 62.55 -5.67 40.25
CA LEU D 18 61.61 -4.61 39.88
C LEU D 18 60.79 -5.03 38.66
N ARG D 19 59.56 -4.53 38.53
CA ARG D 19 58.70 -4.75 37.37
C ARG D 19 58.31 -3.41 36.75
N LEU D 20 58.82 -3.11 35.57
CA LEU D 20 58.39 -1.97 34.79
C LEU D 20 57.13 -2.30 33.99
N SER D 21 56.28 -1.29 33.79
CA SER D 21 55.09 -1.36 32.93
C SER D 21 55.10 -0.18 31.97
N CYS D 22 54.59 -0.39 30.76
CA CYS D 22 54.40 0.66 29.76
C CYS D 22 53.00 0.51 29.16
N ALA D 23 52.16 1.52 29.38
CA ALA D 23 50.82 1.60 28.80
C ALA D 23 50.91 2.29 27.43
N ALA D 24 50.37 1.66 26.40
CA ALA D 24 50.37 2.17 25.03
C ALA D 24 48.97 2.62 24.61
N SER D 25 48.89 3.76 23.91
CA SER D 25 47.65 4.28 23.37
C SER D 25 47.85 4.98 22.03
N GLY D 26 46.76 5.14 21.27
CA GLY D 26 46.77 5.88 20.00
C GLY D 26 47.22 5.08 18.77
N PHE D 27 47.41 3.76 18.89
CA PHE D 27 47.64 2.83 17.79
C PHE D 27 47.13 1.42 18.14
N THR D 28 46.92 0.56 17.13
CA THR D 28 46.54 -0.84 17.32
C THR D 28 47.74 -1.62 17.90
N PHE D 29 47.74 -1.89 19.20
CA PHE D 29 48.92 -2.40 19.90
C PHE D 29 49.39 -3.78 19.42
N ASP D 30 48.45 -4.66 19.11
CA ASP D 30 48.70 -6.02 18.60
C ASP D 30 49.14 -6.05 17.13
N ASP D 31 49.31 -4.87 16.55
CA ASP D 31 49.85 -4.73 15.20
C ASP D 31 51.32 -4.26 15.22
N TYR D 32 51.96 -4.22 16.39
CA TYR D 32 53.37 -3.78 16.47
C TYR D 32 54.18 -4.57 17.49
N GLY D 33 55.46 -4.80 17.18
CA GLY D 33 56.42 -5.20 18.21
C GLY D 33 56.75 -4.04 19.15
N MET D 34 57.27 -4.40 20.32
CA MET D 34 57.66 -3.45 21.37
C MET D 34 59.06 -3.78 21.87
N SER D 35 59.79 -2.78 22.39
CA SER D 35 61.12 -2.94 22.98
C SER D 35 61.29 -2.08 24.23
N TRP D 36 62.26 -2.46 25.05
CA TRP D 36 62.83 -1.61 26.09
C TRP D 36 64.24 -1.21 25.70
N VAL D 37 64.56 0.06 25.87
CA VAL D 37 65.88 0.64 25.68
C VAL D 37 66.20 1.42 26.94
N ARG D 38 67.44 1.37 27.42
CA ARG D 38 67.87 2.11 28.61
C ARG D 38 69.00 3.08 28.28
N GLN D 39 69.12 4.10 29.11
CA GLN D 39 70.20 5.08 29.05
C GLN D 39 70.71 5.37 30.46
N ALA D 40 71.94 4.94 30.75
CA ALA D 40 72.59 5.32 31.99
C ALA D 40 72.93 6.83 31.96
N PRO D 41 72.95 7.53 33.11
CA PRO D 41 73.25 8.95 33.17
C PRO D 41 74.55 9.30 32.43
N GLY D 42 74.47 10.20 31.44
CA GLY D 42 75.61 10.64 30.65
C GLY D 42 76.19 9.60 29.67
N LYS D 43 75.55 8.44 29.51
CA LYS D 43 75.95 7.40 28.53
C LYS D 43 75.03 7.37 27.32
N GLY D 44 75.42 6.60 26.31
CA GLY D 44 74.60 6.32 25.12
C GLY D 44 73.42 5.40 25.40
N LEU D 45 72.64 5.14 24.35
CA LEU D 45 71.49 4.24 24.38
C LEU D 45 71.93 2.78 24.33
N GLU D 46 71.29 1.91 25.11
CA GLU D 46 71.46 0.45 25.08
C GLU D 46 70.10 -0.22 24.90
N TRP D 47 69.94 -1.01 23.83
CA TRP D 47 68.75 -1.83 23.68
C TRP D 47 68.77 -2.96 24.71
N VAL D 48 67.67 -3.19 25.41
CA VAL D 48 67.60 -4.15 26.53
C VAL D 48 66.91 -5.44 26.10
N SER D 49 65.71 -5.32 25.53
CA SER D 49 64.88 -6.46 25.16
C SER D 49 63.77 -6.03 24.22
N GLY D 50 63.19 -6.98 23.49
CA GLY D 50 62.01 -6.72 22.67
C GLY D 50 61.15 -7.96 22.49
N ILE D 51 59.93 -7.71 22.03
CA ILE D 51 58.86 -8.70 21.88
C ILE D 51 58.07 -8.39 20.61
N ASN D 52 57.76 -9.41 19.83
CA ASN D 52 57.00 -9.28 18.59
C ASN D 52 55.49 -8.99 18.87
N TRP D 53 54.68 -8.74 17.83
CA TRP D 53 53.30 -8.23 17.98
C TRP D 53 52.34 -9.16 18.74
N ASN D 54 52.51 -10.48 18.62
CA ASN D 54 51.68 -11.47 19.32
C ASN D 54 52.31 -12.00 20.63
N GLY D 55 53.54 -11.58 20.96
CA GLY D 55 54.26 -12.11 22.12
C GLY D 55 54.93 -13.47 21.92
N GLY D 56 54.81 -14.08 20.75
CA GLY D 56 55.38 -15.39 20.44
C GLY D 56 56.90 -15.41 20.21
N SER D 57 57.56 -14.25 20.12
CA SER D 57 59.02 -14.18 19.98
C SER D 57 59.58 -13.01 20.79
N THR D 58 60.55 -13.31 21.65
CA THR D 58 61.27 -12.34 22.49
C THR D 58 62.76 -12.37 22.21
N GLY D 59 63.44 -11.24 22.39
CA GLY D 59 64.90 -11.13 22.33
C GLY D 59 65.42 -10.31 23.51
N TYR D 60 66.68 -10.52 23.89
CA TYR D 60 67.33 -9.86 25.01
C TYR D 60 68.78 -9.52 24.67
N ALA D 61 69.28 -8.40 25.17
CA ALA D 61 70.71 -8.06 25.11
C ALA D 61 71.53 -8.99 26.02
N ASP D 62 72.78 -9.22 25.65
CA ASP D 62 73.65 -10.16 26.37
C ASP D 62 73.86 -9.76 27.83
N SER D 63 73.86 -8.45 28.13
CA SER D 63 73.99 -7.88 29.48
C SER D 63 72.85 -8.24 30.44
N VAL D 64 71.67 -8.60 29.92
CA VAL D 64 70.45 -8.84 30.70
C VAL D 64 69.84 -10.23 30.52
N LYS D 65 70.38 -11.05 29.61
CA LYS D 65 69.95 -12.43 29.38
C LYS D 65 69.94 -13.23 30.69
N GLY D 66 68.87 -13.98 30.92
CA GLY D 66 68.65 -14.81 32.12
C GLY D 66 68.27 -14.03 33.39
N ARG D 67 68.34 -12.70 33.39
CA ARG D 67 67.96 -11.85 34.52
C ARG D 67 66.64 -11.12 34.28
N PHE D 68 66.44 -10.61 33.07
CA PHE D 68 65.26 -9.85 32.70
C PHE D 68 64.30 -10.69 31.85
N THR D 69 63.00 -10.38 31.91
CA THR D 69 61.95 -11.05 31.14
C THR D 69 60.93 -10.03 30.63
N ILE D 70 60.80 -9.93 29.32
CA ILE D 70 59.80 -9.06 28.67
C ILE D 70 58.51 -9.85 28.45
N SER D 71 57.37 -9.19 28.66
CA SER D 71 56.05 -9.76 28.38
C SER D 71 55.07 -8.66 27.96
N ARG D 72 53.95 -9.03 27.34
CA ARG D 72 52.93 -8.08 26.89
C ARG D 72 51.53 -8.63 27.14
N ASP D 73 50.58 -7.73 27.38
CA ASP D 73 49.15 -8.01 27.44
C ASP D 73 48.47 -7.19 26.34
N ASN D 74 48.10 -7.85 25.25
CA ASN D 74 47.47 -7.20 24.10
C ASN D 74 46.06 -6.70 24.40
N ALA D 75 45.32 -7.34 25.33
CA ALA D 75 44.00 -6.87 25.72
C ALA D 75 44.07 -5.57 26.51
N LYS D 76 45.16 -5.33 27.24
CA LYS D 76 45.42 -4.11 28.01
C LYS D 76 46.32 -3.10 27.31
N ASN D 77 46.71 -3.34 26.06
CA ASN D 77 47.69 -2.51 25.34
C ASN D 77 48.95 -2.20 26.18
N SER D 78 49.48 -3.21 26.87
CA SER D 78 50.51 -3.01 27.90
C SER D 78 51.73 -3.89 27.68
N LEU D 79 52.92 -3.32 27.90
CA LEU D 79 54.21 -3.99 27.89
C LEU D 79 54.79 -4.03 29.31
N TYR D 80 55.46 -5.12 29.68
CA TYR D 80 56.10 -5.30 30.98
C TYR D 80 57.56 -5.73 30.84
N LEU D 81 58.40 -5.32 31.78
CA LEU D 81 59.75 -5.85 31.96
C LEU D 81 59.94 -6.27 33.41
N GLN D 82 59.99 -7.57 33.67
CA GLN D 82 60.40 -8.11 34.96
C GLN D 82 61.93 -8.14 35.00
N MET D 83 62.53 -7.45 35.97
CA MET D 83 63.98 -7.36 36.15
C MET D 83 64.35 -8.01 37.48
N ASN D 84 65.09 -9.12 37.43
CA ASN D 84 65.56 -9.82 38.63
C ASN D 84 67.10 -9.70 38.75
N SER D 85 67.63 -9.93 39.95
CA SER D 85 69.08 -9.90 40.20
C SER D 85 69.74 -8.62 39.69
N LEU D 86 69.17 -7.47 40.08
CA LEU D 86 69.60 -6.15 39.64
C LEU D 86 70.99 -5.79 40.17
N ARG D 87 71.76 -5.07 39.36
CA ARG D 87 73.13 -4.64 39.65
C ARG D 87 73.25 -3.13 39.53
N ALA D 88 74.28 -2.53 40.14
CA ALA D 88 74.54 -1.09 40.02
C ALA D 88 74.64 -0.63 38.55
N GLU D 89 75.21 -1.46 37.67
CA GLU D 89 75.30 -1.25 36.21
C GLU D 89 73.94 -1.19 35.50
N ASP D 90 72.87 -1.67 36.12
CA ASP D 90 71.51 -1.57 35.58
C ASP D 90 70.82 -0.22 35.90
N THR D 91 71.48 0.66 36.66
CA THR D 91 70.96 2.02 36.93
C THR D 91 70.88 2.83 35.65
N ALA D 92 69.67 3.13 35.19
CA ALA D 92 69.42 3.84 33.94
C ALA D 92 67.98 4.38 33.86
N LEU D 93 67.75 5.31 32.93
CA LEU D 93 66.42 5.67 32.47
C LEU D 93 65.95 4.62 31.46
N TYR D 94 64.84 3.93 31.74
CA TYR D 94 64.29 2.88 30.87
C TYR D 94 63.13 3.44 30.05
N HIS D 95 63.28 3.46 28.74
CA HIS D 95 62.27 3.83 27.76
C HIS D 95 61.59 2.58 27.20
N CYS D 96 60.27 2.56 27.18
CA CYS D 96 59.56 1.66 26.31
C CYS D 96 59.44 2.29 24.92
N ALA D 97 59.53 1.45 23.89
CA ALA D 97 59.41 1.90 22.53
C ALA D 97 58.50 0.98 21.72
N ARG D 98 57.64 1.59 20.92
CA ARG D 98 57.01 0.88 19.81
C ARG D 98 58.09 0.66 18.77
N VAL D 99 58.16 -0.56 18.27
CA VAL D 99 59.10 -0.86 17.21
C VAL D 99 58.39 -0.67 15.89
N GLY D 100 58.92 0.28 15.13
CA GLY D 100 58.48 0.56 13.80
C GLY D 100 58.75 -0.61 12.88
N TYR D 101 58.04 -0.58 11.76
CA TYR D 101 58.21 -1.56 10.69
C TYR D 101 59.05 -0.85 9.62
N CYS D 102 60.27 -1.36 9.38
CA CYS D 102 61.21 -0.78 8.44
C CYS D 102 60.59 -0.64 7.05
N GLY D 103 61.29 0.06 6.16
CA GLY D 103 60.80 0.28 4.81
C GLY D 103 60.35 -1.01 4.14
N GLY D 104 59.15 -1.46 4.48
CA GLY D 104 58.59 -2.68 3.92
C GLY D 104 59.38 -3.90 4.31
N ASP D 105 59.26 -4.96 3.51
CA ASP D 105 59.97 -6.20 3.77
C ASP D 105 61.43 -5.95 4.15
N CYS D 106 61.64 -5.51 5.39
CA CYS D 106 62.98 -5.23 5.88
C CYS D 106 63.75 -6.52 6.18
N TYR D 107 63.09 -7.66 5.97
CA TYR D 107 63.69 -8.98 6.19
C TYR D 107 64.18 -9.20 7.63
N SER D 108 63.98 -8.21 8.49
CA SER D 108 64.40 -8.32 9.88
C SER D 108 63.89 -9.63 10.50
N LEU D 109 64.56 -10.10 11.55
CA LEU D 109 64.15 -11.33 12.21
C LEU D 109 62.70 -11.26 12.68
N SER D 110 62.50 -10.67 13.85
CA SER D 110 61.16 -10.53 14.42
C SER D 110 60.54 -9.18 14.06
N LEU D 111 59.35 -8.93 14.58
CA LEU D 111 58.65 -7.67 14.32
C LEU D 111 59.35 -6.40 14.83
N ALA D 112 60.49 -6.58 15.50
CA ALA D 112 61.24 -5.50 16.03
C ALA D 112 62.08 -4.97 14.87
N GLY D 113 61.72 -3.84 14.29
CA GLY D 113 62.67 -3.01 13.56
C GLY D 113 63.39 -2.05 14.50
N PHE D 114 63.39 -0.81 14.10
CA PHE D 114 63.86 0.34 14.87
C PHE D 114 62.72 0.87 15.76
N PRO D 115 62.96 1.24 17.01
CA PRO D 115 62.06 2.06 17.80
C PRO D 115 61.56 3.31 17.04
N ASP D 116 60.26 3.42 16.73
CA ASP D 116 59.74 4.58 16.00
C ASP D 116 59.07 5.61 16.93
N TYR D 117 58.38 5.13 17.96
CA TYR D 117 57.85 5.94 19.05
C TYR D 117 58.44 5.48 20.38
N TRP D 118 58.81 6.46 21.21
CA TRP D 118 59.47 6.25 22.49
C TRP D 118 58.65 6.92 23.60
N GLY D 119 58.54 6.25 24.75
CA GLY D 119 58.07 6.91 25.96
C GLY D 119 59.18 7.74 26.61
N GLN D 120 58.79 8.64 27.51
CA GLN D 120 59.73 9.56 28.17
C GLN D 120 60.67 8.83 29.13
N GLY D 121 60.31 7.62 29.55
CA GLY D 121 61.12 6.73 30.35
C GLY D 121 60.84 6.81 31.85
N THR D 122 61.29 5.79 32.59
CA THR D 122 61.20 5.71 34.05
C THR D 122 62.56 5.35 34.64
N LEU D 123 62.98 6.07 35.69
CA LEU D 123 64.32 5.90 36.27
C LEU D 123 64.35 4.69 37.18
N VAL D 124 65.34 3.83 36.98
CA VAL D 124 65.66 2.72 37.88
C VAL D 124 67.02 3.02 38.49
N THR D 125 67.09 3.04 39.82
CA THR D 125 68.34 3.25 40.56
C THR D 125 68.63 2.04 41.43
N VAL D 126 69.80 1.43 41.22
CA VAL D 126 70.26 0.27 41.97
C VAL D 126 71.42 0.68 42.88
N SER D 127 71.15 0.84 44.17
CA SER D 127 72.14 1.32 45.16
C SER D 127 71.97 0.61 46.51
N SER D 128 73.06 0.50 47.27
CA SER D 128 73.10 -0.15 48.59
C SER D 128 72.90 0.81 49.77
N GLU D 129 72.75 2.11 49.52
CA GLU D 129 72.51 3.11 50.56
C GLU D 129 71.12 2.99 51.21
N GLU E 1 78.10 -9.55 18.80
CA GLU E 1 77.35 -8.28 18.69
C GLU E 1 77.91 -7.45 17.53
N ILE E 2 77.07 -6.67 16.83
CA ILE E 2 77.54 -5.70 15.82
C ILE E 2 77.84 -4.38 16.52
N VAL E 3 79.06 -3.87 16.36
CA VAL E 3 79.47 -2.60 16.97
C VAL E 3 79.21 -1.49 15.97
N MET E 4 78.57 -0.43 16.44
CA MET E 4 78.28 0.78 15.67
C MET E 4 79.20 1.89 16.17
N THR E 5 80.04 2.43 15.28
CA THR E 5 81.01 3.47 15.63
C THR E 5 80.65 4.75 14.90
N GLN E 6 80.30 5.79 15.65
CA GLN E 6 80.03 7.11 15.09
C GLN E 6 81.27 7.99 15.01
N SER E 7 81.30 8.91 14.04
CA SER E 7 82.31 9.95 13.95
C SER E 7 81.76 11.26 13.36
N PRO E 8 82.27 12.43 13.80
CA PRO E 8 83.10 12.61 15.00
C PRO E 8 82.29 12.40 16.30
N ALA E 9 82.95 12.37 17.46
CA ALA E 9 82.25 12.32 18.76
C ALA E 9 81.53 13.64 19.09
N THR E 10 82.14 14.76 18.71
CA THR E 10 81.57 16.11 18.79
C THR E 10 81.79 16.81 17.46
N LEU E 11 80.79 17.56 16.99
CA LEU E 11 80.84 18.35 15.76
C LEU E 11 80.34 19.76 16.08
N SER E 12 81.18 20.77 15.89
CA SER E 12 80.81 22.18 16.10
C SER E 12 80.59 22.87 14.75
N VAL E 13 79.37 23.34 14.50
CA VAL E 13 78.94 23.88 13.19
C VAL E 13 78.08 25.12 13.41
N SER E 14 78.20 26.13 12.55
CA SER E 14 77.38 27.34 12.65
C SER E 14 75.97 27.11 12.11
N PRO E 15 74.92 27.76 12.64
CA PRO E 15 73.59 27.74 12.03
C PRO E 15 73.64 28.17 10.55
N GLY E 16 72.85 27.50 9.72
CA GLY E 16 72.82 27.69 8.26
C GLY E 16 73.78 26.78 7.48
N GLU E 17 74.88 26.33 8.10
CA GLU E 17 75.86 25.45 7.46
C GLU E 17 75.37 23.99 7.36
N ARG E 18 76.07 23.19 6.55
CA ARG E 18 75.81 21.75 6.42
C ARG E 18 76.57 20.97 7.49
N ALA E 19 75.87 20.07 8.19
CA ALA E 19 76.49 19.10 9.10
C ALA E 19 76.40 17.69 8.51
N THR E 20 77.47 16.92 8.63
CA THR E 20 77.52 15.51 8.21
C THR E 20 78.07 14.66 9.34
N LEU E 21 77.34 13.62 9.71
CA LEU E 21 77.71 12.64 10.72
C LEU E 21 77.89 11.29 10.05
N SER E 22 78.85 10.50 10.51
CA SER E 22 79.14 9.16 9.97
C SER E 22 78.86 8.09 11.02
N CYS E 23 78.41 6.93 10.58
CA CYS E 23 78.27 5.73 11.39
C CYS E 23 78.76 4.51 10.62
N ARG E 24 79.68 3.77 11.24
CA ARG E 24 80.28 2.57 10.67
C ARG E 24 79.87 1.35 11.49
N ALA E 25 79.29 0.35 10.84
CA ALA E 25 79.00 -0.95 11.43
C ALA E 25 80.22 -1.88 11.28
N SER E 26 80.52 -2.69 12.30
CA SER E 26 81.60 -3.67 12.26
C SER E 26 81.32 -4.86 11.31
N GLN E 27 80.06 -5.04 10.91
CA GLN E 27 79.59 -6.02 9.94
C GLN E 27 78.51 -5.38 9.06
N SER E 28 78.26 -5.93 7.87
CA SER E 28 77.20 -5.43 6.98
C SER E 28 75.83 -5.52 7.66
N VAL E 29 75.13 -4.39 7.73
CA VAL E 29 73.74 -4.27 8.20
C VAL E 29 72.79 -3.98 7.04
N SER E 30 73.24 -4.18 5.80
CA SER E 30 72.51 -3.86 4.56
C SER E 30 72.00 -2.42 4.55
N TYR E 31 70.69 -2.20 4.68
CA TYR E 31 70.08 -0.87 4.82
C TYR E 31 69.39 -0.72 6.18
N ASN E 32 69.53 -1.76 7.01
CA ASN E 32 68.93 -1.83 8.34
C ASN E 32 69.59 -0.93 9.37
N LEU E 33 69.47 0.37 9.14
CA LEU E 33 70.01 1.40 10.01
C LEU E 33 69.02 2.55 10.17
N ALA E 34 68.87 3.00 11.42
CA ALA E 34 68.08 4.16 11.79
C ALA E 34 68.98 5.24 12.41
N TRP E 35 68.58 6.50 12.26
CA TRP E 35 69.18 7.65 12.93
C TRP E 35 68.16 8.31 13.85
N TYR E 36 68.62 8.71 15.03
CA TYR E 36 67.83 9.35 16.07
C TYR E 36 68.45 10.68 16.46
N GLN E 37 67.60 11.63 16.84
CA GLN E 37 67.97 12.85 17.55
C GLN E 37 67.50 12.73 18.99
N GLN E 38 68.34 13.11 19.95
CA GLN E 38 67.98 13.21 21.36
C GLN E 38 68.38 14.57 21.91
N LYS E 39 67.38 15.33 22.37
CA LYS E 39 67.59 16.60 23.09
C LYS E 39 67.69 16.33 24.60
N PRO E 40 68.41 17.17 25.36
CA PRO E 40 68.51 17.01 26.81
C PRO E 40 67.13 16.91 27.48
N GLY E 41 66.94 15.87 28.30
CA GLY E 41 65.68 15.63 29.02
C GLY E 41 64.51 15.15 28.17
N GLN E 42 64.73 14.82 26.88
CA GLN E 42 63.69 14.29 25.99
C GLN E 42 64.03 12.86 25.54
N ALA E 43 63.00 12.06 25.27
CA ALA E 43 63.16 10.78 24.61
C ALA E 43 63.80 10.91 23.21
N PRO E 44 64.53 9.89 22.73
CA PRO E 44 65.01 9.86 21.34
C PRO E 44 63.86 9.96 20.34
N ARG E 45 64.12 10.66 19.23
CA ARG E 45 63.19 10.82 18.12
C ARG E 45 63.78 10.23 16.85
N LEU E 46 63.04 9.34 16.20
CA LEU E 46 63.43 8.77 14.91
C LEU E 46 63.48 9.86 13.83
N LEU E 47 64.60 9.94 13.11
CA LEU E 47 64.79 10.86 11.98
C LEU E 47 64.77 10.14 10.64
N ILE E 48 65.62 9.12 10.52
CA ILE E 48 65.81 8.32 9.31
C ILE E 48 65.69 6.85 9.71
N TYR E 49 65.07 6.05 8.86
CA TYR E 49 65.12 4.60 8.89
C TYR E 49 65.44 4.05 7.50
N ASP E 50 65.80 2.78 7.41
CA ASP E 50 66.19 2.23 6.10
C ASP E 50 67.31 3.10 5.51
N ALA E 51 68.34 3.34 6.32
CA ALA E 51 69.50 4.16 5.99
C ALA E 51 69.21 5.54 5.35
N SER E 52 68.07 5.72 4.70
CA SER E 52 67.78 6.89 3.85
C SER E 52 66.33 7.36 3.87
N THR E 53 65.40 6.55 4.38
CA THR E 53 63.98 6.90 4.44
C THR E 53 63.71 7.86 5.59
N ARG E 54 63.24 9.06 5.27
CA ARG E 54 62.90 10.08 6.27
C ARG E 54 61.59 9.73 6.99
N ALA E 55 61.60 9.75 8.32
CA ALA E 55 60.41 9.54 9.13
C ALA E 55 59.37 10.66 8.93
N THR E 56 58.09 10.35 9.15
CA THR E 56 56.99 11.29 8.95
C THR E 56 57.16 12.52 9.82
N GLY E 57 56.97 13.70 9.23
CA GLY E 57 57.07 14.99 9.93
C GLY E 57 58.50 15.45 10.23
N ILE E 58 59.53 14.73 9.78
CA ILE E 58 60.91 15.19 9.86
C ILE E 58 61.19 16.19 8.73
N PRO E 59 61.82 17.34 9.01
CA PRO E 59 62.12 18.36 8.02
C PRO E 59 62.98 17.85 6.85
N ALA E 60 62.76 18.40 5.65
CA ALA E 60 63.47 18.00 4.43
C ALA E 60 64.99 18.19 4.49
N ARG E 61 65.47 19.02 5.41
CA ARG E 61 66.90 19.24 5.56
C ARG E 61 67.63 17.94 5.92
N PHE E 62 66.99 17.09 6.72
CA PHE E 62 67.59 15.83 7.14
C PHE E 62 67.58 14.83 5.98
N SER E 63 68.72 14.21 5.68
CA SER E 63 68.82 13.09 4.75
C SER E 63 69.81 12.05 5.27
N GLY E 64 69.48 10.77 5.09
CA GLY E 64 70.40 9.68 5.35
C GLY E 64 70.90 9.07 4.05
N SER E 65 72.11 8.51 4.09
CA SER E 65 72.65 7.74 2.97
C SER E 65 73.59 6.63 3.46
N GLY E 66 73.96 5.74 2.54
CA GLY E 66 74.86 4.62 2.82
C GLY E 66 74.18 3.27 2.78
N SER E 67 75.01 2.23 2.80
CA SER E 67 74.58 0.83 2.80
C SER E 67 75.75 -0.07 3.21
N GLY E 68 75.45 -1.30 3.61
CA GLY E 68 76.46 -2.27 4.03
C GLY E 68 77.02 -1.91 5.40
N THR E 69 78.21 -1.31 5.44
CA THR E 69 78.92 -0.99 6.68
C THR E 69 79.04 0.51 6.95
N GLU E 70 78.80 1.37 5.96
CA GLU E 70 79.05 2.81 6.09
C GLU E 70 77.80 3.62 5.78
N PHE E 71 77.48 4.54 6.69
CA PHE E 71 76.26 5.33 6.68
C PHE E 71 76.54 6.76 7.10
N THR E 72 75.76 7.69 6.58
CA THR E 72 75.86 9.10 6.94
C THR E 72 74.48 9.71 7.19
N LEU E 73 74.43 10.66 8.11
CA LEU E 73 73.32 11.59 8.28
C LEU E 73 73.82 12.98 7.88
N THR E 74 73.10 13.64 6.99
CA THR E 74 73.38 15.00 6.55
C THR E 74 72.24 15.92 6.94
N ILE E 75 72.58 17.09 7.51
CA ILE E 75 71.66 18.20 7.75
C ILE E 75 72.09 19.32 6.81
N SER E 76 71.27 19.61 5.79
CA SER E 76 71.67 20.47 4.67
C SER E 76 71.88 21.94 5.04
N SER E 77 71.05 22.46 5.95
CA SER E 77 71.15 23.81 6.52
C SER E 77 70.68 23.77 7.97
N LEU E 78 71.66 23.83 8.87
CA LEU E 78 71.47 23.59 10.30
C LEU E 78 70.61 24.68 10.94
N GLN E 79 69.58 24.31 11.68
CA GLN E 79 68.77 25.26 12.44
C GLN E 79 69.11 25.21 13.93
N SER E 80 68.75 26.26 14.67
CA SER E 80 69.01 26.34 16.11
C SER E 80 68.40 25.19 16.92
N GLU E 81 67.28 24.62 16.45
CA GLU E 81 66.63 23.50 17.10
C GLU E 81 67.27 22.13 16.79
N ASP E 82 68.27 22.07 15.91
CA ASP E 82 68.91 20.82 15.49
C ASP E 82 70.12 20.43 16.36
N PHE E 83 70.62 21.34 17.21
CA PHE E 83 71.71 21.04 18.14
C PHE E 83 71.23 20.07 19.22
N ALA E 84 71.80 18.88 19.20
CA ALA E 84 71.36 17.72 19.96
C ALA E 84 72.43 16.61 19.89
N VAL E 85 72.20 15.49 20.59
CA VAL E 85 72.98 14.28 20.37
C VAL E 85 72.28 13.41 19.31
N TYR E 86 73.04 12.89 18.38
CA TYR E 86 72.53 12.01 17.32
C TYR E 86 73.06 10.60 17.51
N TYR E 87 72.18 9.61 17.40
CA TYR E 87 72.53 8.19 17.52
C TYR E 87 72.20 7.45 16.23
N CYS E 88 73.11 6.64 15.72
CA CYS E 88 72.75 5.60 14.74
C CYS E 88 72.38 4.30 15.48
N GLN E 89 71.54 3.48 14.87
CA GLN E 89 71.15 2.17 15.40
C GLN E 89 71.05 1.16 14.25
N GLN E 90 71.63 -0.02 14.40
CA GLN E 90 71.33 -1.14 13.50
C GLN E 90 70.21 -2.02 14.07
N TYR E 91 69.35 -2.50 13.18
CA TYR E 91 68.28 -3.47 13.47
C TYR E 91 68.31 -4.65 12.49
N ASN E 92 69.50 -4.96 11.97
CA ASN E 92 69.64 -6.04 10.98
C ASN E 92 69.55 -7.47 11.52
N ASN E 93 70.05 -7.65 12.74
CA ASN E 93 70.06 -8.97 13.38
C ASN E 93 69.34 -8.91 14.72
N TRP E 94 68.28 -9.68 14.93
CA TRP E 94 67.62 -9.58 16.24
C TRP E 94 67.74 -10.86 17.05
N PRO E 95 68.32 -10.82 18.27
CA PRO E 95 68.90 -9.65 18.97
C PRO E 95 70.46 -9.71 18.99
N PRO E 96 71.20 -8.73 19.56
CA PRO E 96 70.75 -7.43 20.04
C PRO E 96 70.79 -6.37 18.93
N TYR E 97 69.88 -5.39 19.08
CA TYR E 97 70.01 -4.14 18.34
C TYR E 97 71.00 -3.24 19.06
N THR E 98 71.84 -2.56 18.29
CA THR E 98 72.95 -1.80 18.85
C THR E 98 72.93 -0.38 18.35
N PHE E 99 73.23 0.53 19.27
CA PHE E 99 73.36 1.96 18.99
C PHE E 99 74.84 2.32 18.87
N GLY E 100 75.12 3.38 18.11
CA GLY E 100 76.41 4.06 18.20
C GLY E 100 76.54 4.82 19.52
N GLN E 101 77.75 5.23 19.86
CA GLN E 101 78.03 5.95 21.10
C GLN E 101 77.42 7.36 21.15
N GLY E 102 76.91 7.86 20.03
CA GLY E 102 76.37 9.21 19.87
C GLY E 102 77.39 10.21 19.33
N THR E 103 76.88 11.23 18.64
CA THR E 103 77.64 12.41 18.18
C THR E 103 76.93 13.65 18.71
N LYS E 104 77.62 14.48 19.49
CA LYS E 104 77.08 15.76 19.97
C LYS E 104 77.29 16.83 18.91
N LEU E 105 76.19 17.41 18.42
CA LEU E 105 76.23 18.56 17.52
C LEU E 105 76.05 19.83 18.34
N GLU E 106 77.01 20.75 18.29
CA GLU E 106 77.01 22.00 19.07
C GLU E 106 77.30 23.22 18.19
N ILE E 107 76.90 24.41 18.67
CA ILE E 107 77.10 25.67 17.95
C ILE E 107 78.59 26.00 17.98
N LYS E 108 79.14 26.36 16.82
CA LYS E 108 80.51 26.89 16.68
C LYS E 108 80.61 28.35 17.13
N GLU F 1 30.96 -12.62 -42.74
CA GLU F 1 31.61 -12.46 -44.05
C GLU F 1 30.60 -12.80 -45.13
N VAL F 2 30.68 -12.19 -46.32
CA VAL F 2 29.79 -12.51 -47.44
C VAL F 2 30.16 -13.87 -48.01
N GLN F 3 29.20 -14.79 -48.08
CA GLN F 3 29.39 -16.10 -48.69
C GLN F 3 28.28 -16.39 -49.70
N LEU F 4 28.67 -16.95 -50.84
CA LEU F 4 27.80 -17.40 -51.92
C LEU F 4 28.14 -18.85 -52.21
N VAL F 5 27.14 -19.74 -52.11
CA VAL F 5 27.34 -21.19 -52.26
C VAL F 5 26.44 -21.72 -53.37
N GLU F 6 27.06 -22.09 -54.49
CA GLU F 6 26.37 -22.68 -55.63
C GLU F 6 26.10 -24.18 -55.47
N SER F 7 24.98 -24.63 -56.01
CA SER F 7 24.59 -26.05 -56.08
C SER F 7 23.73 -26.32 -57.32
N GLY F 8 23.56 -27.60 -57.65
CA GLY F 8 22.74 -28.05 -58.78
C GLY F 8 23.50 -28.20 -60.10
N GLY F 9 24.82 -27.98 -60.13
CA GLY F 9 25.66 -28.41 -61.26
C GLY F 9 25.69 -29.93 -61.41
N GLY F 10 26.14 -30.41 -62.58
CA GLY F 10 26.16 -31.83 -62.92
C GLY F 10 26.28 -32.06 -64.44
N VAL F 11 26.16 -33.33 -64.83
CA VAL F 11 26.17 -33.76 -66.24
C VAL F 11 24.74 -33.83 -66.77
N VAL F 12 24.52 -33.31 -67.97
CA VAL F 12 23.22 -33.34 -68.65
C VAL F 12 23.39 -33.58 -70.14
N ARG F 13 22.43 -34.25 -70.76
CA ARG F 13 22.42 -34.46 -72.22
C ARG F 13 22.02 -33.17 -72.96
N PRO F 14 22.54 -32.93 -74.18
CA PRO F 14 22.06 -31.84 -75.03
C PRO F 14 20.54 -31.86 -75.20
N GLY F 15 19.92 -30.69 -75.21
CA GLY F 15 18.45 -30.51 -75.19
C GLY F 15 17.82 -30.67 -73.80
N GLY F 16 18.54 -31.23 -72.83
CA GLY F 16 18.09 -31.36 -71.45
C GLY F 16 17.99 -30.02 -70.70
N SER F 17 17.58 -30.10 -69.44
CA SER F 17 17.39 -28.95 -68.56
C SER F 17 18.05 -29.16 -67.19
N LEU F 18 18.54 -28.08 -66.59
CA LEU F 18 19.15 -28.05 -65.26
C LEU F 18 18.70 -26.81 -64.48
N ARG F 19 18.66 -26.89 -63.16
CA ARG F 19 18.36 -25.75 -62.29
C ARG F 19 19.50 -25.53 -61.30
N LEU F 20 20.23 -24.45 -61.46
CA LEU F 20 21.24 -24.02 -60.49
C LEU F 20 20.58 -23.24 -59.36
N SER F 21 21.16 -23.35 -58.16
CA SER F 21 20.79 -22.57 -56.98
C SER F 21 22.04 -21.95 -56.38
N CYS F 22 21.91 -20.76 -55.80
CA CYS F 22 22.96 -20.09 -55.05
C CYS F 22 22.38 -19.55 -53.75
N ALA F 23 22.87 -20.07 -52.63
CA ALA F 23 22.50 -19.59 -51.29
C ALA F 23 23.45 -18.46 -50.89
N ALA F 24 22.89 -17.32 -50.49
CA ALA F 24 23.64 -16.15 -50.07
C ALA F 24 23.55 -15.93 -48.56
N SER F 25 24.66 -15.57 -47.93
CA SER F 25 24.72 -15.25 -46.51
C SER F 25 25.71 -14.13 -46.20
N GLY F 26 25.57 -13.50 -45.03
CA GLY F 26 26.50 -12.47 -44.55
C GLY F 26 26.24 -11.04 -45.08
N PHE F 27 25.14 -10.81 -45.79
CA PHE F 27 24.65 -9.48 -46.20
C PHE F 27 23.13 -9.48 -46.33
N THR F 28 22.51 -8.29 -46.34
CA THR F 28 21.07 -8.12 -46.57
C THR F 28 20.76 -8.41 -48.04
N PHE F 29 20.24 -9.59 -48.37
CA PHE F 29 20.14 -10.07 -49.74
C PHE F 29 19.23 -9.22 -50.64
N ASP F 30 18.11 -8.74 -50.09
CA ASP F 30 17.13 -7.87 -50.76
C ASP F 30 17.62 -6.42 -50.95
N ASP F 31 18.87 -6.17 -50.54
CA ASP F 31 19.50 -4.88 -50.76
C ASP F 31 20.53 -4.94 -51.92
N TYR F 32 20.59 -6.05 -52.66
CA TYR F 32 21.55 -6.17 -53.78
C TYR F 32 20.97 -6.89 -54.99
N GLY F 33 21.37 -6.47 -56.19
CA GLY F 33 21.20 -7.30 -57.38
C GLY F 33 22.15 -8.50 -57.36
N MET F 34 21.81 -9.51 -58.16
CA MET F 34 22.56 -10.75 -58.30
C MET F 34 22.77 -11.07 -59.78
N SER F 35 23.82 -11.79 -60.12
CA SER F 35 24.12 -12.26 -61.48
C SER F 35 24.67 -13.67 -61.50
N TRP F 36 24.58 -14.32 -62.66
CA TRP F 36 25.33 -15.52 -63.00
C TRP F 36 26.37 -15.16 -64.07
N VAL F 37 27.58 -15.65 -63.88
CA VAL F 37 28.68 -15.55 -64.82
C VAL F 37 29.24 -16.95 -65.00
N ARG F 38 29.60 -17.33 -66.23
CA ARG F 38 30.17 -18.65 -66.50
C ARG F 38 31.57 -18.55 -67.08
N GLN F 39 32.35 -19.60 -66.92
CA GLN F 39 33.67 -19.74 -67.50
C GLN F 39 33.83 -21.15 -68.08
N ALA F 40 33.91 -21.26 -69.40
CA ALA F 40 34.24 -22.52 -70.03
C ALA F 40 35.72 -22.87 -69.75
N PRO F 41 36.10 -24.16 -69.68
CA PRO F 41 37.46 -24.58 -69.39
C PRO F 41 38.48 -23.89 -70.31
N GLY F 42 39.46 -23.19 -69.73
CA GLY F 42 40.50 -22.47 -70.48
C GLY F 42 40.04 -21.23 -71.25
N LYS F 43 38.78 -20.79 -71.10
CA LYS F 43 38.26 -19.57 -71.72
C LYS F 43 38.10 -18.43 -70.70
N GLY F 44 37.81 -17.23 -71.21
CA GLY F 44 37.49 -16.07 -70.39
C GLY F 44 36.11 -16.14 -69.72
N LEU F 45 35.78 -15.11 -68.96
CA LEU F 45 34.51 -14.97 -68.28
C LEU F 45 33.41 -14.50 -69.24
N GLU F 46 32.21 -15.05 -69.11
CA GLU F 46 31.00 -14.63 -69.85
C GLU F 46 29.88 -14.35 -68.86
N TRP F 47 29.36 -13.12 -68.85
CA TRP F 47 28.16 -12.82 -68.07
C TRP F 47 26.94 -13.51 -68.70
N VAL F 48 26.13 -14.19 -67.90
CA VAL F 48 25.01 -15.01 -68.39
C VAL F 48 23.68 -14.29 -68.21
N SER F 49 23.40 -13.83 -66.98
CA SER F 49 22.13 -13.22 -66.63
C SER F 49 22.25 -12.48 -65.30
N GLY F 50 21.33 -11.57 -65.03
CA GLY F 50 21.24 -10.91 -63.75
C GLY F 50 19.83 -10.45 -63.41
N ILE F 51 19.63 -10.14 -62.14
CA ILE F 51 18.35 -9.78 -61.54
C ILE F 51 18.56 -8.69 -60.49
N ASN F 52 17.70 -7.68 -60.50
CA ASN F 52 17.77 -6.57 -59.56
C ASN F 52 17.32 -6.99 -58.13
N TRP F 53 17.44 -6.10 -57.14
CA TRP F 53 17.26 -6.45 -55.71
C TRP F 53 15.88 -6.98 -55.32
N ASN F 54 14.81 -6.50 -55.98
CA ASN F 54 13.44 -6.96 -55.73
C ASN F 54 12.95 -8.05 -56.71
N GLY F 55 13.76 -8.41 -57.71
CA GLY F 55 13.36 -9.36 -58.75
C GLY F 55 12.48 -8.77 -59.87
N GLY F 56 12.15 -7.48 -59.82
CA GLY F 56 11.30 -6.81 -60.80
C GLY F 56 11.98 -6.50 -62.15
N SER F 57 13.29 -6.69 -62.28
CA SER F 57 14.01 -6.50 -63.54
C SER F 57 15.10 -7.55 -63.72
N THR F 58 15.05 -8.27 -64.85
CA THR F 58 16.02 -9.29 -65.25
C THR F 58 16.68 -8.93 -66.57
N GLY F 59 17.92 -9.36 -66.77
CA GLY F 59 18.65 -9.26 -68.04
C GLY F 59 19.32 -10.59 -68.37
N TYR F 60 19.59 -10.83 -69.65
CA TYR F 60 20.21 -12.05 -70.17
C TYR F 60 21.19 -11.73 -71.29
N ALA F 61 22.28 -12.50 -71.38
CA ALA F 61 23.19 -12.44 -72.52
C ALA F 61 22.52 -13.03 -73.77
N ASP F 62 22.92 -12.54 -74.95
CA ASP F 62 22.31 -12.94 -76.22
C ASP F 62 22.43 -14.45 -76.48
N SER F 63 23.51 -15.09 -76.01
CA SER F 63 23.77 -16.53 -76.11
C SER F 63 22.76 -17.42 -75.37
N VAL F 64 22.07 -16.88 -74.37
CA VAL F 64 21.16 -17.64 -73.48
C VAL F 64 19.72 -17.13 -73.45
N LYS F 65 19.43 -16.00 -74.12
CA LYS F 65 18.08 -15.44 -74.24
C LYS F 65 17.09 -16.50 -74.74
N GLY F 66 15.92 -16.57 -74.10
CA GLY F 66 14.86 -17.51 -74.43
C GLY F 66 15.08 -18.96 -73.97
N ARG F 67 16.30 -19.31 -73.51
CA ARG F 67 16.64 -20.65 -73.01
C ARG F 67 16.77 -20.67 -71.50
N PHE F 68 17.40 -19.65 -70.92
CA PHE F 68 17.65 -19.57 -69.49
C PHE F 68 16.69 -18.58 -68.81
N THR F 69 16.41 -18.79 -67.54
CA THR F 69 15.54 -17.92 -66.72
C THR F 69 16.13 -17.75 -65.32
N ILE F 70 16.44 -16.51 -64.94
CA ILE F 70 16.93 -16.17 -63.61
C ILE F 70 15.74 -15.83 -62.71
N SER F 71 15.80 -16.27 -61.45
CA SER F 71 14.80 -15.91 -60.43
C SER F 71 15.45 -15.85 -59.06
N ARG F 72 14.79 -15.22 -58.09
CA ARG F 72 15.29 -15.09 -56.71
C ARG F 72 14.17 -15.25 -55.70
N ASP F 73 14.50 -15.77 -54.53
CA ASP F 73 13.64 -15.83 -53.36
C ASP F 73 14.32 -15.02 -52.24
N ASN F 74 13.82 -13.81 -51.99
CA ASN F 74 14.37 -12.91 -50.99
C ASN F 74 14.15 -13.41 -49.55
N ALA F 75 13.09 -14.18 -49.29
CA ALA F 75 12.85 -14.74 -47.97
C ALA F 75 13.85 -15.86 -47.64
N LYS F 76 14.35 -16.55 -48.66
CA LYS F 76 15.38 -17.61 -48.52
C LYS F 76 16.80 -17.16 -48.84
N ASN F 77 17.03 -15.88 -49.09
CA ASN F 77 18.33 -15.34 -49.54
C ASN F 77 18.94 -16.16 -50.69
N SER F 78 18.13 -16.54 -51.67
CA SER F 78 18.52 -17.52 -52.68
C SER F 78 18.30 -17.02 -54.11
N LEU F 79 19.26 -17.32 -54.99
CA LEU F 79 19.21 -17.06 -56.43
C LEU F 79 19.10 -18.39 -57.19
N TYR F 80 18.34 -18.42 -58.27
CA TYR F 80 18.18 -19.59 -59.13
C TYR F 80 18.44 -19.26 -60.60
N LEU F 81 18.94 -20.24 -61.35
CA LEU F 81 19.02 -20.20 -62.81
C LEU F 81 18.41 -21.48 -63.38
N GLN F 82 17.23 -21.37 -63.97
CA GLN F 82 16.64 -22.45 -64.76
C GLN F 82 17.26 -22.41 -66.16
N MET F 83 17.90 -23.49 -66.59
CA MET F 83 18.55 -23.61 -67.89
C MET F 83 17.84 -24.70 -68.70
N ASN F 84 17.20 -24.33 -69.80
CA ASN F 84 16.51 -25.26 -70.70
C ASN F 84 17.23 -25.32 -72.04
N SER F 85 17.00 -26.40 -72.82
CA SER F 85 17.57 -26.58 -74.16
C SER F 85 19.10 -26.39 -74.17
N LEU F 86 19.77 -27.10 -73.26
CA LEU F 86 21.22 -27.00 -73.05
C LEU F 86 22.01 -27.53 -74.26
N ARG F 87 23.14 -26.89 -74.55
CA ARG F 87 24.03 -27.23 -75.67
C ARG F 87 25.44 -27.50 -75.16
N ALA F 88 26.26 -28.19 -75.96
CA ALA F 88 27.66 -28.44 -75.60
C ALA F 88 28.44 -27.15 -75.27
N GLU F 89 28.14 -26.05 -75.98
CA GLU F 89 28.68 -24.70 -75.75
C GLU F 89 28.31 -24.09 -74.38
N ASP F 90 27.30 -24.64 -73.69
CA ASP F 90 26.94 -24.21 -72.33
C ASP F 90 27.76 -24.91 -71.25
N THR F 91 28.65 -25.84 -71.60
CA THR F 91 29.57 -26.49 -70.64
C THR F 91 30.54 -25.46 -70.05
N ALA F 92 30.39 -25.17 -68.76
CA ALA F 92 31.18 -24.17 -68.06
C ALA F 92 31.06 -24.31 -66.53
N LEU F 93 31.99 -23.67 -65.81
CA LEU F 93 31.85 -23.40 -64.39
C LEU F 93 30.95 -22.16 -64.22
N TYR F 94 29.81 -22.31 -63.54
CA TYR F 94 28.85 -21.23 -63.31
C TYR F 94 29.03 -20.65 -61.91
N HIS F 95 29.40 -19.38 -61.84
CA HIS F 95 29.52 -18.59 -60.61
C HIS F 95 28.26 -17.75 -60.41
N CYS F 96 27.68 -17.80 -59.21
CA CYS F 96 26.78 -16.75 -58.79
C CYS F 96 27.58 -15.60 -58.21
N ALA F 97 27.12 -14.38 -58.46
CA ALA F 97 27.76 -13.19 -57.96
C ALA F 97 26.75 -12.22 -57.37
N ARG F 98 27.09 -11.64 -56.23
CA ARG F 98 26.45 -10.43 -55.76
C ARG F 98 26.93 -9.31 -56.66
N VAL F 99 26.01 -8.51 -57.13
CA VAL F 99 26.37 -7.36 -57.93
C VAL F 99 26.53 -6.17 -57.01
N GLY F 100 27.75 -5.66 -56.99
CA GLY F 100 28.11 -4.48 -56.27
C GLY F 100 27.39 -3.28 -56.83
N TYR F 101 27.36 -2.24 -56.00
CA TYR F 101 26.81 -0.93 -56.37
C TYR F 101 28.02 -0.05 -56.69
N CYS F 102 28.14 0.37 -57.95
CA CYS F 102 29.25 1.19 -58.43
C CYS F 102 29.42 2.45 -57.59
N GLY F 103 30.52 3.15 -57.81
CA GLY F 103 30.80 4.37 -57.07
C GLY F 103 29.62 5.33 -57.06
N GLY F 104 28.65 5.06 -56.20
CA GLY F 104 27.47 5.90 -56.09
C GLY F 104 26.64 5.89 -57.36
N ASP F 105 25.83 6.93 -57.53
CA ASP F 105 24.97 7.05 -58.70
C ASP F 105 25.72 6.69 -59.98
N CYS F 106 25.93 5.40 -60.20
CA CYS F 106 26.63 4.92 -61.40
C CYS F 106 25.76 5.01 -62.63
N TYR F 107 24.53 5.48 -62.45
CA TYR F 107 23.58 5.65 -63.55
C TYR F 107 23.26 4.35 -64.31
N SER F 108 23.87 3.25 -63.88
CA SER F 108 23.64 1.95 -64.52
C SER F 108 22.14 1.69 -64.67
N LEU F 109 21.77 0.83 -65.62
CA LEU F 109 20.37 0.51 -65.84
C LEU F 109 19.72 -0.05 -64.57
N SER F 110 19.90 -1.34 -64.34
CA SER F 110 19.33 -2.00 -63.16
C SER F 110 20.34 -2.05 -62.03
N LEU F 111 19.94 -2.66 -60.92
CA LEU F 111 20.82 -2.79 -59.75
C LEU F 111 22.11 -3.58 -59.97
N ALA F 112 22.29 -4.11 -61.17
CA ALA F 112 23.44 -4.87 -61.51
C ALA F 112 24.52 -3.85 -61.88
N GLY F 113 25.49 -3.61 -61.02
CA GLY F 113 26.77 -3.09 -61.43
C GLY F 113 27.71 -4.21 -61.85
N PHE F 114 28.91 -4.15 -61.30
CA PHE F 114 29.94 -5.17 -61.40
C PHE F 114 29.74 -6.22 -60.29
N PRO F 115 29.88 -7.52 -60.58
CA PRO F 115 30.05 -8.55 -59.55
C PRO F 115 31.10 -8.17 -58.49
N ASP F 116 30.72 -7.97 -57.23
CA ASP F 116 31.68 -7.60 -56.17
C ASP F 116 32.11 -8.79 -55.32
N TYR F 117 31.17 -9.70 -55.05
CA TYR F 117 31.42 -11.00 -54.42
C TYR F 117 30.98 -12.12 -55.33
N TRP F 118 31.80 -13.16 -55.41
CA TRP F 118 31.63 -14.31 -56.30
C TRP F 118 31.63 -15.59 -55.47
N GLY F 119 30.74 -16.52 -55.80
CA GLY F 119 30.86 -17.89 -55.32
C GLY F 119 31.92 -18.67 -56.09
N GLN F 120 32.34 -19.81 -55.53
CA GLN F 120 33.40 -20.64 -56.12
C GLN F 120 32.94 -21.32 -57.42
N GLY F 121 31.63 -21.41 -57.62
CA GLY F 121 31.01 -21.91 -58.85
C GLY F 121 30.64 -23.39 -58.79
N THR F 122 29.77 -23.81 -59.71
CA THR F 122 29.34 -25.20 -59.89
C THR F 122 29.46 -25.60 -61.36
N LEU F 123 30.06 -26.78 -61.62
CA LEU F 123 30.35 -27.22 -62.99
C LEU F 123 29.07 -27.78 -63.65
N VAL F 124 28.78 -27.30 -64.85
CA VAL F 124 27.76 -27.86 -65.73
C VAL F 124 28.44 -28.46 -66.94
N THR F 125 28.21 -29.74 -67.20
CA THR F 125 28.76 -30.45 -68.35
C THR F 125 27.62 -30.94 -69.24
N VAL F 126 27.63 -30.52 -70.50
CA VAL F 126 26.63 -30.92 -71.49
C VAL F 126 27.29 -31.83 -72.52
N SER F 127 27.03 -33.13 -72.43
CA SER F 127 27.65 -34.16 -73.28
C SER F 127 26.65 -35.28 -73.63
N SER F 128 26.85 -35.93 -74.77
CA SER F 128 26.01 -37.03 -75.27
C SER F 128 26.51 -38.42 -74.90
N GLU F 129 27.64 -38.54 -74.22
CA GLU F 129 28.21 -39.82 -73.77
C GLU F 129 27.37 -40.48 -72.66
N GLU G 1 26.37 -5.59 -78.80
CA GLU G 1 27.20 -5.86 -77.61
C GLU G 1 28.42 -4.94 -77.61
N ILE G 2 28.91 -4.51 -76.44
CA ILE G 2 30.18 -3.77 -76.31
C ILE G 2 31.31 -4.78 -76.18
N VAL G 3 32.31 -4.70 -77.06
CA VAL G 3 33.47 -5.59 -77.03
C VAL G 3 34.56 -4.95 -76.19
N MET G 4 35.12 -5.72 -75.26
CA MET G 4 36.23 -5.30 -74.41
C MET G 4 37.49 -6.02 -74.88
N THR G 5 38.51 -5.27 -75.29
CA THR G 5 39.75 -5.83 -75.82
C THR G 5 40.90 -5.49 -74.87
N GLN G 6 41.50 -6.50 -74.27
CA GLN G 6 42.66 -6.33 -73.40
C GLN G 6 43.98 -6.42 -74.17
N SER G 7 45.01 -5.73 -73.67
CA SER G 7 46.37 -5.86 -74.17
C SER G 7 47.42 -5.67 -73.07
N PRO G 8 48.56 -6.38 -73.13
CA PRO G 8 48.82 -7.54 -74.01
C PRO G 8 48.00 -8.78 -73.56
N ALA G 9 48.01 -9.85 -74.35
CA ALA G 9 47.37 -11.12 -73.94
C ALA G 9 48.16 -11.83 -72.82
N THR G 10 49.49 -11.73 -72.87
CA THR G 10 50.42 -12.19 -71.84
C THR G 10 51.43 -11.08 -71.56
N LEU G 11 51.76 -10.88 -70.28
CA LEU G 11 52.75 -9.91 -69.83
C LEU G 11 53.71 -10.61 -68.86
N SER G 12 55.00 -10.65 -69.19
CA SER G 12 56.03 -11.26 -68.34
C SER G 12 56.84 -10.15 -67.66
N VAL G 13 56.80 -10.10 -66.32
CA VAL G 13 57.39 -9.00 -65.51
C VAL G 13 58.06 -9.58 -64.27
N SER G 14 59.18 -9.01 -63.85
CA SER G 14 59.89 -9.48 -62.65
C SER G 14 59.20 -8.96 -61.37
N PRO G 15 59.22 -9.71 -60.25
CA PRO G 15 58.78 -9.19 -58.97
C PRO G 15 59.49 -7.87 -58.62
N GLY G 16 58.77 -6.93 -58.02
CA GLY G 16 59.23 -5.58 -57.69
C GLY G 16 59.00 -4.54 -58.79
N GLU G 17 58.94 -4.96 -60.07
CA GLU G 17 58.72 -4.06 -61.20
C GLU G 17 57.25 -3.60 -61.32
N ARG G 18 57.01 -2.57 -62.14
CA ARG G 18 55.67 -2.07 -62.46
C ARG G 18 55.07 -2.87 -63.61
N ALA G 19 53.83 -3.33 -63.45
CA ALA G 19 53.04 -3.92 -64.53
C ALA G 19 51.89 -2.99 -64.92
N THR G 20 51.63 -2.83 -66.21
CA THR G 20 50.50 -2.06 -66.74
C THR G 20 49.74 -2.89 -67.76
N LEU G 21 48.44 -3.01 -67.56
CA LEU G 21 47.50 -3.71 -68.44
C LEU G 21 46.54 -2.69 -69.03
N SER G 22 46.15 -2.87 -70.28
CA SER G 22 45.22 -1.99 -70.98
C SER G 22 43.93 -2.73 -71.33
N CYS G 23 42.81 -2.01 -71.30
CA CYS G 23 41.52 -2.49 -71.77
C CYS G 23 40.82 -1.40 -72.58
N ARG G 24 40.42 -1.75 -73.80
CA ARG G 24 39.74 -0.86 -74.74
C ARG G 24 38.31 -1.35 -74.97
N ALA G 25 37.33 -0.48 -74.73
CA ALA G 25 35.94 -0.72 -75.08
C ALA G 25 35.67 -0.27 -76.52
N SER G 26 34.85 -1.03 -77.27
CA SER G 26 34.45 -0.65 -78.63
C SER G 26 33.50 0.55 -78.69
N GLN G 27 32.91 0.93 -77.56
CA GLN G 27 32.05 2.09 -77.37
C GLN G 27 32.36 2.72 -76.01
N SER G 28 32.01 3.99 -75.81
CA SER G 28 32.22 4.65 -74.52
C SER G 28 31.41 3.95 -73.42
N VAL G 29 32.09 3.55 -72.34
CA VAL G 29 31.50 2.99 -71.11
C VAL G 29 31.62 3.99 -69.94
N SER G 30 31.91 5.26 -70.25
CA SER G 30 32.14 6.33 -69.26
C SER G 30 33.20 5.93 -68.23
N TYR G 31 32.82 5.67 -66.99
CA TYR G 31 33.70 5.15 -65.93
C TYR G 31 33.24 3.77 -65.46
N ASN G 32 32.20 3.26 -66.12
CA ASN G 32 31.60 1.96 -65.81
C ASN G 32 32.45 0.76 -66.23
N LEU G 33 33.58 0.63 -65.57
CA LEU G 33 34.52 -0.45 -65.79
C LEU G 33 35.10 -0.96 -64.47
N ALA G 34 35.14 -2.28 -64.34
CA ALA G 34 35.76 -2.99 -63.23
C ALA G 34 36.95 -3.83 -63.71
N TRP G 35 37.92 -4.05 -62.83
CA TRP G 35 39.04 -4.96 -63.03
C TRP G 35 38.99 -6.08 -61.98
N TYR G 36 39.27 -7.29 -62.44
CA TYR G 36 39.29 -8.51 -61.63
C TYR G 36 40.63 -9.20 -61.73
N GLN G 37 41.02 -9.87 -60.65
CA GLN G 37 42.09 -10.85 -60.62
C GLN G 37 41.47 -12.23 -60.46
N GLN G 38 41.95 -13.21 -61.22
CA GLN G 38 41.58 -14.60 -61.07
C GLN G 38 42.83 -15.48 -60.99
N LYS G 39 42.98 -16.18 -59.87
CA LYS G 39 44.01 -17.19 -59.66
C LYS G 39 43.50 -18.56 -60.10
N PRO G 40 44.37 -19.49 -60.54
CA PRO G 40 43.96 -20.83 -60.92
C PRO G 40 43.14 -21.52 -59.82
N GLY G 41 41.96 -22.06 -60.18
CA GLY G 41 41.07 -22.75 -59.26
C GLY G 41 40.33 -21.85 -58.24
N GLN G 42 40.42 -20.52 -58.37
CA GLN G 42 39.70 -19.58 -57.50
C GLN G 42 38.70 -18.75 -58.30
N ALA G 43 37.62 -18.33 -57.64
CA ALA G 43 36.70 -17.35 -58.19
C ALA G 43 37.39 -16.00 -58.49
N PRO G 44 36.90 -15.22 -59.48
CA PRO G 44 37.38 -13.87 -59.72
C PRO G 44 37.21 -12.98 -58.48
N ARG G 45 38.17 -12.09 -58.26
CA ARG G 45 38.16 -11.10 -57.17
C ARG G 45 38.18 -9.70 -57.74
N LEU G 46 37.23 -8.87 -57.32
CA LEU G 46 37.17 -7.46 -57.69
C LEU G 46 38.39 -6.71 -57.14
N LEU G 47 39.09 -5.97 -58.01
CA LEU G 47 40.22 -5.13 -57.64
C LEU G 47 39.88 -3.64 -57.70
N ILE G 48 39.36 -3.22 -58.84
CA ILE G 48 39.00 -1.83 -59.15
C ILE G 48 37.58 -1.84 -59.68
N TYR G 49 36.80 -0.83 -59.30
CA TYR G 49 35.53 -0.47 -59.91
C TYR G 49 35.50 1.03 -60.21
N ASP G 50 34.54 1.48 -61.02
CA ASP G 50 34.51 2.90 -61.38
C ASP G 50 35.88 3.29 -61.95
N ALA G 51 36.34 2.50 -62.93
CA ALA G 51 37.62 2.67 -63.61
C ALA G 51 38.86 2.90 -62.71
N SER G 52 38.68 3.42 -61.49
CA SER G 52 39.77 3.92 -60.64
C SER G 52 39.57 3.69 -59.14
N THR G 53 38.36 3.36 -58.69
CA THR G 53 38.06 3.14 -57.28
C THR G 53 38.53 1.76 -56.84
N ARG G 54 39.46 1.74 -55.88
CA ARG G 54 39.99 0.49 -55.34
C ARG G 54 38.97 -0.19 -54.41
N ALA G 55 38.70 -1.48 -54.62
CA ALA G 55 37.84 -2.26 -53.74
C ALA G 55 38.44 -2.42 -52.33
N THR G 56 37.57 -2.61 -51.33
CA THR G 56 37.97 -2.73 -49.93
C THR G 56 38.94 -3.89 -49.73
N GLY G 57 40.04 -3.64 -49.00
CA GLY G 57 41.05 -4.65 -48.70
C GLY G 57 42.01 -4.98 -49.86
N ILE G 58 41.89 -4.30 -51.00
CA ILE G 58 42.86 -4.44 -52.09
C ILE G 58 44.11 -3.59 -51.77
N PRO G 59 45.33 -4.15 -51.93
CA PRO G 59 46.57 -3.43 -51.64
C PRO G 59 46.74 -2.13 -52.44
N ALA G 60 47.39 -1.13 -51.84
CA ALA G 60 47.60 0.19 -52.44
C ALA G 60 48.41 0.16 -53.76
N ARG G 61 49.14 -0.91 -54.00
CA ARG G 61 49.89 -1.05 -55.24
C ARG G 61 48.99 -1.01 -56.47
N PHE G 62 47.80 -1.61 -56.35
CA PHE G 62 46.84 -1.63 -57.46
C PHE G 62 46.21 -0.26 -57.66
N SER G 63 46.21 0.25 -58.89
CA SER G 63 45.48 1.46 -59.27
C SER G 63 44.86 1.28 -60.66
N GLY G 64 43.63 1.78 -60.84
CA GLY G 64 43.00 1.86 -62.14
C GLY G 64 42.96 3.30 -62.63
N SER G 65 42.97 3.48 -63.95
CA SER G 65 42.77 4.79 -64.57
C SER G 65 42.08 4.66 -65.93
N GLY G 66 41.64 5.80 -66.48
CA GLY G 66 40.99 5.87 -67.77
C GLY G 66 39.51 6.24 -67.69
N SER G 67 38.94 6.54 -68.84
CA SER G 67 37.53 6.89 -69.01
C SER G 67 37.14 6.79 -70.50
N GLY G 68 35.85 6.71 -70.77
CA GLY G 68 35.33 6.62 -72.13
C GLY G 68 35.58 5.23 -72.71
N THR G 69 36.60 5.10 -73.56
CA THR G 69 36.92 3.85 -74.27
C THR G 69 38.22 3.21 -73.83
N GLU G 70 39.10 3.91 -73.12
CA GLU G 70 40.44 3.43 -72.80
C GLU G 70 40.68 3.44 -71.30
N PHE G 71 41.16 2.30 -70.79
CA PHE G 71 41.35 2.05 -69.37
C PHE G 71 42.64 1.27 -69.13
N THR G 72 43.24 1.49 -67.97
CA THR G 72 44.44 0.77 -67.56
C THR G 72 44.34 0.30 -66.12
N LEU G 73 44.96 -0.84 -65.85
CA LEU G 73 45.27 -1.31 -64.50
C LEU G 73 46.79 -1.26 -64.34
N THR G 74 47.26 -0.62 -63.28
CA THR G 74 48.68 -0.54 -62.94
C THR G 74 48.92 -1.23 -61.60
N ILE G 75 49.96 -2.05 -61.53
CA ILE G 75 50.51 -2.64 -60.30
C ILE G 75 51.87 -2.00 -60.10
N SER G 76 52.02 -1.15 -59.09
CA SER G 76 53.19 -0.27 -58.94
C SER G 76 54.48 -1.01 -58.60
N SER G 77 54.39 -2.06 -57.79
CA SER G 77 55.50 -2.96 -57.45
C SER G 77 54.96 -4.38 -57.27
N LEU G 78 55.21 -5.21 -58.26
CA LEU G 78 54.61 -6.53 -58.41
C LEU G 78 55.07 -7.49 -57.31
N GLN G 79 54.14 -8.15 -56.63
CA GLN G 79 54.47 -9.17 -55.64
C GLN G 79 54.25 -10.58 -56.20
N SER G 80 54.86 -11.59 -55.58
CA SER G 80 54.73 -12.99 -56.02
C SER G 80 53.28 -13.49 -56.03
N GLU G 81 52.41 -12.94 -55.18
CA GLU G 81 50.99 -13.30 -55.13
C GLU G 81 50.14 -12.61 -56.20
N ASP G 82 50.69 -11.69 -57.00
CA ASP G 82 49.95 -10.93 -58.00
C ASP G 82 49.94 -11.60 -59.38
N PHE G 83 50.76 -12.63 -59.60
CA PHE G 83 50.76 -13.40 -60.86
C PHE G 83 49.46 -14.20 -60.98
N ALA G 84 48.65 -13.84 -61.97
CA ALA G 84 47.27 -14.28 -62.14
C ALA G 84 46.77 -13.87 -63.54
N VAL G 85 45.54 -14.24 -63.88
CA VAL G 85 44.83 -13.68 -65.04
C VAL G 85 44.01 -12.48 -64.57
N TYR G 86 44.09 -11.38 -65.32
CA TYR G 86 43.33 -10.17 -65.03
C TYR G 86 42.27 -9.95 -66.10
N TYR G 87 41.04 -9.62 -65.68
CA TYR G 87 39.93 -9.34 -66.57
C TYR G 87 39.42 -7.92 -66.36
N CYS G 88 39.19 -7.17 -67.43
CA CYS G 88 38.34 -5.99 -67.36
C CYS G 88 36.88 -6.36 -67.65
N GLN G 89 35.94 -5.60 -67.12
CA GLN G 89 34.50 -5.78 -67.36
C GLN G 89 33.83 -4.41 -67.49
N GLN G 90 32.99 -4.21 -68.51
CA GLN G 90 32.08 -3.07 -68.53
C GLN G 90 30.71 -3.44 -67.95
N TYR G 91 30.12 -2.50 -67.23
CA TYR G 91 28.76 -2.59 -66.68
C TYR G 91 27.94 -1.32 -67.02
N ASN G 92 28.28 -0.67 -68.13
CA ASN G 92 27.61 0.56 -68.52
C ASN G 92 26.20 0.42 -69.10
N ASN G 93 25.97 -0.68 -69.81
CA ASN G 93 24.69 -0.95 -70.45
C ASN G 93 24.13 -2.29 -69.99
N TRP G 94 22.98 -2.34 -69.35
CA TRP G 94 22.49 -3.66 -68.93
C TRP G 94 21.24 -4.10 -69.68
N PRO G 95 21.26 -5.24 -70.37
CA PRO G 95 22.37 -6.19 -70.55
C PRO G 95 22.97 -6.12 -71.98
N PRO G 96 24.01 -6.90 -72.36
CA PRO G 96 24.87 -7.72 -71.51
C PRO G 96 26.06 -6.94 -70.96
N TYR G 97 26.51 -7.38 -69.78
CA TYR G 97 27.83 -7.01 -69.28
C TYR G 97 28.88 -7.87 -69.94
N THR G 98 29.99 -7.27 -70.31
CA THR G 98 31.02 -7.96 -71.11
C THR G 98 32.36 -7.86 -70.45
N PHE G 99 33.10 -8.96 -70.49
CA PHE G 99 34.46 -9.06 -70.01
C PHE G 99 35.44 -8.97 -71.19
N GLY G 100 36.65 -8.50 -70.91
CA GLY G 100 37.77 -8.70 -71.82
C GLY G 100 38.20 -10.17 -71.85
N GLN G 101 39.01 -10.54 -72.85
CA GLN G 101 39.48 -11.92 -73.00
C GLN G 101 40.45 -12.37 -71.90
N GLY G 102 40.93 -11.44 -71.07
CA GLY G 102 41.92 -11.69 -70.03
C GLY G 102 43.35 -11.37 -70.46
N THR G 103 44.18 -11.00 -69.50
CA THR G 103 45.63 -10.84 -69.65
C THR G 103 46.32 -11.70 -68.59
N LYS G 104 47.17 -12.64 -69.02
CA LYS G 104 47.96 -13.47 -68.11
C LYS G 104 49.22 -12.72 -67.69
N LEU G 105 49.39 -12.46 -66.41
CA LEU G 105 50.61 -11.90 -65.83
C LEU G 105 51.47 -13.04 -65.30
N GLU G 106 52.69 -13.18 -65.80
CA GLU G 106 53.63 -14.25 -65.43
C GLU G 106 55.01 -13.71 -65.08
N ILE G 107 55.78 -14.52 -64.32
CA ILE G 107 57.13 -14.15 -63.89
C ILE G 107 58.06 -14.19 -65.12
N LYS G 108 58.85 -13.14 -65.29
CA LYS G 108 59.92 -13.07 -66.30
C LYS G 108 61.15 -13.89 -65.87
N GLU H 1 17.41 36.27 -17.30
CA GLU H 1 18.21 37.44 -17.70
C GLU H 1 17.52 38.71 -17.19
N VAL H 2 18.27 39.76 -16.85
CA VAL H 2 17.67 41.03 -16.41
C VAL H 2 17.04 41.74 -17.61
N GLN H 3 15.75 42.07 -17.51
CA GLN H 3 15.05 42.84 -18.53
C GLN H 3 14.31 44.02 -17.91
N LEU H 4 14.39 45.16 -18.60
CA LEU H 4 13.72 46.40 -18.26
C LEU H 4 12.94 46.85 -19.49
N VAL H 5 11.62 47.01 -19.35
CA VAL H 5 10.71 47.34 -20.46
C VAL H 5 9.97 48.63 -20.16
N GLU H 6 10.33 49.69 -20.87
CA GLU H 6 9.68 51.00 -20.78
C GLU H 6 8.38 51.09 -21.59
N SER H 7 7.42 51.84 -21.07
CA SER H 7 6.15 52.17 -21.73
C SER H 7 5.64 53.55 -21.29
N GLY H 8 4.66 54.07 -22.02
CA GLY H 8 4.03 55.37 -21.72
C GLY H 8 4.68 56.57 -22.41
N GLY H 9 5.71 56.39 -23.24
CA GLY H 9 6.18 57.43 -24.16
C GLY H 9 5.12 57.79 -25.20
N GLY H 10 5.30 58.93 -25.87
CA GLY H 10 4.34 59.48 -26.84
C GLY H 10 4.56 60.97 -27.11
N VAL H 11 3.64 61.56 -27.87
CA VAL H 11 3.63 63.00 -28.19
C VAL H 11 2.74 63.73 -27.18
N VAL H 12 3.21 64.86 -26.67
CA VAL H 12 2.48 65.71 -25.73
C VAL H 12 2.71 67.19 -26.05
N ARG H 13 1.71 68.03 -25.77
CA ARG H 13 1.86 69.48 -25.93
C ARG H 13 2.68 70.08 -24.79
N PRO H 14 3.45 71.17 -25.02
CA PRO H 14 4.10 71.92 -23.94
C PRO H 14 3.12 72.31 -22.83
N GLY H 15 3.56 72.24 -21.58
CA GLY H 15 2.73 72.40 -20.38
C GLY H 15 1.92 71.16 -20.00
N GLY H 16 1.79 70.18 -20.90
CA GLY H 16 1.13 68.91 -20.63
C GLY H 16 1.88 68.00 -19.66
N SER H 17 1.30 66.83 -19.40
CA SER H 17 1.85 65.84 -18.47
C SER H 17 1.85 64.43 -19.09
N LEU H 18 2.82 63.61 -18.72
CA LEU H 18 2.98 62.22 -19.14
C LEU H 18 3.42 61.35 -17.96
N ARG H 19 3.08 60.07 -17.98
CA ARG H 19 3.55 59.10 -16.98
C ARG H 19 4.24 57.94 -17.66
N LEU H 20 5.56 57.84 -17.48
CA LEU H 20 6.32 56.69 -17.93
C LEU H 20 6.24 55.55 -16.91
N SER H 21 6.29 54.32 -17.39
CA SER H 21 6.38 53.10 -16.59
C SER H 21 7.53 52.24 -17.09
N CYS H 22 8.19 51.53 -16.19
CA CYS H 22 9.22 50.55 -16.52
C CYS H 22 8.97 49.28 -15.70
N ALA H 23 8.68 48.18 -16.40
CA ALA H 23 8.52 46.87 -15.79
C ALA H 23 9.88 46.17 -15.74
N ALA H 24 10.27 45.70 -14.55
CA ALA H 24 11.52 45.01 -14.31
C ALA H 24 11.31 43.51 -14.08
N SER H 25 12.19 42.68 -14.66
CA SER H 25 12.16 41.24 -14.48
C SER H 25 13.57 40.64 -14.46
N GLY H 26 13.70 39.42 -13.91
CA GLY H 26 14.96 38.67 -13.91
C GLY H 26 15.93 39.03 -12.77
N PHE H 27 15.54 39.84 -11.81
CA PHE H 27 16.26 40.12 -10.56
C PHE H 27 15.29 40.48 -9.42
N THR H 28 15.75 40.39 -8.17
CA THR H 28 14.98 40.81 -6.99
C THR H 28 14.87 42.34 -6.98
N PHE H 29 13.73 42.90 -7.39
CA PHE H 29 13.59 44.33 -7.65
C PHE H 29 13.80 45.21 -6.40
N ASP H 30 13.31 44.77 -5.25
CA ASP H 30 13.44 45.44 -3.95
C ASP H 30 14.84 45.35 -3.34
N ASP H 31 15.76 44.74 -4.09
CA ASP H 31 17.16 44.67 -3.71
C ASP H 31 18.02 45.66 -4.52
N TYR H 32 17.40 46.55 -5.31
CA TYR H 32 18.17 47.53 -6.11
C TYR H 32 17.50 48.90 -6.19
N GLY H 33 18.32 49.95 -6.22
CA GLY H 33 17.83 51.25 -6.66
C GLY H 33 17.58 51.29 -8.17
N MET H 34 16.79 52.26 -8.59
CA MET H 34 16.41 52.45 -9.99
C MET H 34 16.62 53.93 -10.37
N SER H 35 16.85 54.21 -11.66
CA SER H 35 16.98 55.57 -12.19
C SER H 35 16.31 55.70 -13.56
N TRP H 36 16.01 56.94 -13.93
CA TRP H 36 15.70 57.35 -15.30
C TRP H 36 16.85 58.19 -15.83
N VAL H 37 17.25 57.90 -17.06
CA VAL H 37 18.24 58.64 -17.83
C VAL H 37 17.61 58.95 -19.18
N ARG H 38 17.82 60.14 -19.72
CA ARG H 38 17.29 60.52 -21.03
C ARG H 38 18.41 60.88 -21.99
N GLN H 39 18.11 60.77 -23.28
CA GLN H 39 19.00 61.16 -24.36
C GLN H 39 18.19 61.90 -25.44
N ALA H 40 18.43 63.20 -25.57
CA ALA H 40 17.86 63.96 -26.68
C ALA H 40 18.51 63.51 -28.01
N PRO H 41 17.80 63.57 -29.15
CA PRO H 41 18.34 63.15 -30.44
C PRO H 41 19.69 63.82 -30.74
N GLY H 42 20.72 63.01 -30.98
CA GLY H 42 22.08 63.48 -31.29
C GLY H 42 22.84 64.13 -30.12
N LYS H 43 22.31 64.10 -28.89
CA LYS H 43 22.97 64.61 -27.69
C LYS H 43 23.49 63.47 -26.81
N GLY H 44 24.27 63.84 -25.79
CA GLY H 44 24.75 62.92 -24.76
C GLY H 44 23.65 62.48 -23.79
N LEU H 45 24.05 61.62 -22.85
CA LEU H 45 23.17 61.11 -21.79
C LEU H 45 22.99 62.16 -20.67
N GLU H 46 21.78 62.29 -20.15
CA GLU H 46 21.44 63.12 -18.99
C GLU H 46 20.71 62.26 -17.95
N TRP H 47 21.25 62.15 -16.73
CA TRP H 47 20.54 61.52 -15.64
C TRP H 47 19.36 62.41 -15.21
N VAL H 48 18.18 61.84 -15.04
CA VAL H 48 16.95 62.59 -14.78
C VAL H 48 16.57 62.51 -13.31
N SER H 49 16.46 61.28 -12.79
CA SER H 49 16.00 61.03 -11.42
C SER H 49 16.35 59.61 -11.00
N GLY H 50 16.36 59.35 -9.70
CA GLY H 50 16.52 58.00 -9.18
C GLY H 50 15.88 57.82 -7.81
N ILE H 51 15.71 56.55 -7.44
CA ILE H 51 15.00 56.10 -6.25
C ILE H 51 15.73 54.89 -5.66
N ASN H 52 15.91 54.87 -4.35
CA ASN H 52 16.57 53.78 -3.65
C ASN H 52 15.69 52.51 -3.58
N TRP H 53 16.21 51.39 -3.05
CA TRP H 53 15.55 50.07 -3.14
C TRP H 53 14.17 49.96 -2.47
N ASN H 54 13.95 50.69 -1.37
CA ASN H 54 12.67 50.71 -0.66
C ASN H 54 11.77 51.90 -1.04
N GLY H 55 12.23 52.81 -1.89
CA GLY H 55 11.48 54.02 -2.23
C GLY H 55 11.57 55.16 -1.20
N GLY H 56 12.28 54.97 -0.09
CA GLY H 56 12.41 55.96 0.98
C GLY H 56 13.34 57.13 0.67
N SER H 57 14.10 57.10 -0.43
CA SER H 57 14.95 58.21 -0.85
C SER H 57 14.94 58.38 -2.37
N THR H 58 14.62 59.59 -2.82
CA THR H 58 14.59 59.99 -4.23
C THR H 58 15.55 61.15 -4.50
N GLY H 59 16.09 61.22 -5.71
CA GLY H 59 16.89 62.34 -6.20
C GLY H 59 16.44 62.77 -7.59
N TYR H 60 16.69 64.01 -7.96
CA TYR H 60 16.31 64.60 -9.25
C TYR H 60 17.42 65.51 -9.78
N ALA H 61 17.59 65.56 -11.09
CA ALA H 61 18.45 66.54 -11.75
C ALA H 61 17.85 67.94 -11.66
N ASP H 62 18.70 68.97 -11.64
CA ASP H 62 18.25 70.36 -11.47
C ASP H 62 17.29 70.81 -12.58
N SER H 63 17.45 70.28 -13.80
CA SER H 63 16.59 70.55 -14.97
C SER H 63 15.13 70.10 -14.80
N VAL H 64 14.86 69.14 -13.90
CA VAL H 64 13.53 68.51 -13.74
C VAL H 64 12.96 68.61 -12.33
N LYS H 65 13.72 69.15 -11.37
CA LYS H 65 13.27 69.37 -9.98
C LYS H 65 11.96 70.16 -9.96
N GLY H 66 11.02 69.71 -9.14
CA GLY H 66 9.69 70.32 -8.98
C GLY H 66 8.70 70.04 -10.12
N ARG H 67 9.14 69.47 -11.25
CA ARG H 67 8.29 69.13 -12.39
C ARG H 67 8.05 67.62 -12.50
N PHE H 68 9.09 66.83 -12.27
CA PHE H 68 9.03 65.38 -12.39
C PHE H 68 8.99 64.72 -11.00
N THR H 69 8.39 63.52 -10.91
CA THR H 69 8.30 62.73 -9.68
C THR H 69 8.51 61.25 -9.99
N ILE H 70 9.55 60.67 -9.39
CA ILE H 70 9.84 59.23 -9.50
C ILE H 70 9.13 58.47 -8.38
N SER H 71 8.60 57.30 -8.70
CA SER H 71 8.00 56.39 -7.71
C SER H 71 8.18 54.94 -8.14
N ARG H 72 8.02 54.00 -7.21
CA ARG H 72 8.17 52.56 -7.48
C ARG H 72 7.11 51.76 -6.75
N ASP H 73 6.72 50.64 -7.34
CA ASP H 73 5.87 49.61 -6.72
C ASP H 73 6.68 48.31 -6.67
N ASN H 74 7.18 47.97 -5.48
CA ASN H 74 8.00 46.78 -5.29
C ASN H 74 7.20 45.48 -5.44
N ALA H 75 5.90 45.48 -5.16
CA ALA H 75 5.06 44.30 -5.34
C ALA H 75 4.84 43.98 -6.83
N LYS H 76 4.86 45.01 -7.69
CA LYS H 76 4.73 44.89 -9.15
C LYS H 76 6.06 44.93 -9.91
N ASN H 77 7.21 44.96 -9.21
CA ASN H 77 8.52 45.14 -9.82
C ASN H 77 8.56 46.28 -10.86
N SER H 78 7.95 47.43 -10.52
CA SER H 78 7.70 48.50 -11.48
C SER H 78 8.22 49.85 -10.99
N LEU H 79 8.79 50.63 -11.91
CA LEU H 79 9.24 52.00 -11.71
C LEU H 79 8.36 52.95 -12.54
N TYR H 80 8.06 54.14 -12.00
CA TYR H 80 7.26 55.16 -12.67
C TYR H 80 7.97 56.52 -12.66
N LEU H 81 7.74 57.32 -13.70
CA LEU H 81 8.12 58.73 -13.75
C LEU H 81 6.90 59.55 -14.17
N GLN H 82 6.33 60.30 -13.22
CA GLN H 82 5.31 61.31 -13.51
C GLN H 82 6.03 62.58 -13.96
N MET H 83 5.75 63.06 -15.16
CA MET H 83 6.35 64.26 -15.75
C MET H 83 5.26 65.30 -15.96
N ASN H 84 5.33 66.42 -15.23
CA ASN H 84 4.38 67.53 -15.37
C ASN H 84 5.07 68.76 -15.96
N SER H 85 4.30 69.70 -16.51
CA SER H 85 4.81 70.95 -17.07
C SER H 85 5.94 70.72 -18.07
N LEU H 86 5.70 69.83 -19.05
CA LEU H 86 6.68 69.41 -20.05
C LEU H 86 7.04 70.55 -21.00
N ARG H 87 8.31 70.59 -21.43
CA ARG H 87 8.87 71.60 -22.32
C ARG H 87 9.49 70.94 -23.54
N ALA H 88 9.69 71.70 -24.62
CA ALA H 88 10.35 71.20 -25.82
C ALA H 88 11.74 70.57 -25.54
N GLU H 89 12.48 71.16 -24.58
CA GLU H 89 13.78 70.65 -24.08
C GLU H 89 13.70 69.29 -23.38
N ASP H 90 12.52 68.83 -22.99
CA ASP H 90 12.31 67.50 -22.41
C ASP H 90 12.12 66.41 -23.48
N THR H 91 12.10 66.76 -24.77
CA THR H 91 12.03 65.79 -25.87
C THR H 91 13.29 64.92 -25.91
N ALA H 92 13.14 63.64 -25.59
CA ALA H 92 14.25 62.70 -25.48
C ALA H 92 13.77 61.24 -25.48
N LEU H 93 14.69 60.30 -25.74
CA LEU H 93 14.51 58.89 -25.43
C LEU H 93 14.78 58.68 -23.93
N TYR H 94 13.80 58.19 -23.17
CA TYR H 94 13.92 57.96 -21.74
C TYR H 94 14.17 56.47 -21.46
N HIS H 95 15.32 56.17 -20.89
CA HIS H 95 15.72 54.84 -20.43
C HIS H 95 15.47 54.70 -18.94
N CYS H 96 14.81 53.62 -18.53
CA CYS H 96 14.90 53.18 -17.14
C CYS H 96 16.16 52.34 -16.96
N ALA H 97 16.78 52.48 -15.81
CA ALA H 97 17.97 51.73 -15.47
C ALA H 97 17.90 51.16 -14.06
N ARG H 98 18.30 49.91 -13.93
CA ARG H 98 18.68 49.37 -12.63
C ARG H 98 19.99 50.02 -12.26
N VAL H 99 20.07 50.49 -11.02
CA VAL H 99 21.30 51.07 -10.54
C VAL H 99 22.09 49.97 -9.84
N GLY H 100 23.25 49.71 -10.42
CA GLY H 100 24.21 48.78 -9.88
C GLY H 100 24.72 49.26 -8.55
N TYR H 101 25.29 48.31 -7.81
CA TYR H 101 25.95 48.56 -6.54
C TYR H 101 27.45 48.57 -6.84
N CYS H 102 28.09 49.72 -6.66
CA CYS H 102 29.51 49.93 -6.95
C CYS H 102 30.36 48.90 -6.22
N GLY H 103 31.65 48.85 -6.56
CA GLY H 103 32.58 47.92 -5.95
C GLY H 103 32.50 47.95 -4.43
N GLY H 104 31.49 47.28 -3.89
CA GLY H 104 31.30 47.22 -2.45
C GLY H 104 31.00 48.58 -1.85
N ASP H 105 31.28 48.72 -0.56
CA ASP H 105 31.03 49.98 0.15
C ASP H 105 31.52 51.17 -0.66
N CYS H 106 30.76 51.54 -1.69
CA CYS H 106 31.11 52.67 -2.54
C CYS H 106 30.85 54.00 -1.85
N TYR H 107 30.36 53.93 -0.61
CA TYR H 107 30.07 55.12 0.19
C TYR H 107 29.07 56.09 -0.46
N SER H 108 28.58 55.75 -1.64
CA SER H 108 27.62 56.59 -2.34
C SER H 108 26.48 56.99 -1.41
N LEU H 109 25.80 58.10 -1.73
CA LEU H 109 24.69 58.55 -0.91
C LEU H 109 23.61 57.49 -0.78
N SER H 110 22.74 57.42 -1.78
CA SER H 110 21.66 56.44 -1.78
C SER H 110 22.04 55.18 -2.55
N LEU H 111 21.11 54.25 -2.66
CA LEU H 111 21.35 52.99 -3.38
C LEU H 111 21.67 53.14 -4.87
N ALA H 112 21.65 54.37 -5.37
CA ALA H 112 21.91 54.64 -6.74
C ALA H 112 23.44 54.70 -6.86
N GLY H 113 24.07 53.69 -7.41
CA GLY H 113 25.38 53.83 -8.01
C GLY H 113 25.26 54.27 -9.47
N PHE H 114 25.98 53.55 -10.31
CA PHE H 114 25.93 53.65 -11.76
C PHE H 114 24.81 52.74 -12.30
N PRO H 115 24.01 53.18 -13.28
CA PRO H 115 23.17 52.29 -14.09
C PRO H 115 23.93 51.05 -14.60
N ASP H 116 23.57 49.85 -14.17
CA ASP H 116 24.24 48.63 -14.62
C ASP H 116 23.48 47.89 -15.73
N TYR H 117 22.16 47.88 -15.64
CA TYR H 117 21.25 47.42 -16.69
C TYR H 117 20.33 48.55 -17.12
N TRP H 118 20.12 48.65 -18.43
CA TRP H 118 19.36 49.71 -19.08
C TRP H 118 18.25 49.08 -19.92
N GLY H 119 17.06 49.67 -19.90
CA GLY H 119 16.04 49.36 -20.90
C GLY H 119 16.32 50.08 -22.22
N GLN H 120 15.67 49.63 -23.29
CA GLN H 120 15.87 50.18 -24.64
C GLN H 120 15.34 51.61 -24.77
N GLY H 121 14.45 52.02 -23.86
CA GLY H 121 13.92 53.37 -23.74
C GLY H 121 12.60 53.58 -24.47
N THR H 122 11.91 54.67 -24.11
CA THR H 122 10.65 55.09 -24.73
C THR H 122 10.73 56.58 -25.11
N LEU H 123 10.32 56.92 -26.33
CA LEU H 123 10.45 58.28 -26.85
C LEU H 123 9.35 59.18 -26.30
N VAL H 124 9.76 60.34 -25.78
CA VAL H 124 8.85 61.42 -25.40
C VAL H 124 9.11 62.59 -26.32
N THR H 125 8.07 63.07 -27.00
CA THR H 125 8.15 64.22 -27.90
C THR H 125 7.23 65.32 -27.40
N VAL H 126 7.79 66.50 -27.14
CA VAL H 126 7.05 67.67 -26.67
C VAL H 126 7.02 68.71 -27.78
N SER H 127 5.89 68.84 -28.47
CA SER H 127 5.72 69.74 -29.62
C SER H 127 4.32 70.38 -29.64
N SER H 128 4.21 71.56 -30.23
CA SER H 128 2.95 72.33 -30.35
C SER H 128 2.19 72.10 -31.65
N GLU H 129 2.71 71.28 -32.57
CA GLU H 129 2.05 70.94 -33.83
C GLU H 129 0.80 70.06 -33.64
N GLU I 1 26.80 71.26 -9.59
CA GLU I 1 26.91 70.01 -10.37
C GLU I 1 28.37 69.70 -10.66
N ILE I 2 28.77 68.42 -10.72
CA ILE I 2 30.11 68.01 -11.16
C ILE I 2 30.09 67.86 -12.68
N VAL I 3 30.98 68.57 -13.37
CA VAL I 3 31.09 68.50 -14.83
C VAL I 3 32.10 67.43 -15.20
N MET I 4 31.73 66.55 -16.12
CA MET I 4 32.57 65.50 -16.66
C MET I 4 32.97 65.89 -18.08
N THR I 5 34.27 66.04 -18.34
CA THR I 5 34.79 66.45 -19.64
C THR I 5 35.59 65.31 -20.25
N GLN I 6 35.12 64.78 -21.37
CA GLN I 6 35.84 63.74 -22.12
C GLN I 6 36.80 64.32 -23.15
N SER I 7 37.87 63.59 -23.44
CA SER I 7 38.77 63.90 -24.56
C SER I 7 39.37 62.63 -25.19
N PRO I 8 39.62 62.64 -26.52
CA PRO I 8 39.12 63.61 -27.49
C PRO I 8 37.59 63.48 -27.72
N ALA I 9 36.97 64.40 -28.44
CA ALA I 9 35.55 64.28 -28.82
C ALA I 9 35.32 63.17 -29.87
N THR I 10 36.27 63.02 -30.79
CA THR I 10 36.34 61.93 -31.77
C THR I 10 37.75 61.35 -31.77
N LEU I 11 37.85 60.03 -31.87
CA LEU I 11 39.12 59.30 -31.95
C LEU I 11 39.04 58.32 -33.12
N SER I 12 39.92 58.46 -34.11
CA SER I 12 39.99 57.57 -35.27
C SER I 12 41.19 56.62 -35.12
N VAL I 13 40.93 55.32 -35.05
CA VAL I 13 41.94 54.29 -34.73
C VAL I 13 41.71 53.06 -35.61
N SER I 14 42.78 52.40 -36.06
CA SER I 14 42.66 51.19 -36.88
C SER I 14 42.33 49.97 -36.02
N PRO I 15 41.57 48.97 -36.52
CA PRO I 15 41.41 47.70 -35.82
C PRO I 15 42.76 47.06 -35.47
N GLY I 16 42.85 46.46 -34.29
CA GLY I 16 44.06 45.88 -33.73
C GLY I 16 44.90 46.84 -32.87
N GLU I 17 44.81 48.15 -33.11
CA GLU I 17 45.55 49.17 -32.35
C GLU I 17 44.95 49.43 -30.97
N ARG I 18 45.71 50.13 -30.11
CA ARG I 18 45.26 50.55 -28.78
C ARG I 18 44.51 51.88 -28.88
N ALA I 19 43.33 51.97 -28.28
CA ALA I 19 42.60 53.22 -28.09
C ALA I 19 42.60 53.63 -26.61
N THR I 20 42.82 54.92 -26.33
CA THR I 20 42.74 55.48 -24.98
C THR I 20 41.85 56.71 -24.99
N LEU I 21 40.86 56.72 -24.10
CA LEU I 21 39.92 57.81 -23.89
C LEU I 21 40.14 58.38 -22.50
N SER I 22 40.02 59.70 -22.35
CA SER I 22 40.18 60.38 -21.07
C SER I 22 38.88 61.02 -20.61
N CYS I 23 38.66 61.05 -19.30
CA CYS I 23 37.56 61.76 -18.66
C CYS I 23 38.06 62.50 -17.43
N ARG I 24 37.79 63.80 -17.38
CA ARG I 24 38.17 64.68 -16.29
C ARG I 24 36.93 65.19 -15.55
N ALA I 25 36.88 64.97 -14.25
CA ALA I 25 35.87 65.54 -13.37
C ALA I 25 36.30 66.93 -12.89
N SER I 26 35.37 67.89 -12.80
CA SER I 26 35.65 69.23 -12.27
C SER I 26 35.92 69.26 -10.76
N GLN I 27 35.57 68.18 -10.05
CA GLN I 27 35.82 67.95 -8.63
C GLN I 27 36.20 66.48 -8.43
N SER I 28 36.86 66.16 -7.32
CA SER I 28 37.22 64.77 -7.01
C SER I 28 35.96 63.90 -6.86
N VAL I 29 35.89 62.81 -7.63
CA VAL I 29 34.86 61.77 -7.56
C VAL I 29 35.42 60.47 -6.97
N SER I 30 36.59 60.54 -6.32
CA SER I 30 37.32 59.39 -5.77
C SER I 30 37.52 58.29 -6.81
N TYR I 31 36.83 57.16 -6.69
CA TYR I 31 36.82 56.07 -7.68
C TYR I 31 35.42 55.87 -8.26
N ASN I 32 34.50 56.74 -7.85
CA ASN I 32 33.10 56.72 -8.26
C ASN I 32 32.87 57.17 -9.69
N LEU I 33 33.38 56.37 -10.62
CA LEU I 33 33.25 56.62 -12.05
C LEU I 33 32.99 55.31 -12.80
N ALA I 34 32.04 55.36 -13.72
CA ALA I 34 31.70 54.29 -14.64
C ALA I 34 31.96 54.72 -16.08
N TRP I 35 32.27 53.74 -16.94
CA TRP I 35 32.37 53.90 -18.39
C TRP I 35 31.32 53.05 -19.08
N TYR I 36 30.71 53.62 -20.12
CA TYR I 36 29.68 53.01 -20.93
C TYR I 36 30.06 53.01 -22.40
N GLN I 37 29.62 51.99 -23.11
CA GLN I 37 29.60 51.95 -24.57
C GLN I 37 28.16 52.07 -25.04
N GLN I 38 27.90 52.90 -26.06
CA GLN I 38 26.61 53.01 -26.72
C GLN I 38 26.79 52.86 -28.23
N LYS I 39 26.14 51.84 -28.79
CA LYS I 39 26.05 51.64 -30.24
C LYS I 39 24.79 52.34 -30.78
N PRO I 40 24.78 52.77 -32.05
CA PRO I 40 23.61 53.40 -32.66
C PRO I 40 22.35 52.53 -32.49
N GLY I 41 21.27 53.14 -31.99
CA GLY I 41 19.99 52.45 -31.77
C GLY I 41 19.95 51.44 -30.62
N GLN I 42 21.00 51.36 -29.79
CA GLN I 42 21.04 50.48 -28.62
C GLN I 42 21.16 51.29 -27.33
N ALA I 43 20.62 50.73 -26.23
CA ALA I 43 20.85 51.26 -24.90
C ALA I 43 22.34 51.27 -24.52
N PRO I 44 22.78 52.20 -23.64
CA PRO I 44 24.13 52.17 -23.08
C PRO I 44 24.42 50.85 -22.35
N ARG I 45 25.65 50.37 -22.46
CA ARG I 45 26.14 49.17 -21.79
C ARG I 45 27.29 49.52 -20.86
N LEU I 46 27.18 49.13 -19.59
CA LEU I 46 28.26 49.30 -18.62
C LEU I 46 29.49 48.48 -19.01
N LEU I 47 30.65 49.13 -19.05
CA LEU I 47 31.94 48.48 -19.31
C LEU I 47 32.81 48.37 -18.07
N ILE I 48 33.01 49.51 -17.41
CA ILE I 48 33.85 49.66 -16.22
C ILE I 48 33.02 50.39 -15.16
N TYR I 49 33.16 49.99 -13.91
CA TYR I 49 32.71 50.72 -12.74
C TYR I 49 33.84 50.80 -11.71
N ASP I 50 33.71 51.67 -10.71
CA ASP I 50 34.79 51.82 -9.74
C ASP I 50 36.09 52.14 -10.50
N ALA I 51 36.02 53.12 -11.38
CA ALA I 51 37.12 53.58 -12.23
C ALA I 51 37.91 52.50 -12.98
N SER I 52 37.94 51.25 -12.49
CA SER I 52 38.84 50.19 -12.95
C SER I 52 38.24 48.78 -12.94
N THR I 53 37.11 48.57 -12.25
CA THR I 53 36.47 47.26 -12.16
C THR I 53 35.69 46.96 -13.44
N ARG I 54 36.07 45.89 -14.14
CA ARG I 54 35.41 45.45 -15.35
C ARG I 54 34.07 44.79 -15.05
N ALA I 55 32.99 45.22 -15.71
CA ALA I 55 31.69 44.59 -15.58
C ALA I 55 31.67 43.16 -16.12
N THR I 56 30.77 42.33 -15.59
CA THR I 56 30.66 40.91 -15.96
C THR I 56 30.41 40.75 -17.46
N GLY I 57 31.17 39.84 -18.09
CA GLY I 57 31.03 39.54 -19.52
C GLY I 57 31.65 40.59 -20.45
N ILE I 58 32.30 41.62 -19.93
CA ILE I 58 33.05 42.57 -20.75
C ILE I 58 34.41 41.96 -21.11
N PRO I 59 34.84 42.02 -22.39
CA PRO I 59 36.13 41.46 -22.82
C PRO I 59 37.35 42.03 -22.08
N ALA I 60 38.37 41.20 -21.90
CA ALA I 60 39.60 41.57 -21.17
C ALA I 60 40.36 42.75 -21.80
N ARG I 61 40.11 43.04 -23.07
CA ARG I 61 40.76 44.16 -23.73
C ARG I 61 40.43 45.49 -23.04
N PHE I 62 39.21 45.64 -22.55
CA PHE I 62 38.78 46.86 -21.88
C PHE I 62 39.42 46.96 -20.49
N SER I 63 40.04 48.08 -20.17
CA SER I 63 40.50 48.39 -18.82
C SER I 63 40.25 49.86 -18.50
N GLY I 64 39.85 50.13 -17.26
CA GLY I 64 39.75 51.50 -16.74
C GLY I 64 40.88 51.78 -15.75
N SER I 65 41.28 53.04 -15.65
CA SER I 65 42.23 53.49 -14.64
C SER I 65 41.95 54.94 -14.22
N GLY I 66 42.60 55.37 -13.15
CA GLY I 66 42.50 56.73 -12.62
C GLY I 66 41.77 56.81 -11.28
N SER I 67 41.86 57.98 -10.66
CA SER I 67 41.21 58.30 -9.39
C SER I 67 41.20 59.81 -9.19
N GLY I 68 40.35 60.28 -8.28
CA GLY I 68 40.21 61.70 -7.98
C GLY I 68 39.48 62.43 -9.09
N THR I 69 40.22 63.14 -9.94
CA THR I 69 39.66 63.96 -11.03
C THR I 69 39.96 63.45 -12.43
N GLU I 70 40.91 62.52 -12.59
CA GLU I 70 41.37 62.08 -13.92
C GLU I 70 41.24 60.57 -14.07
N PHE I 71 40.62 60.17 -15.17
CA PHE I 71 40.27 58.79 -15.48
C PHE I 71 40.50 58.48 -16.95
N THR I 72 40.82 57.23 -17.24
CA THR I 72 41.00 56.75 -18.61
C THR I 72 40.30 55.42 -18.83
N LEU I 73 39.82 55.23 -20.05
CA LEU I 73 39.42 53.93 -20.58
C LEU I 73 40.41 53.55 -21.67
N THR I 74 40.97 52.35 -21.58
CA THR I 74 41.88 51.80 -22.58
C THR I 74 41.28 50.56 -23.20
N ILE I 75 41.34 50.46 -24.53
CA ILE I 75 41.02 49.26 -25.31
C ILE I 75 42.34 48.78 -25.89
N SER I 76 42.85 47.64 -25.41
CA SER I 76 44.23 47.20 -25.69
C SER I 76 44.47 46.80 -27.15
N SER I 77 43.48 46.16 -27.78
CA SER I 77 43.48 45.80 -29.19
C SER I 77 42.06 45.90 -29.73
N LEU I 78 41.81 46.96 -30.50
CA LEU I 78 40.50 47.37 -30.94
C LEU I 78 39.89 46.36 -31.92
N GLN I 79 38.66 45.93 -31.66
CA GLN I 79 37.93 45.06 -32.57
C GLN I 79 36.87 45.84 -33.35
N SER I 80 36.41 45.29 -34.49
CA SER I 80 35.39 45.93 -35.33
C SER I 80 34.08 46.22 -34.59
N GLU I 81 33.74 45.44 -33.57
CA GLU I 81 32.53 45.64 -32.76
C GLU I 81 32.69 46.72 -31.67
N ASP I 82 33.88 47.29 -31.48
CA ASP I 82 34.16 48.26 -30.43
C ASP I 82 33.94 49.72 -30.89
N PHE I 83 33.78 49.97 -32.18
CA PHE I 83 33.47 51.30 -32.71
C PHE I 83 32.06 51.72 -32.29
N ALA I 84 31.99 52.75 -31.45
CA ALA I 84 30.80 53.18 -30.74
C ALA I 84 31.06 54.56 -30.10
N VAL I 85 30.04 55.13 -29.44
CA VAL I 85 30.23 56.28 -28.56
C VAL I 85 30.47 55.78 -27.13
N TYR I 86 31.46 56.33 -26.45
CA TYR I 86 31.79 55.99 -25.08
C TYR I 86 31.47 57.16 -24.16
N TYR I 87 30.82 56.88 -23.03
CA TYR I 87 30.48 57.87 -22.02
C TYR I 87 31.13 57.53 -20.69
N CYS I 88 31.75 58.51 -20.03
CA CYS I 88 32.05 58.40 -18.60
C CYS I 88 30.87 58.94 -17.78
N GLN I 89 30.70 58.44 -16.56
CA GLN I 89 29.68 58.92 -15.62
C GLN I 89 30.26 58.94 -14.21
N GLN I 90 30.06 60.03 -13.46
CA GLN I 90 30.31 60.02 -12.02
C GLN I 90 29.01 59.70 -11.25
N TYR I 91 29.17 58.95 -10.17
CA TYR I 91 28.11 58.62 -9.21
C TYR I 91 28.56 58.88 -7.76
N ASN I 92 29.47 59.83 -7.59
CA ASN I 92 30.01 60.14 -6.27
C ASN I 92 29.10 60.92 -5.32
N ASN I 93 28.30 61.81 -5.89
CA ASN I 93 27.39 62.65 -5.14
C ASN I 93 25.96 62.47 -5.61
N TRP I 94 25.03 62.03 -4.77
CA TRP I 94 23.67 61.88 -5.31
C TRP I 94 22.68 62.85 -4.68
N PRO I 95 22.00 63.69 -5.47
CA PRO I 95 22.07 63.83 -6.94
C PRO I 95 22.81 65.14 -7.35
N PRO I 96 23.00 65.47 -8.64
CA PRO I 96 22.79 64.64 -9.82
C PRO I 96 24.03 63.81 -10.18
N TYR I 97 23.76 62.66 -10.79
CA TYR I 97 24.80 61.92 -11.52
C TYR I 97 24.98 62.55 -12.88
N THR I 98 26.24 62.65 -13.31
CA THR I 98 26.56 63.39 -14.53
C THR I 98 27.38 62.53 -15.46
N PHE I 99 27.07 62.64 -16.74
CA PHE I 99 27.80 61.99 -17.83
C PHE I 99 28.74 62.98 -18.49
N GLY I 100 29.82 62.48 -19.08
CA GLY I 100 30.59 63.22 -20.05
C GLY I 100 29.81 63.40 -21.35
N GLN I 101 30.26 64.32 -22.20
CA GLN I 101 29.61 64.60 -23.49
C GLN I 101 29.69 63.45 -24.50
N GLY I 102 30.51 62.43 -24.22
CA GLY I 102 30.77 61.30 -25.11
C GLY I 102 32.03 61.49 -25.96
N THR I 103 32.65 60.36 -26.33
CA THR I 103 33.74 60.28 -27.29
C THR I 103 33.35 59.28 -28.36
N LYS I 104 33.31 59.70 -29.63
CA LYS I 104 33.04 58.81 -30.76
C LYS I 104 34.33 58.12 -31.21
N LEU I 105 34.37 56.79 -31.13
CA LEU I 105 35.46 55.99 -31.65
C LEU I 105 35.09 55.50 -33.05
N GLU I 106 35.89 55.84 -34.06
CA GLU I 106 35.64 55.49 -35.46
C GLU I 106 36.87 54.87 -36.13
N ILE I 107 36.64 54.14 -37.23
CA ILE I 107 37.71 53.47 -37.98
C ILE I 107 38.53 54.54 -38.71
N LYS I 108 39.85 54.45 -38.60
CA LYS I 108 40.79 55.27 -39.35
C LYS I 108 40.92 54.80 -40.80
#